data_2LR1
#
_entry.id   2LR1
#
loop_
_entity.id
_entity.type
_entity.pdbx_description
1 polymer 'Apoptosis regulator BAX'
2 polymer 'Immediate early glycoprotein'
#
loop_
_entity_poly.entity_id
_entity_poly.type
_entity_poly.pdbx_seq_one_letter_code
_entity_poly.pdbx_strand_id
1 'polypeptide(L)'
;MDGSGEQPRGGGPTSSEQIMKTGALLLQGFIQDRAGRMGGEAPELALDPVPQDASTKKLSECLKRIGDELDSNMELQRMI
AAVDTDSPREVFFRVAADMFSDGNFNWGRVVALFYFASKLVLKALCTKVPELIRTIMGWTLDFLRERLLGWIQDQGGWDG
LLSYFGTPTWQTVTIFVAGVLTASLTIWKKMG
;
A
2 'polypeptide(L)' CEALKKALRRHRFLWQRRQRA B
#
# COMPACT_ATOMS: atom_id res chain seq x y z
N MET A 1 -30.77 -19.43 17.53
CA MET A 1 -29.52 -18.72 17.16
C MET A 1 -29.68 -18.10 15.76
N ASP A 2 -30.69 -18.57 15.03
CA ASP A 2 -30.94 -18.07 13.68
C ASP A 2 -31.35 -16.60 13.73
N GLY A 3 -32.17 -16.25 14.71
CA GLY A 3 -32.63 -14.87 14.86
C GLY A 3 -33.78 -14.57 13.91
N SER A 4 -33.45 -14.30 12.65
CA SER A 4 -34.48 -13.99 11.65
C SER A 4 -33.98 -14.37 10.26
N GLY A 5 -32.67 -14.44 10.10
CA GLY A 5 -32.08 -14.78 8.81
C GLY A 5 -30.61 -14.37 8.76
N GLU A 6 -30.07 -14.30 7.53
CA GLU A 6 -28.68 -13.91 7.36
C GLU A 6 -28.57 -12.77 6.35
N GLN A 7 -28.35 -11.56 6.86
CA GLN A 7 -28.22 -10.39 5.99
C GLN A 7 -29.54 -9.65 5.91
N PRO A 8 -29.97 -9.07 6.99
CA PRO A 8 -31.25 -8.30 7.04
C PRO A 8 -31.35 -7.25 5.94
N ARG A 9 -31.85 -6.07 6.29
CA ARG A 9 -31.99 -4.99 5.33
C ARG A 9 -31.26 -3.74 5.81
N GLY A 10 -30.67 -3.00 4.88
CA GLY A 10 -29.94 -1.78 5.23
C GLY A 10 -29.46 -1.07 3.97
N GLY A 11 -30.21 -0.05 3.56
CA GLY A 11 -29.85 0.72 2.38
C GLY A 11 -28.33 0.87 2.26
N GLY A 12 -27.78 0.44 1.14
CA GLY A 12 -26.33 0.55 0.92
C GLY A 12 -25.67 -0.82 1.07
N PRO A 13 -25.89 -1.69 0.13
CA PRO A 13 -25.31 -3.06 0.14
C PRO A 13 -23.81 -3.04 0.41
N THR A 14 -23.05 -2.48 -0.52
CA THR A 14 -21.61 -2.41 -0.36
C THR A 14 -21.24 -1.92 1.04
N SER A 15 -21.94 -2.46 2.04
CA SER A 15 -21.68 -2.07 3.42
C SER A 15 -20.19 -2.10 3.72
N SER A 16 -19.85 -2.42 4.97
CA SER A 16 -18.45 -2.47 5.37
C SER A 16 -17.94 -3.91 5.35
N GLU A 17 -18.86 -4.86 5.33
CA GLU A 17 -18.51 -6.27 5.31
C GLU A 17 -17.76 -6.61 4.03
N GLN A 18 -18.34 -6.25 2.89
CA GLN A 18 -17.72 -6.53 1.60
C GLN A 18 -16.49 -5.64 1.40
N ILE A 19 -16.43 -4.54 2.14
CA ILE A 19 -15.30 -3.62 2.04
C ILE A 19 -14.15 -4.10 2.91
N MET A 20 -14.42 -4.27 4.20
CA MET A 20 -13.38 -4.73 5.12
C MET A 20 -12.70 -5.99 4.61
N LYS A 21 -13.49 -6.86 3.98
CA LYS A 21 -12.95 -8.11 3.43
C LYS A 21 -12.00 -7.80 2.28
N THR A 22 -12.42 -6.94 1.37
CA THR A 22 -11.60 -6.58 0.22
C THR A 22 -10.43 -5.71 0.66
N GLY A 23 -10.44 -5.31 1.92
CA GLY A 23 -9.37 -4.47 2.46
C GLY A 23 -8.14 -5.30 2.81
N ALA A 24 -8.34 -6.33 3.62
CA ALA A 24 -7.24 -7.21 4.02
C ALA A 24 -6.92 -8.20 2.91
N LEU A 25 -7.76 -8.23 1.89
CA LEU A 25 -7.55 -9.13 0.76
C LEU A 25 -6.64 -8.50 -0.28
N LEU A 26 -7.22 -7.64 -1.13
CA LEU A 26 -6.45 -6.97 -2.16
C LEU A 26 -4.99 -6.84 -1.75
N LEU A 27 -4.74 -6.05 -0.71
CA LEU A 27 -3.38 -5.85 -0.22
C LEU A 27 -2.69 -7.19 0.00
N GLN A 28 -3.28 -8.03 0.84
CA GLN A 28 -2.71 -9.34 1.13
C GLN A 28 -2.31 -10.05 -0.15
N GLY A 29 -2.86 -9.59 -1.28
CA GLY A 29 -2.56 -10.18 -2.57
C GLY A 29 -1.33 -9.53 -3.20
N PHE A 30 -1.50 -8.29 -3.68
CA PHE A 30 -0.40 -7.57 -4.30
C PHE A 30 0.89 -7.77 -3.51
N ILE A 31 0.75 -8.19 -2.26
CA ILE A 31 1.91 -8.42 -1.41
C ILE A 31 2.59 -9.73 -1.77
N GLN A 32 1.93 -10.84 -1.47
CA GLN A 32 2.48 -12.15 -1.78
C GLN A 32 2.30 -12.48 -3.25
N ASP A 33 2.30 -11.45 -4.10
CA ASP A 33 2.14 -11.64 -5.53
C ASP A 33 3.42 -11.27 -6.27
N ARG A 34 3.93 -10.07 -5.99
CA ARG A 34 5.15 -9.60 -6.63
C ARG A 34 6.38 -9.99 -5.81
N ALA A 35 6.17 -10.13 -4.50
CA ALA A 35 7.27 -10.50 -3.61
C ALA A 35 7.24 -11.99 -3.30
N GLY A 36 6.13 -12.63 -3.65
CA GLY A 36 5.98 -14.07 -3.40
C GLY A 36 7.06 -14.86 -4.15
N ARG A 37 8.18 -15.09 -3.48
CA ARG A 37 9.28 -15.84 -4.08
C ARG A 37 8.87 -17.29 -4.31
N MET A 38 9.43 -17.90 -5.35
CA MET A 38 9.12 -19.30 -5.66
C MET A 38 10.05 -20.23 -4.89
N GLY A 39 9.49 -21.29 -4.33
CA GLY A 39 10.28 -22.25 -3.58
C GLY A 39 10.49 -21.79 -2.14
N GLY A 40 9.78 -20.73 -1.75
CA GLY A 40 9.89 -20.19 -0.41
C GLY A 40 8.82 -20.76 0.50
N GLU A 41 9.11 -21.93 1.08
CA GLU A 41 8.16 -22.59 1.98
C GLU A 41 7.94 -21.74 3.24
N ALA A 42 6.72 -21.78 3.76
CA ALA A 42 6.40 -21.02 4.96
C ALA A 42 6.37 -19.52 4.65
N PRO A 43 5.37 -19.08 3.95
CA PRO A 43 5.21 -17.64 3.57
C PRO A 43 4.92 -16.76 4.79
N GLU A 44 5.55 -15.58 4.81
CA GLU A 44 5.35 -14.65 5.92
C GLU A 44 3.98 -13.97 5.81
N LEU A 45 3.37 -14.07 4.63
CA LEU A 45 2.07 -13.45 4.41
C LEU A 45 0.95 -14.45 4.68
N ALA A 46 0.84 -14.89 5.93
CA ALA A 46 -0.19 -15.85 6.29
C ALA A 46 -1.51 -15.14 6.59
N LEU A 47 -2.59 -15.64 6.00
CA LEU A 47 -3.91 -15.05 6.20
C LEU A 47 -4.95 -15.75 5.34
N ASP A 48 -4.90 -15.51 4.03
CA ASP A 48 -5.84 -16.13 3.11
C ASP A 48 -5.12 -16.97 2.07
N PRO A 49 -5.49 -18.21 1.94
CA PRO A 49 -4.86 -19.15 0.96
C PRO A 49 -4.88 -18.58 -0.46
N VAL A 50 -6.07 -18.22 -0.94
CA VAL A 50 -6.21 -17.67 -2.28
C VAL A 50 -7.56 -16.96 -2.42
N PRO A 51 -7.62 -15.97 -3.27
CA PRO A 51 -8.86 -15.19 -3.51
C PRO A 51 -9.93 -16.02 -4.22
N GLN A 52 -11.12 -16.05 -3.64
CA GLN A 52 -12.23 -16.81 -4.23
C GLN A 52 -12.78 -16.09 -5.45
N ASP A 53 -13.49 -14.99 -5.21
CA ASP A 53 -14.07 -14.22 -6.30
C ASP A 53 -12.99 -13.64 -7.19
N ALA A 54 -13.29 -13.50 -8.48
CA ALA A 54 -12.34 -12.96 -9.43
C ALA A 54 -12.36 -11.43 -9.42
N SER A 55 -13.25 -10.87 -8.61
CA SER A 55 -13.38 -9.42 -8.50
C SER A 55 -12.05 -8.80 -8.07
N THR A 56 -11.36 -9.47 -7.14
CA THR A 56 -10.08 -8.98 -6.67
C THR A 56 -8.95 -9.36 -7.62
N LYS A 57 -9.09 -10.53 -8.25
CA LYS A 57 -8.08 -11.00 -9.18
C LYS A 57 -7.75 -9.92 -10.21
N LYS A 58 -8.78 -9.43 -10.88
CA LYS A 58 -8.59 -8.38 -11.89
C LYS A 58 -7.97 -7.14 -11.26
N LEU A 59 -8.52 -6.71 -10.13
CA LEU A 59 -8.01 -5.53 -9.44
C LEU A 59 -6.57 -5.75 -9.00
N SER A 60 -6.21 -7.02 -8.80
CA SER A 60 -4.85 -7.35 -8.37
C SER A 60 -3.87 -7.13 -9.51
N GLU A 61 -4.31 -7.42 -10.73
CA GLU A 61 -3.44 -7.25 -11.90
C GLU A 61 -3.08 -5.78 -12.08
N CYS A 62 -3.99 -4.89 -11.68
CA CYS A 62 -3.74 -3.45 -11.82
C CYS A 62 -2.57 -3.03 -10.94
N LEU A 63 -2.48 -3.63 -9.75
CA LEU A 63 -1.41 -3.31 -8.82
C LEU A 63 -0.09 -3.94 -9.27
N LYS A 64 -0.20 -5.02 -10.04
CA LYS A 64 0.98 -5.71 -10.54
C LYS A 64 1.50 -5.05 -11.81
N ARG A 65 0.58 -4.57 -12.65
CA ARG A 65 0.96 -3.91 -13.89
C ARG A 65 1.62 -2.57 -13.62
N ILE A 66 1.05 -1.81 -12.69
CA ILE A 66 1.60 -0.51 -12.34
C ILE A 66 2.84 -0.67 -11.45
N GLY A 67 2.80 -1.68 -10.59
CA GLY A 67 3.92 -1.95 -9.68
C GLY A 67 5.20 -2.24 -10.46
N ASP A 68 5.08 -3.08 -11.48
CA ASP A 68 6.23 -3.44 -12.30
C ASP A 68 6.78 -2.21 -13.02
N GLU A 69 5.89 -1.30 -13.40
CA GLU A 69 6.29 -0.08 -14.09
C GLU A 69 6.84 0.94 -13.09
N LEU A 70 6.00 1.32 -12.13
CA LEU A 70 6.41 2.29 -11.12
C LEU A 70 7.69 1.84 -10.42
N ASP A 71 7.75 0.56 -10.09
CA ASP A 71 8.93 0.01 -9.41
C ASP A 71 10.15 0.08 -10.33
N SER A 72 9.92 0.43 -11.59
CA SER A 72 11.01 0.53 -12.55
C SER A 72 11.49 1.98 -12.67
N ASN A 73 10.96 2.84 -11.80
CA ASN A 73 11.35 4.25 -11.82
C ASN A 73 12.50 4.50 -10.85
N MET A 74 13.67 4.82 -11.40
CA MET A 74 14.84 5.08 -10.57
C MET A 74 14.67 6.38 -9.79
N GLU A 75 13.63 7.14 -10.14
CA GLU A 75 13.36 8.40 -9.46
C GLU A 75 12.64 8.15 -8.13
N LEU A 76 11.40 7.68 -8.23
CA LEU A 76 10.60 7.41 -7.04
C LEU A 76 11.30 6.37 -6.17
N GLN A 77 11.88 5.35 -6.80
CA GLN A 77 12.57 4.30 -6.06
C GLN A 77 13.75 4.89 -5.28
N ARG A 78 14.43 5.86 -5.88
CA ARG A 78 15.57 6.48 -5.22
C ARG A 78 15.12 7.31 -4.03
N MET A 79 14.05 8.08 -4.22
CA MET A 79 13.53 8.92 -3.15
C MET A 79 13.23 8.08 -1.90
N ILE A 80 12.62 6.91 -2.12
CA ILE A 80 12.29 6.03 -1.01
C ILE A 80 13.54 5.57 -0.29
N ALA A 81 14.67 5.59 -1.01
CA ALA A 81 15.95 5.18 -0.44
C ALA A 81 16.61 6.34 0.30
N ALA A 82 16.18 7.56 -0.01
CA ALA A 82 16.74 8.74 0.63
C ALA A 82 16.01 9.04 1.94
N VAL A 83 14.85 8.42 2.12
CA VAL A 83 14.06 8.63 3.33
C VAL A 83 14.45 7.62 4.40
N ASP A 84 15.54 7.93 5.12
CA ASP A 84 16.00 7.03 6.17
C ASP A 84 14.83 6.48 6.97
N THR A 85 15.08 5.40 7.70
CA THR A 85 14.02 4.77 8.51
C THR A 85 14.41 4.78 9.98
N ASP A 86 13.57 5.41 10.80
CA ASP A 86 13.82 5.48 12.24
C ASP A 86 12.51 5.55 13.01
N SER A 87 11.40 5.52 12.28
CA SER A 87 10.08 5.58 12.90
C SER A 87 8.98 5.43 11.85
N PRO A 88 8.63 4.22 11.53
CA PRO A 88 7.58 3.92 10.52
C PRO A 88 6.19 4.36 10.99
N ARG A 89 6.07 4.61 12.29
CA ARG A 89 4.79 5.04 12.84
C ARG A 89 4.64 6.56 12.72
N GLU A 90 5.75 7.27 12.86
CA GLU A 90 5.73 8.72 12.76
C GLU A 90 5.66 9.16 11.29
N VAL A 91 6.64 8.73 10.51
CA VAL A 91 6.67 9.09 9.09
C VAL A 91 5.40 8.63 8.40
N PHE A 92 5.05 7.36 8.58
CA PHE A 92 3.83 6.82 7.96
C PHE A 92 2.66 7.78 8.15
N PHE A 93 2.43 8.17 9.40
CA PHE A 93 1.33 9.09 9.70
C PHE A 93 1.61 10.47 9.12
N ARG A 94 2.89 10.83 9.03
CA ARG A 94 3.28 12.11 8.48
C ARG A 94 3.05 12.15 6.98
N VAL A 95 3.68 11.24 6.26
CA VAL A 95 3.52 11.17 4.82
C VAL A 95 2.07 10.97 4.43
N ALA A 96 1.42 10.01 5.08
CA ALA A 96 0.02 9.72 4.80
C ALA A 96 -0.82 10.98 4.96
N ALA A 97 -0.37 11.88 5.81
CA ALA A 97 -1.09 13.13 6.04
C ALA A 97 -0.77 14.14 4.95
N ASP A 98 0.49 14.18 4.53
CA ASP A 98 0.91 15.11 3.48
C ASP A 98 0.18 14.81 2.18
N MET A 99 -0.01 13.52 1.89
CA MET A 99 -0.68 13.11 0.67
C MET A 99 -1.84 14.05 0.36
N PHE A 100 -2.88 13.99 1.18
CA PHE A 100 -4.05 14.85 0.99
C PHE A 100 -4.14 15.88 2.10
N SER A 101 -3.09 16.68 2.24
CA SER A 101 -3.07 17.72 3.26
C SER A 101 -3.96 18.89 2.87
N ASP A 102 -4.14 19.08 1.56
CA ASP A 102 -4.98 20.16 1.07
C ASP A 102 -5.52 19.83 -0.33
N GLY A 103 -4.88 18.87 -0.98
CA GLY A 103 -5.30 18.47 -2.32
C GLY A 103 -6.78 18.74 -2.53
N ASN A 104 -7.63 17.86 -2.03
CA ASN A 104 -9.07 18.01 -2.17
C ASN A 104 -9.80 16.79 -1.63
N PHE A 105 -9.24 16.19 -0.58
CA PHE A 105 -9.85 15.01 0.02
C PHE A 105 -10.34 14.05 -1.05
N ASN A 106 -9.68 14.06 -2.20
CA ASN A 106 -10.05 13.20 -3.30
C ASN A 106 -10.13 11.74 -2.84
N TRP A 107 -9.20 10.93 -3.29
CA TRP A 107 -9.18 9.51 -2.90
C TRP A 107 -8.09 8.77 -3.66
N GLY A 108 -7.74 9.27 -4.84
CA GLY A 108 -6.70 8.65 -5.65
C GLY A 108 -5.45 8.38 -4.83
N ARG A 109 -5.08 9.35 -4.00
CA ARG A 109 -3.89 9.20 -3.16
C ARG A 109 -3.90 7.85 -2.45
N VAL A 110 -5.09 7.30 -2.25
CA VAL A 110 -5.23 6.01 -1.57
C VAL A 110 -4.34 4.97 -2.24
N VAL A 111 -4.55 4.76 -3.54
CA VAL A 111 -3.77 3.78 -4.29
C VAL A 111 -2.29 3.92 -3.96
N ALA A 112 -1.80 5.16 -3.98
CA ALA A 112 -0.40 5.42 -3.68
C ALA A 112 -0.04 4.90 -2.29
N LEU A 113 -0.99 4.99 -1.36
CA LEU A 113 -0.76 4.51 0.00
C LEU A 113 -0.35 3.04 -0.01
N PHE A 114 -1.08 2.24 -0.76
CA PHE A 114 -0.79 0.81 -0.85
C PHE A 114 0.64 0.59 -1.32
N TYR A 115 1.05 1.34 -2.34
CA TYR A 115 2.40 1.21 -2.88
C TYR A 115 3.43 1.71 -1.86
N PHE A 116 3.13 2.84 -1.23
CA PHE A 116 4.04 3.40 -0.23
C PHE A 116 4.27 2.41 0.90
N ALA A 117 3.20 1.75 1.34
CA ALA A 117 3.30 0.78 2.42
C ALA A 117 4.04 -0.47 1.95
N SER A 118 3.86 -0.80 0.67
CA SER A 118 4.52 -1.98 0.11
C SER A 118 6.00 -1.99 0.47
N LYS A 119 6.64 -0.84 0.34
CA LYS A 119 8.06 -0.73 0.66
C LYS A 119 8.32 -1.10 2.11
N LEU A 120 7.47 -0.61 3.01
CA LEU A 120 7.60 -0.89 4.43
C LEU A 120 7.32 -2.36 4.71
N VAL A 121 6.44 -2.95 3.90
CA VAL A 121 6.09 -4.36 4.08
C VAL A 121 7.19 -5.26 3.52
N LEU A 122 7.55 -5.03 2.27
CA LEU A 122 8.58 -5.83 1.63
C LEU A 122 9.97 -5.46 2.17
N LYS A 123 10.18 -4.16 2.38
CA LYS A 123 11.46 -3.70 2.90
C LYS A 123 11.75 -4.33 4.26
N ALA A 124 10.72 -4.45 5.09
CA ALA A 124 10.88 -5.04 6.41
C ALA A 124 10.98 -6.56 6.30
N LEU A 125 10.50 -7.10 5.19
CA LEU A 125 10.53 -8.54 4.98
C LEU A 125 11.98 -9.04 4.89
N CYS A 126 12.86 -8.18 4.40
CA CYS A 126 14.26 -8.54 4.26
C CYS A 126 15.00 -8.29 5.58
N THR A 127 14.62 -7.24 6.28
CA THR A 127 15.25 -6.91 7.56
C THR A 127 15.21 -8.10 8.50
N LYS A 128 14.35 -9.07 8.20
CA LYS A 128 14.22 -10.25 9.02
C LYS A 128 13.26 -10.01 10.18
N VAL A 129 12.11 -9.41 9.87
CA VAL A 129 11.12 -9.12 10.89
C VAL A 129 9.71 -9.19 10.30
N PRO A 130 9.14 -10.36 10.28
CA PRO A 130 7.76 -10.58 9.75
C PRO A 130 6.69 -9.95 10.62
N GLU A 131 7.07 -9.58 11.84
CA GLU A 131 6.13 -8.96 12.77
C GLU A 131 5.66 -7.61 12.23
N LEU A 132 6.60 -6.85 11.68
CA LEU A 132 6.27 -5.54 11.13
C LEU A 132 5.24 -5.67 10.01
N ILE A 133 5.33 -6.76 9.26
CA ILE A 133 4.40 -7.00 8.15
C ILE A 133 2.96 -6.99 8.66
N ARG A 134 2.70 -7.76 9.72
CA ARG A 134 1.36 -7.82 10.30
C ARG A 134 1.00 -6.50 10.95
N THR A 135 1.99 -5.84 11.55
CA THR A 135 1.77 -4.56 12.21
C THR A 135 1.40 -3.49 11.19
N ILE A 136 1.96 -3.61 9.98
CA ILE A 136 1.67 -2.64 8.93
C ILE A 136 0.24 -2.77 8.45
N MET A 137 -0.12 -3.96 7.97
CA MET A 137 -1.47 -4.20 7.47
C MET A 137 -2.50 -3.66 8.47
N GLY A 138 -2.11 -3.57 9.72
CA GLY A 138 -3.01 -3.07 10.76
C GLY A 138 -3.28 -1.58 10.57
N TRP A 139 -2.24 -0.84 10.22
CA TRP A 139 -2.37 0.60 10.00
C TRP A 139 -3.27 0.87 8.79
N THR A 140 -3.34 -0.09 7.88
CA THR A 140 -4.15 0.06 6.68
C THR A 140 -5.63 -0.10 7.02
N LEU A 141 -6.00 -1.31 7.42
CA LEU A 141 -7.40 -1.59 7.77
C LEU A 141 -7.91 -0.56 8.78
N ASP A 142 -7.03 -0.09 9.65
CA ASP A 142 -7.41 0.90 10.65
C ASP A 142 -7.78 2.21 9.98
N PHE A 143 -6.91 2.70 9.12
CA PHE A 143 -7.17 3.95 8.41
C PHE A 143 -8.34 3.81 7.46
N LEU A 144 -8.42 2.65 6.81
CA LEU A 144 -9.51 2.40 5.87
C LEU A 144 -10.83 2.22 6.61
N ARG A 145 -10.76 1.60 7.78
CA ARG A 145 -11.95 1.36 8.59
C ARG A 145 -12.30 2.60 9.40
N GLU A 146 -11.39 3.55 9.43
CA GLU A 146 -11.61 4.79 10.18
C GLU A 146 -11.76 5.98 9.23
N ARG A 147 -11.58 5.72 7.95
CA ARG A 147 -11.70 6.78 6.94
C ARG A 147 -12.35 6.25 5.67
N LEU A 148 -11.56 6.15 4.60
CA LEU A 148 -12.07 5.65 3.33
C LEU A 148 -13.41 4.94 3.54
N LEU A 149 -13.61 4.39 4.73
CA LEU A 149 -14.85 3.68 5.04
C LEU A 149 -16.05 4.52 4.65
N GLY A 150 -16.12 5.74 5.18
CA GLY A 150 -17.24 6.63 4.89
C GLY A 150 -17.25 7.01 3.41
N TRP A 151 -16.10 7.46 2.91
CA TRP A 151 -15.99 7.85 1.50
C TRP A 151 -16.17 6.64 0.59
N ILE A 152 -15.35 5.62 0.82
CA ILE A 152 -15.42 4.41 0.01
C ILE A 152 -16.85 3.88 -0.03
N GLN A 153 -17.58 4.05 1.06
CA GLN A 153 -18.96 3.59 1.14
C GLN A 153 -19.84 4.39 0.20
N ASP A 154 -19.49 5.65 0.00
CA ASP A 154 -20.26 6.53 -0.88
C ASP A 154 -19.75 6.43 -2.32
N GLN A 155 -18.67 5.67 -2.51
CA GLN A 155 -18.10 5.50 -3.83
C GLN A 155 -18.58 4.20 -4.47
N GLY A 156 -19.43 3.48 -3.74
CA GLY A 156 -19.95 2.21 -4.24
C GLY A 156 -18.98 1.07 -3.97
N GLY A 157 -18.14 1.25 -2.97
CA GLY A 157 -17.16 0.22 -2.61
C GLY A 157 -15.86 0.43 -3.38
N TRP A 158 -15.05 -0.62 -3.47
CA TRP A 158 -13.77 -0.54 -4.17
C TRP A 158 -13.99 -0.50 -5.68
N ASP A 159 -15.25 -0.67 -6.09
CA ASP A 159 -15.59 -0.65 -7.52
C ASP A 159 -15.22 0.70 -8.13
N GLY A 160 -15.52 1.77 -7.42
CA GLY A 160 -15.22 3.11 -7.90
C GLY A 160 -13.75 3.24 -8.27
N LEU A 161 -12.89 2.51 -7.56
CA LEU A 161 -11.46 2.55 -7.81
C LEU A 161 -11.15 2.03 -9.22
N LEU A 162 -11.63 0.82 -9.51
CA LEU A 162 -11.40 0.22 -10.81
C LEU A 162 -12.14 0.99 -11.90
N SER A 163 -13.28 1.58 -11.53
CA SER A 163 -14.07 2.35 -12.49
C SER A 163 -13.32 3.61 -12.91
N TYR A 164 -12.43 4.08 -12.05
CA TYR A 164 -11.65 5.28 -12.35
C TYR A 164 -10.53 4.95 -13.33
N PHE A 165 -9.87 3.83 -13.11
CA PHE A 165 -8.77 3.41 -13.98
C PHE A 165 -9.30 2.96 -15.34
N GLY A 166 -10.18 3.76 -15.92
CA GLY A 166 -10.76 3.43 -17.21
C GLY A 166 -10.68 4.62 -18.16
N THR A 167 -9.56 5.33 -18.12
CA THR A 167 -9.37 6.49 -18.99
C THR A 167 -8.33 6.19 -20.07
N PRO A 168 -8.08 7.13 -20.94
CA PRO A 168 -7.09 6.97 -22.03
C PRO A 168 -5.65 6.97 -21.52
N THR A 169 -4.74 7.52 -22.32
CA THR A 169 -3.34 7.57 -21.93
C THR A 169 -3.20 7.48 -20.42
N TRP A 170 -2.83 6.31 -19.93
CA TRP A 170 -2.66 6.10 -18.50
C TRP A 170 -1.49 6.94 -17.97
N GLN A 171 -0.63 7.38 -18.88
CA GLN A 171 0.52 8.20 -18.49
C GLN A 171 0.09 9.32 -17.54
N THR A 172 -1.22 9.55 -17.48
CA THR A 172 -1.75 10.60 -16.60
C THR A 172 -1.98 10.05 -15.19
N VAL A 173 -2.27 8.76 -15.10
CA VAL A 173 -2.50 8.13 -13.81
C VAL A 173 -1.20 7.99 -13.03
N THR A 174 -0.16 7.53 -13.72
CA THR A 174 1.15 7.36 -13.07
C THR A 174 1.71 8.71 -12.64
N ILE A 175 1.28 9.77 -13.30
CA ILE A 175 1.75 11.11 -12.98
C ILE A 175 0.92 11.70 -11.86
N PHE A 176 -0.14 11.02 -11.48
CA PHE A 176 -1.02 11.50 -10.42
C PHE A 176 -0.62 10.87 -9.08
N VAL A 177 -0.67 9.55 -9.01
CA VAL A 177 -0.31 8.85 -7.78
C VAL A 177 1.15 9.11 -7.42
N ALA A 178 1.91 9.59 -8.40
CA ALA A 178 3.33 9.88 -8.18
C ALA A 178 3.52 11.35 -7.82
N GLY A 179 2.87 12.23 -8.58
CA GLY A 179 2.99 13.66 -8.34
C GLY A 179 2.45 14.02 -6.96
N VAL A 180 1.53 13.21 -6.45
CA VAL A 180 0.95 13.46 -5.14
C VAL A 180 1.81 12.84 -4.05
N LEU A 181 2.13 11.56 -4.19
CA LEU A 181 2.95 10.87 -3.21
C LEU A 181 4.38 11.39 -3.24
N THR A 182 4.95 11.49 -4.44
CA THR A 182 6.32 11.99 -4.59
C THR A 182 6.49 13.30 -3.85
N ALA A 183 5.60 14.26 -4.09
CA ALA A 183 5.68 15.55 -3.44
C ALA A 183 5.89 15.38 -1.94
N SER A 184 5.13 14.47 -1.33
CA SER A 184 5.24 14.22 0.10
C SER A 184 6.68 13.89 0.47
N LEU A 185 7.36 13.14 -0.40
CA LEU A 185 8.75 12.76 -0.16
C LEU A 185 9.68 13.93 -0.44
N THR A 186 9.21 14.88 -1.26
CA THR A 186 10.02 16.04 -1.60
C THR A 186 10.12 17.00 -0.43
N ILE A 187 8.98 17.25 0.23
CA ILE A 187 8.95 18.14 1.38
C ILE A 187 9.59 17.48 2.60
N TRP A 188 9.12 16.28 2.91
CA TRP A 188 9.66 15.54 4.05
C TRP A 188 11.13 15.90 4.29
N LYS A 189 11.95 15.70 3.26
CA LYS A 189 13.38 16.01 3.37
C LYS A 189 14.06 15.79 2.03
N LYS A 190 14.80 16.80 1.57
CA LYS A 190 15.52 16.70 0.30
C LYS A 190 17.02 16.61 0.54
N MET A 191 17.53 15.40 0.68
CA MET A 191 18.95 15.20 0.91
C MET A 191 19.52 14.17 -0.07
N GLY A 192 20.68 14.47 -0.63
CA GLY A 192 21.32 13.58 -1.58
C GLY A 192 22.83 13.73 -1.55
N CYS B 1 20.69 -0.10 -11.37
CA CYS B 1 19.55 -1.05 -11.36
C CYS B 1 19.73 -2.05 -10.22
N GLU B 2 20.98 -2.27 -9.83
CA GLU B 2 21.29 -3.21 -8.76
C GLU B 2 22.25 -2.58 -7.76
N ALA B 3 22.39 -3.20 -6.60
CA ALA B 3 23.28 -2.70 -5.56
C ALA B 3 22.99 -1.23 -5.28
N LEU B 4 22.64 -0.92 -4.03
CA LEU B 4 22.34 0.45 -3.65
C LEU B 4 23.59 1.14 -3.11
N LYS B 5 24.67 0.37 -2.97
CA LYS B 5 25.92 0.93 -2.47
C LYS B 5 25.68 1.73 -1.19
N LYS B 6 24.60 1.41 -0.49
CA LYS B 6 24.25 2.11 0.75
C LYS B 6 23.27 1.29 1.57
N ALA B 7 23.76 0.23 2.21
CA ALA B 7 22.92 -0.63 3.03
C ALA B 7 23.76 -1.65 3.79
N LEU B 8 25.08 -1.47 3.74
CA LEU B 8 25.99 -2.39 4.43
C LEU B 8 26.14 -1.98 5.89
N ARG B 9 27.00 -0.99 6.14
CA ARG B 9 27.24 -0.52 7.49
C ARG B 9 26.05 0.31 7.98
N ARG B 10 25.30 0.87 7.05
CA ARG B 10 24.13 1.68 7.41
C ARG B 10 23.10 0.84 8.14
N HIS B 11 22.88 -0.38 7.65
CA HIS B 11 21.92 -1.28 8.27
C HIS B 11 22.52 -1.95 9.50
N ARG B 12 23.54 -2.77 9.27
CA ARG B 12 24.20 -3.47 10.37
C ARG B 12 24.22 -2.60 11.63
N PHE B 13 24.31 -1.28 11.43
CA PHE B 13 24.33 -0.36 12.55
C PHE B 13 22.92 0.08 12.91
N LEU B 14 22.06 0.18 11.91
CA LEU B 14 20.68 0.58 12.13
C LEU B 14 20.01 -0.31 13.18
N TRP B 15 20.37 -1.59 13.17
CA TRP B 15 19.80 -2.54 14.12
C TRP B 15 20.58 -2.50 15.43
N GLN B 16 21.88 -2.78 15.35
CA GLN B 16 22.72 -2.79 16.53
C GLN B 16 22.22 -1.76 17.56
N ARG B 17 22.35 -0.49 17.22
CA ARG B 17 21.91 0.58 18.11
C ARG B 17 22.49 0.39 19.51
N ARG B 18 21.86 -0.47 20.30
CA ARG B 18 22.33 -0.74 21.65
C ARG B 18 22.24 -2.22 21.97
N GLN B 19 23.27 -2.75 22.62
CA GLN B 19 23.31 -4.16 22.97
C GLN B 19 22.33 -4.46 24.09
N ARG B 20 21.56 -5.52 23.94
CA ARG B 20 20.58 -5.91 24.95
C ARG B 20 19.69 -4.72 25.31
N ALA B 21 18.74 -4.42 24.43
CA ALA B 21 17.83 -3.30 24.66
C ALA B 21 17.39 -3.26 26.12
N MET A 1 -14.69 -6.95 16.42
CA MET A 1 -14.81 -7.90 15.27
C MET A 1 -16.27 -8.00 14.84
N ASP A 2 -17.17 -7.64 15.76
CA ASP A 2 -18.60 -7.69 15.47
C ASP A 2 -18.89 -7.07 14.10
N GLY A 3 -18.49 -5.81 13.93
CA GLY A 3 -18.72 -5.12 12.68
C GLY A 3 -20.11 -4.50 12.63
N SER A 4 -21.10 -5.33 12.32
CA SER A 4 -22.49 -4.87 12.24
C SER A 4 -23.40 -5.79 13.05
N GLY A 5 -23.19 -7.09 12.92
CA GLY A 5 -24.00 -8.06 13.64
C GLY A 5 -23.75 -9.47 13.14
N GLU A 6 -24.67 -10.38 13.45
CA GLU A 6 -24.52 -11.77 13.02
C GLU A 6 -25.80 -12.25 12.34
N GLN A 7 -25.73 -12.43 11.03
CA GLN A 7 -26.90 -12.88 10.27
C GLN A 7 -27.58 -11.70 9.59
N PRO A 8 -26.84 -10.66 9.31
CA PRO A 8 -27.37 -9.44 8.65
C PRO A 8 -27.82 -9.72 7.22
N ARG A 9 -28.92 -9.10 6.82
CA ARG A 9 -29.44 -9.29 5.46
C ARG A 9 -29.64 -7.95 4.77
N GLY A 10 -28.99 -7.79 3.61
CA GLY A 10 -29.10 -6.55 2.86
C GLY A 10 -29.03 -6.82 1.36
N GLY A 11 -30.04 -6.37 0.62
CA GLY A 11 -30.07 -6.56 -0.82
C GLY A 11 -29.06 -5.66 -1.51
N GLY A 12 -28.23 -4.99 -0.73
CA GLY A 12 -27.23 -4.08 -1.28
C GLY A 12 -25.86 -4.34 -0.65
N PRO A 13 -25.02 -5.09 -1.33
CA PRO A 13 -23.67 -5.43 -0.84
C PRO A 13 -22.92 -4.20 -0.33
N THR A 14 -22.52 -3.33 -1.26
CA THR A 14 -21.80 -2.12 -0.90
C THR A 14 -22.02 -1.78 0.58
N SER A 15 -21.38 -2.54 1.45
CA SER A 15 -21.51 -2.31 2.89
C SER A 15 -20.13 -2.20 3.55
N SER A 16 -20.07 -2.53 4.83
CA SER A 16 -18.81 -2.47 5.56
C SER A 16 -18.16 -3.85 5.64
N GLU A 17 -18.94 -4.87 5.29
CA GLU A 17 -18.43 -6.24 5.33
C GLU A 17 -17.68 -6.56 4.04
N GLN A 18 -18.31 -6.28 2.91
CA GLN A 18 -17.70 -6.54 1.61
C GLN A 18 -16.46 -5.66 1.41
N ILE A 19 -16.42 -4.55 2.14
CA ILE A 19 -15.30 -3.62 2.02
C ILE A 19 -14.14 -4.10 2.89
N MET A 20 -14.40 -4.29 4.19
CA MET A 20 -13.38 -4.74 5.10
C MET A 20 -12.69 -6.00 4.57
N LYS A 21 -13.49 -6.86 3.95
CA LYS A 21 -12.95 -8.11 3.40
C LYS A 21 -12.00 -7.82 2.24
N THR A 22 -12.42 -6.94 1.34
CA THR A 22 -11.61 -6.59 0.19
C THR A 22 -10.43 -5.71 0.62
N GLY A 23 -10.44 -5.31 1.89
CA GLY A 23 -9.36 -4.48 2.42
C GLY A 23 -8.13 -5.32 2.77
N ALA A 24 -8.34 -6.35 3.57
CA ALA A 24 -7.24 -7.21 3.98
C ALA A 24 -6.92 -8.20 2.87
N LEU A 25 -7.76 -8.24 1.84
CA LEU A 25 -7.56 -9.14 0.72
C LEU A 25 -6.64 -8.50 -0.33
N LEU A 26 -7.23 -7.64 -1.16
CA LEU A 26 -6.47 -6.96 -2.20
C LEU A 26 -5.00 -6.83 -1.79
N LEU A 27 -4.75 -6.06 -0.75
CA LEU A 27 -3.39 -5.86 -0.26
C LEU A 27 -2.70 -7.20 -0.05
N GLN A 28 -3.28 -8.03 0.79
CA GLN A 28 -2.71 -9.35 1.08
C GLN A 28 -2.32 -10.05 -0.22
N GLY A 29 -2.87 -9.58 -1.33
CA GLY A 29 -2.57 -10.18 -2.63
C GLY A 29 -1.35 -9.52 -3.26
N PHE A 30 -1.51 -8.29 -3.72
CA PHE A 30 -0.42 -7.56 -4.35
C PHE A 30 0.88 -7.76 -3.56
N ILE A 31 0.74 -8.19 -2.31
CA ILE A 31 1.91 -8.42 -1.46
C ILE A 31 2.58 -9.73 -1.82
N GLN A 32 1.92 -10.84 -1.54
CA GLN A 32 2.47 -12.15 -1.85
C GLN A 32 2.29 -12.48 -3.33
N ASP A 33 2.29 -11.45 -4.16
CA ASP A 33 2.12 -11.63 -5.60
C ASP A 33 3.40 -11.25 -6.34
N ARG A 34 3.92 -10.06 -6.05
CA ARG A 34 5.13 -9.58 -6.70
C ARG A 34 6.35 -9.97 -5.88
N ALA A 35 6.17 -10.12 -4.56
CA ALA A 35 7.26 -10.49 -3.68
C ALA A 35 7.22 -11.99 -3.37
N GLY A 36 6.11 -12.63 -3.72
CA GLY A 36 5.96 -14.05 -3.47
C GLY A 36 6.99 -14.86 -4.24
N ARG A 37 6.59 -16.02 -4.75
CA ARG A 37 7.49 -16.86 -5.51
C ARG A 37 8.74 -17.19 -4.70
N MET A 38 8.60 -17.16 -3.37
CA MET A 38 9.73 -17.44 -2.49
C MET A 38 9.89 -18.96 -2.29
N GLY A 39 11.11 -19.44 -2.42
CA GLY A 39 11.37 -20.86 -2.24
C GLY A 39 11.31 -21.25 -0.78
N GLY A 40 11.06 -22.54 -0.52
CA GLY A 40 10.97 -23.03 0.85
C GLY A 40 9.58 -22.84 1.41
N GLU A 41 8.65 -22.42 0.56
CA GLU A 41 7.28 -22.21 0.98
C GLU A 41 7.24 -21.44 2.30
N ALA A 42 6.32 -21.84 3.18
CA ALA A 42 6.20 -21.19 4.48
C ALA A 42 6.15 -19.67 4.31
N PRO A 43 5.28 -19.19 3.46
CA PRO A 43 5.14 -17.73 3.20
C PRO A 43 5.08 -16.92 4.49
N GLU A 44 5.46 -15.64 4.40
CA GLU A 44 5.45 -14.77 5.56
C GLU A 44 4.16 -13.97 5.62
N LEU A 45 3.36 -14.06 4.57
CA LEU A 45 2.10 -13.34 4.50
C LEU A 45 0.94 -14.26 4.87
N ALA A 46 0.97 -14.81 6.07
CA ALA A 46 -0.08 -15.71 6.53
C ALA A 46 -1.42 -14.97 6.60
N LEU A 47 -2.51 -15.70 6.36
CA LEU A 47 -3.83 -15.10 6.39
C LEU A 47 -4.43 -15.03 4.99
N ASP A 48 -5.73 -15.25 4.89
CA ASP A 48 -6.41 -15.19 3.60
C ASP A 48 -5.46 -15.61 2.48
N PRO A 49 -5.34 -16.88 2.24
CA PRO A 49 -4.45 -17.43 1.18
C PRO A 49 -4.95 -17.10 -0.22
N VAL A 50 -6.26 -16.91 -0.34
CA VAL A 50 -6.86 -16.58 -1.62
C VAL A 50 -8.35 -16.24 -1.46
N PRO A 51 -8.83 -15.29 -2.21
CA PRO A 51 -10.25 -14.86 -2.16
C PRO A 51 -11.19 -15.90 -2.75
N GLN A 52 -12.47 -15.54 -2.85
CA GLN A 52 -13.47 -16.46 -3.40
C GLN A 52 -14.17 -15.82 -4.60
N ASP A 53 -13.53 -14.83 -5.21
CA ASP A 53 -14.11 -14.16 -6.36
C ASP A 53 -13.00 -13.57 -7.24
N ALA A 54 -13.30 -13.45 -8.53
CA ALA A 54 -12.33 -12.91 -9.48
C ALA A 54 -12.35 -11.39 -9.45
N SER A 55 -13.27 -10.83 -8.66
CA SER A 55 -13.37 -9.38 -8.55
C SER A 55 -12.05 -8.77 -8.13
N THR A 56 -11.37 -9.44 -7.20
CA THR A 56 -10.09 -8.95 -6.70
C THR A 56 -8.96 -9.34 -7.66
N LYS A 57 -9.11 -10.50 -8.29
CA LYS A 57 -8.09 -10.97 -9.24
C LYS A 57 -7.76 -9.89 -10.26
N LYS A 58 -8.79 -9.39 -10.93
CA LYS A 58 -8.60 -8.35 -11.93
C LYS A 58 -7.99 -7.11 -11.31
N LEU A 59 -8.54 -6.68 -10.17
CA LEU A 59 -8.03 -5.51 -9.48
C LEU A 59 -6.58 -5.73 -9.04
N SER A 60 -6.22 -6.99 -8.84
CA SER A 60 -4.87 -7.33 -8.41
C SER A 60 -3.88 -7.11 -9.55
N GLU A 61 -4.32 -7.38 -10.77
CA GLU A 61 -3.47 -7.21 -11.94
C GLU A 61 -3.09 -5.74 -12.12
N CYS A 62 -4.00 -4.86 -11.73
CA CYS A 62 -3.76 -3.42 -11.85
C CYS A 62 -2.58 -3.00 -10.96
N LEU A 63 -2.50 -3.60 -9.79
CA LEU A 63 -1.41 -3.28 -8.86
C LEU A 63 -0.11 -3.92 -9.32
N LYS A 64 -0.21 -5.00 -10.09
CA LYS A 64 0.97 -5.68 -10.59
C LYS A 64 1.48 -5.02 -11.86
N ARG A 65 0.56 -4.54 -12.69
CA ARG A 65 0.93 -3.87 -13.94
C ARG A 65 1.61 -2.54 -13.65
N ILE A 66 1.03 -1.78 -12.73
CA ILE A 66 1.58 -0.48 -12.36
C ILE A 66 2.82 -0.65 -11.47
N GLY A 67 2.79 -1.66 -10.62
CA GLY A 67 3.90 -1.92 -9.72
C GLY A 67 5.18 -2.21 -10.50
N ASP A 68 5.06 -3.05 -11.52
CA ASP A 68 6.21 -3.41 -12.35
C ASP A 68 6.76 -2.17 -13.06
N GLU A 69 5.87 -1.26 -13.44
CA GLU A 69 6.27 -0.05 -14.12
C GLU A 69 6.82 0.97 -13.13
N LEU A 70 5.98 1.35 -12.16
CA LEU A 70 6.40 2.32 -11.15
C LEU A 70 7.67 1.86 -10.45
N ASP A 71 7.74 0.58 -10.12
CA ASP A 71 8.91 0.03 -9.46
C ASP A 71 10.13 0.11 -10.37
N SER A 72 9.90 0.46 -11.63
CA SER A 72 10.99 0.57 -12.59
C SER A 72 11.47 2.01 -12.70
N ASN A 73 10.95 2.87 -11.84
CA ASN A 73 11.33 4.28 -11.85
C ASN A 73 12.48 4.53 -10.88
N MET A 74 13.65 4.84 -11.43
CA MET A 74 14.83 5.10 -10.60
C MET A 74 14.65 6.39 -9.81
N GLU A 75 13.62 7.16 -10.16
CA GLU A 75 13.36 8.42 -9.48
C GLU A 75 12.63 8.17 -8.16
N LEU A 76 11.39 7.69 -8.26
CA LEU A 76 10.60 7.42 -7.06
C LEU A 76 11.29 6.38 -6.19
N GLN A 77 11.87 5.37 -6.82
CA GLN A 77 12.57 4.31 -6.09
C GLN A 77 13.73 4.89 -5.31
N ARG A 78 14.43 5.87 -5.91
CA ARG A 78 15.57 6.49 -5.25
C ARG A 78 15.12 7.31 -4.05
N MET A 79 14.05 8.09 -4.25
CA MET A 79 13.52 8.92 -3.17
C MET A 79 13.23 8.08 -1.93
N ILE A 80 12.62 6.92 -2.14
CA ILE A 80 12.28 6.03 -1.04
C ILE A 80 13.55 5.56 -0.33
N ALA A 81 14.67 5.59 -1.04
CA ALA A 81 15.94 5.17 -0.47
C ALA A 81 16.61 6.33 0.27
N ALA A 82 16.17 7.54 -0.04
CA ALA A 82 16.74 8.73 0.60
C ALA A 82 16.02 9.02 1.91
N VAL A 83 14.86 8.40 2.09
CA VAL A 83 14.07 8.61 3.30
C VAL A 83 14.47 7.60 4.37
N ASP A 84 15.55 7.90 5.10
CA ASP A 84 16.02 7.01 6.15
C ASP A 84 14.85 6.44 6.94
N THR A 85 15.10 5.36 7.67
CA THR A 85 14.06 4.73 8.47
C THR A 85 14.44 4.73 9.94
N ASP A 86 13.61 5.37 10.76
CA ASP A 86 13.86 5.45 12.20
C ASP A 86 12.55 5.50 12.97
N SER A 87 11.43 5.47 12.24
CA SER A 87 10.11 5.52 12.85
C SER A 87 9.02 5.38 11.80
N PRO A 88 8.64 4.17 11.50
CA PRO A 88 7.59 3.87 10.50
C PRO A 88 6.20 4.31 10.97
N ARG A 89 6.08 4.58 12.27
CA ARG A 89 4.81 5.01 12.84
C ARG A 89 4.65 6.52 12.73
N GLU A 90 5.77 7.22 12.83
CA GLU A 90 5.74 8.68 12.74
C GLU A 90 5.68 9.13 11.28
N VAL A 91 6.65 8.69 10.49
CA VAL A 91 6.69 9.05 9.08
C VAL A 91 5.41 8.60 8.39
N PHE A 92 5.05 7.33 8.57
CA PHE A 92 3.84 6.79 7.95
C PHE A 92 2.67 7.75 8.14
N PHE A 93 2.44 8.14 9.39
CA PHE A 93 1.34 9.06 9.70
C PHE A 93 1.62 10.44 9.12
N ARG A 94 2.90 10.79 9.03
CA ARG A 94 3.28 12.09 8.49
C ARG A 94 3.05 12.14 6.98
N VAL A 95 3.68 11.21 6.26
CA VAL A 95 3.53 11.15 4.81
C VAL A 95 2.08 10.94 4.43
N ALA A 96 1.42 9.99 5.08
CA ALA A 96 0.03 9.70 4.80
C ALA A 96 -0.82 10.96 4.96
N ALA A 97 -0.36 11.87 5.82
CA ALA A 97 -1.08 13.11 6.06
C ALA A 97 -0.77 14.13 4.96
N ASP A 98 0.49 14.16 4.54
CA ASP A 98 0.91 15.10 3.50
C ASP A 98 0.18 14.80 2.19
N MET A 99 0.00 13.51 1.90
CA MET A 99 -0.68 13.11 0.67
C MET A 99 -1.84 14.05 0.37
N PHE A 100 -2.88 13.99 1.20
CA PHE A 100 -4.04 14.84 1.00
C PHE A 100 -4.13 15.88 2.12
N SER A 101 -3.08 16.68 2.27
CA SER A 101 -3.06 17.71 3.29
C SER A 101 -3.96 18.88 2.90
N ASP A 102 -4.14 19.06 1.60
CA ASP A 102 -4.98 20.16 1.11
C ASP A 102 -5.52 19.83 -0.28
N GLY A 103 -4.88 18.87 -0.95
CA GLY A 103 -5.30 18.47 -2.29
C GLY A 103 -6.79 18.76 -2.50
N ASN A 104 -7.63 17.85 -1.99
CA ASN A 104 -9.07 18.02 -2.13
C ASN A 104 -9.80 16.80 -1.59
N PHE A 105 -9.24 16.19 -0.54
CA PHE A 105 -9.85 15.01 0.06
C PHE A 105 -10.34 14.05 -1.02
N ASN A 106 -9.67 14.07 -2.18
CA ASN A 106 -10.06 13.20 -3.28
C ASN A 106 -10.14 11.76 -2.81
N TRP A 107 -9.20 10.93 -3.27
CA TRP A 107 -9.18 9.52 -2.89
C TRP A 107 -8.09 8.77 -3.66
N GLY A 108 -7.74 9.29 -4.82
CA GLY A 108 -6.71 8.67 -5.65
C GLY A 108 -5.45 8.39 -4.83
N ARG A 109 -5.08 9.35 -3.99
CA ARG A 109 -3.90 9.21 -3.15
C ARG A 109 -3.90 7.86 -2.45
N VAL A 110 -5.09 7.30 -2.25
CA VAL A 110 -5.23 6.01 -1.58
C VAL A 110 -4.34 4.97 -2.25
N VAL A 111 -4.56 4.76 -3.55
CA VAL A 111 -3.78 3.79 -4.30
C VAL A 111 -2.30 3.93 -3.98
N ALA A 112 -1.81 5.17 -3.98
CA ALA A 112 -0.41 5.43 -3.69
C ALA A 112 -0.04 4.90 -2.31
N LEU A 113 -0.99 4.98 -1.38
CA LEU A 113 -0.76 4.52 -0.02
C LEU A 113 -0.36 3.04 -0.03
N PHE A 114 -1.10 2.24 -0.78
CA PHE A 114 -0.79 0.81 -0.87
C PHE A 114 0.64 0.58 -1.35
N TYR A 115 1.04 1.34 -2.36
CA TYR A 115 2.39 1.21 -2.90
C TYR A 115 3.42 1.71 -1.89
N PHE A 116 3.13 2.83 -1.26
CA PHE A 116 4.04 3.40 -0.26
C PHE A 116 4.27 2.41 0.87
N ALA A 117 3.20 1.75 1.31
CA ALA A 117 3.30 0.78 2.39
C ALA A 117 4.05 -0.48 1.91
N SER A 118 3.87 -0.81 0.63
CA SER A 118 4.52 -1.98 0.07
C SER A 118 6.00 -2.00 0.42
N LYS A 119 6.65 -0.85 0.30
CA LYS A 119 8.06 -0.74 0.61
C LYS A 119 8.32 -1.12 2.08
N LEU A 120 7.47 -0.62 2.96
CA LEU A 120 7.61 -0.91 4.39
C LEU A 120 7.33 -2.39 4.66
N VAL A 121 6.44 -2.96 3.87
CA VAL A 121 6.09 -4.37 4.03
C VAL A 121 7.18 -5.27 3.47
N LEU A 122 7.55 -5.04 2.21
CA LEU A 122 8.58 -5.83 1.56
C LEU A 122 9.95 -5.47 2.11
N LYS A 123 10.18 -4.19 2.32
CA LYS A 123 11.46 -3.72 2.85
C LYS A 123 11.75 -4.37 4.20
N ALA A 124 10.73 -4.47 5.04
CA ALA A 124 10.88 -5.07 6.35
C ALA A 124 10.99 -6.59 6.24
N LEU A 125 10.49 -7.13 5.13
CA LEU A 125 10.52 -8.57 4.91
C LEU A 125 11.97 -9.06 4.83
N CYS A 126 12.85 -8.21 4.30
CA CYS A 126 14.25 -8.55 4.17
C CYS A 126 15.00 -8.32 5.47
N THR A 127 14.61 -7.25 6.18
CA THR A 127 15.24 -6.92 7.45
C THR A 127 15.23 -8.13 8.39
N LYS A 128 14.36 -9.08 8.11
CA LYS A 128 14.26 -10.28 8.93
C LYS A 128 13.28 -10.05 10.09
N VAL A 129 12.14 -9.44 9.79
CA VAL A 129 11.14 -9.17 10.81
C VAL A 129 9.73 -9.24 10.22
N PRO A 130 9.14 -10.40 10.23
CA PRO A 130 7.77 -10.62 9.68
C PRO A 130 6.70 -9.98 10.57
N GLU A 131 7.08 -9.63 11.79
CA GLU A 131 6.15 -9.02 12.73
C GLU A 131 5.69 -7.65 12.20
N LEU A 132 6.62 -6.90 11.61
CA LEU A 132 6.30 -5.60 11.08
C LEU A 132 5.27 -5.71 9.95
N ILE A 133 5.34 -6.81 9.21
CA ILE A 133 4.42 -7.04 8.11
C ILE A 133 2.98 -7.03 8.61
N ARG A 134 2.72 -7.78 9.67
CA ARG A 134 1.38 -7.85 10.24
C ARG A 134 1.01 -6.53 10.91
N THR A 135 2.00 -5.88 11.49
CA THR A 135 1.78 -4.60 12.17
C THR A 135 1.42 -3.52 11.15
N ILE A 136 1.96 -3.65 9.94
CA ILE A 136 1.69 -2.68 8.89
C ILE A 136 0.24 -2.80 8.41
N MET A 137 -0.12 -3.99 7.92
CA MET A 137 -1.46 -4.23 7.44
C MET A 137 -2.49 -3.70 8.43
N GLY A 138 -2.10 -3.61 9.69
CA GLY A 138 -2.99 -3.11 10.73
C GLY A 138 -3.27 -1.62 10.54
N TRP A 139 -2.22 -0.87 10.19
CA TRP A 139 -2.36 0.56 9.98
C TRP A 139 -3.25 0.85 8.77
N THR A 140 -3.32 -0.12 7.86
CA THR A 140 -4.14 0.03 6.66
C THR A 140 -5.62 -0.13 7.00
N LEU A 141 -5.99 -1.33 7.40
CA LEU A 141 -7.39 -1.62 7.75
C LEU A 141 -7.90 -0.59 8.75
N ASP A 142 -7.01 -0.13 9.63
CA ASP A 142 -7.39 0.86 10.63
C ASP A 142 -7.77 2.18 9.98
N PHE A 143 -6.89 2.67 9.11
CA PHE A 143 -7.15 3.94 8.41
C PHE A 143 -8.33 3.79 7.45
N LEU A 144 -8.42 2.64 6.79
CA LEU A 144 -9.50 2.39 5.86
C LEU A 144 -10.82 2.19 6.60
N ARG A 145 -10.75 1.57 7.77
CA ARG A 145 -11.94 1.33 8.58
C ARG A 145 -12.29 2.57 9.40
N GLU A 146 -11.37 3.54 9.43
CA GLU A 146 -11.60 4.76 10.18
C GLU A 146 -11.75 5.95 9.24
N ARG A 147 -11.57 5.70 7.95
CA ARG A 147 -11.68 6.76 6.95
C ARG A 147 -12.34 6.23 5.68
N LEU A 148 -11.56 6.13 4.61
CA LEU A 148 -12.07 5.64 3.34
C LEU A 148 -13.41 4.93 3.55
N LEU A 149 -13.60 4.38 4.73
CA LEU A 149 -14.84 3.67 5.04
C LEU A 149 -16.05 4.52 4.66
N GLY A 150 -16.12 5.73 5.20
CA GLY A 150 -17.23 6.62 4.91
C GLY A 150 -17.24 7.00 3.43
N TRP A 151 -16.09 7.45 2.92
CA TRP A 151 -15.98 7.85 1.53
C TRP A 151 -16.17 6.64 0.62
N ILE A 152 -15.35 5.61 0.83
CA ILE A 152 -15.42 4.40 0.02
C ILE A 152 -16.85 3.87 -0.03
N GLN A 153 -17.57 4.05 1.07
CA GLN A 153 -18.96 3.59 1.15
C GLN A 153 -19.84 4.40 0.21
N ASP A 154 -19.49 5.66 0.01
CA ASP A 154 -20.26 6.53 -0.86
C ASP A 154 -19.76 6.44 -2.30
N GLN A 155 -18.68 5.68 -2.49
CA GLN A 155 -18.11 5.52 -3.82
C GLN A 155 -18.58 4.22 -4.46
N GLY A 156 -19.43 3.49 -3.73
CA GLY A 156 -19.96 2.23 -4.23
C GLY A 156 -18.99 1.08 -3.97
N GLY A 157 -18.14 1.25 -2.96
CA GLY A 157 -17.16 0.23 -2.62
C GLY A 157 -15.86 0.44 -3.39
N TRP A 158 -15.05 -0.61 -3.48
CA TRP A 158 -13.78 -0.52 -4.18
C TRP A 158 -14.01 -0.49 -5.69
N ASP A 159 -15.25 -0.65 -6.10
CA ASP A 159 -15.60 -0.63 -7.52
C ASP A 159 -15.23 0.72 -8.14
N GLY A 160 -15.53 1.79 -7.42
CA GLY A 160 -15.23 3.14 -7.91
C GLY A 160 -13.76 3.26 -8.28
N LEU A 161 -12.90 2.53 -7.56
CA LEU A 161 -11.47 2.57 -7.82
C LEU A 161 -11.17 2.05 -9.22
N LEU A 162 -11.64 0.85 -9.52
CA LEU A 162 -11.41 0.25 -10.82
C LEU A 162 -12.16 1.03 -11.91
N SER A 163 -13.29 1.62 -11.54
CA SER A 163 -14.09 2.38 -12.48
C SER A 163 -13.33 3.64 -12.91
N TYR A 164 -12.45 4.12 -12.05
CA TYR A 164 -11.67 5.32 -12.34
C TYR A 164 -10.55 5.00 -13.33
N PHE A 165 -9.88 3.87 -13.11
CA PHE A 165 -8.79 3.46 -13.99
C PHE A 165 -9.33 2.99 -15.34
N GLY A 166 -10.22 3.80 -15.92
CA GLY A 166 -10.81 3.48 -17.22
C GLY A 166 -10.73 4.66 -18.17
N THR A 167 -9.61 5.37 -18.12
CA THR A 167 -9.41 6.53 -18.99
C THR A 167 -8.38 6.22 -20.07
N PRO A 168 -8.10 7.18 -20.91
CA PRO A 168 -7.11 7.03 -22.01
C PRO A 168 -5.67 7.04 -21.51
N THR A 169 -4.76 7.58 -22.32
CA THR A 169 -3.35 7.65 -21.93
C THR A 169 -3.20 7.55 -20.42
N TRP A 170 -2.86 6.37 -19.93
CA TRP A 170 -2.68 6.16 -18.50
C TRP A 170 -1.52 7.00 -17.98
N GLN A 171 -0.66 7.44 -18.88
CA GLN A 171 0.49 8.25 -18.50
C GLN A 171 0.07 9.37 -17.55
N THR A 172 -1.24 9.60 -17.47
CA THR A 172 -1.76 10.64 -16.60
C THR A 172 -1.99 10.10 -15.19
N VAL A 173 -2.28 8.81 -15.10
CA VAL A 173 -2.51 8.17 -13.81
C VAL A 173 -1.21 8.03 -13.04
N THR A 174 -0.17 7.56 -13.72
CA THR A 174 1.13 7.39 -13.09
C THR A 174 1.70 8.73 -12.64
N ILE A 175 1.26 9.81 -13.31
CA ILE A 175 1.74 11.14 -12.98
C ILE A 175 0.90 11.74 -11.85
N PHE A 176 -0.17 11.05 -11.48
CA PHE A 176 -1.03 11.53 -10.41
C PHE A 176 -0.63 10.89 -9.07
N VAL A 177 -0.68 9.57 -9.00
CA VAL A 177 -0.32 8.87 -7.79
C VAL A 177 1.14 9.12 -7.42
N ALA A 178 1.90 9.61 -8.40
CA ALA A 178 3.31 9.90 -8.17
C ALA A 178 3.52 11.36 -7.82
N GLY A 179 2.86 12.25 -8.57
CA GLY A 179 2.98 13.68 -8.33
C GLY A 179 2.45 14.03 -6.95
N VAL A 180 1.53 13.23 -6.44
CA VAL A 180 0.94 13.46 -5.13
C VAL A 180 1.81 12.84 -4.03
N LEU A 181 2.13 11.57 -4.19
CA LEU A 181 2.95 10.87 -3.21
C LEU A 181 4.38 11.40 -3.25
N THR A 182 4.95 11.51 -4.44
CA THR A 182 6.31 12.00 -4.60
C THR A 182 6.49 13.31 -3.84
N ALA A 183 5.60 14.26 -4.09
CA ALA A 183 5.68 15.55 -3.42
C ALA A 183 5.89 15.38 -1.92
N SER A 184 5.12 14.47 -1.33
CA SER A 184 5.24 14.21 0.11
C SER A 184 6.68 13.88 0.47
N LEU A 185 7.36 13.14 -0.40
CA LEU A 185 8.75 12.76 -0.16
C LEU A 185 9.68 13.93 -0.44
N THR A 186 9.21 14.87 -1.25
CA THR A 186 10.02 16.04 -1.60
C THR A 186 10.12 16.99 -0.42
N ILE A 187 8.99 17.24 0.24
CA ILE A 187 8.96 18.13 1.39
C ILE A 187 9.59 17.46 2.61
N TRP A 188 9.14 16.26 2.92
CA TRP A 188 9.67 15.52 4.06
C TRP A 188 11.14 15.89 4.29
N LYS A 189 11.96 15.68 3.26
CA LYS A 189 13.38 15.99 3.37
C LYS A 189 14.07 15.77 2.02
N LYS A 190 14.81 16.78 1.57
CA LYS A 190 15.52 16.68 0.31
C LYS A 190 17.03 16.61 0.53
N MET A 191 17.53 15.38 0.67
CA MET A 191 18.95 15.18 0.90
C MET A 191 19.51 14.16 -0.08
N GLY A 192 20.68 14.46 -0.63
CA GLY A 192 21.32 13.57 -1.60
C GLY A 192 22.84 13.72 -1.57
N CYS B 1 27.17 -3.80 -12.91
CA CYS B 1 26.35 -3.71 -11.67
C CYS B 1 26.67 -4.92 -10.78
N GLU B 2 27.78 -4.84 -10.05
CA GLU B 2 28.18 -5.92 -9.17
C GLU B 2 27.88 -5.57 -7.72
N ALA B 3 27.59 -6.59 -6.91
CA ALA B 3 27.29 -6.37 -5.50
C ALA B 3 26.33 -5.20 -5.33
N LEU B 4 25.73 -5.10 -4.15
CA LEU B 4 24.79 -4.02 -3.87
C LEU B 4 25.51 -2.83 -3.24
N LYS B 5 25.72 -1.78 -4.03
CA LYS B 5 26.40 -0.59 -3.54
C LYS B 5 25.64 0.02 -2.37
N LYS B 6 24.31 0.07 -2.50
CA LYS B 6 23.48 0.65 -1.45
C LYS B 6 23.01 -0.44 -0.49
N ALA B 7 22.70 -0.05 0.74
CA ALA B 7 22.25 -1.00 1.74
C ALA B 7 23.40 -1.87 2.23
N LEU B 8 24.53 -1.22 2.52
CA LEU B 8 25.71 -1.94 2.99
C LEU B 8 25.60 -2.21 4.49
N ARG B 9 26.74 -2.52 5.11
CA ARG B 9 26.76 -2.79 6.54
C ARG B 9 26.47 -1.52 7.34
N ARG B 10 26.38 -0.40 6.63
CA ARG B 10 26.12 0.88 7.28
C ARG B 10 24.75 0.85 7.96
N HIS B 11 23.75 0.33 7.25
CA HIS B 11 22.40 0.25 7.80
C HIS B 11 22.28 -0.92 8.76
N ARG B 12 22.38 -2.14 8.22
CA ARG B 12 22.28 -3.34 9.05
C ARG B 12 22.84 -3.07 10.45
N PHE B 13 23.83 -2.19 10.52
CA PHE B 13 24.44 -1.85 11.80
C PHE B 13 23.77 -0.62 12.41
N LEU B 14 23.25 0.24 11.55
CA LEU B 14 22.58 1.45 12.00
C LEU B 14 21.40 1.11 12.90
N TRP B 15 20.75 -0.01 12.60
CA TRP B 15 19.60 -0.44 13.38
C TRP B 15 20.05 -1.28 14.58
N GLN B 16 20.80 -2.34 14.31
CA GLN B 16 21.30 -3.21 15.36
C GLN B 16 21.59 -2.41 16.63
N ARG B 17 22.65 -1.60 16.58
CA ARG B 17 23.02 -0.78 17.73
C ARG B 17 22.99 -1.61 19.02
N ARG B 18 23.09 -2.93 18.86
CA ARG B 18 23.07 -3.82 20.01
C ARG B 18 21.93 -3.45 20.96
N GLN B 19 20.93 -2.76 20.43
CA GLN B 19 19.79 -2.35 21.24
C GLN B 19 18.84 -3.53 21.46
N ARG B 20 18.35 -3.66 22.69
CA ARG B 20 17.43 -4.74 23.02
C ARG B 20 16.31 -4.24 23.93
N ALA B 21 15.10 -4.70 23.67
CA ALA B 21 13.94 -4.29 24.47
C ALA B 21 12.72 -5.11 24.11
N MET A 1 -26.60 -2.54 -11.61
CA MET A 1 -26.59 -2.13 -10.18
C MET A 1 -28.02 -1.87 -9.73
N ASP A 2 -28.88 -1.54 -10.68
CA ASP A 2 -30.28 -1.27 -10.36
C ASP A 2 -30.89 -2.41 -9.57
N GLY A 3 -30.89 -3.60 -10.16
CA GLY A 3 -31.44 -4.78 -9.51
C GLY A 3 -32.91 -4.99 -9.89
N SER A 4 -33.68 -3.91 -9.84
CA SER A 4 -35.10 -3.99 -10.19
C SER A 4 -35.67 -2.59 -10.45
N GLY A 5 -35.16 -1.61 -9.73
CA GLY A 5 -35.63 -0.24 -9.88
C GLY A 5 -34.67 0.76 -9.24
N GLU A 6 -35.15 1.48 -8.23
CA GLU A 6 -34.31 2.46 -7.55
C GLU A 6 -34.52 2.38 -6.04
N GLN A 7 -33.58 1.75 -5.34
CA GLN A 7 -33.68 1.61 -3.90
C GLN A 7 -33.89 0.16 -3.51
N PRO A 8 -33.17 -0.74 -4.13
CA PRO A 8 -33.28 -2.20 -3.84
C PRO A 8 -32.62 -2.57 -2.52
N ARG A 9 -33.29 -2.24 -1.42
CA ARG A 9 -32.75 -2.54 -0.10
C ARG A 9 -31.86 -3.76 -0.14
N GLY A 10 -30.91 -3.84 0.79
CA GLY A 10 -29.99 -4.97 0.86
C GLY A 10 -29.67 -5.33 2.30
N GLY A 11 -30.71 -5.58 3.09
CA GLY A 11 -30.52 -5.93 4.49
C GLY A 11 -29.12 -5.54 4.97
N GLY A 12 -28.97 -4.28 5.36
CA GLY A 12 -27.69 -3.78 5.84
C GLY A 12 -26.80 -3.38 4.67
N PRO A 13 -27.29 -2.55 3.81
CA PRO A 13 -26.53 -2.07 2.62
C PRO A 13 -25.10 -1.67 2.98
N THR A 14 -24.95 -0.45 3.50
CA THR A 14 -23.62 0.05 3.88
C THR A 14 -22.62 -1.10 3.91
N SER A 15 -22.34 -1.67 2.75
CA SER A 15 -21.39 -2.77 2.65
C SER A 15 -20.16 -2.49 3.52
N SER A 16 -20.25 -2.85 4.80
CA SER A 16 -19.14 -2.64 5.72
C SER A 16 -18.29 -3.89 5.83
N GLU A 17 -18.85 -5.03 5.44
CA GLU A 17 -18.13 -6.29 5.50
C GLU A 17 -17.39 -6.55 4.20
N GLN A 18 -18.10 -6.43 3.08
CA GLN A 18 -17.50 -6.66 1.77
C GLN A 18 -16.27 -5.78 1.57
N ILE A 19 -16.31 -4.58 2.14
CA ILE A 19 -15.20 -3.64 2.03
C ILE A 19 -14.03 -4.09 2.91
N MET A 20 -14.32 -4.34 4.18
CA MET A 20 -13.29 -4.77 5.11
C MET A 20 -12.61 -6.04 4.63
N LYS A 21 -13.37 -6.92 3.99
CA LYS A 21 -12.82 -8.16 3.48
C LYS A 21 -11.89 -7.91 2.30
N THR A 22 -12.28 -7.00 1.42
CA THR A 22 -11.46 -6.67 0.26
C THR A 22 -10.25 -5.82 0.67
N GLY A 23 -10.31 -5.29 1.89
CA GLY A 23 -9.21 -4.45 2.39
C GLY A 23 -8.01 -5.31 2.75
N ALA A 24 -8.23 -6.31 3.60
CA ALA A 24 -7.15 -7.19 4.02
C ALA A 24 -6.80 -8.19 2.93
N LEU A 25 -7.66 -8.25 1.91
CA LEU A 25 -7.43 -9.17 0.80
C LEU A 25 -6.53 -8.54 -0.26
N LEU A 26 -7.11 -7.66 -1.07
CA LEU A 26 -6.34 -6.99 -2.11
C LEU A 26 -4.88 -6.84 -1.70
N LEU A 27 -4.65 -6.07 -0.64
CA LEU A 27 -3.29 -5.86 -0.15
C LEU A 27 -2.59 -7.19 0.08
N GLN A 28 -3.19 -8.03 0.91
CA GLN A 28 -2.61 -9.33 1.20
C GLN A 28 -2.20 -10.05 -0.08
N GLY A 29 -2.75 -9.59 -1.20
CA GLY A 29 -2.44 -10.20 -2.49
C GLY A 29 -1.22 -9.54 -3.12
N PHE A 30 -1.39 -8.31 -3.60
CA PHE A 30 -0.30 -7.58 -4.22
C PHE A 30 1.00 -7.76 -3.43
N ILE A 31 0.86 -8.18 -2.17
CA ILE A 31 2.02 -8.40 -1.32
C ILE A 31 2.71 -9.70 -1.67
N GLN A 32 2.04 -10.81 -1.38
CA GLN A 32 2.61 -12.12 -1.67
C GLN A 32 2.44 -12.47 -3.15
N ASP A 33 2.43 -11.44 -3.99
CA ASP A 33 2.27 -11.64 -5.42
C ASP A 33 3.55 -11.25 -6.17
N ARG A 34 4.06 -10.06 -5.88
CA ARG A 34 5.27 -9.57 -6.53
C ARG A 34 6.50 -9.95 -5.70
N ALA A 35 6.30 -10.09 -4.39
CA ALA A 35 7.39 -10.45 -3.49
C ALA A 35 7.37 -11.94 -3.18
N GLY A 36 6.26 -12.59 -3.53
CA GLY A 36 6.13 -14.02 -3.28
C GLY A 36 6.39 -14.83 -4.55
N ARG A 37 7.41 -15.68 -4.52
CA ARG A 37 7.75 -16.49 -5.67
C ARG A 37 7.03 -17.84 -5.61
N MET A 38 6.99 -18.54 -6.73
CA MET A 38 6.34 -19.85 -6.80
C MET A 38 7.01 -20.83 -5.84
N GLY A 39 8.34 -20.78 -5.78
CA GLY A 39 9.09 -21.67 -4.90
C GLY A 39 9.12 -21.13 -3.48
N GLY A 40 9.93 -21.75 -2.63
CA GLY A 40 10.04 -21.33 -1.24
C GLY A 40 8.91 -21.93 -0.40
N GLU A 41 9.07 -21.87 0.92
CA GLU A 41 8.06 -22.41 1.82
C GLU A 41 7.94 -21.54 3.07
N ALA A 42 6.81 -21.68 3.78
CA ALA A 42 6.59 -20.90 4.98
C ALA A 42 6.55 -19.41 4.66
N PRO A 43 5.49 -18.96 4.05
CA PRO A 43 5.31 -17.53 3.68
C PRO A 43 5.02 -16.65 4.89
N GLU A 44 5.70 -15.51 4.97
CA GLU A 44 5.50 -14.59 6.07
C GLU A 44 4.12 -13.92 5.99
N LEU A 45 3.54 -13.93 4.79
CA LEU A 45 2.23 -13.34 4.60
C LEU A 45 1.13 -14.34 4.92
N ALA A 46 1.05 -14.74 6.19
CA ALA A 46 0.04 -15.69 6.62
C ALA A 46 -1.31 -15.01 6.79
N LEU A 47 -2.37 -15.66 6.32
CA LEU A 47 -3.72 -15.10 6.43
C LEU A 47 -4.75 -16.11 5.94
N ASP A 48 -5.73 -15.61 5.19
CA ASP A 48 -6.78 -16.48 4.66
C ASP A 48 -6.39 -17.02 3.29
N PRO A 49 -7.21 -17.89 2.75
CA PRO A 49 -6.96 -18.50 1.42
C PRO A 49 -7.23 -17.52 0.28
N VAL A 50 -6.20 -17.22 -0.50
CA VAL A 50 -6.35 -16.30 -1.62
C VAL A 50 -7.80 -15.89 -1.80
N PRO A 51 -8.06 -14.92 -2.65
CA PRO A 51 -9.43 -14.43 -2.92
C PRO A 51 -10.24 -15.41 -3.77
N GLN A 52 -11.37 -15.85 -3.24
CA GLN A 52 -12.23 -16.79 -3.96
C GLN A 52 -12.79 -16.15 -5.23
N ASP A 53 -13.39 -14.98 -5.07
CA ASP A 53 -13.96 -14.27 -6.21
C ASP A 53 -12.86 -13.70 -7.10
N ALA A 54 -13.15 -13.59 -8.39
CA ALA A 54 -12.16 -13.06 -9.34
C ALA A 54 -12.20 -11.53 -9.34
N SER A 55 -13.11 -10.96 -8.56
CA SER A 55 -13.22 -9.50 -8.48
C SER A 55 -11.90 -8.89 -8.04
N THR A 56 -11.23 -9.55 -7.10
CA THR A 56 -9.94 -9.05 -6.61
C THR A 56 -8.82 -9.43 -7.56
N LYS A 57 -8.95 -10.60 -8.18
CA LYS A 57 -7.93 -11.07 -9.12
C LYS A 57 -7.60 -10.00 -10.15
N LYS A 58 -8.64 -9.51 -10.83
CA LYS A 58 -8.45 -8.47 -11.84
C LYS A 58 -7.83 -7.22 -11.22
N LEU A 59 -8.40 -6.79 -10.09
CA LEU A 59 -7.89 -5.60 -9.41
C LEU A 59 -6.45 -5.81 -8.96
N SER A 60 -6.08 -7.07 -8.74
CA SER A 60 -4.73 -7.40 -8.31
C SER A 60 -3.74 -7.18 -9.44
N GLU A 61 -4.16 -7.47 -10.67
CA GLU A 61 -3.31 -7.30 -11.84
C GLU A 61 -2.94 -5.83 -12.03
N CYS A 62 -3.86 -4.95 -11.64
CA CYS A 62 -3.62 -3.51 -11.77
C CYS A 62 -2.46 -3.08 -10.88
N LEU A 63 -2.37 -3.67 -9.70
CA LEU A 63 -1.30 -3.34 -8.76
C LEU A 63 0.01 -3.96 -9.21
N LYS A 64 -0.08 -5.05 -9.98
CA LYS A 64 1.11 -5.73 -10.47
C LYS A 64 1.62 -5.06 -11.74
N ARG A 65 0.70 -4.61 -12.58
CA ARG A 65 1.08 -3.95 -13.82
C ARG A 65 1.74 -2.61 -13.55
N ILE A 66 1.16 -1.84 -12.64
CA ILE A 66 1.70 -0.53 -12.28
C ILE A 66 2.92 -0.69 -11.39
N GLY A 67 2.90 -1.70 -10.52
CA GLY A 67 4.02 -1.95 -9.61
C GLY A 67 5.30 -2.23 -10.39
N ASP A 68 5.19 -3.08 -11.41
CA ASP A 68 6.35 -3.44 -12.22
C ASP A 68 6.89 -2.21 -12.94
N GLU A 69 6.00 -1.31 -13.32
CA GLU A 69 6.40 -0.09 -14.01
C GLU A 69 6.93 0.94 -13.02
N LEU A 70 6.09 1.32 -12.07
CA LEU A 70 6.49 2.30 -11.06
C LEU A 70 7.77 1.86 -10.35
N ASP A 71 7.83 0.57 -10.02
CA ASP A 71 9.01 0.04 -9.34
C ASP A 71 10.24 0.12 -10.25
N SER A 72 10.01 0.46 -11.50
CA SER A 72 11.10 0.57 -12.47
C SER A 72 11.57 2.01 -12.59
N ASN A 73 11.04 2.87 -11.73
CA ASN A 73 11.42 4.28 -11.74
C ASN A 73 12.56 4.54 -10.78
N MET A 74 13.73 4.87 -11.33
CA MET A 74 14.90 5.14 -10.49
C MET A 74 14.71 6.43 -9.72
N GLU A 75 13.67 7.19 -10.07
CA GLU A 75 13.40 8.46 -9.40
C GLU A 75 12.67 8.21 -8.09
N LEU A 76 11.43 7.73 -8.18
CA LEU A 76 10.64 7.46 -6.99
C LEU A 76 11.33 6.42 -6.11
N GLN A 77 11.92 5.42 -6.74
CA GLN A 77 12.62 4.37 -5.99
C GLN A 77 13.78 4.96 -5.21
N ARG A 78 14.46 5.93 -5.81
CA ARG A 78 15.60 6.57 -5.15
C ARG A 78 15.13 7.41 -3.96
N MET A 79 14.06 8.17 -4.15
CA MET A 79 13.53 9.01 -3.09
C MET A 79 13.24 8.18 -1.85
N ILE A 80 12.63 7.00 -2.06
CA ILE A 80 12.29 6.12 -0.95
C ILE A 80 13.56 5.67 -0.23
N ALA A 81 14.68 5.70 -0.94
CA ALA A 81 15.96 5.29 -0.36
C ALA A 81 16.62 6.46 0.38
N ALA A 82 16.18 7.67 0.06
CA ALA A 82 16.72 8.86 0.70
C ALA A 82 16.00 9.16 2.00
N VAL A 83 14.84 8.54 2.17
CA VAL A 83 14.04 8.75 3.38
C VAL A 83 14.44 7.75 4.46
N ASP A 84 15.52 8.06 5.18
CA ASP A 84 15.99 7.18 6.24
C ASP A 84 14.82 6.61 7.03
N THR A 85 15.08 5.54 7.78
CA THR A 85 14.03 4.89 8.57
C THR A 85 14.40 4.92 10.04
N ASP A 86 13.56 5.57 10.85
CA ASP A 86 13.81 5.66 12.29
C ASP A 86 12.49 5.70 13.05
N SER A 87 11.39 5.66 12.32
CA SER A 87 10.07 5.70 12.94
C SER A 87 8.98 5.54 11.88
N PRO A 88 8.60 4.33 11.59
CA PRO A 88 7.55 4.02 10.58
C PRO A 88 6.17 4.45 11.05
N ARG A 89 6.04 4.73 12.34
CA ARG A 89 4.76 5.16 12.90
C ARG A 89 4.60 6.67 12.76
N GLU A 90 5.69 7.40 12.89
CA GLU A 90 5.66 8.86 12.77
C GLU A 90 5.59 9.27 11.30
N VAL A 91 6.58 8.85 10.53
CA VAL A 91 6.63 9.19 9.11
C VAL A 91 5.35 8.73 8.41
N PHE A 92 5.00 7.46 8.60
CA PHE A 92 3.80 6.91 7.99
C PHE A 92 2.62 7.86 8.17
N PHE A 93 2.38 8.26 9.41
CA PHE A 93 1.28 9.17 9.71
C PHE A 93 1.56 10.55 9.12
N ARG A 94 2.84 10.91 9.03
CA ARG A 94 3.22 12.20 8.48
C ARG A 94 3.00 12.24 6.98
N VAL A 95 3.63 11.31 6.27
CA VAL A 95 3.49 11.24 4.82
C VAL A 95 2.03 11.02 4.43
N ALA A 96 1.39 10.06 5.09
CA ALA A 96 -0.01 9.76 4.80
C ALA A 96 -0.87 11.02 4.94
N ALA A 97 -0.42 11.93 5.79
CA ALA A 97 -1.15 13.18 6.02
C ALA A 97 -0.83 14.19 4.92
N ASP A 98 0.43 14.23 4.50
CA ASP A 98 0.84 15.15 3.45
C ASP A 98 0.13 14.84 2.15
N MET A 99 -0.05 13.55 1.87
CA MET A 99 -0.72 13.13 0.64
C MET A 99 -1.88 14.06 0.32
N PHE A 100 -2.92 14.00 1.15
CA PHE A 100 -4.10 14.84 0.94
C PHE A 100 -4.20 15.89 2.04
N SER A 101 -3.15 16.70 2.19
CA SER A 101 -3.14 17.74 3.22
C SER A 101 -4.04 18.90 2.81
N ASP A 102 -4.22 19.08 1.51
CA ASP A 102 -5.06 20.16 1.00
C ASP A 102 -5.59 19.82 -0.39
N GLY A 103 -4.94 18.86 -1.05
CA GLY A 103 -5.35 18.45 -2.38
C GLY A 103 -6.84 18.71 -2.60
N ASN A 104 -7.68 17.82 -2.10
CA ASN A 104 -9.12 17.97 -2.24
C ASN A 104 -9.84 16.75 -1.70
N PHE A 105 -9.29 16.15 -0.64
CA PHE A 105 -9.90 14.98 -0.04
C PHE A 105 -10.38 14.01 -1.11
N ASN A 106 -9.70 14.02 -2.26
CA ASN A 106 -10.07 13.14 -3.36
C ASN A 106 -10.15 11.69 -2.88
N TRP A 107 -9.21 10.87 -3.34
CA TRP A 107 -9.18 9.46 -2.95
C TRP A 107 -8.08 8.73 -3.69
N GLY A 108 -7.73 9.23 -4.87
CA GLY A 108 -6.68 8.60 -5.68
C GLY A 108 -5.43 8.34 -4.84
N ARG A 109 -5.07 9.32 -4.02
CA ARG A 109 -3.89 9.19 -3.17
C ARG A 109 -3.89 7.83 -2.46
N VAL A 110 -5.09 7.28 -2.25
CA VAL A 110 -5.21 6.00 -1.58
C VAL A 110 -4.32 4.95 -2.25
N VAL A 111 -4.52 4.73 -3.54
CA VAL A 111 -3.74 3.76 -4.28
C VAL A 111 -2.25 3.92 -3.95
N ALA A 112 -1.77 5.15 -3.96
CA ALA A 112 -0.37 5.43 -3.66
C ALA A 112 -0.02 4.91 -2.27
N LEU A 113 -0.96 5.00 -1.35
CA LEU A 113 -0.74 4.53 0.01
C LEU A 113 -0.32 3.06 0.01
N PHE A 114 -1.05 2.24 -0.74
CA PHE A 114 -0.75 0.82 -0.82
C PHE A 114 0.68 0.60 -1.28
N TYR A 115 1.09 1.35 -2.30
CA TYR A 115 2.44 1.24 -2.83
C TYR A 115 3.47 1.74 -1.81
N PHE A 116 3.17 2.87 -1.19
CA PHE A 116 4.06 3.45 -0.19
C PHE A 116 4.30 2.47 0.95
N ALA A 117 3.23 1.81 1.38
CA ALA A 117 3.33 0.84 2.47
C ALA A 117 4.08 -0.41 2.01
N SER A 118 3.92 -0.75 0.74
CA SER A 118 4.57 -1.93 0.17
C SER A 118 6.06 -1.93 0.55
N LYS A 119 6.69 -0.78 0.41
CA LYS A 119 8.12 -0.66 0.73
C LYS A 119 8.37 -1.02 2.20
N LEU A 120 7.51 -0.53 3.08
CA LEU A 120 7.65 -0.80 4.51
C LEU A 120 7.36 -2.28 4.78
N VAL A 121 6.48 -2.87 3.99
CA VAL A 121 6.14 -4.27 4.17
C VAL A 121 7.25 -5.17 3.62
N LEU A 122 7.61 -4.95 2.36
CA LEU A 122 8.66 -5.74 1.72
C LEU A 122 10.03 -5.37 2.28
N LYS A 123 10.24 -4.07 2.47
CA LYS A 123 11.51 -3.59 3.01
C LYS A 123 11.81 -4.23 4.36
N ALA A 124 10.77 -4.34 5.20
CA ALA A 124 10.94 -4.93 6.51
C ALA A 124 11.05 -6.45 6.42
N LEU A 125 10.55 -7.00 5.31
CA LEU A 125 10.60 -8.45 5.11
C LEU A 125 12.05 -8.92 5.04
N CYS A 126 12.92 -8.06 4.50
CA CYS A 126 14.33 -8.41 4.38
C CYS A 126 15.07 -8.15 5.69
N THR A 127 14.66 -7.09 6.39
CA THR A 127 15.29 -6.74 7.65
C THR A 127 15.28 -7.93 8.60
N LYS A 128 14.43 -8.91 8.32
CA LYS A 128 14.32 -10.10 9.16
C LYS A 128 13.35 -9.88 10.30
N VAL A 129 12.21 -9.27 9.99
CA VAL A 129 11.20 -9.01 11.00
C VAL A 129 9.80 -9.09 10.39
N PRO A 130 9.20 -10.25 10.43
CA PRO A 130 7.83 -10.49 9.88
C PRO A 130 6.76 -9.84 10.76
N GLU A 131 7.12 -9.47 11.96
CA GLU A 131 6.18 -8.85 12.89
C GLU A 131 5.72 -7.50 12.35
N LEU A 132 6.64 -6.75 11.77
CA LEU A 132 6.32 -5.44 11.22
C LEU A 132 5.31 -5.57 10.09
N ILE A 133 5.38 -6.68 9.36
CA ILE A 133 4.46 -6.92 8.25
C ILE A 133 3.02 -6.91 8.74
N ARG A 134 2.76 -7.67 9.81
CA ARG A 134 1.42 -7.73 10.37
C ARG A 134 1.04 -6.41 11.03
N THR A 135 2.03 -5.75 11.62
CA THR A 135 1.79 -4.48 12.28
C THR A 135 1.43 -3.41 11.26
N ILE A 136 1.98 -3.53 10.05
CA ILE A 136 1.70 -2.57 9.00
C ILE A 136 0.26 -2.71 8.50
N MET A 137 -0.09 -3.90 8.03
CA MET A 137 -1.43 -4.15 7.54
C MET A 137 -2.47 -3.62 8.51
N GLY A 138 -2.08 -3.52 9.78
CA GLY A 138 -2.99 -3.02 10.80
C GLY A 138 -3.26 -1.53 10.61
N TRP A 139 -2.23 -0.79 10.25
CA TRP A 139 -2.37 0.65 10.03
C TRP A 139 -3.25 0.92 8.81
N THR A 140 -3.32 -0.05 7.91
CA THR A 140 -4.13 0.09 6.71
C THR A 140 -5.61 -0.09 7.04
N LEU A 141 -5.98 -1.30 7.45
CA LEU A 141 -7.37 -1.58 7.79
C LEU A 141 -7.90 -0.55 8.78
N ASP A 142 -7.02 -0.07 9.66
CA ASP A 142 -7.40 0.91 10.66
C ASP A 142 -7.79 2.23 9.98
N PHE A 143 -6.91 2.72 9.12
CA PHE A 143 -7.17 3.97 8.42
C PHE A 143 -8.34 3.82 7.46
N LEU A 144 -8.42 2.66 6.80
CA LEU A 144 -9.50 2.40 5.86
C LEU A 144 -10.82 2.20 6.60
N ARG A 145 -10.75 1.59 7.77
CA ARG A 145 -11.95 1.35 8.58
C ARG A 145 -12.31 2.59 9.39
N GLU A 146 -11.40 3.56 9.41
CA GLU A 146 -11.63 4.79 10.16
C GLU A 146 -11.79 5.97 9.20
N ARG A 147 -11.59 5.71 7.92
CA ARG A 147 -11.71 6.76 6.91
C ARG A 147 -12.37 6.21 5.64
N LEU A 148 -11.57 6.12 4.58
CA LEU A 148 -12.08 5.62 3.30
C LEU A 148 -13.40 4.90 3.51
N LEU A 149 -13.60 4.35 4.70
CA LEU A 149 -14.85 3.64 5.01
C LEU A 149 -16.05 4.47 4.61
N GLY A 150 -16.14 5.69 5.14
CA GLY A 150 -17.25 6.58 4.83
C GLY A 150 -17.25 6.95 3.35
N TRP A 151 -16.11 7.39 2.85
CA TRP A 151 -16.00 7.78 1.45
C TRP A 151 -16.16 6.56 0.55
N ILE A 152 -15.33 5.55 0.77
CA ILE A 152 -15.40 4.33 -0.02
C ILE A 152 -16.83 3.80 -0.07
N GLN A 153 -17.55 3.97 1.02
CA GLN A 153 -18.94 3.50 1.09
C GLN A 153 -19.83 4.29 0.15
N ASP A 154 -19.47 5.56 -0.06
CA ASP A 154 -20.25 6.42 -0.95
C ASP A 154 -19.73 6.32 -2.38
N GLN A 155 -18.65 5.58 -2.56
CA GLN A 155 -18.07 5.40 -3.89
C GLN A 155 -18.54 4.09 -4.52
N GLY A 156 -19.38 3.36 -3.79
CA GLY A 156 -19.91 2.09 -4.29
C GLY A 156 -18.92 0.96 -4.01
N GLY A 157 -18.08 1.14 -3.00
CA GLY A 157 -17.10 0.12 -2.64
C GLY A 157 -15.79 0.34 -3.40
N TRP A 158 -14.98 -0.71 -3.48
CA TRP A 158 -13.70 -0.62 -4.18
C TRP A 158 -13.93 -0.59 -5.69
N ASP A 159 -15.17 -0.76 -6.10
CA ASP A 159 -15.50 -0.76 -7.53
C ASP A 159 -15.15 0.59 -8.15
N GLY A 160 -15.45 1.67 -7.44
CA GLY A 160 -15.16 3.00 -7.94
C GLY A 160 -13.68 3.14 -8.30
N LEU A 161 -12.83 2.42 -7.57
CA LEU A 161 -11.40 2.47 -7.83
C LEU A 161 -11.08 1.94 -9.22
N LEU A 162 -11.56 0.73 -9.51
CA LEU A 162 -11.32 0.12 -10.81
C LEU A 162 -12.05 0.88 -11.91
N SER A 163 -13.19 1.47 -11.54
CA SER A 163 -13.99 2.23 -12.51
C SER A 163 -13.24 3.49 -12.94
N TYR A 164 -12.37 3.98 -12.07
CA TYR A 164 -11.59 5.17 -12.38
C TYR A 164 -10.47 4.85 -13.36
N PHE A 165 -9.79 3.73 -13.13
CA PHE A 165 -8.70 3.32 -14.00
C PHE A 165 -9.23 2.85 -15.35
N GLY A 166 -10.12 3.64 -15.94
CA GLY A 166 -10.69 3.29 -17.23
C GLY A 166 -10.62 4.48 -18.19
N THR A 167 -9.51 5.19 -18.15
CA THR A 167 -9.32 6.35 -19.02
C THR A 167 -8.28 6.03 -20.09
N PRO A 168 -7.98 7.00 -20.93
CA PRO A 168 -6.98 6.84 -22.03
C PRO A 168 -5.55 6.87 -21.51
N THR A 169 -4.65 7.40 -22.32
CA THR A 169 -3.24 7.48 -21.94
C THR A 169 -3.10 7.40 -20.42
N TRP A 170 -2.75 6.22 -19.93
CA TRP A 170 -2.57 6.02 -18.49
C TRP A 170 -1.41 6.87 -17.97
N GLN A 171 -0.55 7.31 -18.87
CA GLN A 171 0.58 8.14 -18.49
C GLN A 171 0.15 9.25 -17.55
N THR A 172 -1.16 9.48 -17.48
CA THR A 172 -1.69 10.53 -16.62
C THR A 172 -1.92 9.99 -15.21
N VAL A 173 -2.21 8.70 -15.11
CA VAL A 173 -2.45 8.08 -13.81
C VAL A 173 -1.15 7.95 -13.03
N THR A 174 -0.10 7.48 -13.70
CA THR A 174 1.20 7.33 -13.06
C THR A 174 1.75 8.68 -12.63
N ILE A 175 1.32 9.73 -13.30
CA ILE A 175 1.78 11.08 -12.98
C ILE A 175 0.95 11.68 -11.86
N PHE A 176 -0.12 10.98 -11.49
CA PHE A 176 -1.00 11.46 -10.42
C PHE A 176 -0.60 10.85 -9.09
N VAL A 177 -0.65 9.52 -9.01
CA VAL A 177 -0.29 8.83 -7.78
C VAL A 177 1.18 9.10 -7.42
N ALA A 178 1.93 9.58 -8.39
CA ALA A 178 3.35 9.88 -8.17
C ALA A 178 3.53 11.36 -7.82
N GLY A 179 2.88 12.23 -8.58
CA GLY A 179 2.99 13.66 -8.35
C GLY A 179 2.44 14.02 -6.97
N VAL A 180 1.53 13.21 -6.47
CA VAL A 180 0.93 13.45 -5.16
C VAL A 180 1.80 12.85 -4.05
N LEU A 181 2.13 11.58 -4.20
CA LEU A 181 2.95 10.89 -3.21
C LEU A 181 4.38 11.43 -3.24
N THR A 182 4.94 11.53 -4.44
CA THR A 182 6.31 12.02 -4.58
C THR A 182 6.48 13.34 -3.84
N ALA A 183 5.58 14.29 -4.09
CA ALA A 183 5.64 15.59 -3.44
C ALA A 183 5.85 15.42 -1.94
N SER A 184 5.10 14.52 -1.34
CA SER A 184 5.21 14.28 0.10
C SER A 184 6.65 13.95 0.47
N LEU A 185 7.33 13.21 -0.39
CA LEU A 185 8.72 12.83 -0.14
C LEU A 185 9.64 14.01 -0.43
N THR A 186 9.17 14.95 -1.25
CA THR A 186 9.97 16.11 -1.60
C THR A 186 10.06 17.08 -0.42
N ILE A 187 8.92 17.32 0.23
CA ILE A 187 8.88 18.22 1.37
C ILE A 187 9.52 17.57 2.59
N TRP A 188 9.07 16.37 2.91
CA TRP A 188 9.60 15.64 4.06
C TRP A 188 11.06 16.01 4.30
N LYS A 189 11.89 15.81 3.28
CA LYS A 189 13.31 16.12 3.38
C LYS A 189 14.01 15.90 2.05
N LYS A 190 14.74 16.91 1.59
CA LYS A 190 15.45 16.82 0.33
C LYS A 190 16.96 16.74 0.57
N MET A 191 17.48 15.52 0.72
CA MET A 191 18.90 15.33 0.96
C MET A 191 19.48 14.31 -0.02
N GLY A 192 20.65 14.61 -0.57
CA GLY A 192 21.29 13.71 -1.52
C GLY A 192 22.81 13.88 -1.48
N CYS B 1 21.57 -1.84 -8.73
CA CYS B 1 23.03 -1.70 -8.47
C CYS B 1 23.25 -0.77 -7.29
N GLU B 2 23.69 -1.34 -6.17
CA GLU B 2 23.94 -0.54 -4.97
C GLU B 2 24.88 0.62 -5.29
N ALA B 3 26.17 0.41 -5.06
CA ALA B 3 27.16 1.45 -5.32
C ALA B 3 27.45 2.26 -4.06
N LEU B 4 26.48 3.09 -3.66
CA LEU B 4 26.64 3.91 -2.47
C LEU B 4 26.95 3.05 -1.26
N LYS B 5 26.16 1.99 -1.08
CA LYS B 5 26.36 1.09 0.04
C LYS B 5 26.58 1.87 1.34
N LYS B 6 25.87 2.98 1.47
CA LYS B 6 25.98 3.82 2.66
C LYS B 6 25.55 3.06 3.90
N ALA B 7 24.44 2.33 3.79
CA ALA B 7 23.92 1.56 4.91
C ALA B 7 24.77 0.30 5.12
N LEU B 8 25.80 0.42 5.94
CA LEU B 8 26.67 -0.71 6.22
C LEU B 8 27.18 -0.66 7.66
N ARG B 9 26.77 -1.64 8.46
CA ARG B 9 27.18 -1.69 9.86
C ARG B 9 26.53 -0.56 10.65
N ARG B 10 26.38 0.58 10.01
CA ARG B 10 25.77 1.74 10.66
C ARG B 10 24.36 1.40 11.14
N HIS B 11 23.58 0.78 10.28
CA HIS B 11 22.22 0.40 10.62
C HIS B 11 22.20 -0.83 11.51
N ARG B 12 22.57 -1.97 10.93
CA ARG B 12 22.59 -3.22 11.69
C ARG B 12 22.92 -2.95 13.15
N PHE B 13 23.71 -1.92 13.39
CA PHE B 13 24.10 -1.57 14.75
C PHE B 13 23.14 -0.53 15.32
N LEU B 14 22.56 0.28 14.45
CA LEU B 14 21.62 1.31 14.88
C LEU B 14 20.42 0.69 15.60
N TRP B 15 20.04 -0.50 15.15
CA TRP B 15 18.91 -1.20 15.74
C TRP B 15 19.37 -2.04 16.94
N GLN B 16 20.34 -2.91 16.70
CA GLN B 16 20.86 -3.76 17.76
C GLN B 16 20.84 -3.03 19.10
N ARG B 17 21.67 -2.01 19.23
CA ARG B 17 21.74 -1.24 20.47
C ARG B 17 21.71 -2.17 21.67
N ARG B 18 22.75 -2.98 21.81
CA ARG B 18 22.84 -3.91 22.93
C ARG B 18 21.49 -4.56 23.20
N GLN B 19 20.62 -3.85 23.91
CA GLN B 19 19.30 -4.37 24.22
C GLN B 19 18.32 -4.08 23.09
N ARG B 20 17.50 -5.06 22.75
CA ARG B 20 16.51 -4.89 21.68
C ARG B 20 15.53 -3.78 22.03
N ALA B 21 15.52 -3.38 23.30
CA ALA B 21 14.62 -2.33 23.75
C ALA B 21 15.18 -0.95 23.39
N MET A 1 -13.32 -23.13 -16.21
CA MET A 1 -13.63 -21.79 -16.79
C MET A 1 -14.13 -20.87 -15.68
N ASP A 2 -14.59 -21.46 -14.59
CA ASP A 2 -15.08 -20.68 -13.46
C ASP A 2 -13.97 -19.77 -12.91
N GLY A 3 -12.88 -20.39 -12.48
CA GLY A 3 -11.76 -19.63 -11.93
C GLY A 3 -12.03 -19.22 -10.49
N SER A 4 -13.21 -18.65 -10.25
CA SER A 4 -13.58 -18.22 -8.91
C SER A 4 -14.81 -18.97 -8.42
N GLY A 5 -15.74 -19.24 -9.33
CA GLY A 5 -16.96 -19.95 -8.98
C GLY A 5 -18.12 -19.49 -9.84
N GLU A 6 -19.29 -20.11 -9.64
CA GLU A 6 -20.48 -19.75 -10.41
C GLU A 6 -21.67 -19.54 -9.48
N GLN A 7 -21.99 -18.28 -9.21
CA GLN A 7 -23.11 -17.96 -8.34
C GLN A 7 -22.61 -17.23 -7.09
N PRO A 8 -21.71 -16.31 -7.25
CA PRO A 8 -21.14 -15.52 -6.12
C PRO A 8 -22.16 -14.57 -5.51
N ARG A 9 -22.73 -14.97 -4.38
CA ARG A 9 -23.72 -14.15 -3.69
C ARG A 9 -23.10 -12.84 -3.22
N GLY A 10 -23.93 -11.95 -2.70
CA GLY A 10 -23.45 -10.66 -2.22
C GLY A 10 -24.57 -9.62 -2.25
N GLY A 11 -25.79 -10.08 -2.45
CA GLY A 11 -26.94 -9.17 -2.51
C GLY A 11 -26.77 -8.01 -1.53
N GLY A 12 -26.33 -6.87 -2.05
CA GLY A 12 -26.13 -5.70 -1.21
C GLY A 12 -24.67 -5.59 -0.75
N PRO A 13 -23.75 -5.75 -1.65
CA PRO A 13 -22.29 -5.67 -1.35
C PRO A 13 -21.84 -4.24 -1.07
N THR A 14 -22.79 -3.40 -0.65
CA THR A 14 -22.47 -2.01 -0.35
C THR A 14 -22.29 -1.82 1.15
N SER A 15 -21.97 -2.90 1.85
CA SER A 15 -21.78 -2.83 3.30
C SER A 15 -20.29 -2.74 3.63
N SER A 16 -19.97 -2.81 4.92
CA SER A 16 -18.58 -2.75 5.37
C SER A 16 -17.97 -4.14 5.42
N GLU A 17 -18.81 -5.17 5.27
CA GLU A 17 -18.33 -6.54 5.30
C GLU A 17 -17.58 -6.88 4.01
N GLN A 18 -18.14 -6.48 2.89
CA GLN A 18 -17.52 -6.75 1.60
C GLN A 18 -16.30 -5.84 1.39
N ILE A 19 -16.27 -4.74 2.13
CA ILE A 19 -15.15 -3.81 2.03
C ILE A 19 -13.98 -4.27 2.90
N MET A 20 -14.25 -4.44 4.19
CA MET A 20 -13.23 -4.87 5.13
C MET A 20 -12.52 -6.12 4.61
N LYS A 21 -13.29 -7.00 3.98
CA LYS A 21 -12.73 -8.24 3.43
C LYS A 21 -11.79 -7.93 2.29
N THR A 22 -12.23 -7.07 1.37
CA THR A 22 -11.41 -6.71 0.22
C THR A 22 -10.25 -5.82 0.65
N GLY A 23 -10.25 -5.42 1.92
CA GLY A 23 -9.19 -4.57 2.45
C GLY A 23 -7.95 -5.39 2.80
N ALA A 24 -8.15 -6.42 3.62
CA ALA A 24 -7.04 -7.27 4.03
C ALA A 24 -6.69 -8.26 2.91
N LEU A 25 -7.54 -8.31 1.89
CA LEU A 25 -7.31 -9.22 0.76
C LEU A 25 -6.41 -8.56 -0.27
N LEU A 26 -7.00 -7.72 -1.12
CA LEU A 26 -6.24 -7.04 -2.16
C LEU A 26 -4.78 -6.88 -1.74
N LEU A 27 -4.54 -6.10 -0.70
CA LEU A 27 -3.19 -5.88 -0.21
C LEU A 27 -2.48 -7.21 0.02
N GLN A 28 -3.05 -8.05 0.86
CA GLN A 28 -2.48 -9.35 1.16
C GLN A 28 -2.07 -10.06 -0.13
N GLY A 29 -2.61 -9.60 -1.26
CA GLY A 29 -2.30 -10.19 -2.55
C GLY A 29 -1.08 -9.53 -3.17
N PHE A 30 -1.27 -8.30 -3.65
CA PHE A 30 -0.17 -7.56 -4.27
C PHE A 30 1.11 -7.75 -3.48
N ILE A 31 0.98 -8.16 -2.22
CA ILE A 31 2.15 -8.37 -1.37
C ILE A 31 2.85 -9.68 -1.73
N GLN A 32 2.20 -10.79 -1.44
CA GLN A 32 2.76 -12.10 -1.74
C GLN A 32 2.60 -12.43 -3.21
N ASP A 33 2.58 -11.40 -4.05
CA ASP A 33 2.42 -11.59 -5.49
C ASP A 33 3.70 -11.20 -6.23
N ARG A 34 4.19 -10.01 -5.95
CA ARG A 34 5.40 -9.52 -6.59
C ARG A 34 6.63 -9.89 -5.76
N ALA A 35 6.44 -10.03 -4.45
CA ALA A 35 7.53 -10.39 -3.55
C ALA A 35 7.52 -11.89 -3.27
N GLY A 36 6.41 -12.54 -3.60
CA GLY A 36 6.29 -13.98 -3.37
C GLY A 36 5.53 -14.64 -4.51
N ARG A 37 6.23 -14.96 -5.58
CA ARG A 37 5.59 -15.60 -6.74
C ARG A 37 4.96 -16.92 -6.33
N MET A 38 5.72 -17.76 -5.65
CA MET A 38 5.22 -19.05 -5.20
C MET A 38 6.22 -19.73 -4.26
N GLY A 39 6.45 -21.01 -4.46
CA GLY A 39 7.38 -21.76 -3.62
C GLY A 39 6.69 -22.28 -2.37
N GLY A 40 5.95 -21.40 -1.70
CA GLY A 40 5.24 -21.79 -0.48
C GLY A 40 6.20 -22.32 0.57
N GLU A 41 7.39 -21.73 0.62
CA GLU A 41 8.40 -22.16 1.58
C GLU A 41 8.35 -21.30 2.83
N ALA A 42 7.44 -21.64 3.74
CA ALA A 42 7.29 -20.88 4.99
C ALA A 42 7.00 -19.42 4.70
N PRO A 43 5.94 -19.16 3.97
CA PRO A 43 5.54 -17.77 3.62
C PRO A 43 5.47 -16.85 4.84
N GLU A 44 5.80 -15.58 4.63
CA GLU A 44 5.78 -14.61 5.72
C GLU A 44 4.46 -13.86 5.74
N LEU A 45 3.69 -13.99 4.66
CA LEU A 45 2.41 -13.31 4.56
C LEU A 45 1.27 -14.29 4.89
N ALA A 46 1.27 -14.80 6.11
CA ALA A 46 0.24 -15.73 6.54
C ALA A 46 -1.09 -15.01 6.72
N LEU A 47 -2.17 -15.65 6.25
CA LEU A 47 -3.50 -15.05 6.37
C LEU A 47 -4.54 -15.91 5.64
N ASP A 48 -4.31 -17.22 5.63
CA ASP A 48 -5.23 -18.13 4.98
C ASP A 48 -5.77 -17.52 3.69
N PRO A 49 -4.92 -17.30 2.74
CA PRO A 49 -5.31 -16.70 1.43
C PRO A 49 -6.21 -17.63 0.61
N VAL A 50 -7.27 -17.06 0.04
CA VAL A 50 -8.20 -17.85 -0.76
C VAL A 50 -8.60 -17.09 -2.02
N PRO A 51 -8.94 -17.79 -3.06
CA PRO A 51 -9.35 -17.19 -4.36
C PRO A 51 -10.68 -16.45 -4.25
N GLN A 52 -11.45 -16.77 -3.21
CA GLN A 52 -12.74 -16.13 -2.99
C GLN A 52 -13.43 -15.86 -4.33
N ASP A 53 -13.09 -14.73 -4.95
CA ASP A 53 -13.67 -14.37 -6.23
C ASP A 53 -12.62 -13.78 -7.16
N ALA A 54 -12.97 -13.67 -8.44
CA ALA A 54 -12.03 -13.13 -9.42
C ALA A 54 -12.08 -11.60 -9.42
N SER A 55 -12.97 -11.05 -8.60
CA SER A 55 -13.10 -9.60 -8.51
C SER A 55 -11.79 -8.95 -8.08
N THR A 56 -11.10 -9.61 -7.15
CA THR A 56 -9.83 -9.10 -6.66
C THR A 56 -8.69 -9.48 -7.61
N LYS A 57 -8.81 -10.64 -8.23
CA LYS A 57 -7.79 -11.10 -9.17
C LYS A 57 -7.48 -10.02 -10.19
N LYS A 58 -8.51 -9.54 -10.87
CA LYS A 58 -8.33 -8.50 -11.89
C LYS A 58 -7.72 -7.24 -11.25
N LEU A 59 -8.29 -6.82 -10.14
CA LEU A 59 -7.79 -5.63 -9.44
C LEU A 59 -6.34 -5.84 -8.99
N SER A 60 -5.97 -7.09 -8.78
CA SER A 60 -4.62 -7.41 -8.35
C SER A 60 -3.62 -7.17 -9.49
N GLU A 61 -4.06 -7.46 -10.71
CA GLU A 61 -3.20 -7.29 -11.88
C GLU A 61 -2.84 -5.82 -12.06
N CYS A 62 -3.77 -4.94 -11.67
CA CYS A 62 -3.54 -3.50 -11.80
C CYS A 62 -2.38 -3.06 -10.91
N LEU A 63 -2.29 -3.66 -9.74
CA LEU A 63 -1.21 -3.32 -8.80
C LEU A 63 0.10 -3.94 -9.25
N LYS A 64 0.02 -5.02 -10.02
CA LYS A 64 1.21 -5.69 -10.51
C LYS A 64 1.72 -5.02 -11.78
N ARG A 65 0.79 -4.57 -12.62
CA ARG A 65 1.16 -3.90 -13.87
C ARG A 65 1.82 -2.56 -13.58
N ILE A 66 1.23 -1.79 -12.67
CA ILE A 66 1.76 -0.49 -12.31
C ILE A 66 2.99 -0.63 -11.41
N GLY A 67 2.98 -1.65 -10.55
CA GLY A 67 4.09 -1.89 -9.65
C GLY A 67 5.37 -2.17 -10.42
N ASP A 68 5.26 -3.02 -11.44
CA ASP A 68 6.43 -3.36 -12.26
C ASP A 68 6.96 -2.12 -12.98
N GLU A 69 6.06 -1.22 -13.35
CA GLU A 69 6.45 0.00 -14.05
C GLU A 69 6.98 1.03 -13.06
N LEU A 70 6.14 1.39 -12.09
CA LEU A 70 6.52 2.37 -11.09
C LEU A 70 7.81 1.94 -10.38
N ASP A 71 7.90 0.66 -10.05
CA ASP A 71 9.08 0.13 -9.37
C ASP A 71 10.29 0.21 -10.28
N SER A 72 10.06 0.57 -11.54
CA SER A 72 11.16 0.68 -12.50
C SER A 72 11.62 2.13 -12.62
N ASN A 73 11.08 2.99 -11.76
CA ASN A 73 11.44 4.40 -11.78
C ASN A 73 12.59 4.67 -10.80
N MET A 74 13.75 5.00 -11.35
CA MET A 74 14.92 5.28 -10.52
C MET A 74 14.72 6.57 -9.74
N GLU A 75 13.68 7.32 -10.09
CA GLU A 75 13.40 8.58 -9.42
C GLU A 75 12.67 8.32 -8.10
N LEU A 76 11.44 7.83 -8.19
CA LEU A 76 10.64 7.55 -7.01
C LEU A 76 11.35 6.52 -6.12
N GLN A 77 11.95 5.52 -6.76
CA GLN A 77 12.65 4.48 -6.01
C GLN A 77 13.82 5.07 -5.23
N ARG A 78 14.49 6.05 -5.83
CA ARG A 78 15.62 6.70 -5.16
C ARG A 78 15.15 7.52 -3.97
N MET A 79 14.08 8.28 -4.17
CA MET A 79 13.53 9.11 -3.10
C MET A 79 13.25 8.27 -1.86
N ILE A 80 12.64 7.10 -2.08
CA ILE A 80 12.33 6.21 -0.97
C ILE A 80 13.59 5.76 -0.25
N ALA A 81 14.72 5.81 -0.96
CA ALA A 81 15.99 5.40 -0.38
C ALA A 81 16.64 6.57 0.36
N ALA A 82 16.19 7.78 0.05
CA ALA A 82 16.74 8.98 0.68
C ALA A 82 16.01 9.27 1.99
N VAL A 83 14.85 8.64 2.16
CA VAL A 83 14.05 8.83 3.38
C VAL A 83 14.46 7.83 4.45
N ASP A 84 15.53 8.15 5.19
CA ASP A 84 16.01 7.27 6.23
C ASP A 84 14.84 6.70 7.03
N THR A 85 15.10 5.63 7.76
CA THR A 85 14.05 4.98 8.56
C THR A 85 14.43 5.00 10.04
N ASP A 86 13.58 5.62 10.85
CA ASP A 86 13.83 5.70 12.29
C ASP A 86 12.52 5.75 13.06
N SER A 87 11.41 5.70 12.32
CA SER A 87 10.09 5.74 12.94
C SER A 87 9.00 5.58 11.89
N PRO A 88 8.67 4.36 11.56
CA PRO A 88 7.63 4.05 10.54
C PRO A 88 6.23 4.48 11.01
N ARG A 89 6.10 4.72 12.31
CA ARG A 89 4.81 5.14 12.86
C ARG A 89 4.65 6.65 12.72
N GLU A 90 5.74 7.39 12.88
CA GLU A 90 5.70 8.84 12.78
C GLU A 90 5.62 9.27 11.31
N VAL A 91 6.62 8.86 10.53
CA VAL A 91 6.65 9.20 9.12
C VAL A 91 5.37 8.73 8.41
N PHE A 92 5.04 7.46 8.59
CA PHE A 92 3.84 6.90 7.98
C PHE A 92 2.66 7.85 8.17
N PHE A 93 2.40 8.23 9.41
CA PHE A 93 1.30 9.14 9.72
C PHE A 93 1.56 10.52 9.13
N ARG A 94 2.83 10.89 9.05
CA ARG A 94 3.22 12.19 8.50
C ARG A 94 2.98 12.22 6.99
N VAL A 95 3.63 11.30 6.28
CA VAL A 95 3.49 11.25 4.83
C VAL A 95 2.03 11.02 4.44
N ALA A 96 1.39 10.04 5.09
CA ALA A 96 0.00 9.74 4.81
C ALA A 96 -0.87 10.99 4.96
N ALA A 97 -0.42 11.90 5.81
CA ALA A 97 -1.16 13.15 6.04
C ALA A 97 -0.85 14.16 4.95
N ASP A 98 0.40 14.21 4.53
CA ASP A 98 0.81 15.14 3.48
C ASP A 98 0.10 14.83 2.17
N MET A 99 -0.07 13.54 1.89
CA MET A 99 -0.73 13.12 0.66
C MET A 99 -1.91 14.04 0.35
N PHE A 100 -2.94 13.97 1.18
CA PHE A 100 -4.13 14.80 0.97
C PHE A 100 -4.24 15.85 2.08
N SER A 101 -3.20 16.67 2.23
CA SER A 101 -3.19 17.70 3.25
C SER A 101 -4.10 18.86 2.86
N ASP A 102 -4.29 19.04 1.55
CA ASP A 102 -5.13 20.12 1.05
C ASP A 102 -5.67 19.77 -0.34
N GLY A 103 -5.01 18.83 -1.01
CA GLY A 103 -5.42 18.42 -2.34
C GLY A 103 -6.91 18.68 -2.55
N ASN A 104 -7.73 17.77 -2.05
CA ASN A 104 -9.18 17.91 -2.20
C ASN A 104 -9.89 16.67 -1.66
N PHE A 105 -9.34 16.09 -0.60
CA PHE A 105 -9.92 14.90 0.00
C PHE A 105 -10.40 13.93 -1.08
N ASN A 106 -9.73 13.95 -2.23
CA ASN A 106 -10.09 13.07 -3.34
C ASN A 106 -10.17 11.63 -2.86
N TRP A 107 -9.21 10.81 -3.31
CA TRP A 107 -9.18 9.41 -2.92
C TRP A 107 -8.07 8.67 -3.67
N GLY A 108 -7.73 9.18 -4.85
CA GLY A 108 -6.68 8.57 -5.66
C GLY A 108 -5.43 8.32 -4.84
N ARG A 109 -5.07 9.29 -4.00
CA ARG A 109 -3.88 9.17 -3.16
C ARG A 109 -3.88 7.81 -2.45
N VAL A 110 -5.06 7.25 -2.24
CA VAL A 110 -5.18 5.96 -1.58
C VAL A 110 -4.28 4.93 -2.25
N VAL A 111 -4.49 4.70 -3.54
CA VAL A 111 -3.69 3.74 -4.28
C VAL A 111 -2.21 3.91 -3.95
N ALA A 112 -1.74 5.15 -3.96
CA ALA A 112 -0.34 5.43 -3.66
C ALA A 112 0.03 4.91 -2.28
N LEU A 113 -0.93 4.99 -1.35
CA LEU A 113 -0.70 4.52 0.00
C LEU A 113 -0.27 3.05 0.01
N PHE A 114 -0.99 2.24 -0.75
CA PHE A 114 -0.68 0.81 -0.83
C PHE A 114 0.76 0.61 -1.31
N TYR A 115 1.15 1.36 -2.32
CA TYR A 115 2.51 1.25 -2.85
C TYR A 115 3.52 1.76 -1.83
N PHE A 116 3.21 2.89 -1.21
CA PHE A 116 4.11 3.48 -0.21
C PHE A 116 4.35 2.49 0.93
N ALA A 117 3.29 1.82 1.36
CA ALA A 117 3.40 0.85 2.44
C ALA A 117 4.15 -0.39 1.97
N SER A 118 4.00 -0.74 0.70
CA SER A 118 4.66 -1.90 0.13
C SER A 118 6.14 -1.90 0.50
N LYS A 119 6.78 -0.74 0.38
CA LYS A 119 8.19 -0.61 0.70
C LYS A 119 8.45 -0.98 2.16
N LEU A 120 7.58 -0.49 3.04
CA LEU A 120 7.73 -0.76 4.47
C LEU A 120 7.46 -2.24 4.75
N VAL A 121 6.59 -2.84 3.95
CA VAL A 121 6.25 -4.25 4.12
C VAL A 121 7.35 -5.14 3.56
N LEU A 122 7.72 -4.91 2.31
CA LEU A 122 8.78 -5.69 1.68
C LEU A 122 10.14 -5.30 2.23
N LYS A 123 10.35 -4.01 2.44
CA LYS A 123 11.62 -3.52 2.96
C LYS A 123 11.91 -4.16 4.31
N ALA A 124 10.88 -4.28 5.15
CA ALA A 124 11.05 -4.87 6.46
C ALA A 124 11.16 -6.39 6.37
N LEU A 125 10.69 -6.94 5.25
CA LEU A 125 10.75 -8.37 5.04
C LEU A 125 12.19 -8.85 4.95
N CYS A 126 13.07 -7.98 4.46
CA CYS A 126 14.48 -8.32 4.33
C CYS A 126 15.22 -8.07 5.65
N THR A 127 14.81 -7.02 6.36
CA THR A 127 15.43 -6.67 7.63
C THR A 127 15.41 -7.87 8.57
N LYS A 128 14.55 -8.85 8.27
CA LYS A 128 14.44 -10.04 9.10
C LYS A 128 13.48 -9.79 10.26
N VAL A 129 12.32 -9.22 9.94
CA VAL A 129 11.31 -8.93 10.96
C VAL A 129 9.91 -9.03 10.37
N PRO A 130 9.36 -10.21 10.34
CA PRO A 130 7.99 -10.46 9.80
C PRO A 130 6.91 -9.82 10.68
N GLU A 131 7.27 -9.46 11.89
CA GLU A 131 6.33 -8.85 12.82
C GLU A 131 5.85 -7.50 12.27
N LEU A 132 6.77 -6.73 11.73
CA LEU A 132 6.43 -5.42 11.17
C LEU A 132 5.40 -5.57 10.04
N ILE A 133 5.51 -6.66 9.30
CA ILE A 133 4.59 -6.92 8.20
C ILE A 133 3.15 -6.92 8.70
N ARG A 134 2.90 -7.69 9.76
CA ARG A 134 1.56 -7.77 10.33
C ARG A 134 1.17 -6.45 10.98
N THR A 135 2.16 -5.78 11.58
CA THR A 135 1.92 -4.51 12.24
C THR A 135 1.53 -3.44 11.22
N ILE A 136 2.09 -3.55 10.02
CA ILE A 136 1.80 -2.59 8.96
C ILE A 136 0.36 -2.74 8.48
N MET A 137 0.03 -3.93 7.99
CA MET A 137 -1.32 -4.19 7.50
C MET A 137 -2.35 -3.67 8.48
N GLY A 138 -1.98 -3.57 9.74
CA GLY A 138 -2.88 -3.08 10.78
C GLY A 138 -3.17 -1.60 10.58
N TRP A 139 -2.14 -0.83 10.22
CA TRP A 139 -2.30 0.59 10.01
C TRP A 139 -3.18 0.86 8.80
N THR A 140 -3.24 -0.10 7.89
CA THR A 140 -4.05 0.03 6.69
C THR A 140 -5.53 -0.15 7.02
N LEU A 141 -5.89 -1.37 7.43
CA LEU A 141 -7.28 -1.66 7.77
C LEU A 141 -7.81 -0.64 8.76
N ASP A 142 -6.93 -0.16 9.65
CA ASP A 142 -7.33 0.82 10.64
C ASP A 142 -7.72 2.14 9.98
N PHE A 143 -6.85 2.64 9.11
CA PHE A 143 -7.12 3.89 8.41
C PHE A 143 -8.29 3.73 7.46
N LEU A 144 -8.37 2.58 6.80
CA LEU A 144 -9.44 2.30 5.86
C LEU A 144 -10.76 2.10 6.59
N ARG A 145 -10.68 1.48 7.77
CA ARG A 145 -11.87 1.23 8.57
C ARG A 145 -12.25 2.47 9.38
N GLU A 146 -11.35 3.44 9.42
CA GLU A 146 -11.59 4.67 10.16
C GLU A 146 -11.75 5.85 9.21
N ARG A 147 -11.55 5.60 7.93
CA ARG A 147 -11.68 6.65 6.92
C ARG A 147 -12.33 6.10 5.64
N LEU A 148 -11.54 6.02 4.59
CA LEU A 148 -12.05 5.52 3.31
C LEU A 148 -13.37 4.79 3.51
N LEU A 149 -13.56 4.23 4.71
CA LEU A 149 -14.79 3.51 5.01
C LEU A 149 -16.01 4.34 4.62
N GLY A 150 -16.10 5.56 5.16
CA GLY A 150 -17.22 6.44 4.84
C GLY A 150 -17.24 6.81 3.37
N TRP A 151 -16.09 7.26 2.87
CA TRP A 151 -15.98 7.66 1.48
C TRP A 151 -16.14 6.44 0.56
N ILE A 152 -15.30 5.44 0.78
CA ILE A 152 -15.36 4.21 -0.02
C ILE A 152 -16.78 3.68 -0.07
N GLN A 153 -17.52 3.84 1.03
CA GLN A 153 -18.89 3.36 1.10
C GLN A 153 -19.78 4.15 0.16
N ASP A 154 -19.44 5.41 -0.05
CA ASP A 154 -20.22 6.28 -0.93
C ASP A 154 -19.71 6.18 -2.36
N GLN A 155 -18.62 5.44 -2.55
CA GLN A 155 -18.04 5.28 -3.87
C GLN A 155 -18.51 3.97 -4.50
N GLY A 156 -19.34 3.23 -3.78
CA GLY A 156 -19.85 1.96 -4.28
C GLY A 156 -18.87 0.83 -4.00
N GLY A 157 -18.02 1.02 -3.00
CA GLY A 157 -17.03 0.01 -2.65
C GLY A 157 -15.72 0.24 -3.41
N TRP A 158 -14.91 -0.81 -3.49
CA TRP A 158 -13.63 -0.70 -4.19
C TRP A 158 -13.85 -0.68 -5.70
N ASP A 159 -15.11 -0.86 -6.12
CA ASP A 159 -15.43 -0.85 -7.53
C ASP A 159 -15.08 0.50 -8.16
N GLY A 160 -15.40 1.57 -7.44
CA GLY A 160 -15.12 2.92 -7.94
C GLY A 160 -13.64 3.07 -8.30
N LEU A 161 -12.78 2.35 -7.58
CA LEU A 161 -11.35 2.41 -7.83
C LEU A 161 -11.04 1.89 -9.23
N LEU A 162 -11.49 0.67 -9.52
CA LEU A 162 -11.26 0.07 -10.83
C LEU A 162 -12.00 0.83 -11.91
N SER A 163 -13.14 1.40 -11.55
CA SER A 163 -13.94 2.16 -12.51
C SER A 163 -13.21 3.43 -12.94
N TYR A 164 -12.33 3.93 -12.07
CA TYR A 164 -11.57 5.13 -12.38
C TYR A 164 -10.43 4.82 -13.35
N PHE A 165 -9.76 3.70 -13.12
CA PHE A 165 -8.65 3.30 -13.98
C PHE A 165 -9.17 2.83 -15.35
N GLY A 166 -10.06 3.63 -15.93
CA GLY A 166 -10.63 3.29 -17.23
C GLY A 166 -10.57 4.47 -18.18
N THR A 167 -9.46 5.20 -18.14
CA THR A 167 -9.27 6.37 -19.01
C THR A 167 -8.24 6.07 -20.08
N PRO A 168 -8.01 7.02 -20.95
CA PRO A 168 -7.01 6.87 -22.06
C PRO A 168 -5.58 6.88 -21.53
N THR A 169 -4.67 7.46 -22.32
CA THR A 169 -3.27 7.52 -21.93
C THR A 169 -3.13 7.43 -20.42
N TRP A 170 -2.74 6.26 -19.93
CA TRP A 170 -2.57 6.06 -18.49
C TRP A 170 -1.42 6.92 -17.97
N GLN A 171 -0.56 7.37 -18.87
CA GLN A 171 0.58 8.20 -18.48
C GLN A 171 0.13 9.32 -17.54
N THR A 172 -1.18 9.53 -17.47
CA THR A 172 -1.72 10.57 -16.60
C THR A 172 -1.95 10.03 -15.19
N VAL A 173 -2.22 8.73 -15.10
CA VAL A 173 -2.45 8.10 -13.81
C VAL A 173 -1.14 7.98 -13.03
N THR A 174 -0.10 7.53 -13.71
CA THR A 174 1.20 7.37 -13.06
C THR A 174 1.75 8.73 -12.63
N ILE A 175 1.30 9.79 -13.30
CA ILE A 175 1.76 11.13 -12.98
C ILE A 175 0.92 11.73 -11.85
N PHE A 176 -0.14 11.02 -11.48
CA PHE A 176 -1.03 11.48 -10.41
C PHE A 176 -0.61 10.87 -9.08
N VAL A 177 -0.65 9.54 -9.01
CA VAL A 177 -0.28 8.84 -7.77
C VAL A 177 1.17 9.12 -7.42
N ALA A 178 1.93 9.62 -8.39
CA ALA A 178 3.34 9.93 -8.16
C ALA A 178 3.51 11.40 -7.81
N GLY A 179 2.86 12.27 -8.57
CA GLY A 179 2.95 13.71 -8.33
C GLY A 179 2.40 14.06 -6.95
N VAL A 180 1.49 13.24 -6.45
CA VAL A 180 0.90 13.48 -5.14
C VAL A 180 1.77 12.88 -4.04
N LEU A 181 2.11 11.60 -4.19
CA LEU A 181 2.94 10.92 -3.20
C LEU A 181 4.37 11.47 -3.23
N THR A 182 4.93 11.58 -4.42
CA THR A 182 6.29 12.08 -4.57
C THR A 182 6.45 13.40 -3.82
N ALA A 183 5.55 14.35 -4.08
CA ALA A 183 5.60 15.64 -3.42
C ALA A 183 5.82 15.47 -1.92
N SER A 184 5.06 14.55 -1.32
CA SER A 184 5.17 14.31 0.11
C SER A 184 6.62 13.99 0.49
N LEU A 185 7.31 13.26 -0.38
CA LEU A 185 8.69 12.89 -0.12
C LEU A 185 9.62 14.08 -0.42
N THR A 186 9.14 15.01 -1.23
CA THR A 186 9.93 16.18 -1.58
C THR A 186 10.01 17.15 -0.40
N ILE A 187 8.87 17.38 0.25
CA ILE A 187 8.83 18.28 1.40
C ILE A 187 9.47 17.63 2.62
N TRP A 188 9.02 16.42 2.94
CA TRP A 188 9.57 15.69 4.08
C TRP A 188 11.03 16.07 4.32
N LYS A 189 11.85 15.88 3.29
CA LYS A 189 13.27 16.20 3.40
C LYS A 189 13.97 15.99 2.07
N LYS A 190 14.69 17.01 1.61
CA LYS A 190 15.41 16.92 0.34
C LYS A 190 16.92 16.86 0.57
N MET A 191 17.44 15.65 0.73
CA MET A 191 18.86 15.46 0.96
C MET A 191 19.44 14.45 -0.02
N GLY A 192 20.61 14.75 -0.57
CA GLY A 192 21.25 13.86 -1.52
C GLY A 192 22.77 14.04 -1.49
N CYS B 1 19.93 -3.15 -8.75
CA CYS B 1 21.39 -3.02 -8.49
C CYS B 1 21.61 -2.08 -7.31
N GLU B 2 22.05 -2.64 -6.19
CA GLU B 2 22.30 -1.84 -4.99
C GLU B 2 23.24 -0.68 -5.31
N ALA B 3 24.52 -0.89 -5.07
CA ALA B 3 25.52 0.15 -5.34
C ALA B 3 25.80 0.95 -4.08
N LEU B 4 24.85 1.78 -3.68
CA LEU B 4 24.99 2.61 -2.49
C LEU B 4 25.30 1.75 -1.28
N LYS B 5 24.52 0.69 -1.10
CA LYS B 5 24.71 -0.22 0.02
C LYS B 5 24.94 0.57 1.31
N LYS B 6 24.21 1.68 1.45
CA LYS B 6 24.35 2.51 2.64
C LYS B 6 23.90 1.74 3.88
N ALA B 7 22.79 1.03 3.77
CA ALA B 7 22.28 0.25 4.89
C ALA B 7 23.12 -1.00 5.11
N LEU B 8 24.16 -0.89 5.92
CA LEU B 8 25.04 -2.02 6.20
C LEU B 8 25.54 -1.97 7.64
N ARG B 9 25.12 -2.95 8.44
CA ARG B 9 25.54 -3.00 9.84
C ARG B 9 24.90 -1.87 10.63
N ARG B 10 24.73 -0.72 9.99
CA ARG B 10 24.12 0.43 10.64
C ARG B 10 22.72 0.10 11.13
N HIS B 11 21.94 -0.53 10.26
CA HIS B 11 20.57 -0.89 10.60
C HIS B 11 20.56 -2.14 11.49
N ARG B 12 20.92 -3.27 10.92
CA ARG B 12 20.95 -4.53 11.67
C ARG B 12 21.28 -4.26 13.13
N PHE B 13 22.07 -3.23 13.37
CA PHE B 13 22.46 -2.87 14.74
C PHE B 13 21.50 -1.83 15.31
N LEU B 14 20.91 -1.02 14.43
CA LEU B 14 19.98 0.01 14.87
C LEU B 14 18.79 -0.62 15.58
N TRP B 15 18.40 -1.81 15.13
CA TRP B 15 17.26 -2.51 15.73
C TRP B 15 17.72 -3.34 16.91
N GLN B 16 18.70 -4.22 16.68
CA GLN B 16 19.22 -5.07 17.74
C GLN B 16 19.19 -4.35 19.08
N ARG B 17 20.02 -3.32 19.21
CA ARG B 17 20.09 -2.55 20.45
C ARG B 17 20.06 -3.47 21.66
N ARG B 18 21.11 -4.29 21.79
CA ARG B 18 21.20 -5.21 22.91
C ARG B 18 19.84 -5.87 23.17
N GLN B 19 18.98 -5.15 23.89
CA GLN B 19 17.66 -5.68 24.21
C GLN B 19 16.67 -5.38 23.08
N ARG B 20 15.85 -6.37 22.74
CA ARG B 20 14.87 -6.20 21.66
C ARG B 20 13.89 -5.08 22.02
N ALA B 21 13.87 -4.69 23.28
CA ALA B 21 12.97 -3.64 23.73
C ALA B 21 13.53 -2.26 23.37
N MET A 1 -20.43 2.65 19.21
CA MET A 1 -19.60 1.82 18.29
C MET A 1 -20.47 1.25 17.18
N ASP A 2 -21.78 1.24 17.40
CA ASP A 2 -22.71 0.72 16.42
C ASP A 2 -22.65 1.54 15.14
N GLY A 3 -22.90 2.83 15.26
CA GLY A 3 -22.87 3.72 14.10
C GLY A 3 -24.17 3.61 13.30
N SER A 4 -24.54 2.39 12.93
CA SER A 4 -25.76 2.17 12.16
C SER A 4 -26.50 0.96 12.70
N GLY A 5 -25.76 0.00 13.26
CA GLY A 5 -26.37 -1.20 13.82
C GLY A 5 -25.46 -2.41 13.63
N GLU A 6 -25.81 -3.52 14.27
CA GLU A 6 -25.01 -4.74 14.17
C GLU A 6 -25.86 -5.88 13.62
N GLN A 7 -25.57 -6.30 12.40
CA GLN A 7 -26.30 -7.39 11.77
C GLN A 7 -27.31 -6.84 10.76
N PRO A 8 -26.97 -5.73 10.14
CA PRO A 8 -27.84 -5.07 9.14
C PRO A 8 -27.89 -5.84 7.82
N ARG A 9 -29.09 -6.26 7.43
CA ARG A 9 -29.26 -7.01 6.19
C ARG A 9 -29.86 -6.12 5.11
N GLY A 10 -29.24 -6.13 3.93
CA GLY A 10 -29.72 -5.32 2.82
C GLY A 10 -29.23 -5.89 1.49
N GLY A 11 -30.16 -6.09 0.55
CA GLY A 11 -29.81 -6.61 -0.75
C GLY A 11 -28.79 -5.72 -1.45
N GLY A 12 -28.21 -4.79 -0.70
CA GLY A 12 -27.22 -3.87 -1.25
C GLY A 12 -25.82 -4.23 -0.76
N PRO A 13 -25.06 -4.90 -1.58
CA PRO A 13 -23.67 -5.31 -1.23
C PRO A 13 -22.88 -4.17 -0.61
N THR A 14 -22.50 -3.19 -1.43
CA THR A 14 -21.74 -2.05 -0.94
C THR A 14 -22.02 -1.80 0.53
N SER A 15 -21.28 -2.47 1.40
CA SER A 15 -21.47 -2.32 2.84
C SER A 15 -20.12 -2.22 3.54
N SER A 16 -20.11 -2.54 4.83
CA SER A 16 -18.88 -2.48 5.61
C SER A 16 -18.22 -3.85 5.69
N GLU A 17 -18.96 -4.88 5.27
CA GLU A 17 -18.45 -6.24 5.29
C GLU A 17 -17.70 -6.55 4.00
N GLN A 18 -18.33 -6.26 2.87
CA GLN A 18 -17.71 -6.52 1.58
C GLN A 18 -16.48 -5.64 1.38
N ILE A 19 -16.45 -4.52 2.09
CA ILE A 19 -15.32 -3.60 1.99
C ILE A 19 -14.15 -4.08 2.85
N MET A 20 -14.43 -4.30 4.14
CA MET A 20 -13.39 -4.75 5.05
C MET A 20 -12.72 -6.01 4.52
N LYS A 21 -13.50 -6.87 3.89
CA LYS A 21 -12.97 -8.10 3.34
C LYS A 21 -12.02 -7.81 2.18
N THR A 22 -12.45 -6.93 1.28
CA THR A 22 -11.62 -6.57 0.13
C THR A 22 -10.44 -5.70 0.57
N GLY A 23 -10.45 -5.29 1.83
CA GLY A 23 -9.38 -4.47 2.36
C GLY A 23 -8.15 -5.31 2.70
N ALA A 24 -8.36 -6.34 3.51
CA ALA A 24 -7.27 -7.22 3.91
C ALA A 24 -6.95 -8.20 2.79
N LEU A 25 -7.80 -8.23 1.77
CA LEU A 25 -7.59 -9.13 0.63
C LEU A 25 -6.68 -8.48 -0.40
N LEU A 26 -7.27 -7.63 -1.23
CA LEU A 26 -6.49 -6.94 -2.27
C LEU A 26 -5.03 -6.82 -1.86
N LEU A 27 -4.78 -6.04 -0.81
CA LEU A 27 -3.42 -5.85 -0.32
C LEU A 27 -2.73 -7.19 -0.12
N GLN A 28 -3.32 -8.04 0.72
CA GLN A 28 -2.75 -9.35 1.00
C GLN A 28 -2.36 -10.05 -0.29
N GLY A 29 -2.91 -9.58 -1.41
CA GLY A 29 -2.62 -10.16 -2.72
C GLY A 29 -1.39 -9.51 -3.34
N PHE A 30 -1.56 -8.27 -3.80
CA PHE A 30 -0.45 -7.54 -4.43
C PHE A 30 0.83 -7.75 -3.64
N ILE A 31 0.69 -8.18 -2.39
CA ILE A 31 1.86 -8.42 -1.55
C ILE A 31 2.54 -9.73 -1.93
N GLN A 32 1.88 -10.84 -1.64
CA GLN A 32 2.43 -12.15 -1.95
C GLN A 32 2.25 -12.47 -3.43
N ASP A 33 2.24 -11.43 -4.26
CA ASP A 33 2.07 -11.61 -5.70
C ASP A 33 3.35 -11.22 -6.44
N ARG A 34 3.86 -10.04 -6.14
CA ARG A 34 5.08 -9.57 -6.79
C ARG A 34 6.31 -9.96 -5.97
N ALA A 35 6.12 -10.11 -4.66
CA ALA A 35 7.21 -10.50 -3.78
C ALA A 35 7.18 -11.99 -3.49
N GLY A 36 6.07 -12.63 -3.83
CA GLY A 36 5.92 -14.05 -3.60
C GLY A 36 7.23 -14.79 -3.89
N ARG A 37 8.04 -14.95 -2.84
CA ARG A 37 9.32 -15.63 -2.99
C ARG A 37 9.10 -17.12 -3.25
N MET A 38 8.13 -17.70 -2.56
CA MET A 38 7.84 -19.12 -2.72
C MET A 38 9.10 -19.96 -2.56
N GLY A 39 9.90 -19.62 -1.55
CA GLY A 39 11.13 -20.34 -1.29
C GLY A 39 10.88 -21.57 -0.42
N GLY A 40 11.93 -22.09 0.19
CA GLY A 40 11.81 -23.27 1.05
C GLY A 40 10.93 -22.95 2.26
N GLU A 41 11.21 -21.83 2.92
CA GLU A 41 10.43 -21.43 4.09
C GLU A 41 9.00 -21.11 3.71
N ALA A 42 8.08 -21.32 4.64
CA ALA A 42 6.67 -21.04 4.38
C ALA A 42 6.44 -19.55 4.18
N PRO A 43 5.43 -19.19 3.44
CA PRO A 43 5.10 -17.77 3.15
C PRO A 43 5.04 -16.93 4.43
N GLU A 44 5.42 -15.65 4.31
CA GLU A 44 5.42 -14.76 5.45
C GLU A 44 4.10 -13.98 5.51
N LEU A 45 3.33 -14.05 4.43
CA LEU A 45 2.04 -13.35 4.38
C LEU A 45 0.91 -14.30 4.71
N ALA A 46 0.92 -14.85 5.91
CA ALA A 46 -0.12 -15.78 6.35
C ALA A 46 -1.44 -15.04 6.55
N LEU A 47 -2.54 -15.64 6.09
CA LEU A 47 -3.85 -15.04 6.23
C LEU A 47 -4.91 -15.92 5.57
N ASP A 48 -5.26 -17.01 6.24
CA ASP A 48 -6.26 -17.94 5.71
C ASP A 48 -6.18 -18.00 4.19
N PRO A 49 -5.23 -18.73 3.68
CA PRO A 49 -5.02 -18.88 2.21
C PRO A 49 -6.19 -19.59 1.55
N VAL A 50 -7.05 -18.81 0.89
CA VAL A 50 -8.21 -19.37 0.20
C VAL A 50 -8.88 -18.32 -0.68
N PRO A 51 -8.12 -17.69 -1.52
CA PRO A 51 -8.64 -16.64 -2.44
C PRO A 51 -9.96 -17.03 -3.08
N GLN A 52 -10.76 -16.04 -3.45
CA GLN A 52 -12.05 -16.30 -4.07
C GLN A 52 -12.54 -15.07 -4.83
N ASP A 53 -13.56 -15.25 -5.67
CA ASP A 53 -14.11 -14.15 -6.44
C ASP A 53 -13.04 -13.55 -7.36
N ALA A 54 -13.37 -13.43 -8.64
CA ALA A 54 -12.44 -12.86 -9.61
C ALA A 54 -12.48 -11.34 -9.57
N SER A 55 -13.33 -10.80 -8.71
CA SER A 55 -13.45 -9.35 -8.60
C SER A 55 -12.13 -8.73 -8.17
N THR A 56 -11.43 -9.41 -7.26
CA THR A 56 -10.14 -8.91 -6.78
C THR A 56 -9.03 -9.29 -7.74
N LYS A 57 -9.16 -10.46 -8.37
CA LYS A 57 -8.16 -10.92 -9.31
C LYS A 57 -7.83 -9.83 -10.33
N LYS A 58 -8.85 -9.33 -11.00
CA LYS A 58 -8.67 -8.28 -12.00
C LYS A 58 -8.03 -7.04 -11.36
N LEU A 59 -8.59 -6.62 -10.24
CA LEU A 59 -8.07 -5.45 -9.53
C LEU A 59 -6.63 -5.67 -9.09
N SER A 60 -6.27 -6.94 -8.90
CA SER A 60 -4.92 -7.29 -8.48
C SER A 60 -3.93 -7.07 -9.62
N GLU A 61 -4.38 -7.33 -10.85
CA GLU A 61 -3.52 -7.15 -12.01
C GLU A 61 -3.14 -5.68 -12.19
N CYS A 62 -4.05 -4.79 -11.79
CA CYS A 62 -3.80 -3.37 -11.90
C CYS A 62 -2.63 -2.95 -11.02
N LEU A 63 -2.53 -3.56 -9.84
CA LEU A 63 -1.46 -3.24 -8.91
C LEU A 63 -0.15 -3.88 -9.37
N LYS A 64 -0.26 -4.95 -10.16
CA LYS A 64 0.92 -5.64 -10.66
C LYS A 64 1.43 -4.96 -11.92
N ARG A 65 0.51 -4.49 -12.75
CA ARG A 65 0.88 -3.82 -14.00
C ARG A 65 1.56 -2.47 -13.70
N ILE A 66 0.99 -1.72 -12.78
CA ILE A 66 1.55 -0.42 -12.41
C ILE A 66 2.78 -0.60 -11.52
N GLY A 67 2.75 -1.62 -10.67
CA GLY A 67 3.87 -1.89 -9.77
C GLY A 67 5.14 -2.18 -10.57
N ASP A 68 5.01 -3.02 -11.59
CA ASP A 68 6.17 -3.36 -12.42
C ASP A 68 6.72 -2.13 -13.12
N GLU A 69 5.83 -1.22 -13.48
CA GLU A 69 6.24 0.01 -14.17
C GLU A 69 6.78 1.02 -13.17
N LEU A 70 5.96 1.39 -12.20
CA LEU A 70 6.36 2.36 -11.19
C LEU A 70 7.64 1.90 -10.50
N ASP A 71 7.71 0.61 -10.17
CA ASP A 71 8.88 0.05 -9.50
C ASP A 71 10.10 0.13 -10.42
N SER A 72 9.87 0.49 -11.67
CA SER A 72 10.96 0.60 -12.64
C SER A 72 11.44 2.04 -12.74
N ASN A 73 10.92 2.90 -11.88
CA ASN A 73 11.30 4.31 -11.88
C ASN A 73 12.46 4.55 -10.91
N MET A 74 13.63 4.87 -11.46
CA MET A 74 14.80 5.12 -10.63
C MET A 74 14.63 6.41 -9.84
N GLU A 75 13.60 7.17 -10.18
CA GLU A 75 13.34 8.44 -9.50
C GLU A 75 12.61 8.18 -8.17
N LEU A 76 11.38 7.71 -8.27
CA LEU A 76 10.58 7.43 -7.08
C LEU A 76 11.27 6.38 -6.21
N GLN A 77 11.85 5.38 -6.86
CA GLN A 77 12.55 4.31 -6.13
C GLN A 77 13.73 4.89 -5.34
N ARG A 78 14.41 5.86 -5.94
CA ARG A 78 15.55 6.48 -5.28
C ARG A 78 15.10 7.30 -4.07
N MET A 79 14.04 8.07 -4.26
CA MET A 79 13.51 8.90 -3.18
C MET A 79 13.22 8.06 -1.94
N ILE A 80 12.60 6.90 -2.17
CA ILE A 80 12.27 6.01 -1.06
C ILE A 80 13.54 5.53 -0.35
N ALA A 81 14.66 5.56 -1.07
CA ALA A 81 15.93 5.13 -0.50
C ALA A 81 16.60 6.29 0.24
N ALA A 82 16.17 7.50 -0.06
CA ALA A 82 16.74 8.68 0.58
C ALA A 82 16.02 8.98 1.90
N VAL A 83 14.85 8.36 2.07
CA VAL A 83 14.07 8.56 3.29
C VAL A 83 14.46 7.54 4.36
N ASP A 84 15.55 7.84 5.08
CA ASP A 84 16.02 6.94 6.13
C ASP A 84 14.85 6.38 6.92
N THR A 85 15.10 5.29 7.64
CA THR A 85 14.05 4.65 8.44
C THR A 85 14.42 4.66 9.91
N ASP A 86 13.59 5.29 10.74
CA ASP A 86 13.85 5.36 12.17
C ASP A 86 12.54 5.41 12.94
N SER A 87 11.43 5.39 12.22
CA SER A 87 10.11 5.44 12.84
C SER A 87 9.01 5.30 11.79
N PRO A 88 8.65 4.09 11.47
CA PRO A 88 7.59 3.80 10.46
C PRO A 88 6.21 4.25 10.93
N ARG A 89 6.09 4.50 12.23
CA ARG A 89 4.82 4.92 12.80
C ARG A 89 4.67 6.44 12.69
N GLU A 90 5.78 7.15 12.83
CA GLU A 90 5.76 8.60 12.74
C GLU A 90 5.69 9.05 11.29
N VAL A 91 6.66 8.62 10.49
CA VAL A 91 6.70 8.99 9.07
C VAL A 91 5.42 8.55 8.38
N PHE A 92 5.06 7.27 8.56
CA PHE A 92 3.85 6.75 7.94
C PHE A 92 2.68 7.70 8.14
N PHE A 93 2.44 8.09 9.39
CA PHE A 93 1.35 9.00 9.69
C PHE A 93 1.63 10.39 9.13
N ARG A 94 2.92 10.74 9.04
CA ARG A 94 3.30 12.03 8.50
C ARG A 94 3.07 12.09 7.00
N VAL A 95 3.70 11.17 6.27
CA VAL A 95 3.54 11.12 4.82
C VAL A 95 2.09 10.92 4.45
N ALA A 96 1.43 9.95 5.09
CA ALA A 96 0.04 9.67 4.81
C ALA A 96 -0.81 10.93 4.98
N ALA A 97 -0.35 11.83 5.83
CA ALA A 97 -1.06 13.08 6.08
C ALA A 97 -0.75 14.11 5.00
N ASP A 98 0.50 14.13 4.56
CA ASP A 98 0.93 15.08 3.53
C ASP A 98 0.20 14.78 2.22
N MET A 99 0.01 13.50 1.93
CA MET A 99 -0.66 13.10 0.70
C MET A 99 -1.83 14.05 0.40
N PHE A 100 -2.87 13.98 1.23
CA PHE A 100 -4.03 14.83 1.05
C PHE A 100 -4.12 15.87 2.16
N SER A 101 -3.07 16.67 2.31
CA SER A 101 -3.04 17.70 3.34
C SER A 101 -3.94 18.87 2.96
N ASP A 102 -4.12 19.06 1.66
CA ASP A 102 -4.95 20.16 1.16
C ASP A 102 -5.49 19.85 -0.22
N GLY A 103 -4.86 18.88 -0.89
CA GLY A 103 -5.28 18.50 -2.23
C GLY A 103 -6.76 18.78 -2.44
N ASN A 104 -7.61 17.88 -1.94
CA ASN A 104 -9.05 18.04 -2.07
C ASN A 104 -9.79 16.81 -1.54
N PHE A 105 -9.23 16.21 -0.49
CA PHE A 105 -9.83 15.02 0.10
C PHE A 105 -10.33 14.08 -0.98
N ASN A 106 -9.67 14.10 -2.14
CA ASN A 106 -10.05 13.23 -3.24
C ASN A 106 -10.14 11.78 -2.78
N TRP A 107 -9.20 10.96 -3.25
CA TRP A 107 -9.19 9.55 -2.87
C TRP A 107 -8.10 8.80 -3.63
N GLY A 108 -7.75 9.33 -4.81
CA GLY A 108 -6.72 8.70 -5.63
C GLY A 108 -5.46 8.42 -4.82
N ARG A 109 -5.08 9.38 -3.97
CA ARG A 109 -3.90 9.22 -3.14
C ARG A 109 -3.91 7.87 -2.45
N VAL A 110 -5.10 7.32 -2.24
CA VAL A 110 -5.23 6.03 -1.58
C VAL A 110 -4.36 4.99 -2.26
N VAL A 111 -4.57 4.79 -3.56
CA VAL A 111 -3.80 3.81 -4.32
C VAL A 111 -2.32 3.95 -3.99
N ALA A 112 -1.82 5.19 -4.00
CA ALA A 112 -0.42 5.44 -3.70
C ALA A 112 -0.06 4.91 -2.32
N LEU A 113 -1.00 4.99 -1.39
CA LEU A 113 -0.77 4.51 -0.04
C LEU A 113 -0.37 3.04 -0.05
N PHE A 114 -1.10 2.23 -0.81
CA PHE A 114 -0.81 0.81 -0.91
C PHE A 114 0.62 0.59 -1.38
N TYR A 115 1.02 1.35 -2.39
CA TYR A 115 2.37 1.22 -2.94
C TYR A 115 3.40 1.71 -1.92
N PHE A 116 3.11 2.83 -1.28
CA PHE A 116 4.02 3.39 -0.29
C PHE A 116 4.26 2.39 0.84
N ALA A 117 3.19 1.73 1.27
CA ALA A 117 3.29 0.75 2.35
C ALA A 117 4.02 -0.50 1.86
N SER A 118 3.84 -0.82 0.59
CA SER A 118 4.50 -2.00 0.01
C SER A 118 5.98 -2.01 0.37
N LYS A 119 6.63 -0.87 0.24
CA LYS A 119 8.04 -0.77 0.56
C LYS A 119 8.30 -1.15 2.02
N LEU A 120 7.45 -0.66 2.91
CA LEU A 120 7.60 -0.95 4.33
C LEU A 120 7.30 -2.42 4.60
N VAL A 121 6.41 -3.00 3.80
CA VAL A 121 6.06 -4.41 3.96
C VAL A 121 7.15 -5.30 3.39
N LEU A 122 7.52 -5.07 2.13
CA LEU A 122 8.55 -5.86 1.48
C LEU A 122 9.92 -5.51 2.04
N LYS A 123 10.15 -4.22 2.25
CA LYS A 123 11.44 -3.75 2.78
C LYS A 123 11.73 -4.41 4.12
N ALA A 124 10.70 -4.52 4.96
CA ALA A 124 10.86 -5.12 6.27
C ALA A 124 10.96 -6.64 6.16
N LEU A 125 10.45 -7.18 5.04
CA LEU A 125 10.50 -8.61 4.82
C LEU A 125 11.94 -9.11 4.72
N CYS A 126 12.82 -8.25 4.21
CA CYS A 126 14.22 -8.61 4.07
C CYS A 126 14.97 -8.37 5.38
N THR A 127 14.57 -7.33 6.09
CA THR A 127 15.22 -6.99 7.36
C THR A 127 15.20 -8.20 8.30
N LYS A 128 14.32 -9.16 8.01
CA LYS A 128 14.21 -10.35 8.83
C LYS A 128 13.25 -10.12 10.00
N VAL A 129 12.10 -9.52 9.70
CA VAL A 129 11.11 -9.25 10.73
C VAL A 129 9.70 -9.31 10.14
N PRO A 130 9.12 -10.48 10.12
CA PRO A 130 7.74 -10.69 9.58
C PRO A 130 6.67 -10.06 10.47
N GLU A 131 7.06 -9.69 11.69
CA GLU A 131 6.13 -9.07 12.63
C GLU A 131 5.65 -7.73 12.10
N LEU A 132 6.59 -6.96 11.54
CA LEU A 132 6.26 -5.64 11.00
C LEU A 132 5.22 -5.77 9.89
N ILE A 133 5.32 -6.86 9.13
CA ILE A 133 4.39 -7.08 8.03
C ILE A 133 2.95 -7.08 8.53
N ARG A 134 2.69 -7.84 9.58
CA ARG A 134 1.35 -7.91 10.16
C ARG A 134 0.99 -6.59 10.83
N THR A 135 1.99 -5.94 11.43
CA THR A 135 1.76 -4.67 12.10
C THR A 135 1.40 -3.59 11.09
N ILE A 136 1.95 -3.70 9.88
CA ILE A 136 1.67 -2.73 8.84
C ILE A 136 0.22 -2.85 8.36
N MET A 137 -0.13 -4.03 7.87
CA MET A 137 -1.49 -4.27 7.38
C MET A 137 -2.51 -3.74 8.38
N GLY A 138 -2.12 -3.65 9.64
CA GLY A 138 -3.01 -3.16 10.68
C GLY A 138 -3.27 -1.67 10.49
N TRP A 139 -2.23 -0.92 10.14
CA TRP A 139 -2.37 0.51 9.94
C TRP A 139 -3.26 0.81 8.74
N THR A 140 -3.33 -0.15 7.82
CA THR A 140 -4.16 0.01 6.63
C THR A 140 -5.63 -0.15 6.96
N LEU A 141 -6.01 -1.36 7.36
CA LEU A 141 -7.40 -1.64 7.71
C LEU A 141 -7.91 -0.62 8.72
N ASP A 142 -7.03 -0.16 9.60
CA ASP A 142 -7.40 0.82 10.60
C ASP A 142 -7.78 2.14 9.95
N PHE A 143 -6.90 2.64 9.08
CA PHE A 143 -7.15 3.90 8.40
C PHE A 143 -8.34 3.77 7.44
N LEU A 144 -8.42 2.62 6.78
CA LEU A 144 -9.51 2.38 5.84
C LEU A 144 -10.83 2.18 6.59
N ARG A 145 -10.76 1.56 7.75
CA ARG A 145 -11.94 1.31 8.55
C ARG A 145 -12.30 2.54 9.39
N GLU A 146 -11.38 3.50 9.42
CA GLU A 146 -11.60 4.73 10.18
C GLU A 146 -11.75 5.93 9.24
N ARG A 147 -11.56 5.68 7.95
CA ARG A 147 -11.68 6.75 6.95
C ARG A 147 -12.34 6.22 5.68
N LEU A 148 -11.56 6.13 4.61
CA LEU A 148 -12.08 5.65 3.34
C LEU A 148 -13.42 4.94 3.54
N LEU A 149 -13.61 4.38 4.73
CA LEU A 149 -14.85 3.68 5.04
C LEU A 149 -16.06 4.52 4.66
N GLY A 150 -16.12 5.74 5.20
CA GLY A 150 -17.23 6.63 4.91
C GLY A 150 -17.25 7.02 3.44
N TRP A 151 -16.10 7.47 2.93
CA TRP A 151 -15.99 7.87 1.54
C TRP A 151 -16.17 6.66 0.62
N ILE A 152 -15.36 5.64 0.84
CA ILE A 152 -15.43 4.44 0.02
C ILE A 152 -16.87 3.91 -0.03
N GLN A 153 -17.58 4.07 1.08
CA GLN A 153 -18.97 3.61 1.15
C GLN A 153 -19.86 4.43 0.21
N ASP A 154 -19.49 5.70 0.02
CA ASP A 154 -20.27 6.58 -0.85
C ASP A 154 -19.76 6.49 -2.28
N GLN A 155 -18.68 5.73 -2.48
CA GLN A 155 -18.11 5.57 -3.81
C GLN A 155 -18.60 4.27 -4.45
N GLY A 156 -19.45 3.54 -3.73
CA GLY A 156 -19.99 2.28 -4.24
C GLY A 156 -19.01 1.14 -3.99
N GLY A 157 -18.16 1.31 -2.97
CA GLY A 157 -17.18 0.28 -2.64
C GLY A 157 -15.89 0.49 -3.40
N TRP A 158 -15.08 -0.57 -3.50
CA TRP A 158 -13.80 -0.48 -4.21
C TRP A 158 -14.04 -0.43 -5.72
N ASP A 159 -15.28 -0.59 -6.13
CA ASP A 159 -15.63 -0.56 -7.55
C ASP A 159 -15.26 0.79 -8.16
N GLY A 160 -15.55 1.86 -7.43
CA GLY A 160 -15.25 3.20 -7.92
C GLY A 160 -13.78 3.33 -8.29
N LEU A 161 -12.92 2.60 -7.57
CA LEU A 161 -11.50 2.64 -7.83
C LEU A 161 -11.19 2.12 -9.23
N LEU A 162 -11.67 0.92 -9.54
CA LEU A 162 -11.45 0.33 -10.85
C LEU A 162 -12.19 1.11 -11.93
N SER A 163 -13.33 1.69 -11.55
CA SER A 163 -14.12 2.48 -12.50
C SER A 163 -13.36 3.73 -12.92
N TYR A 164 -12.48 4.19 -12.06
CA TYR A 164 -11.70 5.40 -12.35
C TYR A 164 -10.58 5.07 -13.34
N PHE A 165 -9.91 3.95 -13.13
CA PHE A 165 -8.82 3.53 -14.00
C PHE A 165 -9.36 3.09 -15.36
N GLY A 166 -10.24 3.90 -15.94
CA GLY A 166 -10.83 3.58 -17.23
C GLY A 166 -10.75 4.78 -18.17
N THR A 167 -9.62 5.49 -18.12
CA THR A 167 -9.42 6.65 -18.98
C THR A 167 -8.40 6.34 -20.06
N PRO A 168 -8.14 7.30 -20.91
CA PRO A 168 -7.16 7.15 -22.02
C PRO A 168 -5.71 7.13 -21.51
N THR A 169 -4.80 7.69 -22.31
CA THR A 169 -3.40 7.74 -21.93
C THR A 169 -3.25 7.65 -20.42
N TRP A 170 -2.88 6.46 -19.94
CA TRP A 170 -2.71 6.25 -18.51
C TRP A 170 -1.54 7.09 -17.98
N GLN A 171 -0.68 7.53 -18.89
CA GLN A 171 0.47 8.34 -18.51
C GLN A 171 0.04 9.45 -17.55
N THR A 172 -1.26 9.68 -17.46
CA THR A 172 -1.78 10.72 -16.58
C THR A 172 -2.01 10.17 -15.19
N VAL A 173 -2.31 8.88 -15.10
CA VAL A 173 -2.54 8.24 -13.80
C VAL A 173 -1.23 8.09 -13.04
N THR A 174 -0.19 7.63 -13.73
CA THR A 174 1.10 7.45 -13.09
C THR A 174 1.68 8.79 -12.64
N ILE A 175 1.24 9.86 -13.30
CA ILE A 175 1.72 11.20 -12.97
C ILE A 175 0.90 11.79 -11.84
N PHE A 176 -0.17 11.10 -11.47
CA PHE A 176 -1.04 11.57 -10.39
C PHE A 176 -0.64 10.94 -9.06
N VAL A 177 -0.69 9.61 -8.99
CA VAL A 177 -0.33 8.89 -7.78
C VAL A 177 1.13 9.15 -7.42
N ALA A 178 1.89 9.65 -8.39
CA ALA A 178 3.31 9.93 -8.17
C ALA A 178 3.51 11.39 -7.81
N GLY A 179 2.86 12.28 -8.56
CA GLY A 179 2.98 13.71 -8.31
C GLY A 179 2.44 14.07 -6.92
N VAL A 180 1.52 13.24 -6.42
CA VAL A 180 0.95 13.48 -5.11
C VAL A 180 1.81 12.86 -4.01
N LEU A 181 2.13 11.58 -4.18
CA LEU A 181 2.95 10.88 -3.20
C LEU A 181 4.38 11.40 -3.23
N THR A 182 4.95 11.51 -4.44
CA THR A 182 6.32 12.00 -4.59
C THR A 182 6.50 13.31 -3.82
N ALA A 183 5.61 14.26 -4.06
CA ALA A 183 5.69 15.56 -3.39
C ALA A 183 5.90 15.37 -1.89
N SER A 184 5.14 14.46 -1.30
CA SER A 184 5.25 14.20 0.13
C SER A 184 6.69 13.86 0.49
N LEU A 185 7.37 13.13 -0.38
CA LEU A 185 8.75 12.73 -0.14
C LEU A 185 9.69 13.90 -0.43
N THR A 186 9.22 14.85 -1.22
CA THR A 186 10.03 16.01 -1.57
C THR A 186 10.13 16.97 -0.39
N ILE A 187 9.00 17.22 0.28
CA ILE A 187 8.98 18.10 1.43
C ILE A 187 9.62 17.43 2.64
N TRP A 188 9.16 16.22 2.95
CA TRP A 188 9.69 15.48 4.09
C TRP A 188 11.15 15.84 4.31
N LYS A 189 11.97 15.63 3.28
CA LYS A 189 13.40 15.94 3.39
C LYS A 189 14.09 15.72 2.05
N LYS A 190 14.82 16.74 1.60
CA LYS A 190 15.53 16.65 0.32
C LYS A 190 17.05 16.56 0.55
N MET A 191 17.54 15.35 0.69
CA MET A 191 18.97 15.13 0.92
C MET A 191 19.53 14.11 -0.08
N GLY A 192 20.70 14.42 -0.63
CA GLY A 192 21.32 13.52 -1.60
C GLY A 192 22.84 13.68 -1.57
N CYS B 1 20.81 -0.73 -10.26
CA CYS B 1 21.21 -1.62 -9.14
C CYS B 1 22.36 -0.99 -8.37
N GLU B 2 22.06 0.00 -7.54
CA GLU B 2 23.08 0.68 -6.76
C GLU B 2 23.68 -0.27 -5.72
N ALA B 3 24.80 0.14 -5.12
CA ALA B 3 25.45 -0.68 -4.12
C ALA B 3 25.17 -2.16 -4.36
N LEU B 4 24.93 -2.52 -5.62
CA LEU B 4 24.64 -3.90 -5.97
C LEU B 4 23.50 -4.44 -5.13
N LYS B 5 23.73 -5.58 -4.47
CA LYS B 5 22.72 -6.19 -3.63
C LYS B 5 22.97 -5.87 -2.17
N LYS B 6 24.08 -5.18 -1.90
CA LYS B 6 24.42 -4.81 -0.53
C LYS B 6 23.45 -3.74 -0.01
N ALA B 7 23.18 -2.74 -0.83
CA ALA B 7 22.26 -1.67 -0.44
C ALA B 7 22.90 -0.81 0.64
N LEU B 8 22.06 -0.27 1.53
CA LEU B 8 22.55 0.57 2.61
C LEU B 8 22.95 -0.27 3.82
N ARG B 9 24.20 -0.12 4.25
CA ARG B 9 24.69 -0.88 5.39
C ARG B 9 24.54 -0.07 6.68
N ARG B 10 24.16 1.19 6.53
CA ARG B 10 23.97 2.06 7.69
C ARG B 10 22.91 1.48 8.62
N HIS B 11 21.80 1.03 8.04
CA HIS B 11 20.72 0.45 8.83
C HIS B 11 21.03 -0.99 9.19
N ARG B 12 21.08 -1.85 8.19
CA ARG B 12 21.37 -3.26 8.42
C ARG B 12 22.31 -3.43 9.60
N PHE B 13 23.19 -2.45 9.80
CA PHE B 13 24.13 -2.50 10.92
C PHE B 13 23.56 -1.80 12.13
N LEU B 14 22.74 -0.77 11.90
CA LEU B 14 22.13 -0.02 12.99
C LEU B 14 21.35 -0.96 13.90
N TRP B 15 20.74 -1.99 13.32
CA TRP B 15 19.96 -2.95 14.09
C TRP B 15 20.87 -4.05 14.63
N GLN B 16 21.59 -4.73 13.73
CA GLN B 16 22.49 -5.80 14.13
C GLN B 16 23.11 -5.50 15.48
N ARG B 17 23.97 -4.49 15.53
CA ARG B 17 24.63 -4.11 16.77
C ARG B 17 25.05 -5.35 17.55
N ARG B 18 24.76 -5.35 18.84
CA ARG B 18 25.11 -6.48 19.70
C ARG B 18 26.52 -6.97 19.37
N GLN B 19 26.60 -8.11 18.67
CA GLN B 19 27.89 -8.67 18.29
C GLN B 19 28.41 -8.02 17.02
N ARG B 20 29.73 -7.87 16.94
CA ARG B 20 30.35 -7.25 15.77
C ARG B 20 30.12 -8.11 14.53
N ALA B 21 29.81 -7.46 13.42
CA ALA B 21 29.57 -8.18 12.17
C ALA B 21 30.89 -8.58 11.53
N MET A 1 -17.95 2.95 17.68
CA MET A 1 -17.82 1.53 17.23
C MET A 1 -18.65 1.32 15.96
N ASP A 2 -19.60 2.22 15.74
CA ASP A 2 -20.46 2.12 14.56
C ASP A 2 -19.63 2.24 13.28
N GLY A 3 -18.92 3.34 13.14
CA GLY A 3 -18.09 3.57 11.96
C GLY A 3 -18.92 4.06 10.79
N SER A 4 -20.03 3.37 10.53
CA SER A 4 -20.92 3.74 9.43
C SER A 4 -22.31 4.06 9.95
N GLY A 5 -22.76 3.30 10.94
CA GLY A 5 -24.08 3.53 11.52
C GLY A 5 -24.61 2.26 12.19
N GLU A 6 -25.88 2.26 12.56
CA GLU A 6 -26.49 1.11 13.21
C GLU A 6 -27.91 0.91 12.72
N GLN A 7 -28.10 -0.07 11.83
CA GLN A 7 -29.42 -0.35 11.29
C GLN A 7 -29.45 -0.09 9.79
N PRO A 8 -28.33 -0.22 9.15
CA PRO A 8 -28.21 -0.01 7.68
C PRO A 8 -28.84 -1.13 6.87
N ARG A 9 -30.04 -0.88 6.36
CA ARG A 9 -30.73 -1.89 5.56
C ARG A 9 -29.84 -2.41 4.45
N GLY A 10 -30.30 -3.45 3.76
CA GLY A 10 -29.54 -4.03 2.67
C GLY A 10 -29.76 -3.25 1.37
N GLY A 11 -30.87 -2.54 1.29
CA GLY A 11 -31.18 -1.76 0.10
C GLY A 11 -30.17 -2.01 -1.00
N GLY A 12 -28.89 -2.07 -0.61
CA GLY A 12 -27.81 -2.31 -1.57
C GLY A 12 -26.61 -2.93 -0.89
N PRO A 13 -26.01 -3.90 -1.52
CA PRO A 13 -24.81 -4.61 -0.97
C PRO A 13 -23.76 -3.64 -0.46
N THR A 14 -22.82 -3.30 -1.33
CA THR A 14 -21.74 -2.37 -0.97
C THR A 14 -21.92 -1.89 0.47
N SER A 15 -21.45 -2.68 1.41
CA SER A 15 -21.56 -2.32 2.82
C SER A 15 -20.18 -2.19 3.45
N SER A 16 -20.09 -2.50 4.74
CA SER A 16 -18.81 -2.42 5.44
C SER A 16 -18.16 -3.80 5.52
N GLU A 17 -18.96 -4.84 5.31
CA GLU A 17 -18.46 -6.20 5.37
C GLU A 17 -17.69 -6.55 4.09
N GLN A 18 -18.30 -6.26 2.95
CA GLN A 18 -17.67 -6.53 1.66
C GLN A 18 -16.45 -5.65 1.47
N ILE A 19 -16.41 -4.53 2.17
CA ILE A 19 -15.29 -3.60 2.06
C ILE A 19 -14.13 -4.06 2.93
N MET A 20 -14.40 -4.25 4.22
CA MET A 20 -13.38 -4.70 5.16
C MET A 20 -12.70 -5.96 4.64
N LYS A 21 -13.48 -6.83 4.01
CA LYS A 21 -12.94 -8.08 3.49
C LYS A 21 -11.98 -7.80 2.33
N THR A 22 -12.40 -6.93 1.42
CA THR A 22 -11.58 -6.58 0.27
C THR A 22 -10.40 -5.71 0.69
N GLY A 23 -10.42 -5.27 1.95
CA GLY A 23 -9.35 -4.44 2.48
C GLY A 23 -8.12 -5.27 2.83
N ALA A 24 -8.33 -6.29 3.66
CA ALA A 24 -7.24 -7.16 4.08
C ALA A 24 -6.90 -8.16 2.97
N LEU A 25 -7.75 -8.21 1.94
CA LEU A 25 -7.53 -9.12 0.82
C LEU A 25 -6.63 -8.49 -0.22
N LEU A 26 -7.20 -7.63 -1.06
CA LEU A 26 -6.43 -6.96 -2.09
C LEU A 26 -4.97 -6.83 -1.68
N LEU A 27 -4.72 -6.04 -0.64
CA LEU A 27 -3.37 -5.84 -0.15
C LEU A 27 -2.67 -7.17 0.08
N GLN A 28 -3.26 -8.00 0.92
CA GLN A 28 -2.69 -9.31 1.22
C GLN A 28 -2.30 -10.03 -0.07
N GLY A 29 -2.85 -9.57 -1.19
CA GLY A 29 -2.53 -10.18 -2.48
C GLY A 29 -1.31 -9.52 -3.10
N PHE A 30 -1.48 -8.29 -3.59
CA PHE A 30 -0.38 -7.56 -4.21
C PHE A 30 0.91 -7.76 -3.42
N ILE A 31 0.77 -8.17 -2.17
CA ILE A 31 1.93 -8.39 -1.31
C ILE A 31 2.62 -9.71 -1.67
N GLN A 32 1.95 -10.82 -1.37
CA GLN A 32 2.50 -12.13 -1.66
C GLN A 32 2.34 -12.47 -3.14
N ASP A 33 2.33 -11.44 -3.98
CA ASP A 33 2.17 -11.65 -5.42
C ASP A 33 3.45 -11.27 -6.16
N ARG A 34 3.96 -10.07 -5.88
CA ARG A 34 5.18 -9.60 -6.52
C ARG A 34 6.40 -9.98 -5.69
N ALA A 35 6.21 -10.12 -4.38
CA ALA A 35 7.30 -10.48 -3.49
C ALA A 35 7.26 -11.98 -3.17
N GLY A 36 6.16 -12.62 -3.52
CA GLY A 36 6.01 -14.05 -3.27
C GLY A 36 7.11 -14.84 -3.97
N ARG A 37 7.73 -15.75 -3.23
CA ARG A 37 8.80 -16.57 -3.79
C ARG A 37 8.22 -17.77 -4.55
N MET A 38 8.89 -18.16 -5.63
CA MET A 38 8.43 -19.29 -6.43
C MET A 38 9.17 -20.56 -6.03
N GLY A 39 8.41 -21.57 -5.62
CA GLY A 39 9.01 -22.84 -5.21
C GLY A 39 9.62 -22.73 -3.82
N GLY A 40 9.26 -21.67 -3.10
CA GLY A 40 9.79 -21.46 -1.76
C GLY A 40 8.98 -22.24 -0.73
N GLU A 41 9.26 -22.00 0.55
CA GLU A 41 8.54 -22.69 1.62
C GLU A 41 8.71 -21.94 2.94
N ALA A 42 7.98 -20.84 3.09
CA ALA A 42 8.06 -20.04 4.30
C ALA A 42 7.23 -18.77 4.17
N PRO A 43 6.01 -18.91 3.71
CA PRO A 43 5.08 -17.75 3.53
C PRO A 43 5.04 -16.85 4.77
N GLU A 44 5.43 -15.59 4.59
CA GLU A 44 5.42 -14.64 5.69
C GLU A 44 4.11 -13.87 5.73
N LEU A 45 3.30 -14.04 4.70
CA LEU A 45 2.02 -13.35 4.63
C LEU A 45 0.87 -14.33 4.87
N ALA A 46 0.80 -14.85 6.09
CA ALA A 46 -0.26 -15.80 6.44
C ALA A 46 -1.59 -15.06 6.61
N LEU A 47 -2.66 -15.66 6.09
CA LEU A 47 -3.98 -15.08 6.20
C LEU A 47 -5.05 -16.02 5.65
N ASP A 48 -5.20 -16.03 4.33
CA ASP A 48 -6.19 -16.90 3.69
C ASP A 48 -5.88 -17.07 2.21
N PRO A 49 -4.69 -17.48 1.90
CA PRO A 49 -4.23 -17.70 0.48
C PRO A 49 -5.12 -18.69 -0.25
N VAL A 50 -6.42 -18.39 -0.32
CA VAL A 50 -7.36 -19.27 -1.00
C VAL A 50 -8.52 -18.46 -1.59
N PRO A 51 -8.22 -17.47 -2.37
CA PRO A 51 -9.25 -16.60 -3.01
C PRO A 51 -10.31 -17.42 -3.74
N GLN A 52 -11.43 -16.79 -4.04
CA GLN A 52 -12.52 -17.46 -4.74
C GLN A 52 -13.18 -16.52 -5.75
N ASP A 53 -13.30 -15.26 -5.37
CA ASP A 53 -13.91 -14.26 -6.25
C ASP A 53 -12.87 -13.65 -7.18
N ALA A 54 -13.22 -13.55 -8.46
CA ALA A 54 -12.31 -12.99 -9.45
C ALA A 54 -12.36 -11.46 -9.42
N SER A 55 -13.21 -10.93 -8.55
CA SER A 55 -13.36 -9.48 -8.43
C SER A 55 -12.03 -8.85 -8.00
N THR A 56 -11.34 -9.51 -7.09
CA THR A 56 -10.05 -9.00 -6.60
C THR A 56 -8.93 -9.39 -7.56
N LYS A 57 -9.06 -10.57 -8.17
CA LYS A 57 -8.05 -11.04 -9.10
C LYS A 57 -7.71 -9.96 -10.12
N LYS A 58 -8.74 -9.47 -10.81
CA LYS A 58 -8.54 -8.44 -11.82
C LYS A 58 -7.92 -7.19 -11.19
N LEU A 59 -8.48 -6.75 -10.08
CA LEU A 59 -7.97 -5.57 -9.39
C LEU A 59 -6.53 -5.79 -8.94
N SER A 60 -6.16 -7.05 -8.73
CA SER A 60 -4.82 -7.38 -8.30
C SER A 60 -3.82 -7.18 -9.43
N GLU A 61 -4.26 -7.45 -10.65
CA GLU A 61 -3.40 -7.29 -11.83
C GLU A 61 -3.03 -5.82 -12.01
N CYS A 62 -3.94 -4.93 -11.63
CA CYS A 62 -3.70 -3.50 -11.76
C CYS A 62 -2.53 -3.07 -10.87
N LEU A 63 -2.45 -3.66 -9.69
CA LEU A 63 -1.37 -3.33 -8.76
C LEU A 63 -0.06 -3.96 -9.21
N LYS A 64 -0.16 -5.04 -9.97
CA LYS A 64 1.03 -5.75 -10.46
C LYS A 64 1.55 -5.08 -11.74
N ARG A 65 0.63 -4.61 -12.58
CA ARG A 65 1.00 -3.96 -13.82
C ARG A 65 1.67 -2.62 -13.54
N ILE A 66 1.10 -1.85 -12.63
CA ILE A 66 1.65 -0.54 -12.27
C ILE A 66 2.87 -0.70 -11.39
N GLY A 67 2.84 -1.72 -10.52
CA GLY A 67 3.96 -1.97 -9.62
C GLY A 67 5.24 -2.26 -10.38
N ASP A 68 5.12 -3.11 -11.40
CA ASP A 68 6.27 -3.47 -12.22
C ASP A 68 6.83 -2.25 -12.94
N GLU A 69 5.93 -1.34 -13.32
CA GLU A 69 6.34 -0.13 -14.02
C GLU A 69 6.88 0.90 -13.03
N LEU A 70 6.04 1.29 -12.07
CA LEU A 70 6.44 2.27 -11.07
C LEU A 70 7.72 1.82 -10.36
N ASP A 71 7.78 0.53 -10.02
CA ASP A 71 8.96 -0.01 -9.34
C ASP A 71 10.18 0.06 -10.25
N SER A 72 9.96 0.41 -11.52
CA SER A 72 11.05 0.51 -12.47
C SER A 72 11.53 1.96 -12.60
N ASN A 73 11.00 2.82 -11.74
CA ASN A 73 11.38 4.23 -11.76
C ASN A 73 12.53 4.49 -10.79
N MET A 74 13.69 4.80 -11.34
CA MET A 74 14.87 5.07 -10.51
C MET A 74 14.69 6.37 -9.73
N GLU A 75 13.65 7.13 -10.09
CA GLU A 75 13.38 8.39 -9.42
C GLU A 75 12.66 8.16 -8.10
N LEU A 76 11.42 7.68 -8.20
CA LEU A 76 10.62 7.41 -7.01
C LEU A 76 11.31 6.38 -6.11
N GLN A 77 11.90 5.37 -6.74
CA GLN A 77 12.59 4.32 -6.01
C GLN A 77 13.76 4.91 -5.22
N ARG A 78 14.44 5.87 -5.82
CA ARG A 78 15.58 6.50 -5.17
C ARG A 78 15.12 7.33 -3.97
N MET A 79 14.05 8.11 -4.17
CA MET A 79 13.52 8.96 -3.11
C MET A 79 13.23 8.12 -1.86
N ILE A 80 12.61 6.96 -2.07
CA ILE A 80 12.28 6.07 -0.96
C ILE A 80 13.55 5.61 -0.24
N ALA A 81 14.67 5.64 -0.95
CA ALA A 81 15.94 5.22 -0.37
C ALA A 81 16.60 6.39 0.37
N ALA A 82 16.17 7.60 0.04
CA ALA A 82 16.73 8.79 0.67
C ALA A 82 15.99 9.09 1.98
N VAL A 83 14.84 8.48 2.16
CA VAL A 83 14.05 8.70 3.37
C VAL A 83 14.44 7.69 4.45
N ASP A 84 15.52 8.00 5.17
CA ASP A 84 15.99 7.13 6.23
C ASP A 84 14.81 6.56 7.02
N THR A 85 15.07 5.49 7.77
CA THR A 85 14.03 4.85 8.56
C THR A 85 14.39 4.88 10.04
N ASP A 86 13.55 5.51 10.85
CA ASP A 86 13.80 5.60 12.28
C ASP A 86 12.48 5.66 13.05
N SER A 87 11.37 5.63 12.31
CA SER A 87 10.05 5.68 12.93
C SER A 87 8.96 5.53 11.87
N PRO A 88 8.59 4.31 11.58
CA PRO A 88 7.53 4.01 10.57
C PRO A 88 6.15 4.44 11.03
N ARG A 89 6.02 4.71 12.32
CA ARG A 89 4.75 5.15 12.89
C ARG A 89 4.59 6.66 12.76
N GLU A 90 5.70 7.37 12.88
CA GLU A 90 5.68 8.83 12.77
C GLU A 90 5.61 9.26 11.31
N VAL A 91 6.59 8.82 10.52
CA VAL A 91 6.63 9.17 9.10
C VAL A 91 5.36 8.72 8.41
N PHE A 92 5.00 7.45 8.60
CA PHE A 92 3.80 6.90 7.98
C PHE A 92 2.63 7.85 8.16
N PHE A 93 2.39 8.26 9.41
CA PHE A 93 1.29 9.17 9.71
C PHE A 93 1.56 10.55 9.11
N ARG A 94 2.85 10.90 9.02
CA ARG A 94 3.24 12.20 8.48
C ARG A 94 3.01 12.23 6.97
N VAL A 95 3.65 11.30 6.26
CA VAL A 95 3.51 11.23 4.81
C VAL A 95 2.04 11.02 4.42
N ALA A 96 1.40 10.06 5.07
CA ALA A 96 -0.01 9.77 4.80
C ALA A 96 -0.85 11.02 4.94
N ALA A 97 -0.40 11.95 5.79
CA ALA A 97 -1.12 13.19 6.01
C ALA A 97 -0.81 14.20 4.92
N ASP A 98 0.45 14.23 4.50
CA ASP A 98 0.87 15.15 3.45
C ASP A 98 0.16 14.84 2.14
N MET A 99 -0.03 13.56 1.86
CA MET A 99 -0.70 13.14 0.64
C MET A 99 -1.86 14.08 0.32
N PHE A 100 -2.90 14.02 1.14
CA PHE A 100 -4.07 14.86 0.94
C PHE A 100 -4.17 15.92 2.04
N SER A 101 -3.13 16.72 2.18
CA SER A 101 -3.10 17.76 3.21
C SER A 101 -4.00 18.93 2.81
N ASP A 102 -4.17 19.11 1.49
CA ASP A 102 -5.02 20.19 0.99
C ASP A 102 -5.54 19.85 -0.39
N GLY A 103 -4.90 18.89 -1.05
CA GLY A 103 -5.32 18.47 -2.38
C GLY A 103 -6.80 18.76 -2.61
N ASN A 104 -7.65 17.85 -2.10
CA ASN A 104 -9.09 18.01 -2.25
C ASN A 104 -9.82 16.80 -1.70
N PHE A 105 -9.26 16.20 -0.64
CA PHE A 105 -9.87 15.02 -0.04
C PHE A 105 -10.35 14.05 -1.11
N ASN A 106 -9.69 14.07 -2.26
CA ASN A 106 -10.06 13.19 -3.36
C ASN A 106 -10.15 11.74 -2.88
N TRP A 107 -9.21 10.92 -3.33
CA TRP A 107 -9.19 9.51 -2.94
C TRP A 107 -8.09 8.76 -3.69
N GLY A 108 -7.73 9.27 -4.86
CA GLY A 108 -6.69 8.64 -5.67
C GLY A 108 -5.44 8.37 -4.85
N ARG A 109 -5.08 9.34 -4.01
CA ARG A 109 -3.89 9.20 -3.17
C ARG A 109 -3.90 7.85 -2.46
N VAL A 110 -5.10 7.31 -2.25
CA VAL A 110 -5.23 6.02 -1.57
C VAL A 110 -4.34 4.98 -2.24
N VAL A 111 -4.55 4.76 -3.54
CA VAL A 111 -3.76 3.78 -4.28
C VAL A 111 -2.28 3.93 -3.95
N ALA A 112 -1.80 5.17 -3.96
CA ALA A 112 -0.40 5.44 -3.66
C ALA A 112 -0.04 4.91 -2.27
N LEU A 113 -0.99 5.00 -1.35
CA LEU A 113 -0.76 4.54 0.02
C LEU A 113 -0.35 3.07 0.02
N PHE A 114 -1.08 2.26 -0.73
CA PHE A 114 -0.79 0.83 -0.81
C PHE A 114 0.64 0.61 -1.28
N TYR A 115 1.05 1.35 -2.30
CA TYR A 115 2.40 1.23 -2.83
C TYR A 115 3.43 1.72 -1.82
N PHE A 116 3.13 2.86 -1.19
CA PHE A 116 4.04 3.43 -0.20
C PHE A 116 4.27 2.45 0.95
N ALA A 117 3.19 1.79 1.38
CA ALA A 117 3.30 0.83 2.47
C ALA A 117 4.03 -0.42 2.00
N SER A 118 3.87 -0.77 0.74
CA SER A 118 4.52 -1.95 0.17
C SER A 118 6.00 -1.96 0.54
N LYS A 119 6.65 -0.81 0.41
CA LYS A 119 8.07 -0.70 0.73
C LYS A 119 8.32 -1.06 2.19
N LEU A 120 7.46 -0.56 3.07
CA LEU A 120 7.60 -0.83 4.50
C LEU A 120 7.32 -2.30 4.79
N VAL A 121 6.44 -2.90 3.99
CA VAL A 121 6.09 -4.30 4.18
C VAL A 121 7.18 -5.21 3.62
N LEU A 122 7.55 -4.97 2.36
CA LEU A 122 8.59 -5.77 1.73
C LEU A 122 9.97 -5.41 2.28
N LYS A 123 10.18 -4.12 2.47
CA LYS A 123 11.47 -3.64 3.00
C LYS A 123 11.75 -4.28 4.36
N ALA A 124 10.72 -4.38 5.19
CA ALA A 124 10.87 -4.97 6.51
C ALA A 124 10.98 -6.48 6.42
N LEU A 125 10.49 -7.04 5.31
CA LEU A 125 10.54 -8.48 5.10
C LEU A 125 11.98 -8.97 5.02
N CYS A 126 12.87 -8.12 4.52
CA CYS A 126 14.28 -8.47 4.40
C CYS A 126 15.00 -8.21 5.71
N THR A 127 14.61 -7.16 6.41
CA THR A 127 15.24 -6.81 7.68
C THR A 127 15.20 -8.00 8.63
N LYS A 128 14.35 -8.98 8.32
CA LYS A 128 14.22 -10.17 9.16
C LYS A 128 13.25 -9.91 10.31
N VAL A 129 12.11 -9.32 9.98
CA VAL A 129 11.11 -9.03 11.00
C VAL A 129 9.71 -9.11 10.40
N PRO A 130 9.12 -10.27 10.42
CA PRO A 130 7.75 -10.50 9.88
C PRO A 130 6.68 -9.86 10.75
N GLU A 131 7.05 -9.48 11.97
CA GLU A 131 6.11 -8.85 12.89
C GLU A 131 5.64 -7.51 12.34
N LEU A 132 6.57 -6.75 11.78
CA LEU A 132 6.24 -5.44 11.21
C LEU A 132 5.22 -5.58 10.10
N ILE A 133 5.31 -6.68 9.35
CA ILE A 133 4.38 -6.93 8.25
C ILE A 133 2.94 -6.91 8.76
N ARG A 134 2.68 -7.67 9.81
CA ARG A 134 1.34 -7.74 10.39
C ARG A 134 0.97 -6.40 11.03
N THR A 135 1.96 -5.74 11.62
CA THR A 135 1.73 -4.47 12.29
C THR A 135 1.37 -3.40 11.26
N ILE A 136 1.92 -3.53 10.06
CA ILE A 136 1.65 -2.57 9.00
C ILE A 136 0.22 -2.70 8.50
N MET A 137 -0.13 -3.89 8.04
CA MET A 137 -1.49 -4.14 7.54
C MET A 137 -2.52 -3.59 8.52
N GLY A 138 -2.13 -3.49 9.79
CA GLY A 138 -3.04 -2.99 10.81
C GLY A 138 -3.31 -1.51 10.62
N TRP A 139 -2.26 -0.76 10.25
CA TRP A 139 -2.40 0.67 10.03
C TRP A 139 -3.29 0.94 8.82
N THR A 140 -3.35 -0.02 7.92
CA THR A 140 -4.16 0.11 6.71
C THR A 140 -5.65 -0.05 7.04
N LEU A 141 -6.02 -1.25 7.46
CA LEU A 141 -7.41 -1.53 7.81
C LEU A 141 -7.93 -0.51 8.80
N ASP A 142 -7.06 -0.03 9.67
CA ASP A 142 -7.43 0.97 10.67
C ASP A 142 -7.81 2.28 10.00
N PHE A 143 -6.94 2.77 9.12
CA PHE A 143 -7.19 4.02 8.42
C PHE A 143 -8.37 3.87 7.46
N LEU A 144 -8.44 2.71 6.81
CA LEU A 144 -9.53 2.45 5.87
C LEU A 144 -10.85 2.26 6.61
N ARG A 145 -10.78 1.65 7.78
CA ARG A 145 -11.98 1.41 8.58
C ARG A 145 -12.33 2.65 9.40
N GLU A 146 -11.42 3.62 9.42
CA GLU A 146 -11.64 4.85 10.17
C GLU A 146 -11.79 6.04 9.21
N ARG A 147 -11.60 5.77 7.92
CA ARG A 147 -11.72 6.82 6.92
C ARG A 147 -12.37 6.29 5.65
N LEU A 148 -11.59 6.19 4.58
CA LEU A 148 -12.10 5.68 3.31
C LEU A 148 -13.43 4.97 3.51
N LEU A 149 -13.63 4.42 4.71
CA LEU A 149 -14.86 3.72 5.02
C LEU A 149 -16.07 4.55 4.62
N GLY A 150 -16.14 5.77 5.16
CA GLY A 150 -17.26 6.66 4.84
C GLY A 150 -17.26 7.04 3.37
N TRP A 151 -16.12 7.47 2.87
CA TRP A 151 -16.01 7.86 1.47
C TRP A 151 -16.18 6.64 0.56
N ILE A 152 -15.36 5.62 0.79
CA ILE A 152 -15.43 4.41 -0.01
C ILE A 152 -16.85 3.87 -0.06
N GLN A 153 -17.58 4.05 1.04
CA GLN A 153 -18.97 3.59 1.11
C GLN A 153 -19.85 4.39 0.16
N ASP A 154 -19.50 5.66 -0.05
CA ASP A 154 -20.27 6.52 -0.93
C ASP A 154 -19.76 6.41 -2.37
N GLN A 155 -18.67 5.66 -2.54
CA GLN A 155 -18.09 5.48 -3.88
C GLN A 155 -18.57 4.18 -4.50
N GLY A 156 -19.42 3.46 -3.77
CA GLY A 156 -19.94 2.18 -4.26
C GLY A 156 -18.97 1.05 -3.99
N GLY A 157 -18.12 1.23 -2.98
CA GLY A 157 -17.14 0.21 -2.62
C GLY A 157 -15.84 0.42 -3.38
N TRP A 158 -15.03 -0.64 -3.46
CA TRP A 158 -13.76 -0.56 -4.16
C TRP A 158 -13.97 -0.53 -5.67
N ASP A 159 -15.23 -0.70 -6.09
CA ASP A 159 -15.55 -0.69 -7.51
C ASP A 159 -15.19 0.65 -8.13
N GLY A 160 -15.50 1.74 -7.43
CA GLY A 160 -15.19 3.07 -7.92
C GLY A 160 -13.72 3.20 -8.30
N LEU A 161 -12.87 2.48 -7.56
CA LEU A 161 -11.43 2.52 -7.82
C LEU A 161 -11.13 1.99 -9.21
N LEU A 162 -11.61 0.78 -9.50
CA LEU A 162 -11.37 0.17 -10.80
C LEU A 162 -12.10 0.93 -11.89
N SER A 163 -13.23 1.53 -11.53
CA SER A 163 -14.03 2.29 -12.49
C SER A 163 -13.28 3.54 -12.93
N TYR A 164 -12.40 4.03 -12.07
CA TYR A 164 -11.62 5.22 -12.37
C TYR A 164 -10.49 4.90 -13.35
N PHE A 165 -9.83 3.77 -13.12
CA PHE A 165 -8.73 3.35 -13.99
C PHE A 165 -9.26 2.88 -15.34
N GLY A 166 -10.16 3.68 -15.92
CA GLY A 166 -10.73 3.34 -17.22
C GLY A 166 -10.64 4.52 -18.19
N THR A 167 -9.53 5.24 -18.13
CA THR A 167 -9.33 6.39 -19.01
C THR A 167 -8.29 6.08 -20.08
N PRO A 168 -8.02 7.02 -20.94
CA PRO A 168 -7.02 6.86 -22.03
C PRO A 168 -5.59 6.87 -21.52
N THR A 169 -4.68 7.41 -22.33
CA THR A 169 -3.27 7.48 -21.94
C THR A 169 -3.13 7.40 -20.42
N TRP A 170 -2.78 6.22 -19.92
CA TRP A 170 -2.61 6.03 -18.49
C TRP A 170 -1.45 6.87 -17.97
N GLN A 171 -0.58 7.31 -18.87
CA GLN A 171 0.56 8.13 -18.49
C GLN A 171 0.13 9.25 -17.55
N THR A 172 -1.17 9.48 -17.49
CA THR A 172 -1.71 10.54 -16.62
C THR A 172 -1.94 10.00 -15.21
N VAL A 173 -2.22 8.70 -15.11
CA VAL A 173 -2.47 8.08 -13.82
C VAL A 173 -1.16 7.95 -13.03
N THR A 174 -0.12 7.48 -13.71
CA THR A 174 1.17 7.31 -13.07
C THR A 174 1.74 8.67 -12.64
N ILE A 175 1.31 9.72 -13.32
CA ILE A 175 1.78 11.07 -12.99
C ILE A 175 0.94 11.67 -11.87
N PHE A 176 -0.13 10.98 -11.50
CA PHE A 176 -1.01 11.46 -10.43
C PHE A 176 -0.61 10.85 -9.10
N VAL A 177 -0.65 9.53 -9.02
CA VAL A 177 -0.30 8.83 -7.78
C VAL A 177 1.16 9.09 -7.43
N ALA A 178 1.93 9.58 -8.40
CA ALA A 178 3.34 9.87 -8.18
C ALA A 178 3.54 11.33 -7.82
N GLY A 179 2.89 12.21 -8.60
CA GLY A 179 3.00 13.65 -8.35
C GLY A 179 2.46 14.01 -6.98
N VAL A 180 1.54 13.20 -6.47
CA VAL A 180 0.95 13.45 -5.17
C VAL A 180 1.80 12.84 -4.06
N LEU A 181 2.13 11.57 -4.20
CA LEU A 181 2.95 10.88 -3.22
C LEU A 181 4.38 11.40 -3.24
N THR A 182 4.95 11.51 -4.44
CA THR A 182 6.32 12.00 -4.60
C THR A 182 6.49 13.32 -3.85
N ALA A 183 5.60 14.27 -4.11
CA ALA A 183 5.66 15.57 -3.45
C ALA A 183 5.87 15.40 -1.96
N SER A 184 5.11 14.50 -1.34
CA SER A 184 5.23 14.25 0.09
C SER A 184 6.67 13.93 0.46
N LEU A 185 7.35 13.18 -0.40
CA LEU A 185 8.73 12.80 -0.15
C LEU A 185 9.67 13.97 -0.44
N THR A 186 9.20 14.92 -1.26
CA THR A 186 10.00 16.07 -1.62
C THR A 186 10.09 17.04 -0.44
N ILE A 187 8.96 17.28 0.21
CA ILE A 187 8.93 18.19 1.35
C ILE A 187 9.56 17.53 2.58
N TRP A 188 9.11 16.33 2.90
CA TRP A 188 9.63 15.60 4.04
C TRP A 188 11.10 15.97 4.28
N LYS A 189 11.92 15.76 3.27
CA LYS A 189 13.34 16.07 3.36
C LYS A 189 14.04 15.84 2.03
N LYS A 190 14.77 16.85 1.58
CA LYS A 190 15.49 16.74 0.30
C LYS A 190 17.00 16.67 0.54
N MET A 191 17.51 15.45 0.70
CA MET A 191 18.93 15.25 0.93
C MET A 191 19.50 14.23 -0.05
N GLY A 192 20.67 14.53 -0.59
CA GLY A 192 21.31 13.62 -1.55
C GLY A 192 22.82 13.78 -1.52
N CYS B 1 23.04 -2.42 -9.72
CA CYS B 1 21.82 -3.14 -10.17
C CYS B 1 21.98 -4.63 -9.89
N GLU B 2 22.99 -4.97 -9.09
CA GLU B 2 23.24 -6.36 -8.75
C GLU B 2 22.18 -6.88 -7.78
N ALA B 3 21.83 -6.06 -6.81
CA ALA B 3 20.83 -6.43 -5.82
C ALA B 3 20.14 -5.20 -5.25
N LEU B 4 19.09 -4.75 -5.92
CA LEU B 4 18.34 -3.58 -5.48
C LEU B 4 19.27 -2.37 -5.35
N LYS B 5 20.01 -2.09 -6.42
CA LYS B 5 20.93 -0.95 -6.42
C LYS B 5 22.08 -1.21 -5.45
N LYS B 6 21.84 -0.92 -4.17
CA LYS B 6 22.87 -1.11 -3.16
C LYS B 6 22.24 -1.23 -1.78
N ALA B 7 22.70 -2.22 -1.00
CA ALA B 7 22.16 -2.42 0.34
C ALA B 7 22.66 -1.34 1.29
N LEU B 8 21.79 -0.93 2.21
CA LEU B 8 22.16 0.11 3.17
C LEU B 8 22.91 -0.50 4.35
N ARG B 9 24.21 -0.74 4.16
CA ARG B 9 25.03 -1.31 5.21
C ARG B 9 25.12 -0.35 6.40
N ARG B 10 25.13 0.94 6.11
CA ARG B 10 25.20 1.95 7.17
C ARG B 10 24.00 1.84 8.10
N HIS B 11 22.82 1.70 7.51
CA HIS B 11 21.59 1.60 8.30
C HIS B 11 21.44 0.18 8.85
N ARG B 12 21.24 -0.78 7.96
CA ARG B 12 21.07 -2.17 8.37
C ARG B 12 21.89 -2.45 9.63
N PHE B 13 23.05 -1.80 9.74
CA PHE B 13 23.91 -1.99 10.90
C PHE B 13 23.56 -0.99 12.00
N LEU B 14 23.13 0.20 11.59
CA LEU B 14 22.76 1.23 12.55
C LEU B 14 21.73 0.70 13.53
N TRP B 15 20.81 -0.14 13.04
CA TRP B 15 19.77 -0.70 13.88
C TRP B 15 20.29 -1.95 14.60
N GLN B 16 20.76 -2.92 13.81
CA GLN B 16 21.27 -4.16 14.39
C GLN B 16 21.93 -3.89 15.74
N ARG B 17 23.02 -3.14 15.72
CA ARG B 17 23.74 -2.82 16.94
C ARG B 17 22.81 -2.13 17.94
N ARG B 18 22.97 -2.47 19.22
CA ARG B 18 22.13 -1.89 20.27
C ARG B 18 22.20 -0.36 20.21
N GLN B 19 23.40 0.17 20.00
CA GLN B 19 23.58 1.61 19.93
C GLN B 19 22.92 2.30 21.12
N ARG B 20 23.00 1.66 22.28
CA ARG B 20 22.40 2.21 23.49
C ARG B 20 20.97 2.67 23.23
N ALA B 21 20.42 2.24 22.09
CA ALA B 21 19.06 2.61 21.73
C ALA B 21 18.87 4.12 21.82
N MET A 1 -22.18 -7.41 24.35
CA MET A 1 -22.23 -8.79 23.79
C MET A 1 -21.91 -8.75 22.30
N ASP A 2 -21.99 -7.56 21.72
CA ASP A 2 -22.41 -7.43 20.33
C ASP A 2 -21.30 -7.87 19.38
N GLY A 3 -20.05 -7.64 19.79
CA GLY A 3 -18.97 -7.47 18.83
C GLY A 3 -19.15 -6.18 18.02
N SER A 4 -20.18 -6.16 17.18
CA SER A 4 -19.97 -5.98 15.74
C SER A 4 -21.25 -5.51 15.07
N GLY A 5 -22.39 -5.99 15.58
CA GLY A 5 -23.47 -5.11 15.99
C GLY A 5 -24.65 -5.90 16.51
N GLU A 6 -25.70 -5.19 16.93
CA GLU A 6 -27.03 -5.42 16.39
C GLU A 6 -27.13 -4.89 14.97
N GLN A 7 -27.71 -5.69 14.07
CA GLN A 7 -28.10 -5.20 12.76
C GLN A 7 -26.89 -4.64 12.01
N PRO A 8 -26.02 -5.50 11.56
CA PRO A 8 -25.65 -5.60 10.12
C PRO A 8 -26.88 -5.62 9.21
N ARG A 9 -26.69 -5.20 7.96
CA ARG A 9 -26.92 -6.10 6.84
C ARG A 9 -25.65 -6.27 6.01
N GLY A 10 -25.69 -7.19 5.05
CA GLY A 10 -25.43 -6.84 3.66
C GLY A 10 -25.54 -8.06 2.76
N GLY A 11 -26.72 -8.68 2.74
CA GLY A 11 -27.35 -9.06 1.47
C GLY A 11 -27.89 -7.85 0.73
N GLY A 12 -27.01 -6.91 0.40
CA GLY A 12 -27.36 -5.50 0.42
C GLY A 12 -26.15 -4.63 0.10
N PRO A 13 -25.26 -5.12 -0.73
CA PRO A 13 -23.94 -5.63 -0.28
C PRO A 13 -22.91 -4.51 -0.13
N THR A 14 -23.25 -3.34 -0.64
CA THR A 14 -22.30 -2.23 -0.72
C THR A 14 -22.10 -1.61 0.66
N SER A 15 -21.30 -2.27 1.49
CA SER A 15 -21.50 -2.20 2.93
C SER A 15 -20.27 -2.73 3.67
N SER A 16 -20.28 -2.60 4.99
CA SER A 16 -19.03 -2.47 5.75
C SER A 16 -18.33 -3.81 5.84
N GLU A 17 -18.99 -4.86 5.37
CA GLU A 17 -18.42 -6.20 5.40
C GLU A 17 -17.69 -6.51 4.10
N GLN A 18 -18.35 -6.23 2.98
CA GLN A 18 -17.75 -6.47 1.68
C GLN A 18 -16.52 -5.60 1.47
N ILE A 19 -16.50 -4.44 2.13
CA ILE A 19 -15.37 -3.53 2.02
C ILE A 19 -14.21 -4.00 2.89
N MET A 20 -14.50 -4.23 4.17
CA MET A 20 -13.47 -4.68 5.10
C MET A 20 -12.82 -5.96 4.60
N LYS A 21 -13.61 -6.82 3.95
CA LYS A 21 -13.09 -8.07 3.42
C LYS A 21 -12.14 -7.80 2.25
N THR A 22 -12.54 -6.90 1.36
CA THR A 22 -11.72 -6.56 0.20
C THR A 22 -10.53 -5.72 0.63
N GLY A 23 -10.54 -5.28 1.88
CA GLY A 23 -9.46 -4.46 2.40
C GLY A 23 -8.24 -5.31 2.76
N ALA A 24 -8.47 -6.33 3.58
CA ALA A 24 -7.40 -7.23 3.99
C ALA A 24 -7.08 -8.23 2.87
N LEU A 25 -7.92 -8.26 1.86
CA LEU A 25 -7.72 -9.16 0.74
C LEU A 25 -6.81 -8.54 -0.31
N LEU A 26 -7.38 -7.67 -1.15
CA LEU A 26 -6.60 -7.00 -2.19
C LEU A 26 -5.13 -6.89 -1.78
N LEU A 27 -4.88 -6.12 -0.73
CA LEU A 27 -3.52 -5.93 -0.25
C LEU A 27 -2.85 -7.28 -0.02
N GLN A 28 -3.45 -8.10 0.83
CA GLN A 28 -2.89 -9.43 1.12
C GLN A 28 -2.51 -10.14 -0.17
N GLY A 29 -3.05 -9.65 -1.29
CA GLY A 29 -2.76 -10.25 -2.59
C GLY A 29 -1.53 -9.61 -3.22
N PHE A 30 -1.68 -8.38 -3.70
CA PHE A 30 -0.58 -7.68 -4.32
C PHE A 30 0.71 -7.89 -3.54
N ILE A 31 0.57 -8.31 -2.28
CA ILE A 31 1.73 -8.56 -1.43
C ILE A 31 2.39 -9.88 -1.80
N GLN A 32 1.71 -10.98 -1.51
CA GLN A 32 2.25 -12.31 -1.81
C GLN A 32 2.07 -12.63 -3.28
N ASP A 33 2.08 -11.60 -4.12
CA ASP A 33 1.91 -11.78 -5.56
C ASP A 33 3.19 -11.42 -6.29
N ARG A 34 3.72 -10.24 -6.01
CA ARG A 34 4.95 -9.78 -6.66
C ARG A 34 6.17 -10.18 -5.84
N ALA A 35 5.98 -10.33 -4.53
CA ALA A 35 7.06 -10.71 -3.64
C ALA A 35 7.02 -12.20 -3.34
N GLY A 36 5.89 -12.83 -3.68
CA GLY A 36 5.74 -14.27 -3.45
C GLY A 36 6.52 -15.07 -4.48
N ARG A 37 6.86 -14.43 -5.59
CA ARG A 37 7.61 -15.10 -6.65
C ARG A 37 8.98 -15.53 -6.13
N MET A 38 9.60 -14.68 -5.31
CA MET A 38 10.91 -14.98 -4.77
C MET A 38 10.83 -16.18 -3.82
N GLY A 39 9.74 -16.27 -3.07
CA GLY A 39 9.56 -17.37 -2.14
C GLY A 39 10.43 -17.20 -0.90
N GLY A 40 11.56 -17.88 -0.87
CA GLY A 40 12.47 -17.81 0.26
C GLY A 40 11.84 -18.43 1.50
N GLU A 41 11.82 -17.67 2.59
CA GLU A 41 11.23 -18.16 3.83
C GLU A 41 9.76 -18.52 3.65
N ALA A 42 9.31 -19.54 4.36
CA ALA A 42 7.92 -19.98 4.26
C ALA A 42 6.99 -18.76 4.16
N PRO A 43 5.84 -18.96 3.59
CA PRO A 43 4.83 -17.87 3.41
C PRO A 43 4.69 -17.01 4.66
N GLU A 44 5.23 -15.79 4.60
CA GLU A 44 5.15 -14.88 5.74
C GLU A 44 3.83 -14.13 5.73
N LEU A 45 3.11 -14.20 4.61
CA LEU A 45 1.83 -13.53 4.49
C LEU A 45 0.68 -14.50 4.78
N ALA A 46 0.61 -14.97 6.01
CA ALA A 46 -0.44 -15.90 6.40
C ALA A 46 -1.77 -15.17 6.60
N LEU A 47 -2.84 -15.74 6.09
CA LEU A 47 -4.16 -15.15 6.23
C LEU A 47 -5.25 -16.19 6.04
N ASP A 48 -6.37 -15.78 5.43
CA ASP A 48 -7.48 -16.69 5.20
C ASP A 48 -7.96 -16.59 3.75
N PRO A 49 -7.29 -17.28 2.86
CA PRO A 49 -7.65 -17.29 1.41
C PRO A 49 -8.85 -18.18 1.13
N VAL A 50 -9.89 -18.03 1.94
CA VAL A 50 -11.10 -18.83 1.76
C VAL A 50 -11.87 -18.37 0.52
N PRO A 51 -11.91 -17.09 0.29
CA PRO A 51 -12.61 -16.51 -0.90
C PRO A 51 -11.84 -16.72 -2.19
N GLN A 52 -12.54 -16.67 -3.31
CA GLN A 52 -11.91 -16.88 -4.61
C GLN A 52 -12.64 -16.09 -5.70
N ASP A 53 -13.37 -15.06 -5.27
CA ASP A 53 -14.10 -14.22 -6.21
C ASP A 53 -13.14 -13.60 -7.23
N ALA A 54 -13.55 -13.44 -8.50
CA ALA A 54 -12.59 -12.91 -9.47
C ALA A 54 -12.60 -11.39 -9.46
N SER A 55 -13.47 -10.82 -8.63
CA SER A 55 -13.57 -9.36 -8.53
C SER A 55 -12.23 -8.76 -8.09
N THR A 56 -11.56 -9.43 -7.17
CA THR A 56 -10.27 -8.95 -6.68
C THR A 56 -9.16 -9.36 -7.64
N LYS A 57 -9.30 -10.53 -8.26
CA LYS A 57 -8.30 -11.01 -9.20
C LYS A 57 -7.95 -9.93 -10.22
N LYS A 58 -8.98 -9.42 -10.91
CA LYS A 58 -8.77 -8.38 -11.91
C LYS A 58 -8.13 -7.15 -11.28
N LEU A 59 -8.68 -6.71 -10.15
CA LEU A 59 -8.15 -5.54 -9.47
C LEU A 59 -6.71 -5.78 -9.02
N SER A 60 -6.37 -7.04 -8.81
CA SER A 60 -5.01 -7.40 -8.39
C SER A 60 -4.03 -7.19 -9.52
N GLU A 61 -4.47 -7.46 -10.75
CA GLU A 61 -3.61 -7.31 -11.92
C GLU A 61 -3.22 -5.85 -12.10
N CYS A 62 -4.11 -4.95 -11.71
CA CYS A 62 -3.85 -3.51 -11.83
C CYS A 62 -2.67 -3.11 -10.94
N LEU A 63 -2.60 -3.71 -9.77
CA LEU A 63 -1.51 -3.40 -8.84
C LEU A 63 -0.21 -4.05 -9.29
N LYS A 64 -0.33 -5.13 -10.07
CA LYS A 64 0.85 -5.83 -10.57
C LYS A 64 1.37 -5.17 -11.84
N ARG A 65 0.45 -4.68 -12.67
CA ARG A 65 0.83 -4.03 -13.91
C ARG A 65 1.52 -2.70 -13.63
N ILE A 66 0.96 -1.93 -12.70
CA ILE A 66 1.53 -0.63 -12.35
C ILE A 66 2.76 -0.82 -11.46
N GLY A 67 2.71 -1.83 -10.60
CA GLY A 67 3.83 -2.11 -9.70
C GLY A 67 5.09 -2.42 -10.48
N ASP A 68 4.96 -3.26 -11.50
CA ASP A 68 6.11 -3.63 -12.32
C ASP A 68 6.68 -2.41 -13.04
N GLU A 69 5.80 -1.49 -13.41
CA GLU A 69 6.23 -0.28 -14.10
C GLU A 69 6.77 0.74 -13.11
N LEU A 70 5.95 1.13 -12.15
CA LEU A 70 6.37 2.10 -11.14
C LEU A 70 7.64 1.62 -10.44
N ASP A 71 7.68 0.34 -10.11
CA ASP A 71 8.85 -0.23 -9.44
C ASP A 71 10.08 -0.17 -10.34
N SER A 72 9.85 0.20 -11.61
CA SER A 72 10.94 0.28 -12.57
C SER A 72 11.43 1.72 -12.69
N ASN A 73 10.92 2.59 -11.82
CA ASN A 73 11.33 3.99 -11.84
C ASN A 73 12.48 4.23 -10.87
N MET A 74 13.66 4.52 -11.42
CA MET A 74 14.83 4.77 -10.59
C MET A 74 14.67 6.07 -9.80
N GLU A 75 13.66 6.85 -10.16
CA GLU A 75 13.40 8.11 -9.48
C GLU A 75 12.67 7.88 -8.16
N LEU A 76 11.42 7.42 -8.25
CA LEU A 76 10.63 7.15 -7.06
C LEU A 76 11.32 6.10 -6.18
N GLN A 77 11.88 5.09 -6.82
CA GLN A 77 12.56 4.02 -6.08
C GLN A 77 13.75 4.59 -5.30
N ARG A 78 14.44 5.55 -5.89
CA ARG A 78 15.59 6.16 -5.24
C ARG A 78 15.14 7.00 -4.05
N MET A 79 14.09 7.78 -4.23
CA MET A 79 13.57 8.62 -3.16
C MET A 79 13.27 7.79 -1.92
N ILE A 80 12.64 6.64 -2.13
CA ILE A 80 12.30 5.75 -1.03
C ILE A 80 13.55 5.27 -0.31
N ALA A 81 14.67 5.28 -1.02
CA ALA A 81 15.93 4.84 -0.45
C ALA A 81 16.61 5.99 0.29
N ALA A 82 16.20 7.21 -0.02
CA ALA A 82 16.78 8.39 0.62
C ALA A 82 16.05 8.70 1.93
N VAL A 83 14.88 8.09 2.10
CA VAL A 83 14.09 8.31 3.30
C VAL A 83 14.46 7.30 4.38
N ASP A 84 15.53 7.59 5.13
CA ASP A 84 15.97 6.70 6.19
C ASP A 84 14.80 6.19 7.01
N THR A 85 15.00 5.08 7.70
CA THR A 85 13.94 4.50 8.53
C THR A 85 14.34 4.53 10.00
N ASP A 86 13.46 5.07 10.84
CA ASP A 86 13.73 5.14 12.27
C ASP A 86 12.43 5.26 13.06
N SER A 87 11.31 5.24 12.35
CA SER A 87 10.00 5.34 13.00
C SER A 87 8.88 5.19 11.97
N PRO A 88 8.69 3.99 11.48
CA PRO A 88 7.63 3.70 10.47
C PRO A 88 6.27 4.23 10.90
N ARG A 89 6.07 4.34 12.21
CA ARG A 89 4.81 4.84 12.73
C ARG A 89 4.70 6.35 12.56
N GLU A 90 5.80 7.04 12.87
CA GLU A 90 5.83 8.50 12.75
C GLU A 90 5.74 8.91 11.29
N VAL A 91 6.74 8.53 10.50
CA VAL A 91 6.76 8.86 9.08
C VAL A 91 5.46 8.44 8.40
N PHE A 92 5.11 7.16 8.55
CA PHE A 92 3.88 6.64 7.95
C PHE A 92 2.74 7.63 8.14
N PHE A 93 2.47 7.99 9.39
CA PHE A 93 1.40 8.92 9.70
C PHE A 93 1.70 10.30 9.11
N ARG A 94 2.98 10.64 9.04
CA ARG A 94 3.40 11.92 8.49
C ARG A 94 3.15 11.97 6.99
N VAL A 95 3.78 11.05 6.26
CA VAL A 95 3.62 10.99 4.81
C VAL A 95 2.15 10.81 4.44
N ALA A 96 1.49 9.85 5.08
CA ALA A 96 0.09 9.58 4.81
C ALA A 96 -0.74 10.85 4.96
N ALA A 97 -0.26 11.76 5.81
CA ALA A 97 -0.97 13.02 6.05
C ALA A 97 -0.65 14.02 4.95
N ASP A 98 0.62 14.05 4.53
CA ASP A 98 1.04 14.97 3.49
C ASP A 98 0.31 14.67 2.17
N MET A 99 0.12 13.40 1.89
CA MET A 99 -0.57 12.99 0.67
C MET A 99 -1.72 13.95 0.36
N PHE A 100 -2.75 13.91 1.19
CA PHE A 100 -3.91 14.77 0.99
C PHE A 100 -3.99 15.81 2.10
N SER A 101 -2.94 16.60 2.25
CA SER A 101 -2.90 17.64 3.27
C SER A 101 -3.78 18.82 2.88
N ASP A 102 -3.96 19.01 1.57
CA ASP A 102 -4.78 20.11 1.08
C ASP A 102 -5.33 19.78 -0.32
N GLY A 103 -4.70 18.82 -0.98
CA GLY A 103 -5.13 18.42 -2.32
C GLY A 103 -6.60 18.72 -2.52
N ASN A 104 -7.46 17.83 -2.02
CA ASN A 104 -8.90 18.01 -2.16
C ASN A 104 -9.64 16.80 -1.63
N PHE A 105 -9.09 16.19 -0.58
CA PHE A 105 -9.71 15.02 0.03
C PHE A 105 -10.22 14.06 -1.06
N ASN A 106 -9.55 14.07 -2.20
CA ASN A 106 -9.94 13.20 -3.30
C ASN A 106 -10.04 11.75 -2.84
N TRP A 107 -9.11 10.92 -3.29
CA TRP A 107 -9.11 9.51 -2.90
C TRP A 107 -8.04 8.75 -3.67
N GLY A 108 -7.68 9.25 -4.84
CA GLY A 108 -6.65 8.61 -5.65
C GLY A 108 -5.40 8.33 -4.83
N ARG A 109 -5.02 9.29 -3.99
CA ARG A 109 -3.83 9.13 -3.16
C ARG A 109 -3.86 7.78 -2.45
N VAL A 110 -5.05 7.24 -2.25
CA VAL A 110 -5.20 5.96 -1.58
C VAL A 110 -4.33 4.89 -2.25
N VAL A 111 -4.55 4.69 -3.54
CA VAL A 111 -3.78 3.70 -4.29
C VAL A 111 -2.29 3.83 -3.96
N ALA A 112 -1.79 5.05 -3.98
CA ALA A 112 -0.38 5.30 -3.69
C ALA A 112 -0.03 4.78 -2.30
N LEU A 113 -0.98 4.87 -1.38
CA LEU A 113 -0.75 4.39 -0.01
C LEU A 113 -0.37 2.93 -0.01
N PHE A 114 -1.11 2.12 -0.78
CA PHE A 114 -0.83 0.69 -0.86
C PHE A 114 0.59 0.45 -1.34
N TYR A 115 1.01 1.20 -2.34
CA TYR A 115 2.36 1.05 -2.89
C TYR A 115 3.39 1.54 -1.87
N PHE A 116 3.09 2.66 -1.22
CA PHE A 116 4.02 3.22 -0.23
C PHE A 116 4.24 2.23 0.91
N ALA A 117 3.16 1.58 1.33
CA ALA A 117 3.26 0.60 2.41
C ALA A 117 3.96 -0.66 1.93
N SER A 118 3.78 -0.98 0.65
CA SER A 118 4.42 -2.17 0.08
C SER A 118 5.89 -2.21 0.43
N LYS A 119 6.55 -1.06 0.33
CA LYS A 119 7.98 -0.97 0.64
C LYS A 119 8.23 -1.33 2.10
N LEU A 120 7.38 -0.83 2.99
CA LEU A 120 7.52 -1.10 4.42
C LEU A 120 7.20 -2.56 4.70
N VAL A 121 6.34 -3.16 3.88
CA VAL A 121 5.97 -4.55 4.05
C VAL A 121 7.05 -5.47 3.50
N LEU A 122 7.42 -5.25 2.23
CA LEU A 122 8.44 -6.06 1.60
C LEU A 122 9.82 -5.71 2.15
N LYS A 123 10.06 -4.42 2.36
CA LYS A 123 11.34 -3.96 2.89
C LYS A 123 11.61 -4.60 4.24
N ALA A 124 10.58 -4.71 5.07
CA ALA A 124 10.71 -5.31 6.39
C ALA A 124 10.79 -6.83 6.27
N LEU A 125 10.32 -7.36 5.16
CA LEU A 125 10.34 -8.80 4.94
C LEU A 125 11.78 -9.31 4.85
N CYS A 126 12.67 -8.46 4.34
CA CYS A 126 14.07 -8.84 4.22
C CYS A 126 14.81 -8.59 5.53
N THR A 127 14.40 -7.55 6.25
CA THR A 127 15.04 -7.21 7.52
C THR A 127 15.00 -8.40 8.47
N LYS A 128 14.06 -9.32 8.23
CA LYS A 128 13.92 -10.50 9.07
C LYS A 128 13.03 -10.20 10.26
N VAL A 129 11.82 -9.71 9.98
CA VAL A 129 10.88 -9.37 11.04
C VAL A 129 9.45 -9.43 10.52
N PRO A 130 8.97 -10.61 10.22
CA PRO A 130 7.58 -10.82 9.70
C PRO A 130 6.55 -10.08 10.53
N GLU A 131 6.84 -9.87 11.81
CA GLU A 131 5.92 -9.18 12.70
C GLU A 131 5.49 -7.85 12.10
N LEU A 132 6.46 -7.04 11.70
CA LEU A 132 6.18 -5.75 11.11
C LEU A 132 5.15 -5.87 9.98
N ILE A 133 5.22 -6.98 9.25
CA ILE A 133 4.30 -7.22 8.15
C ILE A 133 2.86 -7.18 8.65
N ARG A 134 2.58 -7.94 9.70
CA ARG A 134 1.23 -7.97 10.26
C ARG A 134 0.88 -6.64 10.92
N THR A 135 1.88 -6.01 11.53
CA THR A 135 1.67 -4.73 12.19
C THR A 135 1.31 -3.65 11.17
N ILE A 136 1.85 -3.77 9.97
CA ILE A 136 1.59 -2.80 8.91
C ILE A 136 0.14 -2.91 8.43
N MET A 137 -0.23 -4.09 7.95
CA MET A 137 -1.58 -4.32 7.47
C MET A 137 -2.61 -3.76 8.44
N GLY A 138 -2.21 -3.68 9.72
CA GLY A 138 -3.11 -3.16 10.74
C GLY A 138 -3.36 -1.67 10.55
N TRP A 139 -2.31 -0.94 10.19
CA TRP A 139 -2.43 0.50 9.98
C TRP A 139 -3.31 0.79 8.78
N THR A 140 -3.39 -0.17 7.86
CA THR A 140 -4.21 -0.01 6.67
C THR A 140 -5.70 -0.16 7.00
N LEU A 141 -6.08 -1.35 7.41
CA LEU A 141 -7.47 -1.62 7.76
C LEU A 141 -7.98 -0.59 8.76
N ASP A 142 -7.09 -0.13 9.63
CA ASP A 142 -7.46 0.86 10.64
C ASP A 142 -7.81 2.18 9.98
N PHE A 143 -6.93 2.66 9.11
CA PHE A 143 -7.18 3.93 8.41
C PHE A 143 -8.36 3.79 7.45
N LEU A 144 -8.45 2.64 6.79
CA LEU A 144 -9.54 2.41 5.85
C LEU A 144 -10.86 2.23 6.60
N ARG A 145 -10.80 1.61 7.77
CA ARG A 145 -12.00 1.38 8.58
C ARG A 145 -12.34 2.63 9.39
N GLU A 146 -11.41 3.58 9.42
CA GLU A 146 -11.61 4.82 10.17
C GLU A 146 -11.75 6.00 9.23
N ARG A 147 -11.56 5.75 7.94
CA ARG A 147 -11.66 6.80 6.94
C ARG A 147 -12.33 6.28 5.67
N LEU A 148 -11.55 6.17 4.60
CA LEU A 148 -12.07 5.68 3.33
C LEU A 148 -13.42 4.99 3.52
N LEU A 149 -13.62 4.45 4.73
CA LEU A 149 -14.87 3.75 5.04
C LEU A 149 -16.07 4.61 4.64
N GLY A 150 -16.12 5.82 5.18
CA GLY A 150 -17.22 6.73 4.87
C GLY A 150 -17.23 7.11 3.40
N TRP A 151 -16.07 7.54 2.90
CA TRP A 151 -15.96 7.93 1.50
C TRP A 151 -16.15 6.73 0.59
N ILE A 152 -15.34 5.69 0.81
CA ILE A 152 -15.42 4.48 0.00
C ILE A 152 -16.87 3.97 -0.04
N GLN A 153 -17.59 4.16 1.06
CA GLN A 153 -18.97 3.72 1.14
C GLN A 153 -19.85 4.54 0.20
N ASP A 154 -19.47 5.80 0.00
CA ASP A 154 -20.23 6.68 -0.88
C ASP A 154 -19.72 6.58 -2.31
N GLN A 155 -18.66 5.79 -2.50
CA GLN A 155 -18.09 5.62 -3.83
C GLN A 155 -18.58 4.33 -4.46
N GLY A 156 -19.44 3.61 -3.74
CA GLY A 156 -19.99 2.36 -4.25
C GLY A 156 -19.03 1.20 -3.97
N GLY A 157 -18.18 1.37 -2.97
CA GLY A 157 -17.21 0.33 -2.62
C GLY A 157 -15.91 0.53 -3.39
N TRP A 158 -15.12 -0.53 -3.48
CA TRP A 158 -13.84 -0.48 -4.19
C TRP A 158 -14.07 -0.43 -5.70
N ASP A 159 -15.32 -0.57 -6.10
CA ASP A 159 -15.66 -0.56 -7.52
C ASP A 159 -15.28 0.78 -8.15
N GLY A 160 -15.56 1.86 -7.43
CA GLY A 160 -15.24 3.20 -7.92
C GLY A 160 -13.77 3.31 -8.29
N LEU A 161 -12.92 2.57 -7.57
CA LEU A 161 -11.49 2.59 -7.83
C LEU A 161 -11.19 2.06 -9.23
N LEU A 162 -11.69 0.87 -9.52
CA LEU A 162 -11.47 0.26 -10.83
C LEU A 162 -12.21 1.04 -11.92
N SER A 163 -13.32 1.65 -11.54
CA SER A 163 -14.11 2.43 -12.50
C SER A 163 -13.35 3.68 -12.92
N TYR A 164 -12.44 4.12 -12.07
CA TYR A 164 -11.65 5.31 -12.36
C TYR A 164 -10.51 4.98 -13.33
N PHE A 165 -9.87 3.84 -13.10
CA PHE A 165 -8.77 3.42 -13.96
C PHE A 165 -9.28 2.99 -15.33
N GLY A 166 -10.09 3.85 -15.94
CA GLY A 166 -10.64 3.55 -17.25
C GLY A 166 -10.55 4.77 -18.17
N THR A 167 -9.42 5.46 -18.14
CA THR A 167 -9.22 6.64 -18.96
C THR A 167 -8.18 6.37 -20.03
N PRO A 168 -8.16 7.18 -21.06
CA PRO A 168 -7.18 7.04 -22.18
C PRO A 168 -5.75 6.85 -21.68
N THR A 169 -4.81 7.54 -22.32
CA THR A 169 -3.41 7.45 -21.91
C THR A 169 -3.28 7.36 -20.40
N TRP A 170 -2.80 6.21 -19.93
CA TRP A 170 -2.63 6.01 -18.49
C TRP A 170 -1.48 6.83 -17.97
N GLN A 171 -0.61 7.27 -18.87
CA GLN A 171 0.55 8.08 -18.48
C GLN A 171 0.13 9.19 -17.53
N THR A 172 -1.17 9.46 -17.48
CA THR A 172 -1.69 10.52 -16.60
C THR A 172 -1.92 9.98 -15.20
N VAL A 173 -2.23 8.69 -15.11
CA VAL A 173 -2.47 8.06 -13.81
C VAL A 173 -1.17 7.90 -13.04
N THR A 174 -0.13 7.43 -13.71
CA THR A 174 1.17 7.23 -13.08
C THR A 174 1.76 8.57 -12.65
N ILE A 175 1.34 9.64 -13.31
CA ILE A 175 1.83 10.98 -12.98
C ILE A 175 1.01 11.59 -11.86
N PHE A 176 -0.08 10.91 -11.49
CA PHE A 176 -0.93 11.40 -10.41
C PHE A 176 -0.55 10.77 -9.08
N VAL A 177 -0.61 9.44 -9.01
CA VAL A 177 -0.26 8.73 -7.78
C VAL A 177 1.20 8.97 -7.43
N ALA A 178 1.97 9.46 -8.40
CA ALA A 178 3.38 9.73 -8.18
C ALA A 178 3.61 11.19 -7.82
N GLY A 179 2.97 12.08 -8.59
CA GLY A 179 3.10 13.50 -8.34
C GLY A 179 2.57 13.88 -6.96
N VAL A 180 1.65 13.07 -6.46
CA VAL A 180 1.06 13.33 -5.14
C VAL A 180 1.92 12.70 -4.05
N LEU A 181 2.23 11.41 -4.20
CA LEU A 181 3.03 10.72 -3.22
C LEU A 181 4.48 11.22 -3.25
N THR A 182 5.04 11.31 -4.44
CA THR A 182 6.41 11.79 -4.60
C THR A 182 6.61 13.10 -3.84
N ALA A 183 5.73 14.07 -4.10
CA ALA A 183 5.82 15.36 -3.43
C ALA A 183 6.03 15.18 -1.94
N SER A 184 5.25 14.28 -1.34
CA SER A 184 5.36 14.03 0.09
C SER A 184 6.80 13.68 0.46
N LEU A 185 7.46 12.92 -0.41
CA LEU A 185 8.85 12.52 -0.16
C LEU A 185 9.79 13.68 -0.46
N THR A 186 9.34 14.63 -1.26
CA THR A 186 10.15 15.79 -1.61
C THR A 186 10.27 16.75 -0.43
N ILE A 187 9.14 17.00 0.23
CA ILE A 187 9.12 17.90 1.37
C ILE A 187 9.75 17.23 2.59
N TRP A 188 9.28 16.03 2.91
CA TRP A 188 9.80 15.29 4.05
C TRP A 188 11.27 15.64 4.28
N LYS A 189 12.09 15.42 3.26
CA LYS A 189 13.52 15.71 3.36
C LYS A 189 14.21 15.47 2.02
N LYS A 190 14.96 16.47 1.56
CA LYS A 190 15.66 16.37 0.30
C LYS A 190 17.17 16.26 0.53
N MET A 191 17.66 15.04 0.67
CA MET A 191 19.08 14.82 0.90
C MET A 191 19.63 13.79 -0.08
N GLY A 192 20.81 14.08 -0.64
CA GLY A 192 21.43 13.17 -1.59
C GLY A 192 22.95 13.31 -1.56
N CYS B 1 23.25 -6.32 -12.19
CA CYS B 1 23.31 -6.30 -10.70
C CYS B 1 22.72 -7.59 -10.14
N GLU B 2 23.53 -8.33 -9.38
CA GLU B 2 23.07 -9.58 -8.80
C GLU B 2 21.95 -9.32 -7.80
N ALA B 3 22.23 -8.47 -6.82
CA ALA B 3 21.23 -8.16 -5.79
C ALA B 3 19.92 -7.71 -6.45
N LEU B 4 18.87 -7.63 -5.65
CA LEU B 4 17.57 -7.22 -6.15
C LEU B 4 17.66 -5.83 -6.79
N LYS B 5 18.42 -4.95 -6.17
CA LYS B 5 18.58 -3.59 -6.68
C LYS B 5 19.56 -2.80 -5.82
N LYS B 6 19.10 -2.36 -4.65
CA LYS B 6 19.95 -1.59 -3.75
C LYS B 6 19.64 -1.94 -2.30
N ALA B 7 20.66 -1.84 -1.45
CA ALA B 7 20.48 -2.15 -0.04
C ALA B 7 21.34 -1.23 0.83
N LEU B 8 20.75 -0.71 1.89
CA LEU B 8 21.47 0.19 2.78
C LEU B 8 22.00 -0.57 4.00
N ARG B 9 23.26 -0.32 4.33
CA ARG B 9 23.88 -0.98 5.48
C ARG B 9 23.68 -0.17 6.74
N ARG B 10 23.18 1.05 6.57
CA ARG B 10 22.93 1.93 7.71
C ARG B 10 21.89 1.32 8.65
N HIS B 11 20.82 0.78 8.07
CA HIS B 11 19.77 0.16 8.87
C HIS B 11 20.18 -1.25 9.29
N ARG B 12 20.33 -2.13 8.31
CA ARG B 12 20.71 -3.51 8.59
C ARG B 12 21.69 -3.56 9.78
N PHE B 13 22.48 -2.51 9.93
CA PHE B 13 23.44 -2.44 11.02
C PHE B 13 22.84 -1.72 12.23
N LEU B 14 21.91 -0.82 11.95
CA LEU B 14 21.25 -0.06 13.02
C LEU B 14 20.55 -1.01 13.99
N TRP B 15 20.02 -2.11 13.46
CA TRP B 15 19.33 -3.08 14.29
C TRP B 15 20.31 -4.08 14.88
N GLN B 16 21.08 -4.73 14.03
CA GLN B 16 22.07 -5.70 14.48
C GLN B 16 22.65 -5.29 15.83
N ARG B 17 23.48 -4.25 15.81
CA ARG B 17 24.10 -3.76 17.04
C ARG B 17 23.27 -2.64 17.65
N ARG B 18 22.77 -2.87 18.86
CA ARG B 18 21.96 -1.87 19.55
C ARG B 18 22.02 -2.07 21.06
N GLN B 19 22.70 -1.18 21.75
CA GLN B 19 22.82 -1.28 23.21
C GLN B 19 21.51 -0.93 23.87
N ARG B 20 20.83 0.08 23.34
CA ARG B 20 19.54 0.51 23.91
C ARG B 20 18.40 0.13 22.97
N ALA B 21 17.49 -0.70 23.47
CA ALA B 21 16.34 -1.13 22.67
C ALA B 21 15.57 0.08 22.15
N MET A 1 -42.21 14.47 8.09
CA MET A 1 -42.55 13.25 7.32
C MET A 1 -41.49 12.18 7.55
N ASP A 2 -40.32 12.59 8.04
CA ASP A 2 -39.24 11.67 8.31
C ASP A 2 -39.69 10.56 9.26
N GLY A 3 -40.20 10.96 10.42
CA GLY A 3 -40.67 10.00 11.41
C GLY A 3 -39.53 9.48 12.26
N SER A 4 -38.61 8.74 11.64
CA SER A 4 -37.46 8.20 12.35
C SER A 4 -36.25 8.13 11.44
N GLY A 5 -36.49 8.08 10.13
CA GLY A 5 -35.41 8.00 9.16
C GLY A 5 -35.83 7.20 7.94
N GLU A 6 -34.91 7.05 6.99
CA GLU A 6 -35.19 6.30 5.77
C GLU A 6 -34.21 5.14 5.62
N GLN A 7 -34.70 3.93 5.84
CA GLN A 7 -33.86 2.75 5.72
C GLN A 7 -33.37 2.30 7.10
N PRO A 8 -34.29 2.00 7.98
CA PRO A 8 -33.97 1.55 9.37
C PRO A 8 -32.91 0.45 9.38
N ARG A 9 -32.30 0.23 10.54
CA ARG A 9 -31.28 -0.80 10.66
C ARG A 9 -31.30 -1.72 9.44
N GLY A 10 -30.13 -2.22 9.07
CA GLY A 10 -30.02 -3.10 7.91
C GLY A 10 -28.56 -3.47 7.64
N GLY A 11 -27.66 -2.96 8.45
CA GLY A 11 -26.24 -3.25 8.28
C GLY A 11 -26.02 -4.24 7.15
N GLY A 12 -26.16 -3.77 5.92
CA GLY A 12 -25.98 -4.61 4.75
C GLY A 12 -25.42 -3.81 3.58
N PRO A 13 -26.24 -3.00 2.97
CA PRO A 13 -25.83 -2.15 1.82
C PRO A 13 -24.50 -1.45 2.06
N THR A 14 -24.47 -0.57 3.05
CA THR A 14 -23.25 0.17 3.37
C THR A 14 -22.02 -0.68 3.10
N SER A 15 -22.24 -1.98 2.90
CA SER A 15 -21.13 -2.89 2.62
C SER A 15 -19.97 -2.62 3.57
N SER A 16 -20.14 -3.00 4.83
CA SER A 16 -19.09 -2.79 5.82
C SER A 16 -18.20 -4.01 5.93
N GLU A 17 -18.71 -5.16 5.49
CA GLU A 17 -17.95 -6.40 5.53
C GLU A 17 -17.23 -6.63 4.22
N GLN A 18 -17.97 -6.55 3.11
CA GLN A 18 -17.38 -6.76 1.79
C GLN A 18 -16.16 -5.86 1.60
N ILE A 19 -16.24 -4.65 2.13
CA ILE A 19 -15.13 -3.71 2.00
C ILE A 19 -13.95 -4.14 2.88
N MET A 20 -14.24 -4.45 4.15
CA MET A 20 -13.20 -4.87 5.07
C MET A 20 -12.50 -6.12 4.57
N LYS A 21 -13.27 -7.02 3.94
CA LYS A 21 -12.72 -8.25 3.42
C LYS A 21 -11.76 -7.98 2.25
N THR A 22 -12.18 -7.08 1.36
CA THR A 22 -11.36 -6.73 0.21
C THR A 22 -10.16 -5.89 0.63
N GLY A 23 -10.22 -5.34 1.84
CA GLY A 23 -9.14 -4.51 2.34
C GLY A 23 -7.93 -5.35 2.71
N ALA A 24 -8.14 -6.36 3.55
CA ALA A 24 -7.05 -7.23 3.97
C ALA A 24 -6.72 -8.24 2.87
N LEU A 25 -7.58 -8.30 1.86
CA LEU A 25 -7.36 -9.22 0.75
C LEU A 25 -6.46 -8.59 -0.32
N LEU A 26 -7.04 -7.69 -1.11
CA LEU A 26 -6.29 -7.02 -2.17
C LEU A 26 -4.83 -6.86 -1.76
N LEU A 27 -4.60 -6.09 -0.69
CA LEU A 27 -3.24 -5.87 -0.21
C LEU A 27 -2.52 -7.20 0.01
N GLN A 28 -3.12 -8.06 0.84
CA GLN A 28 -2.53 -9.36 1.13
C GLN A 28 -2.12 -10.07 -0.16
N GLY A 29 -2.68 -9.61 -1.28
CA GLY A 29 -2.36 -10.21 -2.58
C GLY A 29 -1.15 -9.54 -3.20
N PHE A 30 -1.33 -8.31 -3.66
CA PHE A 30 -0.25 -7.57 -4.29
C PHE A 30 1.05 -7.75 -3.50
N ILE A 31 0.92 -8.17 -2.25
CA ILE A 31 2.09 -8.38 -1.40
C ILE A 31 2.78 -9.69 -1.77
N GLN A 32 2.13 -10.81 -1.48
CA GLN A 32 2.69 -12.11 -1.78
C GLN A 32 2.52 -12.45 -3.26
N ASP A 33 2.50 -11.41 -4.09
CA ASP A 33 2.34 -11.60 -5.53
C ASP A 33 3.62 -11.21 -6.27
N ARG A 34 4.11 -10.02 -5.98
CA ARG A 34 5.33 -9.53 -6.62
C ARG A 34 6.56 -9.91 -5.80
N ALA A 35 6.37 -10.06 -4.50
CA ALA A 35 7.46 -10.42 -3.60
C ALA A 35 7.44 -11.90 -3.30
N GLY A 36 6.34 -12.56 -3.65
CA GLY A 36 6.21 -14.00 -3.40
C GLY A 36 7.21 -14.78 -4.24
N ARG A 37 7.48 -14.30 -5.45
CA ARG A 37 8.42 -14.97 -6.34
C ARG A 37 8.23 -16.48 -6.28
N MET A 38 8.97 -17.14 -5.40
CA MET A 38 8.86 -18.59 -5.25
C MET A 38 8.88 -18.98 -3.78
N GLY A 39 8.14 -20.03 -3.45
CA GLY A 39 8.08 -20.51 -2.07
C GLY A 39 6.79 -21.29 -1.81
N GLY A 40 6.04 -20.85 -0.82
CA GLY A 40 4.78 -21.51 -0.48
C GLY A 40 4.99 -22.53 0.64
N GLU A 41 6.25 -22.79 0.96
CA GLU A 41 6.56 -23.76 2.01
C GLU A 41 6.37 -23.13 3.39
N ALA A 42 6.59 -21.83 3.48
CA ALA A 42 6.43 -21.12 4.76
C ALA A 42 6.40 -19.61 4.53
N PRO A 43 5.51 -19.17 3.69
CA PRO A 43 5.37 -17.71 3.37
C PRO A 43 5.32 -16.85 4.63
N GLU A 44 5.68 -15.58 4.49
CA GLU A 44 5.67 -14.66 5.63
C GLU A 44 4.34 -13.90 5.68
N LEU A 45 3.55 -14.02 4.62
CA LEU A 45 2.27 -13.34 4.56
C LEU A 45 1.13 -14.32 4.83
N ALA A 46 1.10 -14.86 6.04
CA ALA A 46 0.06 -15.81 6.42
C ALA A 46 -1.28 -15.10 6.59
N LEU A 47 -2.35 -15.71 6.09
CA LEU A 47 -3.68 -15.13 6.19
C LEU A 47 -4.19 -14.73 4.81
N ASP A 48 -4.73 -15.69 4.08
CA ASP A 48 -5.26 -15.42 2.74
C ASP A 48 -5.91 -16.67 2.16
N PRO A 49 -7.05 -17.04 2.69
CA PRO A 49 -7.80 -18.24 2.22
C PRO A 49 -7.95 -18.26 0.70
N VAL A 50 -8.20 -19.45 0.15
CA VAL A 50 -8.38 -19.59 -1.30
C VAL A 50 -9.04 -18.34 -1.87
N PRO A 51 -9.03 -18.22 -3.17
CA PRO A 51 -9.65 -17.06 -3.87
C PRO A 51 -11.17 -17.06 -3.76
N GLN A 52 -11.70 -16.03 -3.08
CA GLN A 52 -13.14 -15.92 -2.91
C GLN A 52 -13.83 -15.62 -4.24
N ASP A 53 -13.26 -14.68 -4.99
CA ASP A 53 -13.82 -14.30 -6.28
C ASP A 53 -12.74 -13.72 -7.19
N ALA A 54 -13.06 -13.61 -8.48
CA ALA A 54 -12.11 -13.06 -9.44
C ALA A 54 -12.15 -11.54 -9.42
N SER A 55 -13.05 -10.99 -8.62
CA SER A 55 -13.17 -9.54 -8.53
C SER A 55 -11.86 -8.91 -8.10
N THR A 56 -11.18 -9.57 -7.16
CA THR A 56 -9.89 -9.06 -6.67
C THR A 56 -8.77 -9.44 -7.63
N LYS A 57 -8.89 -10.60 -8.24
CA LYS A 57 -7.88 -11.07 -9.19
C LYS A 57 -7.56 -9.99 -10.21
N LYS A 58 -8.60 -9.50 -10.89
CA LYS A 58 -8.41 -8.45 -11.90
C LYS A 58 -7.80 -7.21 -11.27
N LEU A 59 -8.36 -6.79 -10.14
CA LEU A 59 -7.86 -5.60 -9.45
C LEU A 59 -6.42 -5.80 -9.01
N SER A 60 -6.04 -7.07 -8.79
CA SER A 60 -4.69 -7.39 -8.37
C SER A 60 -3.70 -7.16 -9.51
N GLU A 61 -4.14 -7.45 -10.73
CA GLU A 61 -3.28 -7.27 -11.90
C GLU A 61 -2.92 -5.80 -12.09
N CYS A 62 -3.84 -4.92 -11.70
CA CYS A 62 -3.61 -3.48 -11.82
C CYS A 62 -2.44 -3.04 -10.94
N LEU A 63 -2.35 -3.65 -9.75
CA LEU A 63 -1.28 -3.31 -8.82
C LEU A 63 0.04 -3.93 -9.27
N LYS A 64 -0.05 -5.01 -10.05
CA LYS A 64 1.13 -5.68 -10.54
C LYS A 64 1.64 -5.01 -11.81
N ARG A 65 0.71 -4.55 -12.64
CA ARG A 65 1.09 -3.89 -13.89
C ARG A 65 1.75 -2.54 -13.61
N ILE A 66 1.16 -1.79 -12.69
CA ILE A 66 1.71 -0.48 -12.33
C ILE A 66 2.93 -0.63 -11.44
N GLY A 67 2.91 -1.64 -10.58
CA GLY A 67 4.03 -1.89 -9.68
C GLY A 67 5.31 -2.18 -10.45
N ASP A 68 5.20 -3.02 -11.48
CA ASP A 68 6.35 -3.36 -12.30
C ASP A 68 6.89 -2.14 -13.01
N GLU A 69 6.00 -1.23 -13.39
CA GLU A 69 6.39 -0.01 -14.08
C GLU A 69 6.92 1.02 -13.09
N LEU A 70 6.08 1.38 -12.12
CA LEU A 70 6.48 2.36 -11.11
C LEU A 70 7.76 1.93 -10.41
N ASP A 71 7.84 0.64 -10.08
CA ASP A 71 9.02 0.11 -9.41
C ASP A 71 10.23 0.19 -10.32
N SER A 72 10.00 0.55 -11.58
CA SER A 72 11.09 0.66 -12.54
C SER A 72 11.56 2.10 -12.66
N ASN A 73 11.03 2.97 -11.79
CA ASN A 73 11.39 4.38 -11.81
C ASN A 73 12.55 4.64 -10.84
N MET A 74 13.71 4.96 -11.39
CA MET A 74 14.89 5.24 -10.56
C MET A 74 14.69 6.54 -9.77
N GLU A 75 13.65 7.29 -10.13
CA GLU A 75 13.37 8.55 -9.45
C GLU A 75 12.64 8.29 -8.14
N LEU A 76 11.41 7.81 -8.22
CA LEU A 76 10.61 7.52 -7.03
C LEU A 76 11.32 6.49 -6.15
N GLN A 77 11.92 5.49 -6.79
CA GLN A 77 12.62 4.44 -6.05
C GLN A 77 13.79 5.04 -5.27
N ARG A 78 14.46 6.01 -5.86
CA ARG A 78 15.59 6.65 -5.21
C ARG A 78 15.13 7.47 -4.01
N MET A 79 14.06 8.24 -4.21
CA MET A 79 13.52 9.07 -3.14
C MET A 79 13.23 8.23 -1.90
N ILE A 80 12.63 7.06 -2.11
CA ILE A 80 12.31 6.17 -1.00
C ILE A 80 13.58 5.72 -0.28
N ALA A 81 14.69 5.76 -0.99
CA ALA A 81 15.97 5.34 -0.42
C ALA A 81 16.62 6.52 0.32
N ALA A 82 16.18 7.72 0.00
CA ALA A 82 16.73 8.91 0.64
C ALA A 82 16.00 9.21 1.95
N VAL A 83 14.84 8.58 2.12
CA VAL A 83 14.06 8.78 3.34
C VAL A 83 14.46 7.78 4.42
N ASP A 84 15.53 8.10 5.14
CA ASP A 84 16.01 7.21 6.19
C ASP A 84 14.85 6.63 6.98
N THR A 85 15.12 5.56 7.72
CA THR A 85 14.07 4.92 8.52
C THR A 85 14.44 4.93 10.00
N ASP A 86 13.61 5.57 10.80
CA ASP A 86 13.85 5.65 12.24
C ASP A 86 12.53 5.69 13.01
N SER A 87 11.43 5.66 12.27
CA SER A 87 10.11 5.69 12.90
C SER A 87 9.02 5.53 11.84
N PRO A 88 8.67 4.31 11.54
CA PRO A 88 7.61 4.01 10.53
C PRO A 88 6.22 4.44 10.99
N ARG A 89 6.09 4.69 12.29
CA ARG A 89 4.81 5.11 12.85
C ARG A 89 4.65 6.61 12.72
N GLU A 90 5.75 7.35 12.86
CA GLU A 90 5.72 8.79 12.76
C GLU A 90 5.64 9.23 11.30
N VAL A 91 6.62 8.81 10.51
CA VAL A 91 6.66 9.16 9.09
C VAL A 91 5.38 8.70 8.40
N PHE A 92 5.04 7.43 8.58
CA PHE A 92 3.85 6.87 7.97
C PHE A 92 2.66 7.82 8.15
N PHE A 93 2.42 8.22 9.40
CA PHE A 93 1.32 9.12 9.70
C PHE A 93 1.58 10.50 9.12
N ARG A 94 2.85 10.87 9.03
CA ARG A 94 3.24 12.16 8.49
C ARG A 94 3.01 12.20 6.98
N VAL A 95 3.64 11.29 6.27
CA VAL A 95 3.50 11.22 4.82
C VAL A 95 2.03 11.01 4.43
N ALA A 96 1.40 10.03 5.08
CA ALA A 96 0.00 9.73 4.80
C ALA A 96 -0.86 10.99 4.96
N ALA A 97 -0.41 11.90 5.81
CA ALA A 97 -1.15 13.14 6.04
C ALA A 97 -0.84 14.15 4.95
N ASP A 98 0.42 14.20 4.53
CA ASP A 98 0.84 15.14 3.48
C ASP A 98 0.11 14.82 2.18
N MET A 99 -0.05 13.54 1.89
CA MET A 99 -0.73 13.12 0.66
C MET A 99 -1.90 14.05 0.35
N PHE A 100 -2.94 13.97 1.18
CA PHE A 100 -4.11 14.82 0.98
C PHE A 100 -4.22 15.86 2.09
N SER A 101 -3.17 16.67 2.24
CA SER A 101 -3.16 17.71 3.26
C SER A 101 -4.07 18.87 2.87
N ASP A 102 -4.26 19.05 1.56
CA ASP A 102 -5.11 20.13 1.07
C ASP A 102 -5.64 19.79 -0.33
N GLY A 103 -4.99 18.84 -0.99
CA GLY A 103 -5.40 18.42 -2.33
C GLY A 103 -6.89 18.70 -2.54
N ASN A 104 -7.72 17.79 -2.04
CA ASN A 104 -9.17 17.94 -2.18
C ASN A 104 -9.88 16.71 -1.64
N PHE A 105 -9.32 16.11 -0.59
CA PHE A 105 -9.91 14.93 0.02
C PHE A 105 -10.39 13.96 -1.06
N ASN A 106 -9.74 13.99 -2.21
CA ASN A 106 -10.10 13.11 -3.31
C ASN A 106 -10.17 11.65 -2.84
N TRP A 107 -9.22 10.84 -3.29
CA TRP A 107 -9.19 9.43 -2.91
C TRP A 107 -8.09 8.69 -3.68
N GLY A 108 -7.74 9.21 -4.84
CA GLY A 108 -6.70 8.59 -5.65
C GLY A 108 -5.44 8.33 -4.84
N ARG A 109 -5.08 9.31 -4.00
CA ARG A 109 -3.90 9.18 -3.16
C ARG A 109 -3.89 7.82 -2.45
N VAL A 110 -5.08 7.26 -2.25
CA VAL A 110 -5.20 5.97 -1.58
C VAL A 110 -4.30 4.93 -2.25
N VAL A 111 -4.52 4.72 -3.55
CA VAL A 111 -3.72 3.75 -4.29
C VAL A 111 -2.24 3.92 -3.96
N ALA A 112 -1.76 5.15 -3.98
CA ALA A 112 -0.37 5.44 -3.68
C ALA A 112 -0.01 4.92 -2.29
N LEU A 113 -0.96 4.99 -1.37
CA LEU A 113 -0.72 4.52 0.00
C LEU A 113 -0.30 3.06 -0.01
N PHE A 114 -1.02 2.23 -0.76
CA PHE A 114 -0.72 0.82 -0.84
C PHE A 114 0.72 0.60 -1.32
N TYR A 115 1.11 1.36 -2.34
CA TYR A 115 2.47 1.24 -2.87
C TYR A 115 3.49 1.76 -1.86
N PHE A 116 3.19 2.88 -1.22
CA PHE A 116 4.08 3.46 -0.23
C PHE A 116 4.33 2.47 0.91
N ALA A 117 3.27 1.80 1.33
CA ALA A 117 3.38 0.83 2.42
C ALA A 117 4.13 -0.41 1.95
N SER A 118 3.96 -0.75 0.68
CA SER A 118 4.62 -1.92 0.12
C SER A 118 6.10 -1.92 0.47
N LYS A 119 6.73 -0.76 0.35
CA LYS A 119 8.15 -0.64 0.67
C LYS A 119 8.42 -1.01 2.12
N LEU A 120 7.55 -0.52 3.01
CA LEU A 120 7.70 -0.80 4.44
C LEU A 120 7.43 -2.28 4.72
N VAL A 121 6.55 -2.88 3.91
CA VAL A 121 6.21 -4.28 4.09
C VAL A 121 7.31 -5.17 3.53
N LEU A 122 7.68 -4.94 2.28
CA LEU A 122 8.72 -5.73 1.63
C LEU A 122 10.10 -5.35 2.18
N LYS A 123 10.30 -4.05 2.39
CA LYS A 123 11.58 -3.57 2.92
C LYS A 123 11.88 -4.21 4.27
N ALA A 124 10.85 -4.33 5.10
CA ALA A 124 11.01 -4.92 6.42
C ALA A 124 11.13 -6.44 6.32
N LEU A 125 10.65 -6.99 5.20
CA LEU A 125 10.69 -8.42 4.99
C LEU A 125 12.15 -8.90 4.90
N CYS A 126 13.02 -8.03 4.41
CA CYS A 126 14.43 -8.38 4.28
C CYS A 126 15.17 -8.13 5.59
N THR A 127 14.77 -7.08 6.30
CA THR A 127 15.40 -6.74 7.57
C THR A 127 15.37 -7.94 8.52
N LYS A 128 14.51 -8.91 8.20
CA LYS A 128 14.40 -10.10 9.03
C LYS A 128 13.44 -9.85 10.18
N VAL A 129 12.28 -9.27 9.88
CA VAL A 129 11.28 -9.00 10.90
C VAL A 129 9.87 -9.08 10.30
N PRO A 130 9.31 -10.26 10.30
CA PRO A 130 7.94 -10.50 9.76
C PRO A 130 6.86 -9.86 10.63
N GLU A 131 7.23 -9.50 11.85
CA GLU A 131 6.29 -8.88 12.78
C GLU A 131 5.81 -7.54 12.24
N LEU A 132 6.74 -6.77 11.68
CA LEU A 132 6.40 -5.46 11.14
C LEU A 132 5.36 -5.61 10.01
N ILE A 133 5.47 -6.70 9.26
CA ILE A 133 4.54 -6.95 8.16
C ILE A 133 3.11 -6.95 8.66
N ARG A 134 2.86 -7.70 9.72
CA ARG A 134 1.51 -7.79 10.30
C ARG A 134 1.13 -6.46 10.95
N THR A 135 2.12 -5.80 11.55
CA THR A 135 1.88 -4.52 12.21
C THR A 135 1.51 -3.46 11.19
N ILE A 136 2.06 -3.57 9.98
CA ILE A 136 1.78 -2.61 8.93
C ILE A 136 0.34 -2.76 8.45
N MET A 137 -0.01 -3.94 7.97
CA MET A 137 -1.36 -4.20 7.48
C MET A 137 -2.40 -3.67 8.46
N GLY A 138 -2.01 -3.58 9.73
CA GLY A 138 -2.91 -3.09 10.76
C GLY A 138 -3.19 -1.60 10.56
N TRP A 139 -2.16 -0.84 10.21
CA TRP A 139 -2.31 0.59 10.00
C TRP A 139 -3.20 0.86 8.79
N THR A 140 -3.26 -0.11 7.87
CA THR A 140 -4.07 0.04 6.67
C THR A 140 -5.55 -0.15 7.01
N LEU A 141 -5.91 -1.35 7.42
CA LEU A 141 -7.30 -1.65 7.76
C LEU A 141 -7.83 -0.63 8.76
N ASP A 142 -6.95 -0.15 9.64
CA ASP A 142 -7.34 0.83 10.64
C ASP A 142 -7.73 2.15 9.98
N PHE A 143 -6.86 2.65 9.11
CA PHE A 143 -7.13 3.91 8.41
C PHE A 143 -8.31 3.74 7.45
N LEU A 144 -8.37 2.59 6.80
CA LEU A 144 -9.46 2.32 5.86
C LEU A 144 -10.78 2.13 6.60
N ARG A 145 -10.70 1.50 7.77
CA ARG A 145 -11.89 1.25 8.57
C ARG A 145 -12.25 2.49 9.39
N GLU A 146 -11.35 3.46 9.42
CA GLU A 146 -11.59 4.69 10.17
C GLU A 146 -11.75 5.87 9.22
N ARG A 147 -11.56 5.62 7.93
CA ARG A 147 -11.68 6.67 6.93
C ARG A 147 -12.33 6.13 5.66
N LEU A 148 -11.55 6.04 4.59
CA LEU A 148 -12.06 5.55 3.32
C LEU A 148 -13.38 4.83 3.53
N LEU A 149 -13.58 4.27 4.71
CA LEU A 149 -14.81 3.56 5.03
C LEU A 149 -16.02 4.38 4.64
N GLY A 150 -16.10 5.60 5.17
CA GLY A 150 -17.22 6.48 4.87
C GLY A 150 -17.24 6.85 3.39
N TRP A 151 -16.10 7.32 2.89
CA TRP A 151 -15.99 7.70 1.49
C TRP A 151 -16.15 6.49 0.58
N ILE A 152 -15.32 5.48 0.80
CA ILE A 152 -15.38 4.26 -0.01
C ILE A 152 -16.81 3.72 -0.06
N GLN A 153 -17.53 3.89 1.05
CA GLN A 153 -18.91 3.41 1.12
C GLN A 153 -19.80 4.21 0.18
N ASP A 154 -19.47 5.48 -0.02
CA ASP A 154 -20.25 6.34 -0.90
C ASP A 154 -19.73 6.25 -2.33
N GLN A 155 -18.65 5.50 -2.52
CA GLN A 155 -18.06 5.34 -3.85
C GLN A 155 -18.54 4.02 -4.48
N GLY A 156 -19.37 3.30 -3.76
CA GLY A 156 -19.89 2.03 -4.26
C GLY A 156 -18.90 0.89 -3.99
N GLY A 157 -18.06 1.08 -2.98
CA GLY A 157 -17.07 0.06 -2.63
C GLY A 157 -15.77 0.29 -3.39
N TRP A 158 -14.96 -0.76 -3.48
CA TRP A 158 -13.68 -0.66 -4.18
C TRP A 158 -13.90 -0.63 -5.69
N ASP A 159 -15.16 -0.80 -6.11
CA ASP A 159 -15.48 -0.79 -7.53
C ASP A 159 -15.13 0.55 -8.15
N GLY A 160 -15.44 1.63 -7.43
CA GLY A 160 -15.16 2.97 -7.92
C GLY A 160 -13.68 3.11 -8.29
N LEU A 161 -12.83 2.40 -7.57
CA LEU A 161 -11.39 2.45 -7.82
C LEU A 161 -11.08 1.92 -9.22
N LEU A 162 -11.55 0.71 -9.52
CA LEU A 162 -11.31 0.11 -10.82
C LEU A 162 -12.05 0.88 -11.91
N SER A 163 -13.20 1.46 -11.55
CA SER A 163 -14.00 2.22 -12.49
C SER A 163 -13.26 3.48 -12.93
N TYR A 164 -12.38 3.97 -12.06
CA TYR A 164 -11.61 5.17 -12.36
C TYR A 164 -10.48 4.86 -13.35
N PHE A 165 -9.81 3.74 -13.12
CA PHE A 165 -8.71 3.34 -13.99
C PHE A 165 -9.24 2.88 -15.35
N GLY A 166 -10.13 3.67 -15.93
CA GLY A 166 -10.71 3.32 -17.23
C GLY A 166 -10.64 4.52 -18.19
N THR A 167 -9.52 5.24 -18.13
CA THR A 167 -9.35 6.40 -19.00
C THR A 167 -8.30 6.11 -20.08
N PRO A 168 -8.05 7.06 -20.93
CA PRO A 168 -7.06 6.91 -22.03
C PRO A 168 -5.62 6.92 -21.53
N THR A 169 -4.72 7.48 -22.32
CA THR A 169 -3.31 7.54 -21.93
C THR A 169 -3.17 7.45 -20.42
N TRP A 170 -2.79 6.29 -19.93
CA TRP A 170 -2.61 6.09 -18.50
C TRP A 170 -1.46 6.94 -17.97
N GLN A 171 -0.60 7.39 -18.88
CA GLN A 171 0.53 8.22 -18.49
C GLN A 171 0.09 9.33 -17.56
N THR A 172 -1.22 9.55 -17.48
CA THR A 172 -1.76 10.59 -16.61
C THR A 172 -1.97 10.05 -15.20
N VAL A 173 -2.25 8.75 -15.10
CA VAL A 173 -2.48 8.12 -13.81
C VAL A 173 -1.18 8.00 -13.03
N THR A 174 -0.13 7.55 -13.71
CA THR A 174 1.16 7.38 -13.07
C THR A 174 1.72 8.73 -12.64
N ILE A 175 1.28 9.79 -13.31
CA ILE A 175 1.73 11.14 -12.98
C ILE A 175 0.90 11.73 -11.85
N PHE A 176 -0.17 11.02 -11.48
CA PHE A 176 -1.04 11.49 -10.42
C PHE A 176 -0.64 10.88 -9.08
N VAL A 177 -0.67 9.55 -9.01
CA VAL A 177 -0.31 8.86 -7.79
C VAL A 177 1.15 9.12 -7.42
N ALA A 178 1.91 9.62 -8.39
CA ALA A 178 3.32 9.92 -8.17
C ALA A 178 3.51 11.40 -7.82
N GLY A 179 2.85 12.28 -8.58
CA GLY A 179 2.94 13.70 -8.34
C GLY A 179 2.40 14.06 -6.95
N VAL A 180 1.49 13.24 -6.45
CA VAL A 180 0.90 13.48 -5.14
C VAL A 180 1.77 12.87 -4.04
N LEU A 181 2.11 11.60 -4.20
CA LEU A 181 2.93 10.90 -3.21
C LEU A 181 4.36 11.45 -3.24
N THR A 182 4.92 11.56 -4.44
CA THR A 182 6.28 12.06 -4.60
C THR A 182 6.46 13.38 -3.84
N ALA A 183 5.54 14.33 -4.09
CA ALA A 183 5.61 15.62 -3.43
C ALA A 183 5.82 15.45 -1.93
N SER A 184 5.07 14.54 -1.33
CA SER A 184 5.18 14.29 0.11
C SER A 184 6.63 13.97 0.47
N LEU A 185 7.31 13.23 -0.39
CA LEU A 185 8.70 12.86 -0.15
C LEU A 185 9.62 14.04 -0.43
N THR A 186 9.14 14.98 -1.25
CA THR A 186 9.94 16.15 -1.60
C THR A 186 10.02 17.11 -0.41
N ILE A 187 8.89 17.35 0.23
CA ILE A 187 8.85 18.25 1.38
C ILE A 187 9.50 17.59 2.60
N TRP A 188 9.05 16.38 2.91
CA TRP A 188 9.59 15.65 4.06
C TRP A 188 11.05 16.02 4.29
N LYS A 189 11.87 15.83 3.28
CA LYS A 189 13.29 16.15 3.37
C LYS A 189 13.99 15.94 2.04
N LYS A 190 14.71 16.95 1.59
CA LYS A 190 15.43 16.86 0.31
C LYS A 190 16.94 16.80 0.55
N MET A 191 17.45 15.59 0.70
CA MET A 191 18.88 15.39 0.92
C MET A 191 19.45 14.38 -0.06
N GLY A 192 20.62 14.69 -0.60
CA GLY A 192 21.27 13.80 -1.56
C GLY A 192 22.78 13.96 -1.54
N CYS B 1 28.11 -3.48 -12.85
CA CYS B 1 27.30 -3.39 -11.59
C CYS B 1 27.61 -4.59 -10.71
N GLU B 2 28.72 -4.52 -9.98
CA GLU B 2 29.13 -5.61 -9.10
C GLU B 2 28.81 -5.25 -7.65
N ALA B 3 28.54 -6.27 -6.84
CA ALA B 3 28.23 -6.06 -5.43
C ALA B 3 27.27 -4.88 -5.26
N LEU B 4 26.67 -4.78 -4.08
CA LEU B 4 25.73 -3.70 -3.81
C LEU B 4 26.45 -2.51 -3.17
N LYS B 5 26.67 -1.47 -3.96
CA LYS B 5 27.35 -0.27 -3.46
C LYS B 5 26.58 0.34 -2.30
N LYS B 6 25.26 0.40 -2.43
CA LYS B 6 24.43 0.96 -1.38
C LYS B 6 23.96 -0.12 -0.43
N ALA B 7 23.65 0.27 0.81
CA ALA B 7 23.19 -0.68 1.82
C ALA B 7 24.35 -1.55 2.31
N LEU B 8 25.48 -0.91 2.59
CA LEU B 8 26.65 -1.62 3.07
C LEU B 8 26.55 -1.88 4.56
N ARG B 9 27.68 -2.20 5.19
CA ARG B 9 27.71 -2.47 6.62
C ARG B 9 27.42 -1.21 7.41
N ARG B 10 27.33 -0.08 6.71
CA ARG B 10 27.06 1.19 7.35
C ARG B 10 25.69 1.18 8.03
N HIS B 11 24.70 0.65 7.33
CA HIS B 11 23.34 0.57 7.87
C HIS B 11 23.22 -0.60 8.83
N ARG B 12 23.32 -1.81 8.29
CA ARG B 12 23.23 -3.01 9.12
C ARG B 12 23.79 -2.75 10.51
N PHE B 13 24.78 -1.87 10.59
CA PHE B 13 25.39 -1.53 11.86
C PHE B 13 24.72 -0.31 12.47
N LEU B 14 24.19 0.56 11.61
CA LEU B 14 23.53 1.77 12.07
C LEU B 14 22.34 1.43 12.97
N TRP B 15 21.70 0.31 12.67
CA TRP B 15 20.54 -0.13 13.46
C TRP B 15 20.99 -0.96 14.65
N GLN B 16 21.75 -2.01 14.38
CA GLN B 16 22.24 -2.89 15.44
C GLN B 16 22.53 -2.09 16.69
N ARG B 17 23.59 -1.28 16.66
CA ARG B 17 23.96 -0.47 17.81
C ARG B 17 23.94 -1.30 19.08
N ARG B 18 24.04 -2.61 18.93
CA ARG B 18 24.01 -3.51 20.08
C ARG B 18 22.88 -3.14 21.03
N GLN B 19 21.88 -2.45 20.51
CA GLN B 19 20.74 -2.04 21.31
C GLN B 19 19.78 -3.21 21.54
N ARG B 20 19.29 -3.35 22.76
CA ARG B 20 18.38 -4.43 23.09
C ARG B 20 17.26 -3.92 24.00
N ALA B 21 16.04 -4.39 23.74
CA ALA B 21 14.89 -3.97 24.53
C ALA B 21 13.67 -4.80 24.18
N MET A 1 -21.82 -6.03 18.26
CA MET A 1 -22.89 -6.64 17.42
C MET A 1 -23.46 -5.58 16.47
N ASP A 2 -23.34 -4.32 16.87
CA ASP A 2 -23.85 -3.22 16.05
C ASP A 2 -23.29 -3.32 14.63
N GLY A 3 -21.97 -3.18 14.49
CA GLY A 3 -21.34 -3.25 13.19
C GLY A 3 -21.21 -1.86 12.57
N SER A 4 -22.27 -1.07 12.69
CA SER A 4 -22.26 0.28 12.13
C SER A 4 -23.15 1.20 12.95
N GLY A 5 -24.31 0.70 13.37
CA GLY A 5 -25.23 1.50 14.17
C GLY A 5 -26.50 0.71 14.49
N GLU A 6 -27.64 1.36 14.36
CA GLU A 6 -28.92 0.70 14.64
C GLU A 6 -29.94 1.00 13.54
N GLN A 7 -30.17 0.01 12.68
CA GLN A 7 -31.12 0.18 11.59
C GLN A 7 -30.39 0.34 10.26
N PRO A 8 -29.31 -0.38 10.08
CA PRO A 8 -28.51 -0.33 8.83
C PRO A 8 -29.21 -1.01 7.66
N ARG A 9 -29.77 -0.20 6.75
CA ARG A 9 -30.47 -0.74 5.59
C ARG A 9 -29.51 -1.56 4.72
N GLY A 10 -30.05 -2.55 4.02
CA GLY A 10 -29.24 -3.40 3.16
C GLY A 10 -29.55 -3.12 1.69
N GLY A 11 -30.81 -2.85 1.39
CA GLY A 11 -31.21 -2.57 0.01
C GLY A 11 -30.00 -2.42 -0.89
N GLY A 12 -28.87 -2.04 -0.30
CA GLY A 12 -27.64 -1.87 -1.07
C GLY A 12 -26.52 -2.72 -0.51
N PRO A 13 -26.10 -3.72 -1.25
CA PRO A 13 -25.01 -4.64 -0.82
C PRO A 13 -23.79 -3.88 -0.30
N THR A 14 -23.01 -3.32 -1.21
CA THR A 14 -21.82 -2.57 -0.84
C THR A 14 -21.94 -2.05 0.59
N SER A 15 -21.47 -2.84 1.54
CA SER A 15 -21.54 -2.45 2.94
C SER A 15 -20.13 -2.35 3.53
N SER A 16 -20.01 -2.61 4.83
CA SER A 16 -18.71 -2.54 5.49
C SER A 16 -18.07 -3.92 5.56
N GLU A 17 -18.88 -4.95 5.32
CA GLU A 17 -18.38 -6.32 5.35
C GLU A 17 -17.63 -6.64 4.06
N GLN A 18 -18.25 -6.34 2.93
CA GLN A 18 -17.63 -6.61 1.63
C GLN A 18 -16.40 -5.73 1.44
N ILE A 19 -16.37 -4.60 2.14
CA ILE A 19 -15.25 -3.68 2.03
C ILE A 19 -14.08 -4.14 2.90
N MET A 20 -14.35 -4.34 4.19
CA MET A 20 -13.32 -4.79 5.12
C MET A 20 -12.64 -6.05 4.59
N LYS A 21 -13.42 -6.91 3.96
CA LYS A 21 -12.88 -8.15 3.42
C LYS A 21 -11.93 -7.87 2.27
N THR A 22 -12.36 -6.99 1.37
CA THR A 22 -11.54 -6.63 0.20
C THR A 22 -10.36 -5.76 0.64
N GLY A 23 -10.37 -5.34 1.91
CA GLY A 23 -9.30 -4.51 2.43
C GLY A 23 -8.07 -5.34 2.77
N ALA A 24 -8.28 -6.37 3.60
CA ALA A 24 -7.18 -7.23 4.00
C ALA A 24 -6.84 -8.23 2.88
N LEU A 25 -7.69 -8.27 1.86
CA LEU A 25 -7.48 -9.17 0.74
C LEU A 25 -6.58 -8.52 -0.30
N LEU A 26 -7.16 -7.67 -1.14
CA LEU A 26 -6.39 -7.00 -2.18
C LEU A 26 -4.94 -6.85 -1.77
N LEU A 27 -4.69 -6.08 -0.72
CA LEU A 27 -3.33 -5.87 -0.23
C LEU A 27 -2.63 -7.21 -0.02
N GLN A 28 -3.22 -8.05 0.83
CA GLN A 28 -2.64 -9.36 1.11
C GLN A 28 -2.25 -10.07 -0.18
N GLY A 29 -2.80 -9.60 -1.30
CA GLY A 29 -2.50 -10.19 -2.60
C GLY A 29 -1.28 -9.53 -3.22
N PHE A 30 -1.45 -8.30 -3.70
CA PHE A 30 -0.35 -7.57 -4.32
C PHE A 30 0.94 -7.77 -3.53
N ILE A 31 0.80 -8.19 -2.28
CA ILE A 31 1.97 -8.41 -1.43
C ILE A 31 2.66 -9.72 -1.80
N GLN A 32 1.99 -10.84 -1.51
CA GLN A 32 2.56 -12.15 -1.81
C GLN A 32 2.37 -12.48 -3.29
N ASP A 33 2.37 -11.44 -4.12
CA ASP A 33 2.20 -11.63 -5.56
C ASP A 33 3.47 -11.25 -6.31
N ARG A 34 3.99 -10.06 -6.01
CA ARG A 34 5.21 -9.58 -6.67
C ARG A 34 6.43 -9.96 -5.84
N ALA A 35 6.24 -10.11 -4.53
CA ALA A 35 7.33 -10.48 -3.65
C ALA A 35 7.31 -11.97 -3.34
N GLY A 36 6.20 -12.61 -3.69
CA GLY A 36 6.06 -14.04 -3.45
C GLY A 36 6.57 -14.85 -4.65
N ARG A 37 7.83 -15.27 -4.57
CA ARG A 37 8.43 -16.05 -5.65
C ARG A 37 9.37 -17.11 -5.09
N MET A 38 10.27 -16.68 -4.21
CA MET A 38 11.22 -17.60 -3.60
C MET A 38 10.62 -18.28 -2.38
N GLY A 39 11.00 -19.53 -2.16
CA GLY A 39 10.48 -20.29 -1.02
C GLY A 39 9.11 -20.88 -1.33
N GLY A 40 8.09 -20.40 -0.63
CA GLY A 40 6.73 -20.88 -0.84
C GLY A 40 6.37 -21.95 0.19
N GLU A 41 7.38 -22.49 0.86
CA GLU A 41 7.15 -23.52 1.88
C GLU A 41 6.84 -22.88 3.23
N ALA A 42 7.04 -21.58 3.32
CA ALA A 42 6.78 -20.86 4.56
C ALA A 42 6.63 -19.36 4.30
N PRO A 43 5.53 -18.98 3.70
CA PRO A 43 5.25 -17.54 3.38
C PRO A 43 5.00 -16.72 4.64
N GLU A 44 5.63 -15.55 4.71
CA GLU A 44 5.46 -14.67 5.86
C GLU A 44 4.11 -13.97 5.82
N LEU A 45 3.47 -14.02 4.65
CA LEU A 45 2.17 -13.38 4.48
C LEU A 45 1.05 -14.37 4.79
N ALA A 46 0.98 -14.81 6.04
CA ALA A 46 -0.04 -15.75 6.46
C ALA A 46 -1.37 -15.04 6.68
N LEU A 47 -2.44 -15.62 6.15
CA LEU A 47 -3.76 -15.03 6.29
C LEU A 47 -4.83 -15.97 5.77
N ASP A 48 -4.91 -16.10 4.45
CA ASP A 48 -5.90 -16.98 3.82
C ASP A 48 -5.94 -16.76 2.32
N PRO A 49 -4.87 -17.09 1.64
CA PRO A 49 -4.77 -16.93 0.16
C PRO A 49 -5.66 -17.93 -0.59
N VAL A 50 -6.73 -17.41 -1.19
CA VAL A 50 -7.66 -18.27 -1.93
C VAL A 50 -8.27 -17.49 -3.09
N PRO A 51 -8.42 -18.13 -4.22
CA PRO A 51 -9.01 -17.50 -5.43
C PRO A 51 -10.33 -16.80 -5.14
N GLN A 52 -11.30 -17.56 -4.63
CA GLN A 52 -12.60 -17.00 -4.31
C GLN A 52 -13.17 -16.23 -5.50
N ASP A 53 -13.57 -14.99 -5.26
CA ASP A 53 -14.13 -14.16 -6.33
C ASP A 53 -13.01 -13.59 -7.20
N ALA A 54 -13.28 -13.51 -8.50
CA ALA A 54 -12.29 -12.99 -9.44
C ALA A 54 -12.30 -11.47 -9.43
N SER A 55 -13.20 -10.89 -8.63
CA SER A 55 -13.29 -9.44 -8.54
C SER A 55 -11.97 -8.83 -8.11
N THR A 56 -11.30 -9.48 -7.17
CA THR A 56 -10.02 -9.00 -6.67
C THR A 56 -8.89 -9.38 -7.63
N LYS A 57 -9.03 -10.55 -8.26
CA LYS A 57 -8.02 -11.03 -9.20
C LYS A 57 -7.69 -9.94 -10.23
N LYS A 58 -8.73 -9.45 -10.90
CA LYS A 58 -8.54 -8.40 -11.90
C LYS A 58 -7.93 -7.16 -11.28
N LEU A 59 -8.48 -6.73 -10.15
CA LEU A 59 -7.97 -5.55 -9.47
C LEU A 59 -6.53 -5.77 -9.01
N SER A 60 -6.16 -7.03 -8.81
CA SER A 60 -4.80 -7.36 -8.39
C SER A 60 -3.81 -7.14 -9.52
N GLU A 61 -4.26 -7.41 -10.75
CA GLU A 61 -3.40 -7.24 -11.92
C GLU A 61 -3.03 -5.78 -12.10
N CYS A 62 -3.94 -4.89 -11.71
CA CYS A 62 -3.70 -3.46 -11.83
C CYS A 62 -2.53 -3.04 -10.95
N LEU A 63 -2.45 -3.63 -9.77
CA LEU A 63 -1.36 -3.31 -8.84
C LEU A 63 -0.06 -3.94 -9.29
N LYS A 64 -0.16 -5.01 -10.06
CA LYS A 64 1.03 -5.70 -10.57
C LYS A 64 1.54 -5.03 -11.83
N ARG A 65 0.61 -4.56 -12.66
CA ARG A 65 0.99 -3.90 -13.92
C ARG A 65 1.66 -2.55 -13.63
N ILE A 66 1.08 -1.80 -12.70
CA ILE A 66 1.63 -0.49 -12.35
C ILE A 66 2.86 -0.65 -11.46
N GLY A 67 2.84 -1.67 -10.60
CA GLY A 67 3.95 -1.92 -9.71
C GLY A 67 5.22 -2.21 -10.48
N ASP A 68 5.11 -3.05 -11.51
CA ASP A 68 6.27 -3.41 -12.32
C ASP A 68 6.81 -2.18 -13.03
N GLU A 69 5.91 -1.27 -13.41
CA GLU A 69 6.31 -0.05 -14.10
C GLU A 69 6.85 0.97 -13.11
N LEU A 70 6.02 1.35 -12.14
CA LEU A 70 6.43 2.32 -11.13
C LEU A 70 7.70 1.87 -10.44
N ASP A 71 7.78 0.59 -10.11
CA ASP A 71 8.95 0.04 -9.44
C ASP A 71 10.18 0.12 -10.34
N SER A 72 9.94 0.48 -11.60
CA SER A 72 11.03 0.58 -12.57
C SER A 72 11.51 2.02 -12.69
N ASN A 73 10.98 2.89 -11.82
CA ASN A 73 11.36 4.30 -11.83
C ASN A 73 12.51 4.56 -10.87
N MET A 74 13.67 4.87 -11.41
CA MET A 74 14.85 5.14 -10.59
C MET A 74 14.67 6.43 -9.80
N GLU A 75 13.64 7.19 -10.16
CA GLU A 75 13.36 8.45 -9.47
C GLU A 75 12.63 8.20 -8.15
N LEU A 76 11.40 7.73 -8.25
CA LEU A 76 10.61 7.44 -7.05
C LEU A 76 11.30 6.41 -6.18
N GLN A 77 11.89 5.39 -6.81
CA GLN A 77 12.59 4.35 -6.08
C GLN A 77 13.76 4.94 -5.30
N ARG A 78 14.44 5.90 -5.90
CA ARG A 78 15.58 6.53 -5.24
C ARG A 78 15.12 7.36 -4.04
N MET A 79 14.06 8.13 -4.23
CA MET A 79 13.53 8.96 -3.16
C MET A 79 13.23 8.13 -1.92
N ILE A 80 12.63 6.95 -2.13
CA ILE A 80 12.29 6.07 -1.03
C ILE A 80 13.56 5.60 -0.31
N ALA A 81 14.68 5.64 -1.03
CA ALA A 81 15.96 5.22 -0.46
C ALA A 81 16.61 6.38 0.28
N ALA A 82 16.18 7.60 -0.03
CA ALA A 82 16.74 8.79 0.60
C ALA A 82 16.02 9.09 1.92
N VAL A 83 14.85 8.46 2.10
CA VAL A 83 14.07 8.67 3.32
C VAL A 83 14.47 7.66 4.39
N ASP A 84 15.54 7.97 5.11
CA ASP A 84 16.03 7.08 6.16
C ASP A 84 14.85 6.50 6.96
N THR A 85 15.11 5.42 7.68
CA THR A 85 14.07 4.79 8.48
C THR A 85 14.44 4.80 9.96
N ASP A 86 13.61 5.44 10.78
CA ASP A 86 13.87 5.51 12.21
C ASP A 86 12.55 5.55 12.98
N SER A 87 11.44 5.53 12.25
CA SER A 87 10.12 5.58 12.88
C SER A 87 9.03 5.43 11.83
N PRO A 88 8.67 4.21 11.51
CA PRO A 88 7.61 3.92 10.50
C PRO A 88 6.22 4.36 10.97
N ARG A 89 6.10 4.61 12.27
CA ARG A 89 4.83 5.03 12.84
C ARG A 89 4.66 6.54 12.70
N GLU A 90 5.77 7.27 12.85
CA GLU A 90 5.74 8.72 12.74
C GLU A 90 5.66 9.15 11.28
N VAL A 91 6.65 8.74 10.50
CA VAL A 91 6.68 9.08 9.08
C VAL A 91 5.41 8.63 8.38
N PHE A 92 5.06 7.37 8.56
CA PHE A 92 3.85 6.82 7.95
C PHE A 92 2.67 7.77 8.15
N PHE A 93 2.44 8.17 9.39
CA PHE A 93 1.35 9.08 9.70
C PHE A 93 1.62 10.46 9.12
N ARG A 94 2.89 10.81 9.03
CA ARG A 94 3.28 12.11 8.49
C ARG A 94 3.05 12.15 6.98
N VAL A 95 3.68 11.22 6.26
CA VAL A 95 3.53 11.17 4.81
C VAL A 95 2.07 10.97 4.43
N ALA A 96 1.43 10.00 5.08
CA ALA A 96 0.02 9.71 4.81
C ALA A 96 -0.83 10.96 4.97
N ALA A 97 -0.37 11.87 5.81
CA ALA A 97 -1.10 13.12 6.05
C ALA A 97 -0.79 14.13 4.96
N ASP A 98 0.47 14.16 4.53
CA ASP A 98 0.89 15.10 3.49
C ASP A 98 0.17 14.80 2.18
N MET A 99 -0.01 13.52 1.90
CA MET A 99 -0.69 13.10 0.67
C MET A 99 -1.85 14.03 0.36
N PHE A 100 -2.89 13.97 1.19
CA PHE A 100 -4.06 14.82 1.00
C PHE A 100 -4.16 15.87 2.11
N SER A 101 -3.11 16.67 2.25
CA SER A 101 -3.09 17.71 3.28
C SER A 101 -3.99 18.87 2.89
N ASP A 102 -4.18 19.05 1.58
CA ASP A 102 -5.02 20.14 1.09
C ASP A 102 -5.55 19.81 -0.30
N GLY A 103 -4.91 18.85 -0.97
CA GLY A 103 -5.32 18.45 -2.30
C GLY A 103 -6.82 18.73 -2.51
N ASN A 104 -7.66 17.82 -2.01
CA ASN A 104 -9.10 17.98 -2.15
C ASN A 104 -9.82 16.75 -1.61
N PHE A 105 -9.26 16.16 -0.56
CA PHE A 105 -9.87 14.98 0.04
C PHE A 105 -10.36 14.01 -1.04
N ASN A 106 -9.69 14.04 -2.19
CA ASN A 106 -10.06 13.16 -3.29
C ASN A 106 -10.15 11.71 -2.82
N TRP A 107 -9.21 10.89 -3.28
CA TRP A 107 -9.19 9.48 -2.90
C TRP A 107 -8.09 8.74 -3.66
N GLY A 108 -7.74 9.25 -4.83
CA GLY A 108 -6.70 8.63 -5.65
C GLY A 108 -5.45 8.36 -4.83
N ARG A 109 -5.07 9.33 -3.99
CA ARG A 109 -3.89 9.19 -3.15
C ARG A 109 -3.90 7.83 -2.44
N VAL A 110 -5.08 7.28 -2.24
CA VAL A 110 -5.21 5.99 -1.58
C VAL A 110 -4.33 4.95 -2.25
N VAL A 111 -4.55 4.74 -3.54
CA VAL A 111 -3.75 3.77 -4.30
C VAL A 111 -2.27 3.92 -3.97
N ALA A 112 -1.79 5.16 -3.98
CA ALA A 112 -0.39 5.42 -3.69
C ALA A 112 -0.03 4.88 -2.30
N LEU A 113 -0.97 4.97 -1.38
CA LEU A 113 -0.74 4.51 -0.01
C LEU A 113 -0.32 3.03 -0.02
N PHE A 114 -1.06 2.23 -0.77
CA PHE A 114 -0.77 0.80 -0.86
C PHE A 114 0.67 0.58 -1.33
N TYR A 115 1.07 1.34 -2.35
CA TYR A 115 2.43 1.22 -2.89
C TYR A 115 3.45 1.71 -1.88
N PHE A 116 3.15 2.84 -1.24
CA PHE A 116 4.06 3.41 -0.25
C PHE A 116 4.30 2.42 0.88
N ALA A 117 3.23 1.76 1.32
CA ALA A 117 3.33 0.79 2.40
C ALA A 117 4.07 -0.47 1.93
N SER A 118 3.91 -0.80 0.66
CA SER A 118 4.56 -1.97 0.08
C SER A 118 6.03 -1.98 0.44
N LYS A 119 6.68 -0.82 0.31
CA LYS A 119 8.10 -0.71 0.63
C LYS A 119 8.36 -1.08 2.09
N LEU A 120 7.50 -0.59 2.98
CA LEU A 120 7.64 -0.88 4.40
C LEU A 120 7.37 -2.35 4.68
N VAL A 121 6.48 -2.94 3.89
CA VAL A 121 6.13 -4.35 4.06
C VAL A 121 7.23 -5.24 3.49
N LEU A 122 7.59 -5.01 2.24
CA LEU A 122 8.64 -5.81 1.59
C LEU A 122 10.01 -5.43 2.14
N LYS A 123 10.23 -4.14 2.35
CA LYS A 123 11.50 -3.67 2.87
C LYS A 123 11.80 -4.31 4.23
N ALA A 124 10.78 -4.42 5.06
CA ALA A 124 10.94 -5.02 6.37
C ALA A 124 11.04 -6.54 6.26
N LEU A 125 10.55 -7.09 5.16
CA LEU A 125 10.59 -8.52 4.94
C LEU A 125 12.04 -9.01 4.86
N CYS A 126 12.91 -8.15 4.34
CA CYS A 126 14.32 -8.50 4.20
C CYS A 126 15.06 -8.24 5.51
N THR A 127 14.66 -7.19 6.21
CA THR A 127 15.29 -6.85 7.49
C THR A 127 15.29 -8.05 8.43
N LYS A 128 14.42 -9.02 8.15
CA LYS A 128 14.33 -10.21 8.98
C LYS A 128 13.35 -9.98 10.14
N VAL A 129 12.21 -9.39 9.84
CA VAL A 129 11.21 -9.11 10.85
C VAL A 129 9.80 -9.19 10.27
N PRO A 130 9.22 -10.35 10.26
CA PRO A 130 7.85 -10.58 9.72
C PRO A 130 6.77 -9.94 10.59
N GLU A 131 7.15 -9.59 11.81
CA GLU A 131 6.21 -8.96 12.74
C GLU A 131 5.73 -7.62 12.20
N LEU A 132 6.66 -6.85 11.65
CA LEU A 132 6.33 -5.54 11.10
C LEU A 132 5.30 -5.67 9.98
N ILE A 133 5.39 -6.77 9.23
CA ILE A 133 4.47 -7.01 8.14
C ILE A 133 3.03 -7.00 8.64
N ARG A 134 2.77 -7.77 9.70
CA ARG A 134 1.43 -7.83 10.27
C ARG A 134 1.07 -6.51 10.93
N THR A 135 2.06 -5.85 11.52
CA THR A 135 1.82 -4.58 12.19
C THR A 135 1.45 -3.50 11.17
N ILE A 136 2.00 -3.62 9.96
CA ILE A 136 1.72 -2.66 8.92
C ILE A 136 0.29 -2.79 8.43
N MET A 137 -0.07 -3.98 7.95
CA MET A 137 -1.42 -4.22 7.46
C MET A 137 -2.45 -3.69 8.45
N GLY A 138 -2.06 -3.60 9.72
CA GLY A 138 -2.95 -3.11 10.75
C GLY A 138 -3.23 -1.61 10.56
N TRP A 139 -2.19 -0.86 10.20
CA TRP A 139 -2.33 0.57 9.99
C TRP A 139 -3.22 0.85 8.77
N THR A 140 -3.29 -0.12 7.86
CA THR A 140 -4.11 0.04 6.67
C THR A 140 -5.59 -0.14 7.01
N LEU A 141 -5.96 -1.35 7.41
CA LEU A 141 -7.35 -1.63 7.76
C LEU A 141 -7.87 -0.60 8.76
N ASP A 142 -6.98 -0.14 9.64
CA ASP A 142 -7.37 0.85 10.64
C ASP A 142 -7.74 2.17 9.98
N PHE A 143 -6.88 2.67 9.11
CA PHE A 143 -7.13 3.91 8.41
C PHE A 143 -8.32 3.77 7.46
N LEU A 144 -8.39 2.62 6.80
CA LEU A 144 -9.48 2.36 5.87
C LEU A 144 -10.79 2.17 6.61
N ARG A 145 -10.72 1.55 7.79
CA ARG A 145 -11.92 1.30 8.58
C ARG A 145 -12.27 2.54 9.40
N GLU A 146 -11.36 3.50 9.43
CA GLU A 146 -11.58 4.74 10.18
C GLU A 146 -11.74 5.91 9.24
N ARG A 147 -11.55 5.66 7.95
CA ARG A 147 -11.68 6.72 6.95
C ARG A 147 -12.33 6.19 5.68
N LEU A 148 -11.55 6.10 4.61
CA LEU A 148 -12.06 5.61 3.34
C LEU A 148 -13.39 4.89 3.55
N LEU A 149 -13.59 4.33 4.73
CA LEU A 149 -14.82 3.63 5.05
C LEU A 149 -16.04 4.46 4.65
N GLY A 150 -16.11 5.68 5.20
CA GLY A 150 -17.22 6.57 4.89
C GLY A 150 -17.24 6.95 3.42
N TRP A 151 -16.10 7.40 2.92
CA TRP A 151 -15.98 7.79 1.52
C TRP A 151 -16.16 6.58 0.61
N ILE A 152 -15.33 5.56 0.83
CA ILE A 152 -15.40 4.35 0.01
C ILE A 152 -16.83 3.81 -0.02
N GLN A 153 -17.56 3.98 1.07
CA GLN A 153 -18.93 3.52 1.15
C GLN A 153 -19.83 4.33 0.21
N ASP A 154 -19.47 5.59 0.01
CA ASP A 154 -20.26 6.46 -0.86
C ASP A 154 -19.74 6.37 -2.30
N GLN A 155 -18.66 5.61 -2.50
CA GLN A 155 -18.09 5.44 -3.82
C GLN A 155 -18.57 4.14 -4.45
N GLY A 156 -19.40 3.41 -3.73
CA GLY A 156 -19.93 2.15 -4.23
C GLY A 156 -18.95 1.01 -3.97
N GLY A 157 -18.11 1.18 -2.96
CA GLY A 157 -17.13 0.16 -2.62
C GLY A 157 -15.83 0.38 -3.38
N TRP A 158 -15.02 -0.67 -3.47
CA TRP A 158 -13.74 -0.58 -4.17
C TRP A 158 -13.96 -0.55 -5.68
N ASP A 159 -15.22 -0.72 -6.09
CA ASP A 159 -15.55 -0.70 -7.51
C ASP A 159 -15.19 0.65 -8.13
N GLY A 160 -15.49 1.72 -7.41
CA GLY A 160 -15.20 3.06 -7.90
C GLY A 160 -13.72 3.20 -8.27
N LEU A 161 -12.87 2.48 -7.56
CA LEU A 161 -11.44 2.52 -7.81
C LEU A 161 -11.13 2.00 -9.22
N LEU A 162 -11.61 0.79 -9.51
CA LEU A 162 -11.38 0.19 -10.81
C LEU A 162 -12.13 0.97 -11.90
N SER A 163 -13.25 1.55 -11.53
CA SER A 163 -14.06 2.31 -12.48
C SER A 163 -13.30 3.57 -12.91
N TYR A 164 -12.43 4.05 -12.04
CA TYR A 164 -11.64 5.25 -12.35
C TYR A 164 -10.53 4.94 -13.33
N PHE A 165 -9.85 3.81 -13.11
CA PHE A 165 -8.76 3.40 -13.99
C PHE A 165 -9.29 2.94 -15.34
N GLY A 166 -10.19 3.74 -15.91
CA GLY A 166 -10.77 3.41 -17.21
C GLY A 166 -10.68 4.59 -18.17
N THR A 167 -9.57 5.32 -18.11
CA THR A 167 -9.38 6.47 -18.98
C THR A 167 -8.35 6.17 -20.06
N PRO A 168 -8.09 7.12 -20.91
CA PRO A 168 -7.10 6.96 -22.03
C PRO A 168 -5.66 6.98 -21.51
N THR A 169 -4.76 7.53 -22.32
CA THR A 169 -3.36 7.59 -21.94
C THR A 169 -3.21 7.50 -20.42
N TRP A 170 -2.83 6.32 -19.93
CA TRP A 170 -2.66 6.11 -18.50
C TRP A 170 -1.50 6.96 -17.97
N GLN A 171 -0.65 7.41 -18.88
CA GLN A 171 0.51 8.22 -18.50
C GLN A 171 0.08 9.33 -17.55
N THR A 172 -1.23 9.57 -17.47
CA THR A 172 -1.76 10.61 -16.60
C THR A 172 -1.99 10.06 -15.19
N VAL A 173 -2.28 8.77 -15.10
CA VAL A 173 -2.50 8.14 -13.80
C VAL A 173 -1.20 8.00 -13.03
N THR A 174 -0.16 7.54 -13.72
CA THR A 174 1.14 7.37 -13.08
C THR A 174 1.70 8.72 -12.64
N ILE A 175 1.27 9.79 -13.31
CA ILE A 175 1.73 11.13 -12.99
C ILE A 175 0.91 11.72 -11.85
N PHE A 176 -0.16 11.03 -11.48
CA PHE A 176 -1.03 11.50 -10.41
C PHE A 176 -0.63 10.88 -9.07
N VAL A 177 -0.68 9.55 -9.00
CA VAL A 177 -0.31 8.85 -7.78
C VAL A 177 1.15 9.11 -7.43
N ALA A 178 1.90 9.61 -8.40
CA ALA A 178 3.33 9.89 -8.18
C ALA A 178 3.52 11.36 -7.82
N GLY A 179 2.87 12.25 -8.58
CA GLY A 179 2.97 13.68 -8.33
C GLY A 179 2.43 14.04 -6.96
N VAL A 180 1.51 13.21 -6.45
CA VAL A 180 0.93 13.46 -5.13
C VAL A 180 1.80 12.85 -4.04
N LEU A 181 2.13 11.57 -4.20
CA LEU A 181 2.95 10.87 -3.21
C LEU A 181 4.38 11.40 -3.24
N THR A 182 4.94 11.52 -4.44
CA THR A 182 6.30 12.01 -4.60
C THR A 182 6.49 13.32 -3.84
N ALA A 183 5.58 14.27 -4.09
CA ALA A 183 5.65 15.56 -3.43
C ALA A 183 5.87 15.40 -1.93
N SER A 184 5.11 14.48 -1.33
CA SER A 184 5.23 14.23 0.10
C SER A 184 6.67 13.91 0.47
N LEU A 185 7.35 13.16 -0.40
CA LEU A 185 8.74 12.79 -0.16
C LEU A 185 9.67 13.96 -0.44
N THR A 186 9.19 14.90 -1.26
CA THR A 186 10.00 16.07 -1.60
C THR A 186 10.09 17.03 -0.42
N ILE A 187 8.96 17.26 0.23
CA ILE A 187 8.92 18.16 1.38
C ILE A 187 9.57 17.51 2.59
N TRP A 188 9.12 16.30 2.91
CA TRP A 188 9.65 15.56 4.05
C TRP A 188 11.11 15.92 4.28
N LYS A 189 11.94 15.73 3.26
CA LYS A 189 13.36 16.04 3.36
C LYS A 189 14.05 15.82 2.02
N LYS A 190 14.79 16.83 1.57
CA LYS A 190 15.49 16.73 0.30
C LYS A 190 17.00 16.67 0.53
N MET A 191 17.51 15.45 0.68
CA MET A 191 18.93 15.25 0.91
C MET A 191 19.50 14.23 -0.09
N GLY A 192 20.67 14.54 -0.64
CA GLY A 192 21.31 13.64 -1.60
C GLY A 192 22.82 13.79 -1.57
N CYS B 1 19.96 -5.98 -11.35
CA CYS B 1 21.39 -6.33 -11.55
C CYS B 1 22.10 -6.43 -10.20
N GLU B 2 23.16 -5.66 -10.04
CA GLU B 2 23.91 -5.68 -8.79
C GLU B 2 23.07 -5.13 -7.65
N ALA B 3 22.54 -3.93 -7.83
CA ALA B 3 21.71 -3.31 -6.79
C ALA B 3 22.56 -2.86 -5.61
N LEU B 4 21.90 -2.39 -4.56
CA LEU B 4 22.60 -1.93 -3.37
C LEU B 4 22.80 -3.09 -2.40
N LYS B 5 23.80 -3.92 -2.66
CA LYS B 5 24.08 -5.06 -1.80
C LYS B 5 24.57 -4.60 -0.44
N LYS B 6 25.45 -3.59 -0.44
CA LYS B 6 25.99 -3.05 0.80
C LYS B 6 24.88 -2.41 1.63
N ALA B 7 24.02 -1.65 0.98
CA ALA B 7 22.92 -0.98 1.68
C ALA B 7 23.46 0.11 2.60
N LEU B 8 22.84 0.22 3.77
CA LEU B 8 23.27 1.23 4.75
C LEU B 8 24.09 0.59 5.85
N ARG B 9 25.41 0.74 5.77
CA ARG B 9 26.30 0.16 6.78
C ARG B 9 26.08 0.84 8.13
N ARG B 10 25.81 2.15 8.10
CA ARG B 10 25.59 2.90 9.32
C ARG B 10 24.39 2.34 10.08
N HIS B 11 23.32 2.05 9.36
CA HIS B 11 22.11 1.51 9.97
C HIS B 11 22.27 0.02 10.24
N ARG B 12 22.37 -0.76 9.17
CA ARG B 12 22.52 -2.20 9.30
C ARG B 12 23.35 -2.54 10.53
N PHE B 13 24.29 -1.66 10.87
CA PHE B 13 25.15 -1.88 12.02
C PHE B 13 24.55 -1.23 13.27
N LEU B 14 23.79 -0.16 13.07
CA LEU B 14 23.15 0.54 14.17
C LEU B 14 22.23 -0.39 14.94
N TRP B 15 21.60 -1.32 14.23
CA TRP B 15 20.69 -2.26 14.85
C TRP B 15 21.45 -3.48 15.38
N GLN B 16 22.23 -4.11 14.50
CA GLN B 16 23.01 -5.27 14.89
C GLN B 16 23.51 -5.13 16.32
N ARG B 17 24.44 -4.21 16.54
CA ARG B 17 24.99 -3.99 17.87
C ARG B 17 23.98 -3.31 18.77
N ARG B 18 23.89 -3.76 20.02
CA ARG B 18 22.95 -3.18 20.97
C ARG B 18 23.58 -3.11 22.36
N GLN B 19 24.22 -1.98 22.65
CA GLN B 19 24.86 -1.79 23.95
C GLN B 19 23.95 -1.01 24.89
N ARG B 20 23.99 0.31 24.78
CA ARG B 20 23.17 1.17 25.62
C ARG B 20 21.71 1.10 25.20
N ALA B 21 21.48 0.97 23.89
CA ALA B 21 20.12 0.90 23.36
C ALA B 21 19.47 -0.42 23.76
N MET A 1 -31.20 -8.05 -12.85
CA MET A 1 -31.71 -8.35 -11.48
C MET A 1 -31.06 -9.63 -10.96
N ASP A 2 -30.53 -10.44 -11.88
CA ASP A 2 -29.87 -11.68 -11.50
C ASP A 2 -28.83 -11.44 -10.42
N GLY A 3 -28.00 -10.43 -10.64
CA GLY A 3 -26.95 -10.09 -9.67
C GLY A 3 -25.71 -10.95 -9.90
N SER A 4 -25.65 -12.08 -9.22
CA SER A 4 -24.51 -12.98 -9.35
C SER A 4 -24.95 -14.44 -9.29
N GLY A 5 -25.98 -14.70 -8.48
CA GLY A 5 -26.51 -16.05 -8.34
C GLY A 5 -27.94 -16.03 -7.82
N GLU A 6 -28.32 -17.09 -7.11
CA GLU A 6 -29.67 -17.18 -6.56
C GLU A 6 -29.63 -17.73 -5.14
N GLN A 7 -29.99 -16.89 -4.17
CA GLN A 7 -29.99 -17.32 -2.77
C GLN A 7 -28.87 -16.63 -2.00
N PRO A 8 -28.43 -15.51 -2.48
CA PRO A 8 -27.33 -14.73 -1.83
C PRO A 8 -27.78 -14.04 -0.55
N ARG A 9 -26.90 -13.99 0.44
CA ARG A 9 -27.22 -13.36 1.71
C ARG A 9 -26.27 -12.21 2.01
N GLY A 10 -26.77 -10.99 1.87
CA GLY A 10 -25.96 -9.81 2.12
C GLY A 10 -26.70 -8.53 1.73
N GLY A 11 -27.97 -8.46 2.12
CA GLY A 11 -28.79 -7.29 1.80
C GLY A 11 -27.95 -6.02 1.84
N GLY A 12 -27.38 -5.66 0.69
CA GLY A 12 -26.56 -4.46 0.60
C GLY A 12 -25.08 -4.82 0.56
N PRO A 13 -24.66 -5.45 -0.51
CA PRO A 13 -23.23 -5.87 -0.69
C PRO A 13 -22.27 -4.71 -0.46
N THR A 14 -22.74 -3.49 -0.65
CA THR A 14 -21.92 -2.30 -0.46
C THR A 14 -21.86 -1.91 1.01
N SER A 15 -21.64 -2.91 1.87
CA SER A 15 -21.55 -2.66 3.30
C SER A 15 -20.10 -2.60 3.76
N SER A 16 -19.89 -2.75 5.06
CA SER A 16 -18.55 -2.72 5.62
C SER A 16 -17.95 -4.12 5.66
N GLU A 17 -18.75 -5.11 5.31
CA GLU A 17 -18.29 -6.49 5.31
C GLU A 17 -17.53 -6.81 4.03
N GLN A 18 -18.14 -6.50 2.89
CA GLN A 18 -17.52 -6.75 1.60
C GLN A 18 -16.30 -5.84 1.41
N ILE A 19 -16.25 -4.76 2.16
CA ILE A 19 -15.15 -3.82 2.06
C ILE A 19 -13.98 -4.27 2.94
N MET A 20 -14.25 -4.43 4.22
CA MET A 20 -13.21 -4.86 5.15
C MET A 20 -12.51 -6.11 4.64
N LYS A 21 -13.28 -6.99 4.00
CA LYS A 21 -12.72 -8.23 3.46
C LYS A 21 -11.78 -7.92 2.31
N THR A 22 -12.22 -7.07 1.39
CA THR A 22 -11.41 -6.71 0.24
C THR A 22 -10.25 -5.81 0.67
N GLY A 23 -10.25 -5.43 1.94
CA GLY A 23 -9.19 -4.56 2.47
C GLY A 23 -7.95 -5.38 2.83
N ALA A 24 -8.14 -6.42 3.64
CA ALA A 24 -7.03 -7.27 4.05
C ALA A 24 -6.68 -8.25 2.94
N LEU A 25 -7.52 -8.31 1.90
CA LEU A 25 -7.29 -9.21 0.79
C LEU A 25 -6.39 -8.56 -0.25
N LEU A 26 -6.98 -7.72 -1.10
CA LEU A 26 -6.22 -7.04 -2.14
C LEU A 26 -4.76 -6.88 -1.72
N LEU A 27 -4.52 -6.09 -0.68
CA LEU A 27 -3.17 -5.86 -0.19
C LEU A 27 -2.45 -7.20 0.04
N GLN A 28 -3.04 -8.04 0.89
CA GLN A 28 -2.45 -9.34 1.18
C GLN A 28 -2.04 -10.05 -0.11
N GLY A 29 -2.59 -9.59 -1.23
CA GLY A 29 -2.28 -10.18 -2.52
C GLY A 29 -1.06 -9.52 -3.14
N PHE A 30 -1.25 -8.29 -3.63
CA PHE A 30 -0.16 -7.55 -4.25
C PHE A 30 1.14 -7.73 -3.46
N ILE A 31 1.00 -8.15 -2.20
CA ILE A 31 2.16 -8.36 -1.35
C ILE A 31 2.87 -9.66 -1.71
N GLN A 32 2.21 -10.78 -1.42
CA GLN A 32 2.80 -12.09 -1.71
C GLN A 32 2.63 -12.42 -3.20
N ASP A 33 2.60 -11.39 -4.03
CA ASP A 33 2.45 -11.59 -5.47
C ASP A 33 3.73 -11.19 -6.20
N ARG A 34 4.22 -9.99 -5.92
CA ARG A 34 5.43 -9.50 -6.56
C ARG A 34 6.66 -9.86 -5.73
N ALA A 35 6.46 -10.00 -4.42
CA ALA A 35 7.56 -10.35 -3.53
C ALA A 35 7.55 -11.85 -3.23
N GLY A 36 6.44 -12.51 -3.56
CA GLY A 36 6.32 -13.94 -3.31
C GLY A 36 6.87 -14.75 -4.49
N ARG A 37 7.56 -15.84 -4.18
CA ARG A 37 8.13 -16.68 -5.22
C ARG A 37 7.11 -17.71 -5.71
N MET A 38 7.54 -18.60 -6.59
CA MET A 38 6.64 -19.62 -7.13
C MET A 38 6.21 -20.58 -6.03
N GLY A 39 7.13 -20.89 -5.12
CA GLY A 39 6.83 -21.81 -4.03
C GLY A 39 6.30 -21.05 -2.82
N GLY A 40 5.89 -21.79 -1.80
CA GLY A 40 5.37 -21.19 -0.58
C GLY A 40 5.29 -22.20 0.55
N GLU A 41 6.44 -22.68 0.99
CA GLU A 41 6.49 -23.65 2.07
C GLU A 41 6.23 -22.99 3.41
N ALA A 42 6.77 -21.79 3.61
CA ALA A 42 6.58 -21.07 4.85
C ALA A 42 6.56 -19.57 4.60
N PRO A 43 5.64 -19.11 3.78
CA PRO A 43 5.50 -17.66 3.45
C PRO A 43 5.44 -16.80 4.70
N GLU A 44 5.81 -15.52 4.54
CA GLU A 44 5.78 -14.60 5.67
C GLU A 44 4.47 -13.83 5.70
N LEU A 45 3.66 -14.00 4.66
CA LEU A 45 2.37 -13.31 4.58
C LEU A 45 1.24 -14.29 4.85
N ALA A 46 1.15 -14.78 6.09
CA ALA A 46 0.11 -15.72 6.46
C ALA A 46 -1.22 -14.99 6.65
N LEU A 47 -2.30 -15.61 6.18
CA LEU A 47 -3.62 -15.01 6.30
C LEU A 47 -4.68 -16.09 6.50
N ASP A 48 -5.91 -15.67 6.76
CA ASP A 48 -7.01 -16.61 6.97
C ASP A 48 -7.71 -16.92 5.65
N PRO A 49 -8.43 -18.00 5.60
CA PRO A 49 -9.17 -18.42 4.38
C PRO A 49 -9.97 -17.27 3.77
N VAL A 50 -10.41 -17.46 2.53
CA VAL A 50 -11.18 -16.43 1.84
C VAL A 50 -11.88 -17.01 0.61
N PRO A 51 -13.12 -16.63 0.40
CA PRO A 51 -13.93 -17.12 -0.74
C PRO A 51 -13.17 -17.02 -2.06
N GLN A 52 -13.66 -17.71 -3.08
CA GLN A 52 -13.03 -17.69 -4.39
C GLN A 52 -13.70 -16.68 -5.31
N ASP A 53 -13.11 -15.49 -5.41
CA ASP A 53 -13.67 -14.44 -6.26
C ASP A 53 -12.60 -13.86 -7.18
N ALA A 54 -12.94 -13.69 -8.45
CA ALA A 54 -12.00 -13.14 -9.41
C ALA A 54 -12.04 -11.61 -9.40
N SER A 55 -12.93 -11.05 -8.60
CA SER A 55 -13.07 -9.62 -8.50
C SER A 55 -11.75 -8.98 -8.07
N THR A 56 -11.07 -9.62 -7.13
CA THR A 56 -9.80 -9.11 -6.64
C THR A 56 -8.67 -9.48 -7.59
N LYS A 57 -8.78 -10.65 -8.22
CA LYS A 57 -7.77 -11.11 -9.15
C LYS A 57 -7.45 -10.03 -10.17
N LYS A 58 -8.49 -9.55 -10.85
CA LYS A 58 -8.30 -8.51 -11.86
C LYS A 58 -7.70 -7.26 -11.24
N LEU A 59 -8.26 -6.83 -10.11
CA LEU A 59 -7.78 -5.65 -9.43
C LEU A 59 -6.33 -5.85 -8.97
N SER A 60 -5.95 -7.10 -8.76
CA SER A 60 -4.60 -7.41 -8.33
C SER A 60 -3.61 -7.18 -9.48
N GLU A 61 -4.03 -7.47 -10.69
CA GLU A 61 -3.19 -7.29 -11.86
C GLU A 61 -2.83 -5.82 -12.05
N CYS A 62 -3.76 -4.94 -11.66
CA CYS A 62 -3.53 -3.51 -11.79
C CYS A 62 -2.37 -3.06 -10.91
N LEU A 63 -2.28 -3.66 -9.71
CA LEU A 63 -1.20 -3.32 -8.78
C LEU A 63 0.12 -3.93 -9.24
N LYS A 64 0.03 -5.01 -10.01
CA LYS A 64 1.23 -5.69 -10.49
C LYS A 64 1.74 -5.01 -11.77
N ARG A 65 0.80 -4.56 -12.61
CA ARG A 65 1.17 -3.89 -13.85
C ARG A 65 1.83 -2.55 -13.57
N ILE A 66 1.23 -1.79 -12.65
CA ILE A 66 1.77 -0.48 -12.29
C ILE A 66 3.00 -0.63 -11.40
N GLY A 67 2.98 -1.63 -10.54
CA GLY A 67 4.10 -1.87 -9.64
C GLY A 67 5.38 -2.15 -10.42
N ASP A 68 5.28 -3.00 -11.43
CA ASP A 68 6.44 -3.34 -12.25
C ASP A 68 6.97 -2.11 -12.96
N GLU A 69 6.07 -1.21 -13.34
CA GLU A 69 6.46 0.01 -14.04
C GLU A 69 6.98 1.04 -13.05
N LEU A 70 6.14 1.41 -12.09
CA LEU A 70 6.53 2.39 -11.08
C LEU A 70 7.81 1.96 -10.38
N ASP A 71 7.89 0.68 -10.04
CA ASP A 71 9.08 0.15 -9.37
C ASP A 71 10.30 0.24 -10.27
N SER A 72 10.06 0.59 -11.54
CA SER A 72 11.16 0.71 -12.50
C SER A 72 11.62 2.16 -12.62
N ASN A 73 11.08 3.01 -11.75
CA ASN A 73 11.44 4.42 -11.77
C ASN A 73 12.58 4.70 -10.79
N MET A 74 13.75 5.03 -11.34
CA MET A 74 14.91 5.31 -10.52
C MET A 74 14.71 6.60 -9.74
N GLU A 75 13.69 7.35 -10.09
CA GLU A 75 13.39 8.61 -9.42
C GLU A 75 12.66 8.36 -8.09
N LEU A 76 11.43 7.86 -8.20
CA LEU A 76 10.64 7.57 -7.00
C LEU A 76 11.34 6.56 -6.12
N GLN A 77 11.94 5.55 -6.75
CA GLN A 77 12.65 4.51 -6.02
C GLN A 77 13.82 5.11 -5.22
N ARG A 78 14.48 6.09 -5.82
CA ARG A 78 15.62 6.73 -5.17
C ARG A 78 15.14 7.56 -3.98
N MET A 79 14.06 8.32 -4.17
CA MET A 79 13.52 9.15 -3.10
C MET A 79 13.23 8.31 -1.87
N ILE A 80 12.64 7.14 -2.07
CA ILE A 80 12.32 6.24 -0.97
C ILE A 80 13.59 5.80 -0.25
N ALA A 81 14.71 5.85 -0.96
CA ALA A 81 15.99 5.45 -0.38
C ALA A 81 16.63 6.62 0.35
N ALA A 82 16.18 7.83 0.04
CA ALA A 82 16.72 9.02 0.68
C ALA A 82 15.99 9.32 1.98
N VAL A 83 14.84 8.69 2.16
CA VAL A 83 14.05 8.88 3.38
C VAL A 83 14.46 7.88 4.45
N ASP A 84 15.52 8.20 5.17
CA ASP A 84 16.01 7.32 6.23
C ASP A 84 14.83 6.75 7.03
N THR A 85 15.09 5.68 7.76
CA THR A 85 14.06 5.04 8.56
C THR A 85 14.43 5.05 10.04
N ASP A 86 13.59 5.69 10.85
CA ASP A 86 13.84 5.78 12.28
C ASP A 86 12.52 5.81 13.06
N SER A 87 11.41 5.77 12.32
CA SER A 87 10.09 5.79 12.94
C SER A 87 9.00 5.62 11.89
N PRO A 88 8.66 4.40 11.57
CA PRO A 88 7.62 4.08 10.55
C PRO A 88 6.23 4.52 11.01
N ARG A 89 6.10 4.77 12.31
CA ARG A 89 4.81 5.19 12.87
C ARG A 89 4.64 6.69 12.74
N GLU A 90 5.74 7.43 12.89
CA GLU A 90 5.69 8.88 12.78
C GLU A 90 5.61 9.31 11.32
N VAL A 91 6.61 8.89 10.53
CA VAL A 91 6.64 9.24 9.11
C VAL A 91 5.37 8.77 8.42
N PHE A 92 5.03 7.50 8.60
CA PHE A 92 3.83 6.94 7.98
C PHE A 92 2.65 7.88 8.17
N PHE A 93 2.40 8.27 9.41
CA PHE A 93 1.29 9.17 9.71
C PHE A 93 1.55 10.55 9.12
N ARG A 94 2.83 10.92 9.04
CA ARG A 94 3.20 12.23 8.49
C ARG A 94 2.97 12.25 6.98
N VAL A 95 3.62 11.34 6.27
CA VAL A 95 3.47 11.27 4.82
C VAL A 95 2.01 11.04 4.44
N ALA A 96 1.38 10.07 5.09
CA ALA A 96 -0.02 9.76 4.80
C ALA A 96 -0.88 11.01 4.95
N ALA A 97 -0.44 11.93 5.81
CA ALA A 97 -1.18 13.17 6.03
C ALA A 97 -0.87 14.18 4.94
N ASP A 98 0.38 14.24 4.52
CA ASP A 98 0.79 15.17 3.48
C ASP A 98 0.08 14.85 2.16
N MET A 99 -0.08 13.56 1.88
CA MET A 99 -0.75 13.14 0.65
C MET A 99 -1.93 14.06 0.34
N PHE A 100 -2.96 13.98 1.17
CA PHE A 100 -4.15 14.82 0.96
C PHE A 100 -4.26 15.86 2.07
N SER A 101 -3.22 16.68 2.22
CA SER A 101 -3.22 17.72 3.23
C SER A 101 -4.13 18.87 2.83
N ASP A 102 -4.31 19.05 1.53
CA ASP A 102 -5.17 20.12 1.03
C ASP A 102 -5.69 19.78 -0.36
N GLY A 103 -5.04 18.83 -1.02
CA GLY A 103 -5.45 18.42 -2.36
C GLY A 103 -6.94 18.68 -2.57
N ASN A 104 -7.77 17.77 -2.07
CA ASN A 104 -9.21 17.91 -2.21
C ASN A 104 -9.92 16.67 -1.67
N PHE A 105 -9.36 16.08 -0.62
CA PHE A 105 -9.95 14.89 -0.01
C PHE A 105 -10.42 13.92 -1.08
N ASN A 106 -9.75 13.95 -2.24
CA ASN A 106 -10.11 13.07 -3.34
C ASN A 106 -10.18 11.61 -2.87
N TRP A 107 -9.23 10.81 -3.32
CA TRP A 107 -9.19 9.40 -2.92
C TRP A 107 -8.08 8.67 -3.67
N GLY A 108 -7.73 9.18 -4.85
CA GLY A 108 -6.69 8.57 -5.66
C GLY A 108 -5.44 8.32 -4.83
N ARG A 109 -5.08 9.28 -4.00
CA ARG A 109 -3.89 9.17 -3.17
C ARG A 109 -3.89 7.81 -2.45
N VAL A 110 -5.07 7.25 -2.25
CA VAL A 110 -5.19 5.96 -1.58
C VAL A 110 -4.29 4.92 -2.25
N VAL A 111 -4.49 4.71 -3.54
CA VAL A 111 -3.69 3.75 -4.28
C VAL A 111 -2.21 3.92 -3.95
N ALA A 112 -1.75 5.16 -3.96
CA ALA A 112 -0.35 5.44 -3.67
C ALA A 112 0.02 4.93 -2.28
N LEU A 113 -0.93 5.00 -1.35
CA LEU A 113 -0.70 4.54 0.01
C LEU A 113 -0.27 3.07 0.01
N PHE A 114 -0.99 2.25 -0.75
CA PHE A 114 -0.68 0.83 -0.83
C PHE A 114 0.76 0.63 -1.30
N TYR A 115 1.16 1.38 -2.31
CA TYR A 115 2.51 1.28 -2.85
C TYR A 115 3.53 1.79 -1.83
N PHE A 116 3.22 2.92 -1.20
CA PHE A 116 4.11 3.50 -0.20
C PHE A 116 4.35 2.51 0.93
N ALA A 117 3.29 1.84 1.37
CA ALA A 117 3.41 0.87 2.45
C ALA A 117 4.17 -0.37 1.99
N SER A 118 4.00 -0.71 0.71
CA SER A 118 4.67 -1.87 0.15
C SER A 118 6.15 -1.87 0.52
N LYS A 119 6.78 -0.70 0.39
CA LYS A 119 8.20 -0.58 0.71
C LYS A 119 8.45 -0.94 2.16
N LEU A 120 7.59 -0.45 3.05
CA LEU A 120 7.74 -0.73 4.47
C LEU A 120 7.47 -2.21 4.76
N VAL A 121 6.60 -2.81 3.96
CA VAL A 121 6.26 -4.22 4.14
C VAL A 121 7.37 -5.11 3.58
N LEU A 122 7.74 -4.87 2.32
CA LEU A 122 8.79 -5.66 1.69
C LEU A 122 10.16 -5.27 2.25
N LYS A 123 10.36 -3.98 2.45
CA LYS A 123 11.64 -3.49 2.98
C LYS A 123 11.93 -4.13 4.33
N ALA A 124 10.90 -4.24 5.16
CA ALA A 124 11.06 -4.83 6.48
C ALA A 124 11.19 -6.35 6.38
N LEU A 125 10.71 -6.90 5.26
CA LEU A 125 10.77 -8.34 5.06
C LEU A 125 12.22 -8.81 4.98
N CYS A 126 13.09 -7.94 4.48
CA CYS A 126 14.50 -8.28 4.35
C CYS A 126 15.24 -8.02 5.66
N THR A 127 14.82 -6.97 6.36
CA THR A 127 15.45 -6.62 7.63
C THR A 127 15.43 -7.81 8.58
N LYS A 128 14.59 -8.79 8.28
CA LYS A 128 14.48 -9.98 9.12
C LYS A 128 13.51 -9.74 10.27
N VAL A 129 12.35 -9.17 9.96
CA VAL A 129 11.35 -8.89 10.97
C VAL A 129 9.94 -8.99 10.38
N PRO A 130 9.38 -10.17 10.37
CA PRO A 130 8.02 -10.41 9.83
C PRO A 130 6.94 -9.79 10.69
N GLU A 131 7.30 -9.41 11.91
CA GLU A 131 6.35 -8.80 12.84
C GLU A 131 5.87 -7.46 12.29
N LEU A 132 6.79 -6.68 11.73
CA LEU A 132 6.44 -5.37 11.18
C LEU A 132 5.42 -5.53 10.06
N ILE A 133 5.53 -6.62 9.31
CA ILE A 133 4.61 -6.88 8.22
C ILE A 133 3.17 -6.89 8.71
N ARG A 134 2.92 -7.64 9.78
CA ARG A 134 1.58 -7.73 10.34
C ARG A 134 1.19 -6.41 11.00
N THR A 135 2.18 -5.74 11.59
CA THR A 135 1.92 -4.47 12.25
C THR A 135 1.55 -3.40 11.23
N ILE A 136 2.10 -3.52 10.03
CA ILE A 136 1.81 -2.56 8.97
C ILE A 136 0.38 -2.72 8.48
N MET A 137 0.04 -3.91 8.01
CA MET A 137 -1.30 -4.17 7.51
C MET A 137 -2.34 -3.64 8.50
N GLY A 138 -1.96 -3.54 9.76
CA GLY A 138 -2.87 -3.05 10.79
C GLY A 138 -3.16 -1.57 10.59
N TRP A 139 -2.13 -0.81 10.23
CA TRP A 139 -2.29 0.62 10.02
C TRP A 139 -3.17 0.88 8.80
N THR A 140 -3.23 -0.08 7.90
CA THR A 140 -4.05 0.05 6.69
C THR A 140 -5.52 -0.14 7.03
N LEU A 141 -5.88 -1.35 7.44
CA LEU A 141 -7.26 -1.64 7.78
C LEU A 141 -7.80 -0.62 8.78
N ASP A 142 -6.93 -0.15 9.66
CA ASP A 142 -7.33 0.84 10.65
C ASP A 142 -7.72 2.16 9.99
N PHE A 143 -6.84 2.66 9.11
CA PHE A 143 -7.12 3.90 8.42
C PHE A 143 -8.30 3.74 7.45
N LEU A 144 -8.36 2.59 6.80
CA LEU A 144 -9.44 2.32 5.86
C LEU A 144 -10.76 2.10 6.60
N ARG A 145 -10.68 1.49 7.77
CA ARG A 145 -11.88 1.24 8.58
C ARG A 145 -12.25 2.47 9.38
N GLU A 146 -11.34 3.45 9.42
CA GLU A 146 -11.59 4.68 10.17
C GLU A 146 -11.75 5.86 9.22
N ARG A 147 -11.56 5.61 7.92
CA ARG A 147 -11.69 6.66 6.92
C ARG A 147 -12.33 6.11 5.65
N LEU A 148 -11.55 6.02 4.59
CA LEU A 148 -12.05 5.51 3.31
C LEU A 148 -13.37 4.78 3.52
N LEU A 149 -13.56 4.23 4.71
CA LEU A 149 -14.79 3.51 5.02
C LEU A 149 -16.01 4.33 4.62
N GLY A 150 -16.09 5.54 5.16
CA GLY A 150 -17.23 6.43 4.85
C GLY A 150 -17.23 6.79 3.37
N TRP A 151 -16.10 7.26 2.87
CA TRP A 151 -15.99 7.65 1.47
C TRP A 151 -16.15 6.43 0.56
N ILE A 152 -15.31 5.43 0.79
CA ILE A 152 -15.36 4.21 -0.01
C ILE A 152 -16.79 3.66 -0.06
N GLN A 153 -17.51 3.83 1.03
CA GLN A 153 -18.89 3.34 1.11
C GLN A 153 -19.78 4.13 0.17
N ASP A 154 -19.45 5.40 -0.05
CA ASP A 154 -20.23 6.26 -0.92
C ASP A 154 -19.72 6.16 -2.36
N GLN A 155 -18.63 5.42 -2.54
CA GLN A 155 -18.05 5.26 -3.87
C GLN A 155 -18.51 3.94 -4.50
N GLY A 156 -19.34 3.20 -3.77
CA GLY A 156 -19.85 1.94 -4.27
C GLY A 156 -18.86 0.81 -4.00
N GLY A 157 -18.02 1.00 -2.99
CA GLY A 157 -17.02 -0.01 -2.64
C GLY A 157 -15.73 0.22 -3.40
N TRP A 158 -14.90 -0.82 -3.48
CA TRP A 158 -13.63 -0.72 -4.18
C TRP A 158 -13.85 -0.70 -5.69
N ASP A 159 -15.10 -0.88 -6.11
CA ASP A 159 -15.42 -0.87 -7.52
C ASP A 159 -15.08 0.48 -8.15
N GLY A 160 -15.39 1.55 -7.43
CA GLY A 160 -15.12 2.90 -7.93
C GLY A 160 -13.65 3.05 -8.29
N LEU A 161 -12.79 2.33 -7.57
CA LEU A 161 -11.35 2.39 -7.83
C LEU A 161 -11.03 1.87 -9.22
N LEU A 162 -11.49 0.66 -9.51
CA LEU A 162 -11.25 0.05 -10.82
C LEU A 162 -12.00 0.81 -11.90
N SER A 163 -13.14 1.38 -11.54
CA SER A 163 -13.94 2.14 -12.49
C SER A 163 -13.22 3.41 -12.93
N TYR A 164 -12.33 3.90 -12.07
CA TYR A 164 -11.57 5.11 -12.37
C TYR A 164 -10.44 4.80 -13.34
N PHE A 165 -9.76 3.67 -13.12
CA PHE A 165 -8.65 3.28 -13.99
C PHE A 165 -9.18 2.81 -15.34
N GLY A 166 -10.08 3.60 -15.92
CA GLY A 166 -10.65 3.25 -17.23
C GLY A 166 -10.58 4.44 -18.18
N THR A 167 -9.47 5.18 -18.13
CA THR A 167 -9.29 6.33 -19.00
C THR A 167 -8.26 6.04 -20.08
N PRO A 168 -8.01 6.99 -20.94
CA PRO A 168 -7.02 6.83 -22.05
C PRO A 168 -5.58 6.85 -21.54
N THR A 169 -4.68 7.42 -22.32
CA THR A 169 -3.28 7.50 -21.93
C THR A 169 -3.14 7.42 -20.41
N TRP A 170 -2.74 6.24 -19.93
CA TRP A 170 -2.57 6.05 -18.50
C TRP A 170 -1.43 6.90 -17.96
N GLN A 171 -0.57 7.36 -18.87
CA GLN A 171 0.56 8.19 -18.48
C GLN A 171 0.12 9.30 -17.55
N THR A 172 -1.19 9.52 -17.48
CA THR A 172 -1.73 10.56 -16.61
C THR A 172 -1.96 10.02 -15.19
N VAL A 173 -2.23 8.72 -15.10
CA VAL A 173 -2.47 8.09 -13.81
C VAL A 173 -1.16 7.97 -13.03
N THR A 174 -0.10 7.53 -13.71
CA THR A 174 1.20 7.37 -13.06
C THR A 174 1.74 8.73 -12.63
N ILE A 175 1.29 9.79 -13.31
CA ILE A 175 1.74 11.13 -12.99
C ILE A 175 0.90 11.73 -11.86
N PHE A 176 -0.16 11.03 -11.48
CA PHE A 176 -1.04 11.49 -10.42
C PHE A 176 -0.64 10.87 -9.09
N VAL A 177 -0.67 9.55 -9.01
CA VAL A 177 -0.30 8.85 -7.78
C VAL A 177 1.16 9.14 -7.42
N ALA A 178 1.92 9.63 -8.39
CA ALA A 178 3.33 9.95 -8.17
C ALA A 178 3.50 11.42 -7.82
N GLY A 179 2.84 12.28 -8.57
CA GLY A 179 2.93 13.72 -8.34
C GLY A 179 2.38 14.08 -6.96
N VAL A 180 1.48 13.25 -6.45
CA VAL A 180 0.88 13.49 -5.15
C VAL A 180 1.75 12.90 -4.05
N LEU A 181 2.09 11.62 -4.20
CA LEU A 181 2.93 10.94 -3.21
C LEU A 181 4.35 11.49 -3.24
N THR A 182 4.92 11.59 -4.43
CA THR A 182 6.27 12.10 -4.58
C THR A 182 6.43 13.42 -3.83
N ALA A 183 5.52 14.36 -4.09
CA ALA A 183 5.58 15.66 -3.43
C ALA A 183 5.79 15.49 -1.93
N SER A 184 5.04 14.58 -1.33
CA SER A 184 5.15 14.33 0.10
C SER A 184 6.60 14.02 0.48
N LEU A 185 7.29 13.29 -0.39
CA LEU A 185 8.68 12.92 -0.14
C LEU A 185 9.60 14.11 -0.43
N THR A 186 9.12 15.04 -1.24
CA THR A 186 9.90 16.22 -1.60
C THR A 186 9.99 17.18 -0.42
N ILE A 187 8.85 17.41 0.24
CA ILE A 187 8.80 18.31 1.38
C ILE A 187 9.44 17.67 2.60
N TRP A 188 9.00 16.45 2.92
CA TRP A 188 9.54 15.74 4.07
C TRP A 188 11.00 16.11 4.29
N LYS A 189 11.83 15.92 3.28
CA LYS A 189 13.25 16.25 3.38
C LYS A 189 13.94 16.03 2.05
N LYS A 190 14.67 17.05 1.59
CA LYS A 190 15.38 16.96 0.33
C LYS A 190 16.89 16.91 0.57
N MET A 191 17.41 15.69 0.72
CA MET A 191 18.85 15.51 0.95
C MET A 191 19.42 14.50 -0.03
N GLY A 192 20.59 14.81 -0.58
CA GLY A 192 21.24 13.92 -1.53
C GLY A 192 22.75 14.10 -1.50
N CYS B 1 19.52 -1.91 -11.52
CA CYS B 1 19.55 -3.32 -12.05
C CYS B 1 19.06 -4.27 -10.97
N GLU B 2 19.06 -5.56 -11.28
CA GLU B 2 18.61 -6.57 -10.32
C GLU B 2 19.27 -6.35 -8.97
N ALA B 3 19.03 -7.27 -8.04
CA ALA B 3 19.62 -7.17 -6.71
C ALA B 3 19.32 -5.81 -6.09
N LEU B 4 20.01 -5.49 -5.00
CA LEU B 4 19.80 -4.22 -4.32
C LEU B 4 20.52 -3.10 -5.06
N LYS B 5 19.76 -2.09 -5.49
CA LYS B 5 20.33 -0.96 -6.21
C LYS B 5 21.51 -0.38 -5.44
N LYS B 6 21.33 -0.22 -4.13
CA LYS B 6 22.40 0.33 -3.29
C LYS B 6 22.47 -0.42 -1.97
N ALA B 7 21.76 0.08 -0.97
CA ALA B 7 21.75 -0.54 0.35
C ALA B 7 23.17 -0.82 0.82
N LEU B 8 23.79 0.19 1.43
CA LEU B 8 25.15 0.05 1.92
C LEU B 8 25.15 -0.23 3.42
N ARG B 9 26.27 -0.74 3.92
CA ARG B 9 26.39 -1.05 5.34
C ARG B 9 26.14 0.19 6.18
N ARG B 10 25.93 1.32 5.51
CA ARG B 10 25.68 2.57 6.21
C ARG B 10 24.40 2.49 7.02
N HIS B 11 23.36 1.93 6.43
CA HIS B 11 22.07 1.79 7.10
C HIS B 11 22.10 0.60 8.05
N ARG B 12 22.19 -0.61 7.48
CA ARG B 12 22.23 -1.83 8.28
C ARG B 12 22.93 -1.57 9.61
N PHE B 13 23.88 -0.64 9.60
CA PHE B 13 24.61 -0.30 10.81
C PHE B 13 23.97 0.88 11.52
N LEU B 14 23.31 1.74 10.75
CA LEU B 14 22.66 2.92 11.31
C LEU B 14 21.58 2.50 12.31
N TRP B 15 20.96 1.36 12.05
CA TRP B 15 19.90 0.86 12.94
C TRP B 15 20.50 -0.01 14.04
N GLN B 16 21.29 -1.00 13.65
CA GLN B 16 21.92 -1.90 14.61
C GLN B 16 22.33 -1.13 15.86
N ARG B 17 23.32 -0.26 15.72
CA ARG B 17 23.81 0.52 16.85
C ARG B 17 23.85 -0.32 18.11
N ARG B 18 22.92 -0.08 19.01
CA ARG B 18 22.86 -0.84 20.27
C ARG B 18 22.14 -2.16 20.06
N GLN B 19 22.69 -3.23 20.64
CA GLN B 19 22.10 -4.54 20.52
C GLN B 19 20.73 -4.59 21.20
N ARG B 20 20.63 -3.96 22.36
CA ARG B 20 19.38 -3.93 23.10
C ARG B 20 19.33 -2.72 24.03
N ALA B 21 18.21 -2.01 24.01
CA ALA B 21 18.05 -0.84 24.86
C ALA B 21 17.66 -1.23 26.27
N MET A 1 -37.14 19.39 5.14
CA MET A 1 -37.65 18.00 4.94
C MET A 1 -36.48 17.04 4.79
N ASP A 2 -35.31 17.59 4.47
CA ASP A 2 -34.12 16.78 4.30
C ASP A 2 -33.84 15.97 5.56
N GLY A 3 -33.77 16.65 6.69
CA GLY A 3 -33.52 15.97 7.96
C GLY A 3 -32.01 15.90 8.24
N SER A 4 -31.33 15.02 7.52
CA SER A 4 -29.89 14.86 7.69
C SER A 4 -29.26 14.23 6.45
N GLY A 5 -30.08 13.50 5.69
CA GLY A 5 -29.59 12.85 4.48
C GLY A 5 -30.65 11.91 3.91
N GLU A 6 -30.20 10.83 3.27
CA GLU A 6 -31.11 9.87 2.68
C GLU A 6 -30.66 8.44 2.99
N GLN A 7 -31.37 7.79 3.91
CA GLN A 7 -31.02 6.43 4.28
C GLN A 7 -30.19 6.42 5.57
N PRO A 8 -30.73 6.96 6.63
CA PRO A 8 -30.03 7.03 7.94
C PRO A 8 -29.40 5.69 8.33
N ARG A 9 -28.78 5.66 9.51
CA ARG A 9 -28.14 4.43 9.98
C ARG A 9 -28.97 3.22 9.60
N GLY A 10 -28.32 2.22 9.02
CA GLY A 10 -29.02 1.00 8.61
C GLY A 10 -28.15 -0.23 8.85
N GLY A 11 -26.87 -0.02 9.12
CA GLY A 11 -25.95 -1.12 9.36
C GLY A 11 -26.24 -2.28 8.43
N GLY A 12 -26.45 -1.97 7.15
CA GLY A 12 -26.74 -3.00 6.16
C GLY A 12 -26.22 -2.58 4.78
N PRO A 13 -26.97 -1.76 4.10
CA PRO A 13 -26.59 -1.27 2.75
C PRO A 13 -25.14 -0.81 2.69
N THR A 14 -24.72 -0.06 3.71
CA THR A 14 -23.36 0.44 3.78
C THR A 14 -22.36 -0.71 3.81
N SER A 15 -22.31 -1.46 2.71
CA SER A 15 -21.39 -2.59 2.61
C SER A 15 -20.15 -2.36 3.47
N SER A 16 -20.28 -2.64 4.77
CA SER A 16 -19.17 -2.45 5.69
C SER A 16 -18.37 -3.74 5.83
N GLU A 17 -18.97 -4.85 5.40
CA GLU A 17 -18.29 -6.14 5.49
C GLU A 17 -17.56 -6.45 4.19
N GLN A 18 -18.25 -6.26 3.06
CA GLN A 18 -17.65 -6.51 1.76
C GLN A 18 -16.41 -5.65 1.56
N ILE A 19 -16.43 -4.46 2.15
CA ILE A 19 -15.30 -3.53 2.04
C ILE A 19 -14.15 -3.98 2.92
N MET A 20 -14.44 -4.23 4.18
CA MET A 20 -13.41 -4.67 5.13
C MET A 20 -12.74 -5.95 4.64
N LYS A 21 -13.52 -6.81 4.01
CA LYS A 21 -12.98 -8.07 3.49
C LYS A 21 -12.03 -7.81 2.32
N THR A 22 -12.43 -6.92 1.43
CA THR A 22 -11.61 -6.58 0.27
C THR A 22 -10.40 -5.74 0.69
N GLY A 23 -10.45 -5.23 1.92
CA GLY A 23 -9.36 -4.40 2.43
C GLY A 23 -8.15 -5.26 2.79
N ALA A 24 -8.38 -6.26 3.63
CA ALA A 24 -7.30 -7.15 4.06
C ALA A 24 -6.98 -8.16 2.95
N LEU A 25 -7.82 -8.22 1.94
CA LEU A 25 -7.61 -9.14 0.83
C LEU A 25 -6.70 -8.51 -0.23
N LEU A 26 -7.27 -7.63 -1.04
CA LEU A 26 -6.50 -6.97 -2.10
C LEU A 26 -5.04 -6.84 -1.68
N LEU A 27 -4.79 -6.06 -0.63
CA LEU A 27 -3.43 -5.86 -0.14
C LEU A 27 -2.74 -7.20 0.09
N GLN A 28 -3.35 -8.04 0.93
CA GLN A 28 -2.79 -9.34 1.22
C GLN A 28 -2.38 -10.07 -0.06
N GLY A 29 -2.93 -9.60 -1.19
CA GLY A 29 -2.63 -10.21 -2.48
C GLY A 29 -1.40 -9.57 -3.10
N PHE A 30 -1.56 -8.34 -3.58
CA PHE A 30 -0.45 -7.62 -4.21
C PHE A 30 0.83 -7.82 -3.42
N ILE A 31 0.69 -8.23 -2.15
CA ILE A 31 1.85 -8.46 -1.30
C ILE A 31 2.53 -9.77 -1.65
N GLN A 32 1.85 -10.88 -1.36
CA GLN A 32 2.40 -12.20 -1.65
C GLN A 32 2.23 -12.54 -3.13
N ASP A 33 2.23 -11.50 -3.97
CA ASP A 33 2.07 -11.71 -5.41
C ASP A 33 3.35 -11.34 -6.15
N ARG A 34 3.87 -10.14 -5.86
CA ARG A 34 5.09 -9.69 -6.50
C ARG A 34 6.32 -10.06 -5.67
N ALA A 35 6.11 -10.21 -4.36
CA ALA A 35 7.20 -10.58 -3.47
C ALA A 35 7.16 -12.07 -3.16
N GLY A 36 6.05 -12.71 -3.50
CA GLY A 36 5.89 -14.13 -3.25
C GLY A 36 6.86 -14.94 -4.10
N ARG A 37 7.09 -14.49 -5.33
CA ARG A 37 8.01 -15.17 -6.24
C ARG A 37 7.65 -16.66 -6.32
N MET A 38 8.67 -17.51 -6.23
CA MET A 38 8.46 -18.95 -6.29
C MET A 38 9.60 -19.69 -5.60
N GLY A 39 9.26 -20.80 -4.94
CA GLY A 39 10.26 -21.58 -4.23
C GLY A 39 10.72 -20.88 -2.96
N GLY A 40 9.90 -19.95 -2.48
CA GLY A 40 10.23 -19.20 -1.28
C GLY A 40 10.29 -20.13 -0.06
N GLU A 41 9.27 -20.96 0.08
CA GLU A 41 9.22 -21.89 1.20
C GLU A 41 9.33 -21.15 2.53
N ALA A 42 8.45 -20.18 2.74
CA ALA A 42 8.47 -19.40 3.97
C ALA A 42 7.38 -18.33 3.94
N PRO A 43 6.17 -18.73 3.67
CA PRO A 43 5.00 -17.81 3.61
C PRO A 43 4.93 -16.90 4.84
N GLU A 44 5.40 -15.66 4.69
CA GLU A 44 5.37 -14.72 5.79
C GLU A 44 4.05 -13.95 5.82
N LEU A 45 3.28 -14.08 4.75
CA LEU A 45 2.00 -13.39 4.66
C LEU A 45 0.85 -14.35 4.97
N ALA A 46 0.79 -14.80 6.22
CA ALA A 46 -0.26 -15.72 6.64
C ALA A 46 -1.59 -14.98 6.83
N LEU A 47 -2.67 -15.62 6.44
CA LEU A 47 -3.99 -15.02 6.58
C LEU A 47 -5.07 -15.95 6.03
N ASP A 48 -5.08 -16.12 4.71
CA ASP A 48 -6.06 -16.99 4.07
C ASP A 48 -5.88 -16.98 2.56
N PRO A 49 -4.75 -17.46 2.10
CA PRO A 49 -4.43 -17.53 0.65
C PRO A 49 -5.38 -18.46 -0.12
N VAL A 50 -6.66 -18.08 -0.15
CA VAL A 50 -7.65 -18.88 -0.85
C VAL A 50 -8.62 -17.99 -1.61
N PRO A 51 -8.14 -17.38 -2.67
CA PRO A 51 -8.96 -16.47 -3.52
C PRO A 51 -10.09 -17.21 -4.23
N GLN A 52 -11.32 -16.75 -4.03
CA GLN A 52 -12.49 -17.37 -4.65
C GLN A 52 -13.08 -16.45 -5.71
N ASP A 53 -13.46 -15.25 -5.30
CA ASP A 53 -14.05 -14.28 -6.22
C ASP A 53 -12.98 -13.71 -7.15
N ALA A 54 -13.34 -13.53 -8.41
CA ALA A 54 -12.40 -12.99 -9.39
C ALA A 54 -12.43 -11.46 -9.37
N SER A 55 -13.31 -10.90 -8.54
CA SER A 55 -13.43 -9.46 -8.43
C SER A 55 -12.11 -8.84 -8.01
N THR A 56 -11.42 -9.49 -7.08
CA THR A 56 -10.14 -9.00 -6.60
C THR A 56 -9.01 -9.39 -7.55
N LYS A 57 -9.14 -10.57 -8.16
CA LYS A 57 -8.14 -11.05 -9.09
C LYS A 57 -7.79 -9.97 -10.12
N LYS A 58 -8.82 -9.48 -10.81
CA LYS A 58 -8.62 -8.44 -11.81
C LYS A 58 -7.99 -7.20 -11.20
N LEU A 59 -8.55 -6.75 -10.08
CA LEU A 59 -8.04 -5.57 -9.39
C LEU A 59 -6.60 -5.80 -8.94
N SER A 60 -6.24 -7.06 -8.72
CA SER A 60 -4.89 -7.40 -8.29
C SER A 60 -3.90 -7.20 -9.44
N GLU A 61 -4.33 -7.48 -10.65
CA GLU A 61 -3.47 -7.32 -11.82
C GLU A 61 -3.09 -5.86 -12.01
N CYS A 62 -3.99 -4.97 -11.62
CA CYS A 62 -3.74 -3.53 -11.76
C CYS A 62 -2.58 -3.11 -10.88
N LEU A 63 -2.49 -3.71 -9.69
CA LEU A 63 -1.41 -3.38 -8.75
C LEU A 63 -0.12 -4.02 -9.20
N LYS A 64 -0.22 -5.10 -9.97
CA LYS A 64 0.96 -5.80 -10.46
C LYS A 64 1.49 -5.15 -11.73
N ARG A 65 0.57 -4.66 -12.57
CA ARG A 65 0.95 -4.02 -13.82
C ARG A 65 1.63 -2.69 -13.54
N ILE A 66 1.06 -1.91 -12.63
CA ILE A 66 1.62 -0.61 -12.28
C ILE A 66 2.84 -0.78 -11.38
N GLY A 67 2.80 -1.79 -10.52
CA GLY A 67 3.92 -2.04 -9.61
C GLY A 67 5.19 -2.34 -10.38
N ASP A 68 5.08 -3.20 -11.40
CA ASP A 68 6.22 -3.56 -12.21
C ASP A 68 6.79 -2.34 -12.92
N GLU A 69 5.90 -1.43 -13.32
CA GLU A 69 6.32 -0.22 -14.02
C GLU A 69 6.85 0.81 -13.03
N LEU A 70 6.02 1.20 -12.07
CA LEU A 70 6.43 2.17 -11.06
C LEU A 70 7.70 1.72 -10.35
N ASP A 71 7.76 0.44 -10.01
CA ASP A 71 8.93 -0.12 -9.34
C ASP A 71 10.15 -0.06 -10.24
N SER A 72 9.93 0.30 -11.50
CA SER A 72 11.03 0.39 -12.47
C SER A 72 11.51 1.83 -12.59
N ASN A 73 10.99 2.70 -11.73
CA ASN A 73 11.38 4.10 -11.75
C ASN A 73 12.53 4.36 -10.78
N MET A 74 13.70 4.66 -11.33
CA MET A 74 14.87 4.93 -10.50
C MET A 74 14.70 6.23 -9.72
N GLU A 75 13.67 7.00 -10.08
CA GLU A 75 13.41 8.26 -9.41
C GLU A 75 12.67 8.02 -8.09
N LEU A 76 11.43 7.56 -8.19
CA LEU A 76 10.63 7.29 -7.00
C LEU A 76 11.31 6.25 -6.11
N GLN A 77 11.90 5.24 -6.74
CA GLN A 77 12.58 4.18 -5.99
C GLN A 77 13.76 4.77 -5.21
N ARG A 78 14.45 5.73 -5.81
CA ARG A 78 15.59 6.36 -5.15
C ARG A 78 15.13 7.20 -3.96
N MET A 79 14.07 7.97 -4.17
CA MET A 79 13.54 8.81 -3.10
C MET A 79 13.24 7.99 -1.86
N ILE A 80 12.63 6.82 -2.06
CA ILE A 80 12.28 5.95 -0.95
C ILE A 80 13.54 5.48 -0.23
N ALA A 81 14.67 5.50 -0.94
CA ALA A 81 15.93 5.08 -0.36
C ALA A 81 16.60 6.24 0.37
N ALA A 82 16.18 7.45 0.05
CA ALA A 82 16.74 8.64 0.69
C ALA A 82 16.01 8.95 1.98
N VAL A 83 14.85 8.34 2.17
CA VAL A 83 14.06 8.56 3.38
C VAL A 83 14.45 7.56 4.46
N ASP A 84 15.52 7.86 5.18
CA ASP A 84 15.99 6.99 6.24
C ASP A 84 14.81 6.42 7.04
N THR A 85 15.05 5.35 7.78
CA THR A 85 14.01 4.73 8.58
C THR A 85 14.38 4.74 10.05
N ASP A 86 13.54 5.39 10.86
CA ASP A 86 13.78 5.47 12.30
C ASP A 86 12.47 5.53 13.06
N SER A 87 11.36 5.52 12.32
CA SER A 87 10.04 5.57 12.94
C SER A 87 8.95 5.43 11.88
N PRO A 88 8.58 4.22 11.58
CA PRO A 88 7.52 3.92 10.56
C PRO A 88 6.14 4.37 11.03
N ARG A 89 6.02 4.63 12.33
CA ARG A 89 4.74 5.07 12.89
C ARG A 89 4.59 6.58 12.75
N GLU A 90 5.71 7.30 12.88
CA GLU A 90 5.69 8.75 12.79
C GLU A 90 5.63 9.17 11.33
N VAL A 91 6.61 8.73 10.54
CA VAL A 91 6.65 9.08 9.12
C VAL A 91 5.38 8.63 8.43
N PHE A 92 5.01 7.36 8.61
CA PHE A 92 3.81 6.83 7.99
C PHE A 92 2.65 7.79 8.17
N PHE A 93 2.40 8.19 9.41
CA PHE A 93 1.31 9.12 9.70
C PHE A 93 1.59 10.49 9.11
N ARG A 94 2.87 10.84 9.03
CA ARG A 94 3.27 12.13 8.48
C ARG A 94 3.04 12.16 6.96
N VAL A 95 3.68 11.23 6.25
CA VAL A 95 3.53 11.16 4.80
C VAL A 95 2.07 10.96 4.43
N ALA A 96 1.42 10.00 5.07
CA ALA A 96 0.02 9.73 4.80
C ALA A 96 -0.83 10.99 4.94
N ALA A 97 -0.37 11.90 5.79
CA ALA A 97 -1.09 13.14 6.01
C ALA A 97 -0.76 14.16 4.91
N ASP A 98 0.50 14.18 4.49
CA ASP A 98 0.93 15.11 3.45
C ASP A 98 0.21 14.79 2.13
N MET A 99 0.02 13.51 1.86
CA MET A 99 -0.65 13.10 0.63
C MET A 99 -1.81 14.03 0.31
N PHE A 100 -2.85 14.00 1.14
CA PHE A 100 -4.01 14.85 0.93
C PHE A 100 -4.10 15.89 2.04
N SER A 101 -3.05 16.70 2.18
CA SER A 101 -3.03 17.73 3.20
C SER A 101 -3.92 18.90 2.79
N ASP A 102 -4.10 19.08 1.48
CA ASP A 102 -4.93 20.17 0.98
C ASP A 102 -5.46 19.83 -0.42
N GLY A 103 -4.82 18.86 -1.06
CA GLY A 103 -5.24 18.45 -2.41
C GLY A 103 -6.73 18.74 -2.62
N ASN A 104 -7.57 17.86 -2.12
CA ASN A 104 -9.01 18.02 -2.26
C ASN A 104 -9.75 16.81 -1.71
N PHE A 105 -9.20 16.20 -0.65
CA PHE A 105 -9.81 15.03 -0.05
C PHE A 105 -10.30 14.07 -1.12
N ASN A 106 -9.64 14.07 -2.27
CA ASN A 106 -10.01 13.20 -3.37
C ASN A 106 -10.11 11.76 -2.89
N TRP A 107 -9.17 10.92 -3.33
CA TRP A 107 -9.16 9.52 -2.95
C TRP A 107 -8.06 8.76 -3.69
N GLY A 108 -7.71 9.26 -4.88
CA GLY A 108 -6.67 8.62 -5.68
C GLY A 108 -5.43 8.35 -4.85
N ARG A 109 -5.05 9.32 -4.02
CA ARG A 109 -3.87 9.17 -3.18
C ARG A 109 -3.89 7.83 -2.46
N VAL A 110 -5.09 7.29 -2.26
CA VAL A 110 -5.22 6.00 -1.58
C VAL A 110 -4.34 4.95 -2.24
N VAL A 111 -4.56 4.73 -3.54
CA VAL A 111 -3.77 3.74 -4.28
C VAL A 111 -2.28 3.89 -3.95
N ALA A 112 -1.80 5.13 -3.96
CA ALA A 112 -0.39 5.39 -3.66
C ALA A 112 -0.04 4.86 -2.28
N LEU A 113 -0.99 4.96 -1.35
CA LEU A 113 -0.77 4.49 0.01
C LEU A 113 -0.37 3.02 0.02
N PHE A 114 -1.11 2.21 -0.74
CA PHE A 114 -0.81 0.78 -0.81
C PHE A 114 0.61 0.55 -1.28
N TYR A 115 1.03 1.29 -2.29
CA TYR A 115 2.38 1.16 -2.83
C TYR A 115 3.40 1.66 -1.81
N PHE A 116 3.11 2.79 -1.19
CA PHE A 116 4.02 3.37 -0.19
C PHE A 116 4.25 2.38 0.95
N ALA A 117 3.17 1.73 1.39
CA ALA A 117 3.26 0.76 2.47
C ALA A 117 4.00 -0.50 2.01
N SER A 118 3.83 -0.84 0.73
CA SER A 118 4.48 -2.02 0.18
C SER A 118 5.96 -2.04 0.55
N LYS A 119 6.61 -0.89 0.42
CA LYS A 119 8.03 -0.79 0.73
C LYS A 119 8.27 -1.15 2.20
N LEU A 120 7.41 -0.65 3.08
CA LEU A 120 7.55 -0.92 4.51
C LEU A 120 7.26 -2.39 4.80
N VAL A 121 6.38 -2.98 3.99
CA VAL A 121 6.02 -4.38 4.18
C VAL A 121 7.11 -5.29 3.62
N LEU A 122 7.48 -5.07 2.37
CA LEU A 122 8.51 -5.88 1.73
C LEU A 122 9.89 -5.51 2.28
N LYS A 123 10.12 -4.22 2.49
CA LYS A 123 11.40 -3.75 3.01
C LYS A 123 11.68 -4.39 4.37
N ALA A 124 10.65 -4.49 5.20
CA ALA A 124 10.80 -5.07 6.53
C ALA A 124 10.90 -6.60 6.42
N LEU A 125 10.40 -7.14 5.32
CA LEU A 125 10.44 -8.58 5.12
C LEU A 125 11.88 -9.08 5.04
N CYS A 126 12.76 -8.24 4.51
CA CYS A 126 14.17 -8.60 4.39
C CYS A 126 14.90 -8.34 5.70
N THR A 127 14.51 -7.28 6.40
CA THR A 127 15.14 -6.94 7.67
C THR A 127 15.12 -8.13 8.62
N LYS A 128 14.23 -9.08 8.35
CA LYS A 128 14.12 -10.27 9.18
C LYS A 128 13.15 -10.03 10.33
N VAL A 129 12.01 -9.42 10.02
CA VAL A 129 11.01 -9.14 11.04
C VAL A 129 9.61 -9.21 10.45
N PRO A 130 9.02 -10.38 10.44
CA PRO A 130 7.65 -10.59 9.89
C PRO A 130 6.58 -9.94 10.75
N GLU A 131 6.95 -9.57 11.98
CA GLU A 131 6.02 -8.94 12.90
C GLU A 131 5.56 -7.59 12.35
N LEU A 132 6.49 -6.84 11.79
CA LEU A 132 6.17 -5.53 11.23
C LEU A 132 5.15 -5.66 10.11
N ILE A 133 5.24 -6.76 9.37
CA ILE A 133 4.31 -7.00 8.26
C ILE A 133 2.87 -6.98 8.76
N ARG A 134 2.61 -7.73 9.82
CA ARG A 134 1.26 -7.79 10.39
C ARG A 134 0.90 -6.46 11.05
N THR A 135 1.89 -5.81 11.63
CA THR A 135 1.66 -4.52 12.29
C THR A 135 1.31 -3.45 11.26
N ILE A 136 1.87 -3.58 10.06
CA ILE A 136 1.60 -2.62 9.00
C ILE A 136 0.16 -2.74 8.51
N MET A 137 -0.20 -3.94 8.04
CA MET A 137 -1.54 -4.18 7.55
C MET A 137 -2.58 -3.63 8.52
N GLY A 138 -2.19 -3.53 9.80
CA GLY A 138 -3.09 -3.02 10.82
C GLY A 138 -3.36 -1.53 10.61
N TRP A 139 -2.31 -0.79 10.25
CA TRP A 139 -2.44 0.64 10.03
C TRP A 139 -3.32 0.92 8.82
N THR A 140 -3.39 -0.05 7.91
CA THR A 140 -4.20 0.10 6.71
C THR A 140 -5.69 -0.07 7.04
N LEU A 141 -6.07 -1.26 7.46
CA LEU A 141 -7.46 -1.54 7.80
C LEU A 141 -7.98 -0.49 8.79
N ASP A 142 -7.10 -0.03 9.67
CA ASP A 142 -7.48 0.96 10.67
C ASP A 142 -7.84 2.28 10.00
N PHE A 143 -6.95 2.76 9.12
CA PHE A 143 -7.21 4.01 8.42
C PHE A 143 -8.38 3.87 7.45
N LEU A 144 -8.47 2.72 6.81
CA LEU A 144 -9.55 2.46 5.87
C LEU A 144 -10.88 2.28 6.61
N ARG A 145 -10.81 1.68 7.79
CA ARG A 145 -12.01 1.44 8.58
C ARG A 145 -12.36 2.69 9.39
N GLU A 146 -11.44 3.64 9.42
CA GLU A 146 -11.66 4.88 10.16
C GLU A 146 -11.81 6.07 9.20
N ARG A 147 -11.61 5.80 7.91
CA ARG A 147 -11.72 6.85 6.91
C ARG A 147 -12.37 6.31 5.64
N LEU A 148 -11.58 6.21 4.57
CA LEU A 148 -12.09 5.71 3.30
C LEU A 148 -13.43 5.00 3.50
N LEU A 149 -13.64 4.46 4.70
CA LEU A 149 -14.88 3.76 5.01
C LEU A 149 -16.08 4.61 4.61
N GLY A 150 -16.15 5.82 5.15
CA GLY A 150 -17.26 6.72 4.84
C GLY A 150 -17.26 7.09 3.36
N TRP A 151 -16.11 7.53 2.86
CA TRP A 151 -15.99 7.91 1.45
C TRP A 151 -16.17 6.70 0.55
N ILE A 152 -15.36 5.67 0.77
CA ILE A 152 -15.43 4.45 -0.02
C ILE A 152 -16.86 3.93 -0.07
N GLN A 153 -17.59 4.11 1.02
CA GLN A 153 -18.97 3.66 1.10
C GLN A 153 -19.86 4.47 0.15
N ASP A 154 -19.49 5.73 -0.06
CA ASP A 154 -20.26 6.60 -0.95
C ASP A 154 -19.75 6.48 -2.38
N GLN A 155 -18.67 5.72 -2.55
CA GLN A 155 -18.09 5.54 -3.88
C GLN A 155 -18.58 4.23 -4.51
N GLY A 156 -19.43 3.52 -3.79
CA GLY A 156 -19.96 2.26 -4.28
C GLY A 156 -18.99 1.11 -4.00
N GLY A 157 -18.15 1.28 -2.99
CA GLY A 157 -17.17 0.26 -2.63
C GLY A 157 -15.87 0.47 -3.39
N TRP A 158 -15.07 -0.59 -3.47
CA TRP A 158 -13.79 -0.52 -4.17
C TRP A 158 -14.00 -0.49 -5.68
N ASP A 159 -15.26 -0.65 -6.10
CA ASP A 159 -15.59 -0.64 -7.51
C ASP A 159 -15.22 0.69 -8.15
N GLY A 160 -15.51 1.77 -7.43
CA GLY A 160 -15.21 3.11 -7.93
C GLY A 160 -13.73 3.22 -8.30
N LEU A 161 -12.88 2.51 -7.57
CA LEU A 161 -11.45 2.54 -7.82
C LEU A 161 -11.14 2.00 -9.22
N LEU A 162 -11.62 0.79 -9.50
CA LEU A 162 -11.39 0.18 -10.81
C LEU A 162 -12.12 0.95 -11.90
N SER A 163 -13.26 1.55 -11.54
CA SER A 163 -14.04 2.32 -12.50
C SER A 163 -13.29 3.57 -12.94
N TYR A 164 -12.40 4.04 -12.07
CA TYR A 164 -11.62 5.23 -12.38
C TYR A 164 -10.50 4.90 -13.35
N PHE A 165 -9.83 3.77 -13.12
CA PHE A 165 -8.73 3.35 -13.99
C PHE A 165 -9.27 2.88 -15.34
N GLY A 166 -10.14 3.69 -15.93
CA GLY A 166 -10.72 3.36 -17.22
C GLY A 166 -10.63 4.54 -18.19
N THR A 167 -9.51 5.24 -18.14
CA THR A 167 -9.31 6.40 -19.01
C THR A 167 -8.27 6.08 -20.08
N PRO A 168 -8.01 7.02 -20.95
CA PRO A 168 -7.01 6.85 -22.05
C PRO A 168 -5.58 6.85 -21.53
N THR A 169 -4.66 7.38 -22.33
CA THR A 169 -3.25 7.42 -21.94
C THR A 169 -3.12 7.36 -20.43
N TRP A 170 -2.75 6.17 -19.92
CA TRP A 170 -2.59 5.98 -18.49
C TRP A 170 -1.43 6.83 -17.97
N GLN A 171 -0.56 7.25 -18.88
CA GLN A 171 0.59 8.06 -18.49
C GLN A 171 0.16 9.20 -17.56
N THR A 172 -1.14 9.43 -17.49
CA THR A 172 -1.66 10.48 -16.63
C THR A 172 -1.91 9.95 -15.22
N VAL A 173 -2.21 8.66 -15.12
CA VAL A 173 -2.45 8.04 -13.82
C VAL A 173 -1.15 7.90 -13.03
N THR A 174 -0.10 7.43 -13.70
CA THR A 174 1.20 7.25 -13.06
C THR A 174 1.77 8.59 -12.64
N ILE A 175 1.34 9.66 -13.31
CA ILE A 175 1.82 11.00 -13.00
C ILE A 175 0.98 11.61 -11.87
N PHE A 176 -0.09 10.93 -11.50
CA PHE A 176 -0.96 11.41 -10.43
C PHE A 176 -0.57 10.80 -9.09
N VAL A 177 -0.62 9.48 -9.02
CA VAL A 177 -0.27 8.78 -7.79
C VAL A 177 1.19 9.03 -7.42
N ALA A 178 1.96 9.51 -8.40
CA ALA A 178 3.37 9.80 -8.17
C ALA A 178 3.57 11.27 -7.83
N GLY A 179 2.94 12.14 -8.60
CA GLY A 179 3.05 13.57 -8.36
C GLY A 179 2.51 13.95 -6.98
N VAL A 180 1.58 13.14 -6.48
CA VAL A 180 0.99 13.40 -5.16
C VAL A 180 1.86 12.79 -4.06
N LEU A 181 2.18 11.50 -4.21
CA LEU A 181 2.99 10.81 -3.22
C LEU A 181 4.42 11.33 -3.24
N THR A 182 4.99 11.43 -4.44
CA THR A 182 6.36 11.92 -4.59
C THR A 182 6.54 13.23 -3.85
N ALA A 183 5.65 14.18 -4.11
CA ALA A 183 5.74 15.48 -3.46
C ALA A 183 5.93 15.32 -1.96
N SER A 184 5.16 14.42 -1.35
CA SER A 184 5.28 14.17 0.08
C SER A 184 6.71 13.83 0.46
N LEU A 185 7.39 13.09 -0.40
CA LEU A 185 8.77 12.70 -0.15
C LEU A 185 9.72 13.86 -0.45
N THR A 186 9.25 14.80 -1.26
CA THR A 186 10.07 15.96 -1.62
C THR A 186 10.16 16.93 -0.44
N ILE A 187 9.03 17.18 0.20
CA ILE A 187 9.00 18.09 1.35
C ILE A 187 9.63 17.43 2.57
N TRP A 188 9.17 16.22 2.90
CA TRP A 188 9.69 15.50 4.05
C TRP A 188 11.16 15.85 4.28
N LYS A 189 11.98 15.64 3.26
CA LYS A 189 13.40 15.94 3.37
C LYS A 189 14.10 15.71 2.03
N LYS A 190 14.84 16.71 1.57
CA LYS A 190 15.56 16.60 0.31
C LYS A 190 17.06 16.52 0.55
N MET A 191 17.56 15.29 0.70
CA MET A 191 18.99 15.08 0.94
C MET A 191 19.55 14.06 -0.04
N GLY A 192 20.72 14.35 -0.58
CA GLY A 192 21.35 13.44 -1.54
C GLY A 192 22.87 13.58 -1.51
N CYS B 1 19.48 -5.49 -12.33
CA CYS B 1 18.59 -4.40 -11.82
C CYS B 1 17.42 -5.02 -11.07
N GLU B 2 17.53 -6.32 -10.77
CA GLU B 2 16.47 -7.01 -10.05
C GLU B 2 16.38 -6.50 -8.61
N ALA B 3 17.53 -6.30 -7.98
CA ALA B 3 17.56 -5.80 -6.61
C ALA B 3 18.61 -4.70 -6.45
N LEU B 4 18.34 -3.77 -5.55
CA LEU B 4 19.26 -2.67 -5.31
C LEU B 4 20.65 -3.19 -4.96
N LYS B 5 21.66 -2.72 -5.68
CA LYS B 5 23.03 -3.16 -5.44
C LYS B 5 23.70 -2.25 -4.41
N LYS B 6 23.05 -1.13 -4.11
CA LYS B 6 23.60 -0.19 -3.13
C LYS B 6 23.77 -0.86 -1.77
N ALA B 7 22.73 -1.54 -1.32
CA ALA B 7 22.77 -2.23 -0.03
C ALA B 7 23.34 -1.30 1.04
N LEU B 8 22.45 -0.71 1.83
CA LEU B 8 22.86 0.20 2.89
C LEU B 8 23.34 -0.58 4.11
N ARG B 9 24.36 -0.05 4.78
CA ARG B 9 24.91 -0.71 5.96
C ARG B 9 24.49 0.02 7.23
N ARG B 10 23.88 1.19 7.05
CA ARG B 10 23.43 1.99 8.19
C ARG B 10 22.44 1.21 9.04
N HIS B 11 21.52 0.50 8.38
CA HIS B 11 20.53 -0.29 9.09
C HIS B 11 21.09 -1.65 9.46
N ARG B 12 21.35 -2.48 8.45
CA ARG B 12 21.89 -3.81 8.69
C ARG B 12 22.79 -3.82 9.93
N PHE B 13 23.41 -2.68 10.20
CA PHE B 13 24.29 -2.56 11.35
C PHE B 13 23.54 -1.99 12.54
N LEU B 14 22.50 -1.20 12.27
CA LEU B 14 21.70 -0.60 13.33
C LEU B 14 21.05 -1.68 14.17
N TRP B 15 20.71 -2.80 13.55
CA TRP B 15 20.08 -3.90 14.26
C TRP B 15 21.13 -4.84 14.86
N GLN B 16 22.05 -5.30 14.01
CA GLN B 16 23.11 -6.20 14.46
C GLN B 16 23.56 -5.82 15.86
N ARG B 17 24.19 -4.65 15.98
CA ARG B 17 24.67 -4.18 17.27
C ARG B 17 23.51 -3.63 18.11
N ARG B 18 23.44 -4.08 19.36
CA ARG B 18 22.37 -3.62 20.25
C ARG B 18 22.46 -2.12 20.47
N GLN B 19 21.34 -1.43 20.28
CA GLN B 19 21.31 0.02 20.46
C GLN B 19 21.56 0.38 21.92
N ARG B 20 21.14 -0.50 22.83
CA ARG B 20 21.32 -0.26 24.25
C ARG B 20 20.55 0.99 24.69
N ALA B 21 19.89 1.64 23.73
CA ALA B 21 19.13 2.84 24.03
C ALA B 21 18.12 2.57 25.14
N MET A 1 -38.41 -2.29 21.42
CA MET A 1 -39.35 -3.39 21.05
C MET A 1 -39.20 -3.71 19.57
N ASP A 2 -38.61 -2.78 18.82
CA ASP A 2 -38.40 -2.97 17.39
C ASP A 2 -37.10 -3.73 17.14
N GLY A 3 -36.43 -4.13 18.21
CA GLY A 3 -35.18 -4.87 18.09
C GLY A 3 -34.15 -4.06 17.31
N SER A 4 -33.51 -4.70 16.34
CA SER A 4 -32.50 -4.03 15.53
C SER A 4 -33.12 -2.87 14.76
N GLY A 5 -34.33 -3.08 14.24
CA GLY A 5 -35.02 -2.03 13.49
C GLY A 5 -36.37 -2.53 12.99
N GLU A 6 -37.06 -1.68 12.23
CA GLU A 6 -38.36 -2.05 11.69
C GLU A 6 -38.50 -1.58 10.25
N GLN A 7 -38.97 -2.47 9.38
CA GLN A 7 -39.14 -2.13 7.97
C GLN A 7 -37.88 -1.46 7.43
N PRO A 8 -36.76 -2.11 7.54
CA PRO A 8 -35.46 -1.57 7.05
C PRO A 8 -35.39 -1.51 5.52
N ARG A 9 -34.62 -0.57 5.00
CA ARG A 9 -34.48 -0.44 3.56
C ARG A 9 -33.68 -1.60 2.98
N GLY A 10 -34.06 -2.03 1.78
CA GLY A 10 -33.38 -3.14 1.13
C GLY A 10 -31.91 -2.80 0.89
N GLY A 11 -31.65 -1.56 0.48
CA GLY A 11 -30.27 -1.13 0.23
C GLY A 11 -29.63 -1.99 -0.85
N GLY A 12 -28.42 -2.47 -0.58
CA GLY A 12 -27.70 -3.31 -1.53
C GLY A 12 -26.35 -3.72 -0.97
N PRO A 13 -25.57 -4.42 -1.76
CA PRO A 13 -24.22 -4.90 -1.34
C PRO A 13 -23.38 -3.78 -0.73
N THR A 14 -22.55 -3.15 -1.56
CA THR A 14 -21.70 -2.06 -1.08
C THR A 14 -22.00 -1.75 0.38
N SER A 15 -21.29 -2.43 1.27
CA SER A 15 -21.49 -2.21 2.71
C SER A 15 -20.15 -2.11 3.43
N SER A 16 -20.14 -2.47 4.71
CA SER A 16 -18.91 -2.41 5.49
C SER A 16 -18.26 -3.78 5.57
N GLU A 17 -19.03 -4.82 5.25
CA GLU A 17 -18.51 -6.19 5.29
C GLU A 17 -17.76 -6.51 4.01
N GLN A 18 -18.39 -6.21 2.87
CA GLN A 18 -17.76 -6.48 1.58
C GLN A 18 -16.52 -5.61 1.39
N ILE A 19 -16.48 -4.50 2.11
CA ILE A 19 -15.35 -3.58 2.00
C ILE A 19 -14.19 -4.06 2.87
N MET A 20 -14.45 -4.26 4.16
CA MET A 20 -13.42 -4.71 5.08
C MET A 20 -12.75 -5.98 4.55
N LYS A 21 -13.54 -6.83 3.92
CA LYS A 21 -13.01 -8.08 3.37
C LYS A 21 -12.05 -7.79 2.21
N THR A 22 -12.48 -6.90 1.31
CA THR A 22 -11.66 -6.55 0.16
C THR A 22 -10.48 -5.69 0.60
N GLY A 23 -10.48 -5.29 1.86
CA GLY A 23 -9.41 -4.45 2.39
C GLY A 23 -8.18 -5.30 2.74
N ALA A 24 -8.39 -6.33 3.55
CA ALA A 24 -7.30 -7.21 3.94
C ALA A 24 -6.97 -8.19 2.83
N LEU A 25 -7.83 -8.22 1.81
CA LEU A 25 -7.61 -9.13 0.68
C LEU A 25 -6.70 -8.48 -0.37
N LEU A 26 -7.28 -7.62 -1.20
CA LEU A 26 -6.51 -6.94 -2.24
C LEU A 26 -5.05 -6.82 -1.82
N LEU A 27 -4.80 -6.04 -0.77
CA LEU A 27 -3.44 -5.85 -0.29
C LEU A 27 -2.75 -7.19 -0.08
N GLN A 28 -3.35 -8.03 0.77
CA GLN A 28 -2.77 -9.34 1.04
C GLN A 28 -2.38 -10.05 -0.25
N GLY A 29 -2.94 -9.57 -1.36
CA GLY A 29 -2.64 -10.17 -2.67
C GLY A 29 -1.41 -9.51 -3.29
N PHE A 30 -1.58 -8.28 -3.76
CA PHE A 30 -0.47 -7.55 -4.38
C PHE A 30 0.81 -7.76 -3.60
N ILE A 31 0.68 -8.20 -2.35
CA ILE A 31 1.84 -8.42 -1.50
C ILE A 31 2.53 -9.74 -1.87
N GLN A 32 1.85 -10.86 -1.58
CA GLN A 32 2.41 -12.17 -1.89
C GLN A 32 2.22 -12.48 -3.37
N ASP A 33 2.22 -11.45 -4.21
CA ASP A 33 2.05 -11.63 -5.64
C ASP A 33 3.33 -11.25 -6.38
N ARG A 34 3.84 -10.06 -6.09
CA ARG A 34 5.06 -9.59 -6.73
C ARG A 34 6.29 -9.98 -5.91
N ALA A 35 6.10 -10.14 -4.61
CA ALA A 35 7.20 -10.51 -3.73
C ALA A 35 7.15 -12.01 -3.42
N GLY A 36 6.04 -12.65 -3.77
CA GLY A 36 5.88 -14.08 -3.54
C GLY A 36 6.97 -14.87 -4.26
N ARG A 37 8.18 -14.86 -3.71
CA ARG A 37 9.29 -15.57 -4.32
C ARG A 37 9.04 -17.09 -4.27
N MET A 38 8.42 -17.54 -3.19
CA MET A 38 8.14 -18.96 -3.02
C MET A 38 9.42 -19.78 -3.11
N GLY A 39 9.40 -20.95 -2.50
CA GLY A 39 10.57 -21.83 -2.50
C GLY A 39 11.32 -21.73 -1.18
N GLY A 40 10.96 -20.74 -0.36
CA GLY A 40 11.61 -20.56 0.93
C GLY A 40 11.04 -21.50 1.97
N GLU A 41 11.24 -21.18 3.24
CA GLU A 41 10.74 -22.00 4.33
C GLU A 41 9.22 -22.04 4.32
N ALA A 42 8.60 -20.87 4.38
CA ALA A 42 7.14 -20.77 4.39
C ALA A 42 6.70 -19.32 4.18
N PRO A 43 5.59 -19.13 3.53
CA PRO A 43 5.04 -17.78 3.26
C PRO A 43 4.99 -16.91 4.52
N GLU A 44 5.39 -15.65 4.38
CA GLU A 44 5.40 -14.73 5.51
C GLU A 44 4.08 -13.97 5.58
N LEU A 45 3.29 -14.05 4.52
CA LEU A 45 2.01 -13.36 4.47
C LEU A 45 0.88 -14.34 4.76
N ALA A 46 0.81 -14.82 6.00
CA ALA A 46 -0.23 -15.76 6.39
C ALA A 46 -1.57 -15.04 6.57
N LEU A 47 -2.63 -15.66 6.08
CA LEU A 47 -3.96 -15.07 6.18
C LEU A 47 -4.91 -15.70 5.19
N ASP A 48 -5.84 -14.91 4.66
CA ASP A 48 -6.80 -15.42 3.68
C ASP A 48 -6.94 -16.93 3.81
N PRO A 49 -7.83 -17.37 4.65
CA PRO A 49 -8.08 -18.83 4.88
C PRO A 49 -8.70 -19.51 3.66
N VAL A 50 -9.36 -18.73 2.82
CA VAL A 50 -10.00 -19.27 1.63
C VAL A 50 -10.41 -18.16 0.67
N PRO A 51 -9.44 -17.59 -0.02
CA PRO A 51 -9.70 -16.50 -1.00
C PRO A 51 -10.65 -16.93 -2.11
N GLN A 52 -11.14 -15.96 -2.88
CA GLN A 52 -12.06 -16.26 -3.96
C GLN A 52 -12.57 -14.96 -4.61
N ASP A 53 -13.48 -15.11 -5.57
CA ASP A 53 -14.04 -13.95 -6.25
C ASP A 53 -13.02 -13.35 -7.21
N ALA A 54 -13.33 -13.40 -8.50
CA ALA A 54 -12.43 -12.86 -9.51
C ALA A 54 -12.45 -11.33 -9.49
N SER A 55 -13.35 -10.78 -8.68
CA SER A 55 -13.46 -9.33 -8.57
C SER A 55 -12.13 -8.71 -8.14
N THR A 56 -11.44 -9.39 -7.22
CA THR A 56 -10.16 -8.91 -6.74
C THR A 56 -9.04 -9.30 -7.70
N LYS A 57 -9.17 -10.46 -8.32
CA LYS A 57 -8.17 -10.94 -9.27
C LYS A 57 -7.84 -9.85 -10.29
N LYS A 58 -8.87 -9.34 -10.96
CA LYS A 58 -8.67 -8.30 -11.96
C LYS A 58 -8.04 -7.07 -11.34
N LEU A 59 -8.59 -6.64 -10.20
CA LEU A 59 -8.07 -5.47 -9.51
C LEU A 59 -6.64 -5.70 -9.07
N SER A 60 -6.28 -6.96 -8.87
CA SER A 60 -4.92 -7.30 -8.44
C SER A 60 -3.94 -7.08 -9.59
N GLU A 61 -4.38 -7.35 -10.80
CA GLU A 61 -3.53 -7.18 -11.98
C GLU A 61 -3.14 -5.71 -12.16
N CYS A 62 -4.05 -4.82 -11.76
CA CYS A 62 -3.80 -3.39 -11.87
C CYS A 62 -2.62 -2.97 -10.98
N LEU A 63 -2.53 -3.58 -9.81
CA LEU A 63 -1.46 -3.26 -8.88
C LEU A 63 -0.15 -3.90 -9.35
N LYS A 64 -0.26 -4.98 -10.12
CA LYS A 64 0.92 -5.67 -10.62
C LYS A 64 1.44 -5.00 -11.89
N ARG A 65 0.51 -4.51 -12.72
CA ARG A 65 0.88 -3.85 -13.96
C ARG A 65 1.56 -2.51 -13.67
N ILE A 66 1.00 -1.76 -12.74
CA ILE A 66 1.56 -0.46 -12.38
C ILE A 66 2.78 -0.63 -11.49
N GLY A 67 2.75 -1.66 -10.64
CA GLY A 67 3.87 -1.91 -9.74
C GLY A 67 5.14 -2.22 -10.53
N ASP A 68 5.01 -3.05 -11.55
CA ASP A 68 6.16 -3.41 -12.37
C ASP A 68 6.72 -2.18 -13.09
N GLU A 69 5.83 -1.26 -13.45
CA GLU A 69 6.24 -0.05 -14.14
C GLU A 69 6.79 0.97 -13.14
N LEU A 70 5.96 1.34 -12.17
CA LEU A 70 6.37 2.31 -11.16
C LEU A 70 7.65 1.85 -10.47
N ASP A 71 7.71 0.57 -10.14
CA ASP A 71 8.87 0.01 -9.47
C ASP A 71 10.09 0.09 -10.39
N SER A 72 9.87 0.45 -11.65
CA SER A 72 10.95 0.55 -12.61
C SER A 72 11.45 1.99 -12.72
N ASN A 73 10.93 2.86 -11.85
CA ASN A 73 11.31 4.26 -11.86
C ASN A 73 12.46 4.50 -10.88
N MET A 74 13.64 4.82 -11.44
CA MET A 74 14.81 5.06 -10.61
C MET A 74 14.64 6.36 -9.82
N GLU A 75 13.62 7.13 -10.17
CA GLU A 75 13.35 8.39 -9.48
C GLU A 75 12.62 8.14 -8.16
N LEU A 76 11.38 7.67 -8.26
CA LEU A 76 10.59 7.39 -7.06
C LEU A 76 11.28 6.35 -6.19
N GLN A 77 11.86 5.33 -6.84
CA GLN A 77 12.55 4.28 -6.10
C GLN A 77 13.73 4.85 -5.31
N ARG A 78 14.41 5.82 -5.91
CA ARG A 78 15.55 6.44 -5.26
C ARG A 78 15.10 7.26 -4.06
N MET A 79 14.05 8.05 -4.24
CA MET A 79 13.52 8.88 -3.16
C MET A 79 13.23 8.03 -1.93
N ILE A 80 12.60 6.87 -2.15
CA ILE A 80 12.27 5.98 -1.05
C ILE A 80 13.53 5.50 -0.34
N ALA A 81 14.66 5.54 -1.05
CA ALA A 81 15.93 5.10 -0.47
C ALA A 81 16.59 6.26 0.26
N ALA A 82 16.17 7.48 -0.04
CA ALA A 82 16.73 8.66 0.60
C ALA A 82 16.01 8.95 1.91
N VAL A 83 14.85 8.34 2.10
CA VAL A 83 14.07 8.55 3.30
C VAL A 83 14.47 7.53 4.37
N ASP A 84 15.54 7.83 5.10
CA ASP A 84 16.01 6.93 6.15
C ASP A 84 14.84 6.37 6.94
N THR A 85 15.09 5.28 7.66
CA THR A 85 14.04 4.65 8.47
C THR A 85 14.41 4.66 9.94
N ASP A 86 13.59 5.30 10.75
CA ASP A 86 13.84 5.37 12.19
C ASP A 86 12.53 5.42 12.96
N SER A 87 11.42 5.41 12.23
CA SER A 87 10.11 5.45 12.86
C SER A 87 9.00 5.31 11.81
N PRO A 88 8.64 4.11 11.49
CA PRO A 88 7.58 3.82 10.48
C PRO A 88 6.20 4.26 10.95
N ARG A 89 6.08 4.51 12.25
CA ARG A 89 4.81 4.95 12.82
C ARG A 89 4.65 6.45 12.69
N GLU A 90 5.76 7.17 12.85
CA GLU A 90 5.74 8.63 12.74
C GLU A 90 5.67 9.07 11.28
N VAL A 91 6.65 8.65 10.50
CA VAL A 91 6.69 9.00 9.08
C VAL A 91 5.40 8.56 8.38
N PHE A 92 5.05 7.29 8.56
CA PHE A 92 3.84 6.76 7.95
C PHE A 92 2.67 7.71 8.14
N PHE A 93 2.44 8.11 9.38
CA PHE A 93 1.34 9.02 9.70
C PHE A 93 1.64 10.40 9.12
N ARG A 94 2.92 10.74 9.04
CA ARG A 94 3.31 12.04 8.51
C ARG A 94 3.08 12.10 7.00
N VAL A 95 3.69 11.16 6.28
CA VAL A 95 3.54 11.12 4.82
C VAL A 95 2.08 10.93 4.44
N ALA A 96 1.43 9.96 5.08
CA ALA A 96 0.03 9.68 4.81
C ALA A 96 -0.81 10.94 4.96
N ALA A 97 -0.35 11.85 5.83
CA ALA A 97 -1.07 13.09 6.07
C ALA A 97 -0.74 14.12 4.98
N ASP A 98 0.51 14.14 4.56
CA ASP A 98 0.93 15.08 3.52
C ASP A 98 0.21 14.79 2.20
N MET A 99 0.02 13.50 1.92
CA MET A 99 -0.66 13.10 0.69
C MET A 99 -1.82 14.04 0.38
N PHE A 100 -2.86 13.98 1.22
CA PHE A 100 -4.02 14.84 1.03
C PHE A 100 -4.11 15.88 2.14
N SER A 101 -3.06 16.67 2.29
CA SER A 101 -3.03 17.71 3.32
C SER A 101 -3.92 18.88 2.93
N ASP A 102 -4.10 19.07 1.63
CA ASP A 102 -4.94 20.16 1.14
C ASP A 102 -5.48 19.84 -0.25
N GLY A 103 -4.85 18.89 -0.92
CA GLY A 103 -5.27 18.49 -2.26
C GLY A 103 -6.75 18.78 -2.46
N ASN A 104 -7.59 17.88 -1.97
CA ASN A 104 -9.04 18.05 -2.10
C ASN A 104 -9.77 16.83 -1.57
N PHE A 105 -9.22 16.22 -0.53
CA PHE A 105 -9.83 15.03 0.07
C PHE A 105 -10.32 14.08 -1.01
N ASN A 106 -9.66 14.10 -2.16
CA ASN A 106 -10.04 13.24 -3.27
C ASN A 106 -10.13 11.78 -2.80
N TRP A 107 -9.19 10.96 -3.26
CA TRP A 107 -9.18 9.55 -2.88
C TRP A 107 -8.09 8.81 -3.65
N GLY A 108 -7.74 9.32 -4.82
CA GLY A 108 -6.71 8.69 -5.64
C GLY A 108 -5.46 8.41 -4.83
N ARG A 109 -5.08 9.37 -3.98
CA ARG A 109 -3.89 9.22 -3.14
C ARG A 109 -3.91 7.86 -2.44
N VAL A 110 -5.10 7.32 -2.24
CA VAL A 110 -5.23 6.03 -1.58
C VAL A 110 -4.36 4.99 -2.26
N VAL A 111 -4.57 4.78 -3.56
CA VAL A 111 -3.79 3.81 -4.31
C VAL A 111 -2.31 3.95 -3.99
N ALA A 112 -1.83 5.18 -3.99
CA ALA A 112 -0.42 5.43 -3.70
C ALA A 112 -0.05 4.90 -2.31
N LEU A 113 -1.00 4.99 -1.39
CA LEU A 113 -0.77 4.51 -0.03
C LEU A 113 -0.38 3.03 -0.04
N PHE A 114 -1.11 2.23 -0.80
CA PHE A 114 -0.82 0.80 -0.89
C PHE A 114 0.61 0.58 -1.37
N TYR A 115 1.02 1.34 -2.39
CA TYR A 115 2.36 1.21 -2.93
C TYR A 115 3.39 1.69 -1.91
N PHE A 116 3.10 2.82 -1.26
CA PHE A 116 4.02 3.38 -0.27
C PHE A 116 4.25 2.38 0.86
N ALA A 117 3.18 1.72 1.29
CA ALA A 117 3.28 0.75 2.37
C ALA A 117 4.00 -0.50 1.89
N SER A 118 3.83 -0.83 0.61
CA SER A 118 4.47 -2.00 0.04
C SER A 118 5.96 -2.03 0.40
N LYS A 119 6.61 -0.88 0.28
CA LYS A 119 8.03 -0.78 0.59
C LYS A 119 8.28 -1.16 2.05
N LEU A 120 7.44 -0.66 2.95
CA LEU A 120 7.58 -0.96 4.36
C LEU A 120 7.28 -2.43 4.64
N VAL A 121 6.40 -3.01 3.83
CA VAL A 121 6.05 -4.41 4.00
C VAL A 121 7.13 -5.31 3.44
N LEU A 122 7.50 -5.08 2.18
CA LEU A 122 8.53 -5.88 1.54
C LEU A 122 9.90 -5.52 2.09
N LYS A 123 10.13 -4.22 2.30
CA LYS A 123 11.42 -3.77 2.82
C LYS A 123 11.71 -4.42 4.17
N ALA A 124 10.68 -4.52 5.01
CA ALA A 124 10.84 -5.13 6.32
C ALA A 124 10.94 -6.65 6.21
N LEU A 125 10.43 -7.18 5.09
CA LEU A 125 10.47 -8.62 4.87
C LEU A 125 11.91 -9.12 4.78
N CYS A 126 12.79 -8.26 4.27
CA CYS A 126 14.20 -8.63 4.14
C CYS A 126 14.94 -8.38 5.44
N THR A 127 14.55 -7.33 6.15
CA THR A 127 15.18 -7.00 7.42
C THR A 127 15.17 -8.20 8.36
N LYS A 128 14.30 -9.15 8.08
CA LYS A 128 14.20 -10.35 8.91
C LYS A 128 13.23 -10.12 10.06
N VAL A 129 12.08 -9.51 9.76
CA VAL A 129 11.08 -9.24 10.78
C VAL A 129 9.68 -9.30 10.19
N PRO A 130 9.09 -10.47 10.18
CA PRO A 130 7.72 -10.68 9.63
C PRO A 130 6.65 -10.04 10.51
N GLU A 131 7.03 -9.69 11.73
CA GLU A 131 6.09 -9.07 12.67
C GLU A 131 5.63 -7.71 12.13
N LEU A 132 6.56 -6.94 11.59
CA LEU A 132 6.24 -5.63 11.04
C LEU A 132 5.21 -5.76 9.93
N ILE A 133 5.29 -6.85 9.17
CA ILE A 133 4.35 -7.08 8.07
C ILE A 133 2.91 -7.06 8.58
N ARG A 134 2.66 -7.82 9.63
CA ARG A 134 1.32 -7.89 10.20
C ARG A 134 0.96 -6.57 10.87
N THR A 135 1.95 -5.91 11.47
CA THR A 135 1.73 -4.64 12.14
C THR A 135 1.38 -3.56 11.13
N ILE A 136 1.92 -3.68 9.92
CA ILE A 136 1.65 -2.72 8.87
C ILE A 136 0.20 -2.83 8.39
N MET A 137 -0.15 -4.01 7.90
CA MET A 137 -1.51 -4.25 7.41
C MET A 137 -2.54 -3.71 8.41
N GLY A 138 -2.15 -3.63 9.67
CA GLY A 138 -3.04 -3.13 10.71
C GLY A 138 -3.31 -1.64 10.52
N TRP A 139 -2.25 -0.90 10.16
CA TRP A 139 -2.39 0.55 9.96
C TRP A 139 -3.28 0.83 8.75
N THR A 140 -3.35 -0.13 7.84
CA THR A 140 -4.17 0.03 6.64
C THR A 140 -5.65 -0.13 6.98
N LEU A 141 -6.03 -1.34 7.38
CA LEU A 141 -7.42 -1.61 7.73
C LEU A 141 -7.93 -0.59 8.74
N ASP A 142 -7.05 -0.13 9.61
CA ASP A 142 -7.41 0.85 10.62
C ASP A 142 -7.79 2.18 9.97
N PHE A 143 -6.92 2.66 9.09
CA PHE A 143 -7.17 3.93 8.40
C PHE A 143 -8.35 3.80 7.45
N LEU A 144 -8.44 2.65 6.79
CA LEU A 144 -9.53 2.40 5.85
C LEU A 144 -10.84 2.22 6.59
N ARG A 145 -10.77 1.59 7.76
CA ARG A 145 -11.97 1.35 8.57
C ARG A 145 -12.31 2.59 9.39
N GLU A 146 -11.40 3.54 9.43
CA GLU A 146 -11.62 4.77 10.18
C GLU A 146 -11.76 5.96 9.24
N ARG A 147 -11.57 5.71 7.95
CA ARG A 147 -11.69 6.77 6.95
C ARG A 147 -12.35 6.25 5.67
N LEU A 148 -11.57 6.16 4.60
CA LEU A 148 -12.08 5.67 3.34
C LEU A 148 -13.43 4.96 3.53
N LEU A 149 -13.61 4.41 4.73
CA LEU A 149 -14.86 3.70 5.04
C LEU A 149 -16.06 4.56 4.65
N GLY A 150 -16.13 5.76 5.20
CA GLY A 150 -17.24 6.66 4.90
C GLY A 150 -17.25 7.05 3.43
N TRP A 151 -16.10 7.50 2.93
CA TRP A 151 -15.99 7.90 1.53
C TRP A 151 -16.17 6.68 0.61
N ILE A 152 -15.36 5.66 0.83
CA ILE A 152 -15.44 4.46 0.01
C ILE A 152 -16.87 3.93 -0.03
N GLN A 153 -17.59 4.10 1.07
CA GLN A 153 -18.98 3.64 1.15
C GLN A 153 -19.87 4.46 0.21
N ASP A 154 -19.50 5.72 0.01
CA ASP A 154 -20.27 6.59 -0.86
C ASP A 154 -19.77 6.50 -2.30
N GLN A 155 -18.69 5.75 -2.49
CA GLN A 155 -18.12 5.58 -3.82
C GLN A 155 -18.61 4.29 -4.46
N GLY A 156 -19.45 3.56 -3.74
CA GLY A 156 -19.98 2.30 -4.24
C GLY A 156 -19.01 1.16 -3.99
N GLY A 157 -18.16 1.32 -2.97
CA GLY A 157 -17.19 0.29 -2.64
C GLY A 157 -15.89 0.50 -3.40
N TRP A 158 -15.09 -0.56 -3.49
CA TRP A 158 -13.82 -0.48 -4.21
C TRP A 158 -14.04 -0.43 -5.70
N ASP A 159 -15.29 -0.59 -6.12
CA ASP A 159 -15.63 -0.56 -7.53
C ASP A 159 -15.26 0.78 -8.15
N GLY A 160 -15.55 1.86 -7.43
CA GLY A 160 -15.25 3.20 -7.92
C GLY A 160 -13.78 3.32 -8.28
N LEU A 161 -12.92 2.59 -7.56
CA LEU A 161 -11.49 2.62 -7.83
C LEU A 161 -11.19 2.10 -9.23
N LEU A 162 -11.67 0.90 -9.53
CA LEU A 162 -11.45 0.30 -10.84
C LEU A 162 -12.19 1.09 -11.92
N SER A 163 -13.32 1.68 -11.55
CA SER A 163 -14.11 2.46 -12.50
C SER A 163 -13.35 3.71 -12.92
N TYR A 164 -12.46 4.18 -12.05
CA TYR A 164 -11.69 5.37 -12.35
C TYR A 164 -10.56 5.05 -13.34
N PHE A 165 -9.90 3.93 -13.12
CA PHE A 165 -8.81 3.51 -14.00
C PHE A 165 -9.35 3.06 -15.35
N GLY A 166 -10.22 3.88 -15.93
CA GLY A 166 -10.82 3.55 -17.22
C GLY A 166 -10.73 4.75 -18.18
N THR A 167 -9.61 5.45 -18.13
CA THR A 167 -9.41 6.61 -18.99
C THR A 167 -8.37 6.31 -20.07
N PRO A 168 -8.11 7.26 -20.92
CA PRO A 168 -7.13 7.10 -22.03
C PRO A 168 -5.69 7.09 -21.52
N THR A 169 -4.78 7.64 -22.32
CA THR A 169 -3.38 7.68 -21.93
C THR A 169 -3.23 7.59 -20.42
N TRP A 170 -2.86 6.41 -19.93
CA TRP A 170 -2.69 6.20 -18.50
C TRP A 170 -1.53 7.04 -17.97
N GLN A 171 -0.66 7.48 -18.88
CA GLN A 171 0.49 8.28 -18.50
C GLN A 171 0.07 9.40 -17.55
N THR A 172 -1.24 9.64 -17.47
CA THR A 172 -1.77 10.68 -16.59
C THR A 172 -1.99 10.13 -15.18
N VAL A 173 -2.29 8.84 -15.09
CA VAL A 173 -2.53 8.20 -13.81
C VAL A 173 -1.22 8.06 -13.03
N THR A 174 -0.18 7.59 -13.72
CA THR A 174 1.12 7.41 -13.08
C THR A 174 1.70 8.75 -12.65
N ILE A 175 1.26 9.82 -13.31
CA ILE A 175 1.74 11.16 -12.97
C ILE A 175 0.91 11.76 -11.84
N PHE A 176 -0.16 11.07 -11.47
CA PHE A 176 -1.03 11.54 -10.40
C PHE A 176 -0.63 10.91 -9.06
N VAL A 177 -0.68 9.59 -9.00
CA VAL A 177 -0.31 8.88 -7.78
C VAL A 177 1.13 9.13 -7.43
N ALA A 178 1.91 9.62 -8.39
CA ALA A 178 3.32 9.90 -8.17
C ALA A 178 3.53 11.37 -7.81
N GLY A 179 2.87 12.25 -8.57
CA GLY A 179 3.00 13.68 -8.31
C GLY A 179 2.46 14.04 -6.93
N VAL A 180 1.54 13.23 -6.43
CA VAL A 180 0.95 13.47 -5.12
C VAL A 180 1.82 12.85 -4.02
N LEU A 181 2.14 11.56 -4.19
CA LEU A 181 2.96 10.86 -3.21
C LEU A 181 4.39 11.39 -3.23
N THR A 182 4.95 11.49 -4.43
CA THR A 182 6.32 11.98 -4.59
C THR A 182 6.51 13.28 -3.83
N ALA A 183 5.62 14.24 -4.07
CA ALA A 183 5.70 15.53 -3.40
C ALA A 183 5.92 15.35 -1.91
N SER A 184 5.15 14.45 -1.31
CA SER A 184 5.26 14.19 0.12
C SER A 184 6.70 13.85 0.49
N LEU A 185 7.37 13.11 -0.39
CA LEU A 185 8.76 12.72 -0.15
C LEU A 185 9.70 13.88 -0.43
N THR A 186 9.23 14.84 -1.24
CA THR A 186 10.04 16.00 -1.58
C THR A 186 10.14 16.95 -0.39
N ILE A 187 9.02 17.20 0.26
CA ILE A 187 8.99 18.09 1.41
C ILE A 187 9.63 17.42 2.63
N TRP A 188 9.17 16.21 2.94
CA TRP A 188 9.70 15.47 4.08
C TRP A 188 11.17 15.83 4.30
N LYS A 189 11.99 15.63 3.28
CA LYS A 189 13.40 15.93 3.38
C LYS A 189 14.09 15.70 2.04
N LYS A 190 14.84 16.72 1.59
CA LYS A 190 15.54 16.63 0.32
C LYS A 190 17.05 16.54 0.55
N MET A 191 17.56 15.31 0.69
CA MET A 191 18.98 15.10 0.91
C MET A 191 19.54 14.09 -0.08
N GLY A 192 20.71 14.38 -0.63
CA GLY A 192 21.34 13.49 -1.59
C GLY A 192 22.85 13.64 -1.56
N CYS B 1 24.63 -5.78 -12.00
CA CYS B 1 24.71 -5.76 -10.50
C CYS B 1 24.11 -7.05 -9.95
N GLU B 2 24.91 -7.79 -9.20
CA GLU B 2 24.46 -9.04 -8.61
C GLU B 2 23.34 -8.79 -7.60
N ALA B 3 23.61 -7.94 -6.62
CA ALA B 3 22.62 -7.62 -5.61
C ALA B 3 21.31 -7.17 -6.25
N LEU B 4 20.25 -7.10 -5.45
CA LEU B 4 18.95 -6.69 -5.96
C LEU B 4 19.04 -5.30 -6.60
N LYS B 5 19.81 -4.41 -5.98
CA LYS B 5 19.97 -3.06 -6.49
C LYS B 5 20.95 -2.27 -5.63
N LYS B 6 20.49 -1.83 -4.47
CA LYS B 6 21.34 -1.06 -3.56
C LYS B 6 21.03 -1.42 -2.11
N ALA B 7 22.05 -1.32 -1.26
CA ALA B 7 21.87 -1.62 0.16
C ALA B 7 22.73 -0.69 1.01
N LEU B 8 22.14 -0.17 2.08
CA LEU B 8 22.85 0.73 2.97
C LEU B 8 23.39 -0.03 4.18
N ARG B 9 24.65 0.22 4.52
CA ARG B 9 25.27 -0.45 5.66
C ARG B 9 25.06 0.37 6.93
N ARG B 10 24.56 1.59 6.77
CA ARG B 10 24.32 2.47 7.90
C ARG B 10 23.29 1.85 8.84
N HIS B 11 22.21 1.32 8.27
CA HIS B 11 21.16 0.69 9.06
C HIS B 11 21.57 -0.71 9.48
N ARG B 12 21.71 -1.60 8.51
CA ARG B 12 22.10 -2.98 8.78
C ARG B 12 23.07 -3.02 9.96
N PHE B 13 23.86 -1.97 10.11
CA PHE B 13 24.83 -1.91 11.21
C PHE B 13 24.23 -1.19 12.41
N LEU B 14 23.30 -0.28 12.14
CA LEU B 14 22.65 0.48 13.21
C LEU B 14 21.94 -0.47 14.18
N TRP B 15 21.41 -1.56 13.65
CA TRP B 15 20.71 -2.54 14.48
C TRP B 15 21.71 -3.54 15.08
N GLN B 16 22.48 -4.19 14.22
CA GLN B 16 23.46 -5.17 14.67
C GLN B 16 24.04 -4.76 16.02
N ARG B 17 24.86 -3.71 16.01
CA ARG B 17 25.48 -3.22 17.23
C ARG B 17 24.66 -2.10 17.84
N ARG B 18 24.15 -2.33 19.05
CA ARG B 18 23.35 -1.33 19.74
C ARG B 18 23.40 -1.54 21.25
N GLN B 19 24.10 -0.65 21.94
CA GLN B 19 24.22 -0.74 23.39
C GLN B 19 22.89 -0.40 24.07
N ARG B 20 22.21 0.62 23.53
CA ARG B 20 20.93 1.04 24.09
C ARG B 20 19.78 0.66 23.16
N ALA B 21 18.88 -0.16 23.66
CA ALA B 21 17.73 -0.59 22.87
C ALA B 21 16.96 0.61 22.33
N MET A 1 -29.19 4.23 -10.88
CA MET A 1 -28.93 3.79 -9.48
C MET A 1 -28.65 2.29 -9.47
N ASP A 2 -29.28 1.57 -10.40
CA ASP A 2 -29.08 0.12 -10.49
C ASP A 2 -27.69 -0.26 -10.02
N GLY A 3 -26.68 0.17 -10.77
CA GLY A 3 -25.30 -0.15 -10.43
C GLY A 3 -24.94 -1.57 -10.82
N SER A 4 -25.21 -2.52 -9.93
CA SER A 4 -24.91 -3.92 -10.20
C SER A 4 -26.05 -4.57 -10.98
N GLY A 5 -27.17 -4.80 -10.29
CA GLY A 5 -28.33 -5.41 -10.92
C GLY A 5 -29.56 -5.28 -10.04
N GLU A 6 -30.43 -6.29 -10.09
CA GLU A 6 -31.64 -6.27 -9.28
C GLU A 6 -32.02 -7.68 -8.83
N GLN A 7 -31.59 -8.03 -7.62
CA GLN A 7 -31.89 -9.36 -7.08
C GLN A 7 -30.60 -10.11 -6.78
N PRO A 8 -29.58 -9.41 -6.36
CA PRO A 8 -28.26 -10.01 -6.03
C PRO A 8 -28.28 -10.74 -4.70
N ARG A 9 -27.72 -11.95 -4.67
CA ARG A 9 -27.68 -12.73 -3.45
C ARG A 9 -26.56 -12.24 -2.54
N GLY A 10 -26.88 -11.23 -1.73
CA GLY A 10 -25.90 -10.67 -0.81
C GLY A 10 -26.40 -9.36 -0.21
N GLY A 11 -27.72 -9.23 -0.10
CA GLY A 11 -28.32 -8.02 0.46
C GLY A 11 -27.27 -7.18 1.17
N GLY A 12 -27.10 -5.95 0.70
CA GLY A 12 -26.13 -5.05 1.31
C GLY A 12 -24.70 -5.43 0.93
N PRO A 13 -24.52 -5.89 -0.28
CA PRO A 13 -23.18 -6.31 -0.79
C PRO A 13 -22.10 -5.25 -0.54
N THR A 14 -22.47 -4.00 -0.75
CA THR A 14 -21.52 -2.90 -0.55
C THR A 14 -21.53 -2.45 0.91
N SER A 15 -21.48 -3.42 1.82
CA SER A 15 -21.47 -3.11 3.24
C SER A 15 -20.04 -3.00 3.78
N SER A 16 -19.91 -3.01 5.09
CA SER A 16 -18.59 -2.90 5.71
C SER A 16 -17.93 -4.27 5.81
N GLU A 17 -18.66 -5.30 5.39
CA GLU A 17 -18.14 -6.66 5.43
C GLU A 17 -17.37 -6.98 4.16
N GLN A 18 -17.98 -6.68 3.02
CA GLN A 18 -17.35 -6.94 1.73
C GLN A 18 -16.13 -6.04 1.53
N ILE A 19 -16.12 -4.91 2.24
CA ILE A 19 -15.01 -3.96 2.14
C ILE A 19 -13.85 -4.40 3.01
N MET A 20 -14.13 -4.57 4.30
CA MET A 20 -13.08 -4.98 5.24
C MET A 20 -12.38 -6.23 4.74
N LYS A 21 -13.14 -7.13 4.12
CA LYS A 21 -12.58 -8.37 3.60
C LYS A 21 -11.63 -8.08 2.43
N THR A 22 -12.06 -7.23 1.52
CA THR A 22 -11.24 -6.87 0.37
C THR A 22 -10.09 -5.96 0.80
N GLY A 23 -10.11 -5.54 2.06
CA GLY A 23 -9.07 -4.68 2.59
C GLY A 23 -7.83 -5.48 2.96
N ALA A 24 -8.01 -6.50 3.79
CA ALA A 24 -6.89 -7.35 4.20
C ALA A 24 -6.54 -8.34 3.11
N LEU A 25 -7.37 -8.41 2.08
CA LEU A 25 -7.14 -9.33 0.97
C LEU A 25 -6.24 -8.67 -0.08
N LEU A 26 -6.82 -7.85 -0.93
CA LEU A 26 -6.07 -7.18 -1.97
C LEU A 26 -4.61 -7.01 -1.56
N LEU A 27 -4.38 -6.20 -0.52
CA LEU A 27 -3.04 -5.97 -0.03
C LEU A 27 -2.31 -7.29 0.21
N GLN A 28 -2.89 -8.12 1.07
CA GLN A 28 -2.30 -9.42 1.38
C GLN A 28 -1.88 -10.13 0.10
N GLY A 29 -2.43 -9.69 -1.03
CA GLY A 29 -2.10 -10.31 -2.31
C GLY A 29 -0.89 -9.64 -2.95
N PHE A 30 -1.08 -8.42 -3.44
CA PHE A 30 0.01 -7.67 -4.06
C PHE A 30 1.30 -7.84 -3.26
N ILE A 31 1.16 -8.24 -2.00
CA ILE A 31 2.32 -8.42 -1.14
C ILE A 31 3.03 -9.73 -1.49
N GLN A 32 2.39 -10.85 -1.19
CA GLN A 32 2.98 -12.16 -1.46
C GLN A 32 2.82 -12.51 -2.94
N ASP A 33 2.79 -11.49 -3.79
CA ASP A 33 2.64 -11.71 -5.22
C ASP A 33 3.92 -11.30 -5.96
N ARG A 34 4.40 -10.10 -5.69
CA ARG A 34 5.61 -9.62 -6.33
C ARG A 34 6.85 -9.96 -5.49
N ALA A 35 6.65 -10.09 -4.19
CA ALA A 35 7.75 -10.42 -3.28
C ALA A 35 7.74 -11.91 -2.97
N GLY A 36 6.66 -12.59 -3.30
CA GLY A 36 6.54 -14.02 -3.04
C GLY A 36 7.38 -14.82 -4.04
N ARG A 37 7.70 -16.06 -3.67
CA ARG A 37 8.49 -16.92 -4.54
C ARG A 37 7.73 -17.24 -5.81
N MET A 38 7.08 -18.40 -5.82
CA MET A 38 6.31 -18.83 -6.98
C MET A 38 5.00 -19.48 -6.55
N GLY A 39 3.91 -19.12 -7.23
CA GLY A 39 2.60 -19.67 -6.90
C GLY A 39 2.00 -18.97 -5.69
N GLY A 40 2.70 -17.95 -5.20
CA GLY A 40 2.23 -17.20 -4.03
C GLY A 40 2.21 -18.08 -2.80
N GLU A 41 3.40 -18.39 -2.28
CA GLU A 41 3.50 -19.24 -1.09
C GLU A 41 3.08 -18.46 0.15
N ALA A 42 3.41 -17.17 0.19
CA ALA A 42 3.06 -16.33 1.32
C ALA A 42 3.76 -16.81 2.58
N PRO A 43 5.04 -17.04 2.50
CA PRO A 43 5.86 -17.52 3.65
C PRO A 43 5.56 -16.73 4.93
N GLU A 44 6.06 -15.50 4.99
CA GLU A 44 5.84 -14.65 6.16
C GLU A 44 4.45 -14.03 6.11
N LEU A 45 3.86 -14.00 4.92
CA LEU A 45 2.53 -13.43 4.75
C LEU A 45 1.46 -14.48 5.00
N ALA A 46 1.23 -14.80 6.28
CA ALA A 46 0.24 -15.80 6.64
C ALA A 46 -1.13 -15.14 6.81
N LEU A 47 -2.15 -15.73 6.21
CA LEU A 47 -3.51 -15.20 6.31
C LEU A 47 -4.52 -16.20 5.76
N ASP A 48 -4.78 -16.11 4.46
CA ASP A 48 -5.73 -17.02 3.82
C ASP A 48 -5.65 -16.89 2.29
N PRO A 49 -4.47 -17.06 1.75
CA PRO A 49 -4.24 -16.96 0.29
C PRO A 49 -5.16 -17.90 -0.50
N VAL A 50 -4.99 -17.92 -1.82
CA VAL A 50 -5.80 -18.78 -2.67
C VAL A 50 -7.25 -18.27 -2.73
N PRO A 51 -7.41 -17.01 -3.04
CA PRO A 51 -8.76 -16.38 -3.14
C PRO A 51 -9.71 -17.18 -4.02
N GLN A 52 -11.00 -17.11 -3.72
CA GLN A 52 -12.00 -17.83 -4.49
C GLN A 52 -12.68 -16.91 -5.49
N ASP A 53 -12.75 -15.63 -5.15
CA ASP A 53 -13.38 -14.65 -6.03
C ASP A 53 -12.35 -14.03 -6.97
N ALA A 54 -12.70 -13.97 -8.25
CA ALA A 54 -11.79 -13.40 -9.25
C ALA A 54 -11.88 -11.88 -9.25
N SER A 55 -12.75 -11.34 -8.39
CA SER A 55 -12.92 -9.89 -8.30
C SER A 55 -11.62 -9.23 -7.88
N THR A 56 -10.89 -9.87 -6.95
CA THR A 56 -9.63 -9.33 -6.47
C THR A 56 -8.49 -9.70 -7.42
N LYS A 57 -8.59 -10.88 -8.01
CA LYS A 57 -7.56 -11.34 -8.95
C LYS A 57 -7.24 -10.27 -9.98
N LYS A 58 -8.28 -9.81 -10.67
CA LYS A 58 -8.11 -8.78 -11.69
C LYS A 58 -7.51 -7.51 -11.08
N LEU A 59 -8.09 -7.07 -9.96
CA LEU A 59 -7.61 -5.88 -9.28
C LEU A 59 -6.16 -6.06 -8.83
N SER A 60 -5.78 -7.32 -8.61
CA SER A 60 -4.42 -7.62 -8.17
C SER A 60 -3.42 -7.39 -9.29
N GLU A 61 -3.85 -7.70 -10.52
CA GLU A 61 -2.99 -7.52 -11.68
C GLU A 61 -2.65 -6.05 -11.89
N CYS A 62 -3.58 -5.18 -11.51
CA CYS A 62 -3.36 -3.74 -11.66
C CYS A 62 -2.21 -3.28 -10.77
N LEU A 63 -2.11 -3.86 -9.58
CA LEU A 63 -1.06 -3.50 -8.65
C LEU A 63 0.28 -4.11 -9.08
N LYS A 64 0.20 -5.20 -9.84
CA LYS A 64 1.39 -5.87 -10.32
C LYS A 64 1.91 -5.22 -11.60
N ARG A 65 0.98 -4.77 -12.45
CA ARG A 65 1.35 -4.13 -13.70
C ARG A 65 1.99 -2.77 -13.42
N ILE A 66 1.39 -2.01 -12.52
CA ILE A 66 1.91 -0.68 -12.18
C ILE A 66 3.15 -0.81 -11.28
N GLY A 67 3.13 -1.81 -10.41
CA GLY A 67 4.25 -2.03 -9.50
C GLY A 67 5.54 -2.31 -10.27
N ASP A 68 5.44 -3.16 -11.28
CA ASP A 68 6.60 -3.51 -12.08
C ASP A 68 7.13 -2.28 -12.81
N GLU A 69 6.23 -1.40 -13.20
CA GLU A 69 6.61 -0.19 -13.91
C GLU A 69 7.13 0.87 -12.92
N LEU A 70 6.28 1.24 -11.97
CA LEU A 70 6.65 2.24 -10.98
C LEU A 70 7.94 1.82 -10.27
N ASP A 71 8.03 0.55 -9.91
CA ASP A 71 9.21 0.03 -9.23
C ASP A 71 10.43 0.12 -10.13
N SER A 72 10.20 0.45 -11.40
CA SER A 72 11.30 0.56 -12.35
C SER A 72 11.75 2.02 -12.48
N ASN A 73 11.20 2.88 -11.63
CA ASN A 73 11.55 4.29 -11.66
C ASN A 73 12.69 4.58 -10.70
N MET A 74 13.86 4.92 -11.24
CA MET A 74 15.02 5.22 -10.41
C MET A 74 14.80 6.52 -9.64
N GLU A 75 13.77 7.26 -10.01
CA GLU A 75 13.46 8.52 -9.36
C GLU A 75 12.73 8.28 -8.04
N LEU A 76 11.51 7.78 -8.14
CA LEU A 76 10.70 7.50 -6.95
C LEU A 76 11.42 6.49 -6.05
N GLN A 77 12.02 5.48 -6.66
CA GLN A 77 12.74 4.45 -5.91
C GLN A 77 13.89 5.07 -5.12
N ARG A 78 14.56 6.05 -5.73
CA ARG A 78 15.69 6.71 -5.08
C ARG A 78 15.20 7.54 -3.90
N MET A 79 14.13 8.29 -4.11
CA MET A 79 13.57 9.13 -3.05
C MET A 79 13.29 8.30 -1.80
N ILE A 80 12.70 7.13 -2.00
CA ILE A 80 12.38 6.25 -0.88
C ILE A 80 13.64 5.81 -0.15
N ALA A 81 14.77 5.87 -0.86
CA ALA A 81 16.05 5.48 -0.27
C ALA A 81 16.68 6.66 0.46
N ALA A 82 16.23 7.86 0.12
CA ALA A 82 16.77 9.07 0.74
C ALA A 82 16.02 9.38 2.04
N VAL A 83 14.87 8.74 2.23
CA VAL A 83 14.08 8.94 3.43
C VAL A 83 14.49 7.96 4.52
N ASP A 84 15.56 8.30 5.24
CA ASP A 84 16.05 7.43 6.32
C ASP A 84 14.88 6.84 7.10
N THR A 85 15.16 5.79 7.85
CA THR A 85 14.13 5.13 8.64
C THR A 85 14.49 5.17 10.12
N ASP A 86 13.63 5.82 10.91
CA ASP A 86 13.88 5.92 12.35
C ASP A 86 12.55 5.95 13.11
N SER A 87 11.45 5.89 12.37
CA SER A 87 10.13 5.91 12.99
C SER A 87 9.04 5.73 11.93
N PRO A 88 8.67 4.50 11.66
CA PRO A 88 7.62 4.18 10.65
C PRO A 88 6.23 4.59 11.12
N ARG A 89 6.11 4.88 12.40
CA ARG A 89 4.82 5.30 12.96
C ARG A 89 4.62 6.80 12.81
N GLU A 90 5.72 7.54 12.91
CA GLU A 90 5.65 9.00 12.79
C GLU A 90 5.59 9.40 11.32
N VAL A 91 6.58 8.99 10.56
CA VAL A 91 6.63 9.31 9.14
C VAL A 91 5.36 8.82 8.43
N PHE A 92 5.03 7.55 8.64
CA PHE A 92 3.85 6.98 8.02
C PHE A 92 2.65 7.91 8.19
N PHE A 93 2.40 8.33 9.43
CA PHE A 93 1.28 9.22 9.71
C PHE A 93 1.54 10.59 9.11
N ARG A 94 2.81 10.97 9.03
CA ARG A 94 3.17 12.26 8.46
C ARG A 94 2.95 12.28 6.96
N VAL A 95 3.60 11.36 6.26
CA VAL A 95 3.47 11.27 4.81
C VAL A 95 2.01 11.03 4.42
N ALA A 96 1.38 10.06 5.08
CA ALA A 96 -0.01 9.75 4.79
C ALA A 96 -0.88 10.99 4.93
N ALA A 97 -0.45 11.91 5.77
CA ALA A 97 -1.20 13.15 5.98
C ALA A 97 -0.90 14.16 4.88
N ASP A 98 0.36 14.21 4.46
CA ASP A 98 0.76 15.13 3.41
C ASP A 98 0.07 14.80 2.10
N MET A 99 -0.09 13.50 1.83
CA MET A 99 -0.75 13.06 0.61
C MET A 99 -1.93 13.96 0.28
N PHE A 100 -2.97 13.90 1.10
CA PHE A 100 -4.16 14.73 0.89
C PHE A 100 -4.28 15.78 1.98
N SER A 101 -3.25 16.60 2.12
CA SER A 101 -3.26 17.65 3.13
C SER A 101 -4.17 18.80 2.72
N ASP A 102 -4.35 18.96 1.40
CA ASP A 102 -5.21 20.02 0.89
C ASP A 102 -5.73 19.66 -0.50
N GLY A 103 -5.06 18.70 -1.15
CA GLY A 103 -5.46 18.28 -2.48
C GLY A 103 -6.95 18.52 -2.70
N ASN A 104 -7.78 17.61 -2.19
CA ASN A 104 -9.22 17.74 -2.35
C ASN A 104 -9.94 16.51 -1.80
N PHE A 105 -9.37 15.94 -0.73
CA PHE A 105 -9.95 14.75 -0.12
C PHE A 105 -10.42 13.76 -1.18
N ASN A 106 -9.74 13.78 -2.33
CA ASN A 106 -10.10 12.88 -3.42
C ASN A 106 -10.16 11.45 -2.93
N TRP A 107 -9.20 10.63 -3.37
CA TRP A 107 -9.15 9.23 -2.97
C TRP A 107 -8.03 8.50 -3.71
N GLY A 108 -7.68 9.00 -4.88
CA GLY A 108 -6.64 8.39 -5.68
C GLY A 108 -5.38 8.15 -4.85
N ARG A 109 -5.03 9.13 -4.03
CA ARG A 109 -3.85 9.03 -3.18
C ARG A 109 -3.83 7.68 -2.45
N VAL A 110 -5.02 7.12 -2.25
CA VAL A 110 -5.12 5.83 -1.56
C VAL A 110 -4.21 4.80 -2.21
N VAL A 111 -4.42 4.57 -3.51
CA VAL A 111 -3.61 3.60 -4.24
C VAL A 111 -2.13 3.79 -3.90
N ALA A 112 -1.67 5.03 -3.93
CA ALA A 112 -0.28 5.33 -3.62
C ALA A 112 0.09 4.83 -2.23
N LEU A 113 -0.87 4.91 -1.31
CA LEU A 113 -0.64 4.46 0.06
C LEU A 113 -0.20 3.00 0.08
N PHE A 114 -0.91 2.16 -0.68
CA PHE A 114 -0.59 0.74 -0.74
C PHE A 114 0.85 0.54 -1.20
N TYR A 115 1.25 1.29 -2.22
CA TYR A 115 2.61 1.18 -2.75
C TYR A 115 3.61 1.72 -1.74
N PHE A 116 3.29 2.85 -1.12
CA PHE A 116 4.18 3.45 -0.13
C PHE A 116 4.43 2.48 1.02
N ALA A 117 3.38 1.81 1.46
CA ALA A 117 3.48 0.85 2.55
C ALA A 117 4.25 -0.39 2.11
N SER A 118 4.09 -0.74 0.84
CA SER A 118 4.79 -1.91 0.30
C SER A 118 6.26 -1.89 0.67
N LYS A 119 6.89 -0.73 0.52
CA LYS A 119 8.30 -0.58 0.85
C LYS A 119 8.55 -0.93 2.31
N LEU A 120 7.68 -0.44 3.19
CA LEU A 120 7.82 -0.71 4.61
C LEU A 120 7.57 -2.17 4.91
N VAL A 121 6.69 -2.79 4.12
CA VAL A 121 6.37 -4.20 4.32
C VAL A 121 7.49 -5.08 3.77
N LEU A 122 7.86 -4.86 2.52
CA LEU A 122 8.92 -5.65 1.89
C LEU A 122 10.27 -5.24 2.44
N LYS A 123 10.48 -3.95 2.63
CA LYS A 123 11.74 -3.45 3.16
C LYS A 123 12.04 -4.06 4.51
N ALA A 124 11.01 -4.17 5.35
CA ALA A 124 11.17 -4.75 6.68
C ALA A 124 11.31 -6.27 6.59
N LEU A 125 10.82 -6.85 5.50
CA LEU A 125 10.90 -8.28 5.31
C LEU A 125 12.35 -8.74 5.23
N CYS A 126 13.21 -7.88 4.71
CA CYS A 126 14.62 -8.20 4.58
C CYS A 126 15.36 -7.92 5.89
N THR A 127 14.94 -6.86 6.58
CA THR A 127 15.56 -6.49 7.85
C THR A 127 15.57 -7.68 8.81
N LYS A 128 14.73 -8.67 8.52
CA LYS A 128 14.65 -9.85 9.37
C LYS A 128 13.66 -9.63 10.51
N VAL A 129 12.51 -9.05 10.19
CA VAL A 129 11.48 -8.79 11.19
C VAL A 129 10.09 -8.90 10.59
N PRO A 130 9.51 -10.06 10.64
CA PRO A 130 8.15 -10.32 10.09
C PRO A 130 7.05 -9.71 10.96
N GLU A 131 7.42 -9.29 12.16
CA GLU A 131 6.46 -8.68 13.09
C GLU A 131 5.97 -7.35 12.53
N LEU A 132 6.88 -6.58 11.94
CA LEU A 132 6.52 -5.29 11.38
C LEU A 132 5.51 -5.45 10.26
N ILE A 133 5.63 -6.55 9.52
CA ILE A 133 4.71 -6.82 8.42
C ILE A 133 3.27 -6.84 8.91
N ARG A 134 3.02 -7.59 9.98
CA ARG A 134 1.68 -7.68 10.54
C ARG A 134 1.28 -6.36 11.19
N THR A 135 2.25 -5.67 11.77
CA THR A 135 2.00 -4.39 12.41
C THR A 135 1.62 -3.34 11.38
N ILE A 136 2.18 -3.47 10.17
CA ILE A 136 1.89 -2.52 9.10
C ILE A 136 0.46 -2.69 8.62
N MET A 137 0.13 -3.89 8.15
CA MET A 137 -1.21 -4.17 7.65
C MET A 137 -2.26 -3.64 8.63
N GLY A 138 -1.88 -3.52 9.90
CA GLY A 138 -2.80 -3.03 10.92
C GLY A 138 -3.10 -1.55 10.71
N TRP A 139 -2.07 -0.78 10.34
CA TRP A 139 -2.23 0.64 10.11
C TRP A 139 -3.12 0.88 8.89
N THR A 140 -3.17 -0.09 7.99
CA THR A 140 -3.97 0.02 6.78
C THR A 140 -5.45 -0.17 7.12
N LEU A 141 -5.81 -1.38 7.54
CA LEU A 141 -7.19 -1.68 7.88
C LEU A 141 -7.74 -0.66 8.86
N ASP A 142 -6.86 -0.16 9.74
CA ASP A 142 -7.27 0.84 10.72
C ASP A 142 -7.68 2.14 10.03
N PHE A 143 -6.81 2.64 9.16
CA PHE A 143 -7.09 3.88 8.44
C PHE A 143 -8.26 3.69 7.48
N LEU A 144 -8.31 2.53 6.84
CA LEU A 144 -9.38 2.24 5.90
C LEU A 144 -10.70 2.03 6.64
N ARG A 145 -10.62 1.44 7.82
CA ARG A 145 -11.81 1.17 8.62
C ARG A 145 -12.20 2.42 9.42
N GLU A 146 -11.31 3.40 9.44
CA GLU A 146 -11.56 4.64 10.17
C GLU A 146 -11.74 5.81 9.20
N ARG A 147 -11.53 5.54 7.91
CA ARG A 147 -11.67 6.58 6.90
C ARG A 147 -12.30 6.01 5.64
N LEU A 148 -11.50 5.92 4.58
CA LEU A 148 -12.00 5.39 3.30
C LEU A 148 -13.32 4.66 3.51
N LEU A 149 -13.51 4.11 4.71
CA LEU A 149 -14.74 3.39 5.02
C LEU A 149 -15.97 4.19 4.61
N GLY A 150 -16.06 5.42 5.13
CA GLY A 150 -17.19 6.28 4.81
C GLY A 150 -17.20 6.64 3.33
N TRP A 151 -16.06 7.11 2.83
CA TRP A 151 -15.95 7.48 1.43
C TRP A 151 -16.09 6.25 0.53
N ILE A 152 -15.25 5.25 0.77
CA ILE A 152 -15.29 4.02 -0.02
C ILE A 152 -16.71 3.46 -0.07
N GLN A 153 -17.45 3.64 1.02
CA GLN A 153 -18.82 3.15 1.10
C GLN A 153 -19.72 3.92 0.14
N ASP A 154 -19.38 5.19 -0.07
CA ASP A 154 -20.17 6.04 -0.97
C ASP A 154 -19.66 5.92 -2.41
N GLN A 155 -18.56 5.19 -2.57
CA GLN A 155 -17.97 5.01 -3.90
C GLN A 155 -18.42 3.69 -4.51
N GLY A 156 -19.25 2.96 -3.78
CA GLY A 156 -19.75 1.68 -4.27
C GLY A 156 -18.75 0.56 -3.98
N GLY A 157 -17.91 0.76 -2.97
CA GLY A 157 -16.92 -0.23 -2.60
C GLY A 157 -15.62 0.00 -3.36
N TRP A 158 -14.79 -1.04 -3.42
CA TRP A 158 -13.51 -0.94 -4.12
C TRP A 158 -13.73 -0.92 -5.63
N ASP A 159 -14.97 -1.13 -6.05
CA ASP A 159 -15.29 -1.13 -7.47
C ASP A 159 -14.95 0.21 -8.11
N GLY A 160 -15.28 1.29 -7.41
CA GLY A 160 -15.00 2.62 -7.92
C GLY A 160 -13.53 2.78 -8.28
N LEU A 161 -12.67 2.09 -7.54
CA LEU A 161 -11.23 2.15 -7.79
C LEU A 161 -10.91 1.62 -9.18
N LEU A 162 -11.36 0.40 -9.46
CA LEU A 162 -11.11 -0.22 -10.76
C LEU A 162 -11.85 0.52 -11.86
N SER A 163 -13.01 1.09 -11.51
CA SER A 163 -13.82 1.83 -12.47
C SER A 163 -13.08 3.09 -12.91
N TYR A 164 -12.22 3.60 -12.05
CA TYR A 164 -11.46 4.81 -12.37
C TYR A 164 -10.33 4.50 -13.34
N PHE A 165 -9.64 3.39 -13.10
CA PHE A 165 -8.53 2.99 -13.96
C PHE A 165 -9.05 2.50 -15.31
N GLY A 166 -9.96 3.27 -15.90
CA GLY A 166 -10.53 2.90 -17.20
C GLY A 166 -10.47 4.07 -18.17
N THR A 167 -9.36 4.81 -18.13
CA THR A 167 -9.19 5.95 -19.02
C THR A 167 -8.14 5.65 -20.08
N PRO A 168 -7.85 6.61 -20.92
CA PRO A 168 -6.85 6.46 -22.02
C PRO A 168 -5.42 6.51 -21.49
N THR A 169 -4.51 7.05 -22.31
CA THR A 169 -3.12 7.16 -21.93
C THR A 169 -2.97 7.10 -20.41
N TRP A 170 -2.61 5.92 -19.90
CA TRP A 170 -2.44 5.75 -18.46
C TRP A 170 -1.31 6.62 -17.94
N GLN A 171 -0.44 7.07 -18.85
CA GLN A 171 0.68 7.91 -18.48
C GLN A 171 0.23 9.04 -17.55
N THR A 172 -1.09 9.24 -17.48
CA THR A 172 -1.64 10.29 -16.63
C THR A 172 -1.87 9.75 -15.22
N VAL A 173 -2.14 8.46 -15.10
CA VAL A 173 -2.37 7.85 -13.81
C VAL A 173 -1.06 7.75 -13.01
N THR A 174 0.00 7.29 -13.69
CA THR A 174 1.29 7.16 -13.04
C THR A 174 1.83 8.52 -12.62
N ILE A 175 1.38 9.57 -13.31
CA ILE A 175 1.82 10.92 -12.99
C ILE A 175 0.96 11.53 -11.88
N PHE A 176 -0.09 10.81 -11.50
CA PHE A 176 -0.98 11.28 -10.44
C PHE A 176 -0.57 10.70 -9.10
N VAL A 177 -0.59 9.37 -9.01
CA VAL A 177 -0.23 8.69 -7.77
C VAL A 177 1.23 8.98 -7.42
N ALA A 178 1.98 9.48 -8.39
CA ALA A 178 3.39 9.80 -8.16
C ALA A 178 3.55 11.27 -7.82
N GLY A 179 2.89 12.13 -8.59
CA GLY A 179 2.97 13.57 -8.37
C GLY A 179 2.42 13.94 -7.01
N VAL A 180 1.51 13.11 -6.50
CA VAL A 180 0.91 13.36 -5.19
C VAL A 180 1.77 12.78 -4.07
N LEU A 181 2.13 11.51 -4.21
CA LEU A 181 2.96 10.85 -3.21
C LEU A 181 4.38 11.40 -3.24
N THR A 182 4.95 11.50 -4.43
CA THR A 182 6.31 12.03 -4.59
C THR A 182 6.46 13.35 -3.85
N ALA A 183 5.54 14.28 -4.13
CA ALA A 183 5.58 15.59 -3.48
C ALA A 183 5.79 15.44 -1.97
N SER A 184 5.04 14.52 -1.37
CA SER A 184 5.15 14.29 0.07
C SER A 184 6.60 14.00 0.45
N LEU A 185 7.30 13.26 -0.41
CA LEU A 185 8.69 12.91 -0.15
C LEU A 185 9.60 14.09 -0.44
N THR A 186 9.12 15.02 -1.27
CA THR A 186 9.89 16.19 -1.63
C THR A 186 9.96 17.17 -0.46
N ILE A 187 8.82 17.40 0.18
CA ILE A 187 8.77 18.31 1.31
C ILE A 187 9.40 17.68 2.55
N TRP A 188 8.97 16.47 2.87
CA TRP A 188 9.52 15.77 4.03
C TRP A 188 10.98 16.16 4.27
N LYS A 189 11.81 15.96 3.25
CA LYS A 189 13.22 16.30 3.36
C LYS A 189 13.93 16.07 2.02
N LYS A 190 14.64 17.09 1.57
CA LYS A 190 15.37 16.99 0.30
C LYS A 190 16.87 16.96 0.54
N MET A 191 17.40 15.74 0.71
CA MET A 191 18.82 15.57 0.95
C MET A 191 19.42 14.55 -0.01
N GLY A 192 20.59 14.87 -0.56
CA GLY A 192 21.25 13.97 -1.51
C GLY A 192 22.76 14.16 -1.46
N CYS B 1 24.02 -2.16 -9.76
CA CYS B 1 22.80 -2.88 -10.22
C CYS B 1 22.95 -4.38 -9.93
N GLU B 2 23.97 -4.72 -9.14
CA GLU B 2 24.22 -6.11 -8.79
C GLU B 2 23.15 -6.63 -7.82
N ALA B 3 22.81 -5.79 -6.84
CA ALA B 3 21.81 -6.18 -5.86
C ALA B 3 21.12 -4.94 -5.29
N LEU B 4 20.06 -4.50 -5.97
CA LEU B 4 19.32 -3.32 -5.53
C LEU B 4 20.24 -2.12 -5.40
N LYS B 5 20.97 -1.82 -6.47
CA LYS B 5 21.90 -0.70 -6.47
C LYS B 5 23.05 -0.95 -5.49
N LYS B 6 22.81 -0.65 -4.22
CA LYS B 6 23.84 -0.85 -3.19
C LYS B 6 23.21 -0.97 -1.82
N ALA B 7 23.67 -1.95 -1.05
CA ALA B 7 23.13 -2.17 0.29
C ALA B 7 23.63 -1.07 1.24
N LEU B 8 22.77 -0.68 2.17
CA LEU B 8 23.13 0.37 3.13
C LEU B 8 23.88 -0.23 4.31
N ARG B 9 25.18 -0.47 4.11
CA ARG B 9 26.00 -1.05 5.17
C ARG B 9 26.09 -0.10 6.36
N ARG B 10 26.10 1.20 6.07
CA ARG B 10 26.18 2.20 7.13
C ARG B 10 24.98 2.09 8.06
N HIS B 11 23.79 1.96 7.48
CA HIS B 11 22.56 1.85 8.26
C HIS B 11 22.41 0.44 8.82
N ARG B 12 22.21 -0.52 7.91
CA ARG B 12 22.04 -1.91 8.32
C ARG B 12 22.87 -2.20 9.59
N PHE B 13 24.02 -1.53 9.69
CA PHE B 13 24.88 -1.73 10.85
C PHE B 13 24.53 -0.73 11.95
N LEU B 14 24.10 0.46 11.54
CA LEU B 14 23.73 1.49 12.51
C LEU B 14 22.69 0.96 13.49
N TRP B 15 21.78 0.13 12.99
CA TRP B 15 20.74 -0.45 13.83
C TRP B 15 21.26 -1.69 14.55
N GLN B 16 21.73 -2.66 13.77
CA GLN B 16 22.25 -3.90 14.34
C GLN B 16 22.90 -3.63 15.69
N ARG B 17 24.00 -2.88 15.68
CA ARG B 17 24.72 -2.56 16.90
C ARG B 17 23.78 -1.88 17.90
N ARG B 18 23.94 -2.22 19.18
CA ARG B 18 23.10 -1.63 20.22
C ARG B 18 23.17 -0.11 20.17
N GLN B 19 24.37 0.42 19.95
CA GLN B 19 24.55 1.88 19.88
C GLN B 19 23.88 2.55 21.08
N ARG B 20 23.97 1.92 22.25
CA ARG B 20 23.37 2.47 23.45
C ARG B 20 21.94 2.93 23.18
N ALA B 21 21.39 2.50 22.05
CA ALA B 21 20.03 2.86 21.69
C ALA B 21 19.84 4.37 21.77
N MET A 1 -18.79 -25.48 15.85
CA MET A 1 -17.68 -24.50 15.83
C MET A 1 -18.21 -23.14 15.40
N ASP A 2 -19.37 -23.15 14.74
CA ASP A 2 -19.98 -21.91 14.27
C ASP A 2 -20.30 -20.99 15.44
N GLY A 3 -21.12 -21.49 16.37
CA GLY A 3 -21.50 -20.70 17.53
C GLY A 3 -22.61 -19.71 17.19
N SER A 4 -22.41 -18.96 16.11
CA SER A 4 -23.39 -17.97 15.69
C SER A 4 -23.85 -18.25 14.26
N GLY A 5 -22.90 -18.62 13.40
CA GLY A 5 -23.22 -18.91 12.01
C GLY A 5 -21.97 -18.79 11.13
N GLU A 6 -22.10 -19.21 9.88
CA GLU A 6 -20.98 -19.16 8.95
C GLU A 6 -21.30 -18.21 7.78
N GLN A 7 -20.81 -16.98 7.88
CA GLN A 7 -21.03 -15.99 6.83
C GLN A 7 -22.16 -15.03 7.24
N PRO A 8 -21.88 -14.20 8.20
CA PRO A 8 -22.88 -13.21 8.71
C PRO A 8 -23.56 -12.45 7.57
N ARG A 9 -24.84 -12.16 7.73
CA ARG A 9 -25.59 -11.43 6.72
C ARG A 9 -24.69 -11.12 5.52
N GLY A 10 -25.29 -11.08 4.33
CA GLY A 10 -24.53 -10.79 3.13
C GLY A 10 -25.38 -9.98 2.14
N GLY A 11 -26.69 -10.21 2.16
CA GLY A 11 -27.58 -9.49 1.26
C GLY A 11 -27.32 -7.99 1.33
N GLY A 12 -26.65 -7.47 0.30
CA GLY A 12 -26.34 -6.05 0.25
C GLY A 12 -24.86 -5.80 0.48
N PRO A 13 -24.04 -6.18 -0.46
CA PRO A 13 -22.55 -6.00 -0.38
C PRO A 13 -22.17 -4.56 -0.04
N THR A 14 -22.15 -3.70 -1.04
CA THR A 14 -21.80 -2.30 -0.83
C THR A 14 -21.95 -1.93 0.63
N SER A 15 -21.42 -2.76 1.51
CA SER A 15 -21.50 -2.50 2.95
C SER A 15 -20.10 -2.36 3.55
N SER A 16 -19.97 -2.74 4.81
CA SER A 16 -18.69 -2.65 5.49
C SER A 16 -18.02 -4.02 5.57
N GLU A 17 -18.79 -5.06 5.30
CA GLU A 17 -18.27 -6.42 5.34
C GLU A 17 -17.51 -6.74 4.06
N GLN A 18 -18.13 -6.47 2.92
CA GLN A 18 -17.50 -6.74 1.63
C GLN A 18 -16.28 -5.84 1.43
N ILE A 19 -16.26 -4.72 2.14
CA ILE A 19 -15.15 -3.78 2.04
C ILE A 19 -13.99 -4.22 2.91
N MET A 20 -14.26 -4.42 4.19
CA MET A 20 -13.23 -4.86 5.12
C MET A 20 -12.53 -6.12 4.61
N LYS A 21 -13.30 -6.99 3.98
CA LYS A 21 -12.75 -8.23 3.45
C LYS A 21 -11.79 -7.93 2.29
N THR A 22 -12.22 -7.07 1.38
CA THR A 22 -11.41 -6.70 0.23
C THR A 22 -10.25 -5.82 0.67
N GLY A 23 -10.26 -5.40 1.92
CA GLY A 23 -9.20 -4.55 2.45
C GLY A 23 -7.97 -5.37 2.81
N ALA A 24 -8.17 -6.40 3.62
CA ALA A 24 -7.06 -7.26 4.04
C ALA A 24 -6.71 -8.25 2.93
N LEU A 25 -7.56 -8.30 1.90
CA LEU A 25 -7.33 -9.20 0.78
C LEU A 25 -6.42 -8.55 -0.26
N LEU A 26 -7.02 -7.70 -1.10
CA LEU A 26 -6.25 -7.03 -2.15
C LEU A 26 -4.79 -6.88 -1.72
N LEU A 27 -4.56 -6.08 -0.68
CA LEU A 27 -3.20 -5.87 -0.18
C LEU A 27 -2.50 -7.20 0.03
N GLN A 28 -3.07 -8.03 0.88
CA GLN A 28 -2.49 -9.34 1.18
C GLN A 28 -2.08 -10.05 -0.12
N GLY A 29 -2.64 -9.59 -1.23
CA GLY A 29 -2.32 -10.19 -2.53
C GLY A 29 -1.10 -9.52 -3.16
N PHE A 30 -1.28 -8.29 -3.64
CA PHE A 30 -0.20 -7.55 -4.26
C PHE A 30 1.10 -7.73 -3.47
N ILE A 31 0.96 -8.16 -2.21
CA ILE A 31 2.12 -8.36 -1.36
C ILE A 31 2.83 -9.67 -1.71
N GLN A 32 2.17 -10.79 -1.42
CA GLN A 32 2.75 -12.10 -1.72
C GLN A 32 2.58 -12.43 -3.20
N ASP A 33 2.56 -11.40 -4.04
CA ASP A 33 2.41 -11.60 -5.47
C ASP A 33 3.68 -11.21 -6.21
N ARG A 34 4.18 -10.01 -5.92
CA ARG A 34 5.39 -9.52 -6.56
C ARG A 34 6.61 -9.88 -5.73
N ALA A 35 6.42 -10.03 -4.43
CA ALA A 35 7.52 -10.37 -3.53
C ALA A 35 7.51 -11.86 -3.23
N GLY A 36 6.41 -12.52 -3.56
CA GLY A 36 6.28 -13.96 -3.32
C GLY A 36 6.96 -14.76 -4.43
N ARG A 37 6.94 -16.08 -4.30
CA ARG A 37 7.55 -16.95 -5.30
C ARG A 37 6.75 -18.24 -5.45
N MET A 38 7.22 -19.12 -6.32
CA MET A 38 6.54 -20.39 -6.55
C MET A 38 6.79 -21.34 -5.38
N GLY A 39 5.70 -21.80 -4.76
CA GLY A 39 5.82 -22.72 -3.64
C GLY A 39 5.70 -21.98 -2.31
N GLY A 40 6.25 -20.77 -2.26
CA GLY A 40 6.20 -19.97 -1.05
C GLY A 40 7.06 -20.60 0.05
N GLU A 41 6.73 -21.83 0.41
CA GLU A 41 7.47 -22.53 1.45
C GLU A 41 7.47 -21.72 2.75
N ALA A 42 6.40 -21.87 3.52
CA ALA A 42 6.28 -21.16 4.79
C ALA A 42 6.33 -19.65 4.56
N PRO A 43 5.49 -19.15 3.71
CA PRO A 43 5.43 -17.69 3.38
C PRO A 43 5.36 -16.83 4.64
N GLU A 44 5.73 -15.56 4.50
CA GLU A 44 5.70 -14.63 5.63
C GLU A 44 4.38 -13.88 5.67
N LEU A 45 3.58 -14.03 4.63
CA LEU A 45 2.29 -13.35 4.57
C LEU A 45 1.16 -14.34 4.80
N ALA A 46 1.07 -14.84 6.02
CA ALA A 46 0.03 -15.80 6.38
C ALA A 46 -1.30 -15.09 6.59
N LEU A 47 -2.38 -15.68 6.08
CA LEU A 47 -3.71 -15.09 6.22
C LEU A 47 -4.30 -15.30 4.77
N ASP A 48 -3.62 -14.85 3.82
CA ASP A 48 -4.17 -14.77 2.47
C ASP A 48 -4.99 -16.02 2.15
N PRO A 49 -6.25 -16.00 2.47
CA PRO A 49 -7.16 -17.16 2.22
C PRO A 49 -7.05 -17.67 0.79
N VAL A 50 -7.24 -18.98 0.62
CA VAL A 50 -7.16 -19.59 -0.70
C VAL A 50 -7.74 -18.65 -1.76
N PRO A 51 -7.66 -19.04 -3.00
CA PRO A 51 -8.19 -18.22 -4.13
C PRO A 51 -9.72 -18.22 -4.18
N GLN A 52 -10.31 -17.03 -4.10
CA GLN A 52 -11.76 -16.91 -4.13
C GLN A 52 -12.16 -15.60 -4.79
N ASP A 53 -13.25 -15.64 -5.57
CA ASP A 53 -13.74 -14.46 -6.26
C ASP A 53 -12.65 -13.88 -7.17
N ALA A 54 -13.00 -13.68 -8.44
CA ALA A 54 -12.04 -13.13 -9.39
C ALA A 54 -12.09 -11.60 -9.39
N SER A 55 -12.99 -11.05 -8.58
CA SER A 55 -13.12 -9.59 -8.49
C SER A 55 -11.81 -8.95 -8.06
N THR A 56 -11.12 -9.61 -7.13
CA THR A 56 -9.85 -9.10 -6.64
C THR A 56 -8.72 -9.47 -7.60
N LYS A 57 -8.83 -10.63 -8.22
CA LYS A 57 -7.81 -11.10 -9.15
C LYS A 57 -7.50 -10.02 -10.17
N LYS A 58 -8.52 -9.54 -10.86
CA LYS A 58 -8.34 -8.49 -11.87
C LYS A 58 -7.74 -7.25 -11.24
N LEU A 59 -8.30 -6.81 -10.12
CA LEU A 59 -7.81 -5.63 -9.43
C LEU A 59 -6.37 -5.83 -8.98
N SER A 60 -5.98 -7.09 -8.77
CA SER A 60 -4.63 -7.41 -8.33
C SER A 60 -3.64 -7.18 -9.48
N GLU A 61 -4.08 -7.46 -10.70
CA GLU A 61 -3.22 -7.29 -11.86
C GLU A 61 -2.87 -5.81 -12.04
N CYS A 62 -3.78 -4.94 -11.66
CA CYS A 62 -3.55 -3.50 -11.79
C CYS A 62 -2.39 -3.06 -10.91
N LEU A 63 -2.30 -3.65 -9.72
CA LEU A 63 -1.23 -3.32 -8.79
C LEU A 63 0.09 -3.94 -9.24
N LYS A 64 0.00 -5.01 -10.01
CA LYS A 64 1.20 -5.69 -10.50
C LYS A 64 1.71 -5.02 -11.77
N ARG A 65 0.78 -4.55 -12.61
CA ARG A 65 1.14 -3.90 -13.85
C ARG A 65 1.81 -2.55 -13.58
N ILE A 66 1.22 -1.79 -12.65
CA ILE A 66 1.75 -0.48 -12.30
C ILE A 66 2.98 -0.63 -11.41
N GLY A 67 2.95 -1.64 -10.55
CA GLY A 67 4.08 -1.89 -9.65
C GLY A 67 5.36 -2.16 -10.42
N ASP A 68 5.25 -3.01 -11.44
CA ASP A 68 6.41 -3.35 -12.25
C ASP A 68 6.95 -2.12 -12.97
N GLU A 69 6.05 -1.22 -13.35
CA GLU A 69 6.44 0.00 -14.04
C GLU A 69 6.97 1.03 -13.05
N LEU A 70 6.12 1.39 -12.08
CA LEU A 70 6.51 2.38 -11.08
C LEU A 70 7.80 1.95 -10.37
N ASP A 71 7.88 0.66 -10.04
CA ASP A 71 9.05 0.13 -9.36
C ASP A 71 10.28 0.22 -10.27
N SER A 72 10.05 0.57 -11.53
CA SER A 72 11.14 0.68 -12.49
C SER A 72 11.61 2.13 -12.61
N ASN A 73 11.07 2.99 -11.75
CA ASN A 73 11.43 4.40 -11.76
C ASN A 73 12.58 4.67 -10.80
N MET A 74 13.74 5.00 -11.34
CA MET A 74 14.90 5.28 -10.52
C MET A 74 14.71 6.58 -9.73
N GLU A 75 13.67 7.32 -10.08
CA GLU A 75 13.39 8.58 -9.40
C GLU A 75 12.66 8.33 -8.09
N LEU A 76 11.42 7.84 -8.19
CA LEU A 76 10.63 7.56 -7.00
C LEU A 76 11.33 6.52 -6.12
N GLN A 77 11.94 5.52 -6.75
CA GLN A 77 12.63 4.48 -6.01
C GLN A 77 13.81 5.08 -5.22
N ARG A 78 14.47 6.05 -5.82
CA ARG A 78 15.61 6.70 -5.16
C ARG A 78 15.13 7.53 -3.97
N MET A 79 14.06 8.29 -4.17
CA MET A 79 13.52 9.11 -3.11
C MET A 79 13.23 8.28 -1.86
N ILE A 80 12.63 7.11 -2.07
CA ILE A 80 12.31 6.21 -0.96
C ILE A 80 13.58 5.77 -0.24
N ALA A 81 14.71 5.81 -0.95
CA ALA A 81 15.98 5.41 -0.38
C ALA A 81 16.63 6.58 0.36
N ALA A 82 16.18 7.79 0.05
CA ALA A 82 16.72 8.98 0.69
C ALA A 82 15.99 9.28 1.99
N VAL A 83 14.84 8.64 2.17
CA VAL A 83 14.05 8.84 3.37
C VAL A 83 14.46 7.85 4.46
N ASP A 84 15.53 8.16 5.18
CA ASP A 84 16.01 7.29 6.23
C ASP A 84 14.85 6.70 7.03
N THR A 85 15.11 5.63 7.76
CA THR A 85 14.08 4.98 8.56
C THR A 85 14.45 5.00 10.03
N ASP A 86 13.60 5.64 10.84
CA ASP A 86 13.85 5.72 12.27
C ASP A 86 12.53 5.75 13.04
N SER A 87 11.42 5.71 12.30
CA SER A 87 10.10 5.74 12.92
C SER A 87 9.01 5.59 11.87
N PRO A 88 8.65 4.36 11.58
CA PRO A 88 7.59 4.06 10.56
C PRO A 88 6.20 4.48 11.03
N ARG A 89 6.08 4.75 12.32
CA ARG A 89 4.80 5.17 12.89
C ARG A 89 4.62 6.67 12.76
N GLU A 90 5.72 7.41 12.88
CA GLU A 90 5.67 8.86 12.77
C GLU A 90 5.60 9.28 11.31
N VAL A 91 6.59 8.88 10.53
CA VAL A 91 6.64 9.22 9.11
C VAL A 91 5.36 8.75 8.42
N PHE A 92 5.03 7.47 8.60
CA PHE A 92 3.83 6.91 7.98
C PHE A 92 2.64 7.86 8.17
N PHE A 93 2.40 8.25 9.41
CA PHE A 93 1.29 9.15 9.71
C PHE A 93 1.56 10.53 9.12
N ARG A 94 2.83 10.90 9.04
CA ARG A 94 3.20 12.20 8.50
C ARG A 94 2.98 12.24 6.98
N VAL A 95 3.62 11.32 6.28
CA VAL A 95 3.47 11.26 4.82
C VAL A 95 2.02 11.03 4.44
N ALA A 96 1.38 10.07 5.09
CA ALA A 96 -0.02 9.76 4.80
C ALA A 96 -0.88 11.01 4.95
N ALA A 97 -0.44 11.93 5.81
CA ALA A 97 -1.17 13.16 6.04
C ALA A 97 -0.87 14.18 4.95
N ASP A 98 0.39 14.22 4.52
CA ASP A 98 0.80 15.15 3.48
C ASP A 98 0.08 14.84 2.17
N MET A 99 -0.08 13.55 1.89
CA MET A 99 -0.75 13.13 0.66
C MET A 99 -1.93 14.06 0.34
N PHE A 100 -2.96 13.99 1.17
CA PHE A 100 -4.14 14.82 0.98
C PHE A 100 -4.25 15.86 2.07
N SER A 101 -3.21 16.68 2.22
CA SER A 101 -3.20 17.72 3.25
C SER A 101 -4.12 18.88 2.85
N ASP A 102 -4.29 19.05 1.54
CA ASP A 102 -5.15 20.12 1.03
C ASP A 102 -5.67 19.79 -0.35
N GLY A 103 -5.02 18.84 -1.01
CA GLY A 103 -5.42 18.43 -2.34
C GLY A 103 -6.92 18.68 -2.56
N ASN A 104 -7.75 17.78 -2.05
CA ASN A 104 -9.19 17.92 -2.20
C ASN A 104 -9.91 16.69 -1.66
N PHE A 105 -9.35 16.10 -0.61
CA PHE A 105 -9.94 14.91 0.00
C PHE A 105 -10.42 13.94 -1.09
N ASN A 106 -9.74 13.97 -2.23
CA ASN A 106 -10.11 13.08 -3.34
C ASN A 106 -10.17 11.64 -2.86
N TRP A 107 -9.23 10.82 -3.31
CA TRP A 107 -9.20 9.42 -2.93
C TRP A 107 -8.09 8.68 -3.68
N GLY A 108 -7.74 9.19 -4.86
CA GLY A 108 -6.69 8.58 -5.67
C GLY A 108 -5.44 8.33 -4.83
N ARG A 109 -5.08 9.30 -4.01
CA ARG A 109 -3.90 9.18 -3.16
C ARG A 109 -3.89 7.82 -2.45
N VAL A 110 -5.08 7.26 -2.25
CA VAL A 110 -5.19 5.97 -1.58
C VAL A 110 -4.30 4.93 -2.24
N VAL A 111 -4.51 4.72 -3.54
CA VAL A 111 -3.70 3.75 -4.29
C VAL A 111 -2.23 3.91 -3.95
N ALA A 112 -1.76 5.16 -3.96
CA ALA A 112 -0.36 5.44 -3.67
C ALA A 112 0.00 4.92 -2.28
N LEU A 113 -0.94 5.00 -1.35
CA LEU A 113 -0.72 4.53 0.02
C LEU A 113 -0.28 3.06 0.01
N PHE A 114 -1.02 2.25 -0.74
CA PHE A 114 -0.70 0.82 -0.83
C PHE A 114 0.74 0.62 -1.30
N TYR A 115 1.14 1.37 -2.31
CA TYR A 115 2.49 1.27 -2.85
C TYR A 115 3.51 1.78 -1.83
N PHE A 116 3.20 2.91 -1.20
CA PHE A 116 4.09 3.49 -0.21
C PHE A 116 4.34 2.51 0.93
N ALA A 117 3.28 1.83 1.37
CA ALA A 117 3.39 0.87 2.45
C ALA A 117 4.15 -0.38 1.99
N SER A 118 3.98 -0.72 0.71
CA SER A 118 4.64 -1.89 0.15
C SER A 118 6.13 -1.88 0.52
N LYS A 119 6.76 -0.72 0.39
CA LYS A 119 8.18 -0.59 0.70
C LYS A 119 8.43 -0.96 2.16
N LEU A 120 7.57 -0.47 3.05
CA LEU A 120 7.71 -0.75 4.48
C LEU A 120 7.44 -2.23 4.76
N VAL A 121 6.56 -2.83 3.96
CA VAL A 121 6.23 -4.24 4.13
C VAL A 121 7.34 -5.13 3.58
N LEU A 122 7.71 -4.90 2.32
CA LEU A 122 8.75 -5.68 1.68
C LEU A 122 10.12 -5.29 2.24
N LYS A 123 10.33 -4.00 2.44
CA LYS A 123 11.60 -3.51 2.97
C LYS A 123 11.90 -4.15 4.32
N ALA A 124 10.87 -4.27 5.15
CA ALA A 124 11.03 -4.86 6.48
C ALA A 124 11.16 -6.37 6.37
N LEU A 125 10.67 -6.93 5.26
CA LEU A 125 10.73 -8.37 5.06
C LEU A 125 12.18 -8.84 4.98
N CYS A 126 13.04 -7.98 4.45
CA CYS A 126 14.46 -8.31 4.32
C CYS A 126 15.19 -8.05 5.63
N THR A 127 14.78 -7.01 6.34
CA THR A 127 15.41 -6.65 7.61
C THR A 127 15.41 -7.85 8.54
N LYS A 128 14.54 -8.82 8.27
CA LYS A 128 14.45 -10.01 9.09
C LYS A 128 13.48 -9.79 10.24
N VAL A 129 12.33 -9.21 9.94
CA VAL A 129 11.32 -8.94 10.96
C VAL A 129 9.92 -9.03 10.36
N PRO A 130 9.33 -10.21 10.38
CA PRO A 130 7.98 -10.43 9.83
C PRO A 130 6.88 -9.81 10.70
N GLU A 131 7.26 -9.44 11.92
CA GLU A 131 6.31 -8.83 12.85
C GLU A 131 5.84 -7.48 12.31
N LEU A 132 6.77 -6.73 11.73
CA LEU A 132 6.43 -5.42 11.19
C LEU A 132 5.41 -5.55 10.05
N ILE A 133 5.50 -6.66 9.32
CA ILE A 133 4.57 -6.90 8.22
C ILE A 133 3.13 -6.91 8.71
N ARG A 134 2.88 -7.66 9.77
CA ARG A 134 1.54 -7.75 10.33
C ARG A 134 1.16 -6.42 11.00
N THR A 135 2.14 -5.76 11.59
CA THR A 135 1.90 -4.48 12.25
C THR A 135 1.52 -3.42 11.23
N ILE A 136 2.07 -3.54 10.02
CA ILE A 136 1.78 -2.57 8.97
C ILE A 136 0.35 -2.73 8.48
N MET A 137 0.02 -3.92 8.01
CA MET A 137 -1.33 -4.18 7.51
C MET A 137 -2.37 -3.65 8.49
N GLY A 138 -1.98 -3.55 9.76
CA GLY A 138 -2.90 -3.06 10.79
C GLY A 138 -3.18 -1.57 10.59
N TRP A 139 -2.15 -0.82 10.23
CA TRP A 139 -2.31 0.61 10.02
C TRP A 139 -3.20 0.88 8.81
N THR A 140 -3.25 -0.09 7.90
CA THR A 140 -4.06 0.05 6.69
C THR A 140 -5.54 -0.13 7.03
N LEU A 141 -5.90 -1.35 7.43
CA LEU A 141 -7.30 -1.64 7.78
C LEU A 141 -7.82 -0.61 8.78
N ASP A 142 -6.94 -0.14 9.66
CA ASP A 142 -7.34 0.85 10.65
C ASP A 142 -7.73 2.16 9.98
N PHE A 143 -6.87 2.66 9.12
CA PHE A 143 -7.13 3.91 8.41
C PHE A 143 -8.31 3.75 7.46
N LEU A 144 -8.37 2.60 6.80
CA LEU A 144 -9.45 2.33 5.86
C LEU A 144 -10.77 2.11 6.60
N ARG A 145 -10.70 1.51 7.78
CA ARG A 145 -11.89 1.25 8.57
C ARG A 145 -12.26 2.49 9.39
N GLU A 146 -11.36 3.46 9.42
CA GLU A 146 -11.60 4.69 10.17
C GLU A 146 -11.76 5.87 9.22
N ARG A 147 -11.57 5.62 7.93
CA ARG A 147 -11.69 6.67 6.93
C ARG A 147 -12.34 6.13 5.65
N LEU A 148 -11.55 6.03 4.58
CA LEU A 148 -12.05 5.53 3.32
C LEU A 148 -13.38 4.81 3.51
N LEU A 149 -13.57 4.25 4.71
CA LEU A 149 -14.81 3.54 5.02
C LEU A 149 -16.02 4.36 4.62
N GLY A 150 -16.11 5.58 5.16
CA GLY A 150 -17.24 6.45 4.85
C GLY A 150 -17.24 6.83 3.37
N TRP A 151 -16.10 7.29 2.87
CA TRP A 151 -15.99 7.67 1.48
C TRP A 151 -16.15 6.46 0.56
N ILE A 152 -15.32 5.45 0.79
CA ILE A 152 -15.37 4.23 -0.02
C ILE A 152 -16.80 3.68 -0.06
N GLN A 153 -17.52 3.86 1.04
CA GLN A 153 -18.90 3.37 1.10
C GLN A 153 -19.80 4.17 0.16
N ASP A 154 -19.45 5.44 -0.04
CA ASP A 154 -20.24 6.29 -0.92
C ASP A 154 -19.72 6.20 -2.35
N GLN A 155 -18.64 5.46 -2.54
CA GLN A 155 -18.05 5.30 -3.87
C GLN A 155 -18.51 3.98 -4.50
N GLY A 156 -19.36 3.25 -3.77
CA GLY A 156 -19.87 1.97 -4.27
C GLY A 156 -18.87 0.85 -4.00
N GLY A 157 -18.04 1.03 -2.99
CA GLY A 157 -17.05 0.03 -2.63
C GLY A 157 -15.74 0.25 -3.40
N TRP A 158 -14.92 -0.80 -3.48
CA TRP A 158 -13.65 -0.69 -4.18
C TRP A 158 -13.87 -0.66 -5.69
N ASP A 159 -15.12 -0.85 -6.11
CA ASP A 159 -15.45 -0.84 -7.52
C ASP A 159 -15.10 0.51 -8.15
N GLY A 160 -15.41 1.58 -7.43
CA GLY A 160 -15.13 2.93 -7.93
C GLY A 160 -13.65 3.07 -8.29
N LEU A 161 -12.80 2.36 -7.57
CA LEU A 161 -11.36 2.41 -7.82
C LEU A 161 -11.05 1.89 -9.23
N LEU A 162 -11.51 0.68 -9.51
CA LEU A 162 -11.27 0.08 -10.82
C LEU A 162 -12.02 0.84 -11.91
N SER A 163 -13.16 1.41 -11.54
CA SER A 163 -13.96 2.18 -12.50
C SER A 163 -13.22 3.43 -12.94
N TYR A 164 -12.34 3.93 -12.06
CA TYR A 164 -11.58 5.13 -12.37
C TYR A 164 -10.46 4.82 -13.35
N PHE A 165 -9.77 3.70 -13.12
CA PHE A 165 -8.67 3.30 -13.99
C PHE A 165 -9.20 2.83 -15.34
N GLY A 166 -10.10 3.62 -15.93
CA GLY A 166 -10.68 3.28 -17.23
C GLY A 166 -10.60 4.46 -18.18
N THR A 167 -9.49 5.19 -18.14
CA THR A 167 -9.32 6.34 -19.01
C THR A 167 -8.27 6.05 -20.08
N PRO A 168 -8.00 7.00 -20.92
CA PRO A 168 -7.01 6.86 -22.02
C PRO A 168 -5.57 6.89 -21.51
N THR A 169 -4.67 7.43 -22.31
CA THR A 169 -3.27 7.53 -21.93
C THR A 169 -3.12 7.44 -20.42
N TRP A 170 -2.75 6.26 -19.93
CA TRP A 170 -2.58 6.06 -18.49
C TRP A 170 -1.43 6.92 -17.97
N GLN A 171 -0.57 7.37 -18.87
CA GLN A 171 0.56 8.20 -18.49
C GLN A 171 0.12 9.30 -17.55
N THR A 172 -1.19 9.53 -17.47
CA THR A 172 -1.73 10.57 -16.61
C THR A 172 -1.95 10.02 -15.19
N VAL A 173 -2.23 8.73 -15.10
CA VAL A 173 -2.46 8.10 -13.80
C VAL A 173 -1.15 7.99 -13.02
N THR A 174 -0.11 7.53 -13.70
CA THR A 174 1.20 7.37 -13.06
C THR A 174 1.74 8.73 -12.63
N ILE A 175 1.29 9.78 -13.30
CA ILE A 175 1.75 11.13 -12.98
C ILE A 175 0.91 11.72 -11.85
N PHE A 176 -0.16 11.02 -11.48
CA PHE A 176 -1.04 11.49 -10.41
C PHE A 176 -0.63 10.88 -9.07
N VAL A 177 -0.66 9.55 -9.00
CA VAL A 177 -0.30 8.85 -7.78
C VAL A 177 1.16 9.13 -7.42
N ALA A 178 1.92 9.63 -8.39
CA ALA A 178 3.33 9.94 -8.16
C ALA A 178 3.50 11.41 -7.81
N GLY A 179 2.85 12.27 -8.57
CA GLY A 179 2.95 13.71 -8.33
C GLY A 179 2.39 14.07 -6.95
N VAL A 180 1.48 13.24 -6.45
CA VAL A 180 0.89 13.49 -5.14
C VAL A 180 1.76 12.88 -4.04
N LEU A 181 2.10 11.61 -4.19
CA LEU A 181 2.93 10.93 -3.21
C LEU A 181 4.35 11.47 -3.22
N THR A 182 4.92 11.58 -4.42
CA THR A 182 6.27 12.09 -4.58
C THR A 182 6.45 13.40 -3.82
N ALA A 183 5.54 14.34 -4.08
CA ALA A 183 5.59 15.64 -3.42
C ALA A 183 5.80 15.48 -1.92
N SER A 184 5.05 14.56 -1.32
CA SER A 184 5.16 14.32 0.11
C SER A 184 6.61 14.00 0.49
N LEU A 185 7.29 13.27 -0.37
CA LEU A 185 8.69 12.91 -0.13
C LEU A 185 9.61 14.08 -0.42
N THR A 186 9.13 15.02 -1.24
CA THR A 186 9.92 16.20 -1.58
C THR A 186 10.00 17.16 -0.40
N ILE A 187 8.87 17.39 0.25
CA ILE A 187 8.81 18.29 1.39
C ILE A 187 9.46 17.64 2.61
N TRP A 188 9.02 16.43 2.93
CA TRP A 188 9.56 15.71 4.08
C TRP A 188 11.01 16.08 4.31
N LYS A 189 11.84 15.89 3.29
CA LYS A 189 13.26 16.21 3.40
C LYS A 189 13.96 15.99 2.06
N LYS A 190 14.68 17.01 1.60
CA LYS A 190 15.41 16.92 0.34
C LYS A 190 16.91 16.86 0.58
N MET A 191 17.43 15.65 0.73
CA MET A 191 18.85 15.46 0.95
C MET A 191 19.44 14.45 -0.02
N GLY A 192 20.60 14.77 -0.57
CA GLY A 192 21.25 13.86 -1.52
C GLY A 192 22.76 14.04 -1.49
N CYS B 1 23.11 -6.13 -11.35
CA CYS B 1 23.22 -4.67 -11.06
C CYS B 1 23.30 -4.46 -9.55
N GLU B 2 24.44 -4.81 -8.97
CA GLU B 2 24.64 -4.65 -7.54
C GLU B 2 24.75 -3.18 -7.17
N ALA B 3 25.61 -2.46 -7.89
CA ALA B 3 25.80 -1.03 -7.63
C ALA B 3 24.46 -0.30 -7.62
N LEU B 4 23.99 0.06 -6.43
CA LEU B 4 22.72 0.77 -6.31
C LEU B 4 22.50 1.21 -4.87
N LYS B 5 22.06 0.28 -4.02
CA LYS B 5 21.80 0.58 -2.61
C LYS B 5 23.12 0.62 -1.84
N LYS B 6 23.24 1.58 -0.94
CA LYS B 6 24.45 1.71 -0.13
C LYS B 6 24.30 0.96 1.18
N ALA B 7 23.09 0.47 1.45
CA ALA B 7 22.82 -0.26 2.67
C ALA B 7 23.67 -1.53 2.74
N LEU B 8 24.85 -1.42 3.35
CA LEU B 8 25.74 -2.56 3.47
C LEU B 8 26.16 -2.77 4.93
N ARG B 9 27.40 -3.18 5.12
CA ARG B 9 27.91 -3.42 6.47
C ARG B 9 27.90 -2.12 7.27
N ARG B 10 28.25 -1.02 6.62
CA ARG B 10 28.27 0.28 7.28
C ARG B 10 26.90 0.58 7.90
N HIS B 11 25.84 0.37 7.13
CA HIS B 11 24.49 0.61 7.61
C HIS B 11 24.03 -0.52 8.53
N ARG B 12 23.84 -1.70 7.94
CA ARG B 12 23.39 -2.85 8.72
C ARG B 12 23.92 -2.78 10.14
N PHE B 13 25.11 -2.17 10.30
CA PHE B 13 25.70 -2.04 11.63
C PHE B 13 25.34 -0.70 12.25
N LEU B 14 25.13 0.31 11.39
CA LEU B 14 24.77 1.64 11.87
C LEU B 14 23.47 1.58 12.68
N TRP B 15 22.59 0.66 12.31
CA TRP B 15 21.32 0.52 13.02
C TRP B 15 21.47 -0.44 14.20
N GLN B 16 21.96 -1.65 13.91
CA GLN B 16 22.15 -2.65 14.95
C GLN B 16 22.57 -1.99 16.27
N ARG B 17 23.79 -1.46 16.29
CA ARG B 17 24.30 -0.80 17.48
C ARG B 17 23.69 0.59 17.63
N ARG B 18 22.48 0.64 18.18
CA ARG B 18 21.80 1.92 18.37
C ARG B 18 20.96 1.89 19.65
N GLN B 19 20.92 3.03 20.35
CA GLN B 19 20.16 3.11 21.59
C GLN B 19 18.71 2.68 21.35
N ARG B 20 18.44 1.39 21.58
CA ARG B 20 17.10 0.86 21.40
C ARG B 20 16.10 1.61 22.27
N ALA B 21 16.48 1.84 23.53
CA ALA B 21 15.60 2.55 24.46
C ALA B 21 16.37 2.95 25.71
N MET A 1 -46.07 1.47 -10.67
CA MET A 1 -44.96 2.47 -10.57
C MET A 1 -43.69 1.76 -10.15
N ASP A 2 -43.75 0.45 -10.00
CA ASP A 2 -42.60 -0.34 -9.59
C ASP A 2 -42.02 -1.10 -10.78
N GLY A 3 -42.88 -1.41 -11.75
CA GLY A 3 -42.46 -2.14 -12.94
C GLY A 3 -41.55 -3.31 -12.56
N SER A 4 -41.00 -3.27 -11.35
CA SER A 4 -40.11 -4.33 -10.89
C SER A 4 -39.53 -3.99 -9.52
N GLY A 5 -39.43 -2.70 -9.23
CA GLY A 5 -38.89 -2.25 -7.96
C GLY A 5 -37.56 -1.53 -8.15
N GLU A 6 -37.46 -0.33 -7.58
CA GLU A 6 -36.24 0.46 -7.70
C GLU A 6 -35.33 0.24 -6.49
N GLN A 7 -34.31 -0.60 -6.68
CA GLN A 7 -33.38 -0.90 -5.60
C GLN A 7 -33.69 -2.26 -4.98
N PRO A 8 -33.54 -3.30 -5.73
CA PRO A 8 -33.82 -4.68 -5.27
C PRO A 8 -33.15 -4.98 -3.93
N ARG A 9 -33.65 -6.01 -3.24
CA ARG A 9 -33.09 -6.39 -1.95
C ARG A 9 -31.69 -5.79 -1.77
N GLY A 10 -31.27 -5.65 -0.52
CA GLY A 10 -29.95 -5.10 -0.22
C GLY A 10 -29.93 -4.43 1.15
N GLY A 11 -30.97 -4.67 1.94
CA GLY A 11 -31.05 -4.10 3.28
C GLY A 11 -29.66 -3.94 3.88
N GLY A 12 -29.47 -2.89 4.68
CA GLY A 12 -28.19 -2.63 5.31
C GLY A 12 -27.10 -2.46 4.27
N PRO A 13 -27.36 -1.66 3.26
CA PRO A 13 -26.38 -1.40 2.17
C PRO A 13 -24.98 -1.13 2.70
N THR A 14 -24.83 -0.03 3.43
CA THR A 14 -23.53 0.33 3.99
C THR A 14 -22.61 -0.89 4.05
N SER A 15 -22.29 -1.44 2.87
CA SER A 15 -21.43 -2.62 2.80
C SER A 15 -20.16 -2.39 3.63
N SER A 16 -20.22 -2.72 4.91
CA SER A 16 -19.08 -2.55 5.80
C SER A 16 -18.27 -3.85 5.89
N GLU A 17 -18.88 -4.95 5.46
CA GLU A 17 -18.20 -6.24 5.50
C GLU A 17 -17.47 -6.50 4.19
N GLN A 18 -18.19 -6.37 3.08
CA GLN A 18 -17.60 -6.60 1.77
C GLN A 18 -16.36 -5.72 1.57
N ILE A 19 -16.38 -4.53 2.17
CA ILE A 19 -15.26 -3.60 2.04
C ILE A 19 -14.10 -4.05 2.92
N MET A 20 -14.38 -4.31 4.19
CA MET A 20 -13.35 -4.74 5.13
C MET A 20 -12.67 -6.01 4.63
N LYS A 21 -13.44 -6.88 3.99
CA LYS A 21 -12.90 -8.13 3.47
C LYS A 21 -11.94 -7.87 2.32
N THR A 22 -12.35 -6.98 1.41
CA THR A 22 -11.53 -6.64 0.26
C THR A 22 -10.33 -5.80 0.69
N GLY A 23 -10.38 -5.27 1.91
CA GLY A 23 -9.29 -4.45 2.42
C GLY A 23 -8.08 -5.30 2.78
N ALA A 24 -8.30 -6.30 3.62
CA ALA A 24 -7.22 -7.19 4.04
C ALA A 24 -6.88 -8.19 2.95
N LEU A 25 -7.73 -8.25 1.92
CA LEU A 25 -7.52 -9.17 0.81
C LEU A 25 -6.62 -8.55 -0.24
N LEU A 26 -7.18 -7.66 -1.06
CA LEU A 26 -6.42 -7.00 -2.10
C LEU A 26 -4.96 -6.86 -1.69
N LEU A 27 -4.72 -6.08 -0.64
CA LEU A 27 -3.36 -5.87 -0.16
C LEU A 27 -2.66 -7.21 0.08
N GLN A 28 -3.27 -8.05 0.90
CA GLN A 28 -2.70 -9.35 1.21
C GLN A 28 -2.29 -10.08 -0.08
N GLY A 29 -2.84 -9.62 -1.21
CA GLY A 29 -2.53 -10.22 -2.49
C GLY A 29 -1.31 -9.57 -3.13
N PHE A 30 -1.48 -8.34 -3.59
CA PHE A 30 -0.38 -7.62 -4.22
C PHE A 30 0.91 -7.81 -3.43
N ILE A 31 0.78 -8.22 -2.17
CA ILE A 31 1.93 -8.44 -1.32
C ILE A 31 2.62 -9.76 -1.68
N GLN A 32 1.95 -10.86 -1.38
CA GLN A 32 2.51 -12.18 -1.68
C GLN A 32 2.33 -12.52 -3.15
N ASP A 33 2.33 -11.48 -3.99
CA ASP A 33 2.16 -11.69 -5.42
C ASP A 33 3.45 -11.32 -6.16
N ARG A 34 3.95 -10.12 -5.89
CA ARG A 34 5.17 -9.65 -6.53
C ARG A 34 6.40 -10.03 -5.69
N ALA A 35 6.20 -10.17 -4.39
CA ALA A 35 7.29 -10.53 -3.50
C ALA A 35 7.27 -12.02 -3.20
N GLY A 36 6.16 -12.67 -3.54
CA GLY A 36 6.03 -14.11 -3.30
C GLY A 36 6.48 -14.91 -4.52
N ARG A 37 7.29 -14.28 -5.36
CA ARG A 37 7.79 -14.95 -6.56
C ARG A 37 8.71 -16.10 -6.18
N MET A 38 8.96 -16.99 -7.14
CA MET A 38 9.82 -18.13 -6.90
C MET A 38 9.33 -18.93 -5.70
N GLY A 39 9.78 -20.18 -5.60
CA GLY A 39 9.37 -21.04 -4.49
C GLY A 39 9.75 -20.41 -3.15
N GLY A 40 8.87 -20.55 -2.17
CA GLY A 40 9.13 -19.99 -0.84
C GLY A 40 8.22 -20.63 0.20
N GLU A 41 8.71 -21.71 0.81
CA GLU A 41 7.93 -22.41 1.82
C GLU A 41 7.75 -21.54 3.06
N ALA A 42 6.68 -21.79 3.81
CA ALA A 42 6.41 -21.01 5.02
C ALA A 42 6.40 -19.53 4.71
N PRO A 43 5.35 -19.05 4.10
CA PRO A 43 5.20 -17.61 3.73
C PRO A 43 4.90 -16.74 4.94
N GLU A 44 5.52 -15.56 4.98
CA GLU A 44 5.31 -14.64 6.09
C GLU A 44 3.93 -14.00 5.99
N LEU A 45 3.34 -14.04 4.80
CA LEU A 45 2.02 -13.47 4.59
C LEU A 45 0.94 -14.52 4.81
N ALA A 46 0.70 -14.87 6.06
CA ALA A 46 -0.31 -15.87 6.39
C ALA A 46 -1.66 -15.21 6.64
N LEU A 47 -2.70 -15.73 6.01
CA LEU A 47 -4.04 -15.18 6.17
C LEU A 47 -5.08 -16.10 5.54
N ASP A 48 -5.18 -16.06 4.21
CA ASP A 48 -6.14 -16.89 3.50
C ASP A 48 -6.06 -16.63 2.00
N PRO A 49 -4.88 -16.72 1.44
CA PRO A 49 -4.65 -16.49 -0.02
C PRO A 49 -5.54 -17.40 -0.88
N VAL A 50 -5.33 -17.34 -2.19
CA VAL A 50 -6.12 -18.16 -3.12
C VAL A 50 -7.58 -17.77 -3.06
N PRO A 51 -7.87 -16.51 -3.24
CA PRO A 51 -9.28 -15.99 -3.22
C PRO A 51 -10.21 -16.81 -4.11
N GLN A 52 -11.50 -16.70 -3.85
CA GLN A 52 -12.49 -17.44 -4.64
C GLN A 52 -13.14 -16.53 -5.68
N ASP A 53 -13.32 -15.27 -5.31
CA ASP A 53 -13.93 -14.30 -6.23
C ASP A 53 -12.88 -13.72 -7.16
N ALA A 54 -13.24 -13.58 -8.44
CA ALA A 54 -12.32 -13.04 -9.42
C ALA A 54 -12.36 -11.51 -9.41
N SER A 55 -13.21 -10.96 -8.55
CA SER A 55 -13.35 -9.51 -8.45
C SER A 55 -12.02 -8.88 -8.02
N THR A 56 -11.34 -9.54 -7.10
CA THR A 56 -10.05 -9.04 -6.61
C THR A 56 -8.92 -9.42 -7.57
N LYS A 57 -9.05 -10.60 -8.18
CA LYS A 57 -8.04 -11.08 -9.11
C LYS A 57 -7.71 -10.00 -10.13
N LYS A 58 -8.74 -9.50 -10.82
CA LYS A 58 -8.54 -8.47 -11.83
C LYS A 58 -7.92 -7.22 -11.20
N LEU A 59 -8.47 -6.78 -10.08
CA LEU A 59 -7.96 -5.60 -9.40
C LEU A 59 -6.53 -5.82 -8.95
N SER A 60 -6.17 -7.08 -8.74
CA SER A 60 -4.82 -7.42 -8.30
C SER A 60 -3.82 -7.21 -9.44
N GLU A 61 -4.26 -7.49 -10.66
CA GLU A 61 -3.40 -7.32 -11.84
C GLU A 61 -3.03 -5.86 -12.03
N CYS A 62 -3.94 -4.96 -11.64
CA CYS A 62 -3.69 -3.54 -11.78
C CYS A 62 -2.52 -3.11 -10.89
N LEU A 63 -2.43 -3.70 -9.70
CA LEU A 63 -1.36 -3.37 -8.77
C LEU A 63 -0.06 -4.01 -9.22
N LYS A 64 -0.15 -5.09 -9.98
CA LYS A 64 1.03 -5.78 -10.47
C LYS A 64 1.55 -5.11 -11.75
N ARG A 65 0.63 -4.65 -12.58
CA ARG A 65 1.01 -4.00 -13.83
C ARG A 65 1.68 -2.66 -13.55
N ILE A 66 1.10 -1.89 -12.64
CA ILE A 66 1.65 -0.59 -12.28
C ILE A 66 2.88 -0.74 -11.39
N GLY A 67 2.84 -1.76 -10.53
CA GLY A 67 3.96 -2.01 -9.62
C GLY A 67 5.24 -2.31 -10.39
N ASP A 68 5.12 -3.16 -11.41
CA ASP A 68 6.28 -3.52 -12.23
C ASP A 68 6.83 -2.29 -12.95
N GLU A 69 5.94 -1.38 -13.33
CA GLU A 69 6.36 -0.17 -14.03
C GLU A 69 6.89 0.86 -13.04
N LEU A 70 6.05 1.24 -12.08
CA LEU A 70 6.45 2.21 -11.07
C LEU A 70 7.73 1.77 -10.37
N ASP A 71 7.80 0.49 -10.03
CA ASP A 71 8.97 -0.05 -9.35
C ASP A 71 10.19 0.02 -10.26
N SER A 72 9.96 0.36 -11.52
CA SER A 72 11.06 0.46 -12.49
C SER A 72 11.54 1.90 -12.61
N ASN A 73 11.02 2.77 -11.75
CA ASN A 73 11.39 4.17 -11.77
C ASN A 73 12.55 4.44 -10.80
N MET A 74 13.71 4.75 -11.34
CA MET A 74 14.88 5.01 -10.51
C MET A 74 14.71 6.31 -9.73
N GLU A 75 13.68 7.07 -10.09
CA GLU A 75 13.40 8.34 -9.42
C GLU A 75 12.67 8.10 -8.10
N LEU A 76 11.44 7.62 -8.20
CA LEU A 76 10.64 7.36 -7.01
C LEU A 76 11.33 6.33 -6.12
N GLN A 77 11.92 5.31 -6.75
CA GLN A 77 12.61 4.26 -6.01
C GLN A 77 13.77 4.84 -5.22
N ARG A 78 14.46 5.81 -5.82
CA ARG A 78 15.60 6.44 -5.17
C ARG A 78 15.14 7.28 -3.98
N MET A 79 14.08 8.05 -4.18
CA MET A 79 13.55 8.89 -3.11
C MET A 79 13.25 8.06 -1.87
N ILE A 80 12.63 6.90 -2.07
CA ILE A 80 12.30 6.01 -0.97
C ILE A 80 13.56 5.55 -0.25
N ALA A 81 14.68 5.58 -0.96
CA ALA A 81 15.96 5.17 -0.37
C ALA A 81 16.62 6.33 0.36
N ALA A 82 16.19 7.54 0.04
CA ALA A 82 16.75 8.73 0.66
C ALA A 82 16.02 9.04 1.97
N VAL A 83 14.86 8.41 2.16
CA VAL A 83 14.07 8.63 3.36
C VAL A 83 14.47 7.63 4.45
N ASP A 84 15.55 7.93 5.16
CA ASP A 84 16.02 7.05 6.22
C ASP A 84 14.84 6.48 7.01
N THR A 85 15.09 5.42 7.75
CA THR A 85 14.04 4.78 8.54
C THR A 85 14.41 4.80 10.02
N ASP A 86 13.58 5.46 10.83
CA ASP A 86 13.82 5.54 12.26
C ASP A 86 12.51 5.59 13.03
N SER A 87 11.40 5.56 12.29
CA SER A 87 10.08 5.60 12.91
C SER A 87 8.99 5.45 11.86
N PRO A 88 8.59 4.24 11.59
CA PRO A 88 7.53 3.95 10.58
C PRO A 88 6.15 4.38 11.05
N ARG A 89 6.03 4.67 12.34
CA ARG A 89 4.75 5.10 12.90
C ARG A 89 4.61 6.61 12.79
N GLU A 90 5.72 7.33 12.87
CA GLU A 90 5.70 8.78 12.77
C GLU A 90 5.63 9.22 11.31
N VAL A 91 6.61 8.76 10.51
CA VAL A 91 6.65 9.11 9.10
C VAL A 91 5.38 8.66 8.39
N PHE A 92 5.02 7.39 8.60
CA PHE A 92 3.81 6.84 7.98
C PHE A 92 2.64 7.79 8.16
N PHE A 93 2.41 8.22 9.40
CA PHE A 93 1.31 9.13 9.70
C PHE A 93 1.59 10.50 9.11
N ARG A 94 2.87 10.86 9.02
CA ARG A 94 3.25 12.15 8.46
C ARG A 94 3.03 12.18 6.97
N VAL A 95 3.66 11.25 6.26
CA VAL A 95 3.52 11.18 4.81
C VAL A 95 2.07 10.97 4.41
N ALA A 96 1.41 10.01 5.07
CA ALA A 96 0.02 9.72 4.78
C ALA A 96 -0.84 10.98 4.94
N ALA A 97 -0.38 11.90 5.79
CA ALA A 97 -1.11 13.15 6.01
C ALA A 97 -0.79 14.16 4.92
N ASP A 98 0.48 14.18 4.49
CA ASP A 98 0.90 15.11 3.45
C ASP A 98 0.18 14.80 2.13
N MET A 99 0.00 13.51 1.86
CA MET A 99 -0.67 13.10 0.63
C MET A 99 -1.83 14.04 0.32
N PHE A 100 -2.87 13.98 1.14
CA PHE A 100 -4.04 14.84 0.94
C PHE A 100 -4.14 15.87 2.04
N SER A 101 -3.09 16.68 2.18
CA SER A 101 -3.07 17.72 3.21
C SER A 101 -3.96 18.89 2.81
N ASP A 102 -4.15 19.06 1.50
CA ASP A 102 -4.98 20.15 1.00
C ASP A 102 -5.51 19.81 -0.39
N GLY A 103 -4.87 18.85 -1.05
CA GLY A 103 -5.29 18.44 -2.39
C GLY A 103 -6.77 18.72 -2.61
N ASN A 104 -7.61 17.83 -2.10
CA ASN A 104 -9.05 17.98 -2.24
C ASN A 104 -9.78 16.76 -1.70
N PHE A 105 -9.23 16.17 -0.64
CA PHE A 105 -9.84 14.99 -0.03
C PHE A 105 -10.33 14.02 -1.11
N ASN A 106 -9.66 14.04 -2.26
CA ASN A 106 -10.04 13.16 -3.36
C ASN A 106 -10.12 11.71 -2.88
N TRP A 107 -9.18 10.89 -3.33
CA TRP A 107 -9.16 9.48 -2.94
C TRP A 107 -8.07 8.73 -3.69
N GLY A 108 -7.71 9.23 -4.87
CA GLY A 108 -6.68 8.60 -5.68
C GLY A 108 -5.42 8.34 -4.85
N ARG A 109 -5.05 9.31 -4.02
CA ARG A 109 -3.88 9.17 -3.17
C ARG A 109 -3.89 7.82 -2.46
N VAL A 110 -5.08 7.27 -2.26
CA VAL A 110 -5.22 5.98 -1.58
C VAL A 110 -4.32 4.94 -2.25
N VAL A 111 -4.54 4.72 -3.54
CA VAL A 111 -3.75 3.74 -4.28
C VAL A 111 -2.27 3.88 -3.95
N ALA A 112 -1.79 5.13 -3.97
CA ALA A 112 -0.38 5.39 -3.66
C ALA A 112 -0.02 4.87 -2.27
N LEU A 113 -0.97 4.96 -1.35
CA LEU A 113 -0.75 4.50 0.01
C LEU A 113 -0.34 3.02 0.02
N PHE A 114 -1.08 2.21 -0.74
CA PHE A 114 -0.78 0.78 -0.82
C PHE A 114 0.66 0.56 -1.28
N TYR A 115 1.06 1.31 -2.30
CA TYR A 115 2.42 1.19 -2.84
C TYR A 115 3.44 1.68 -1.82
N PHE A 116 3.14 2.82 -1.20
CA PHE A 116 4.05 3.39 -0.21
C PHE A 116 4.28 2.40 0.93
N ALA A 117 3.21 1.75 1.37
CA ALA A 117 3.31 0.79 2.46
C ALA A 117 4.05 -0.46 2.00
N SER A 118 3.88 -0.81 0.73
CA SER A 118 4.53 -2.00 0.17
C SER A 118 6.01 -2.01 0.54
N LYS A 119 6.67 -0.85 0.40
CA LYS A 119 8.08 -0.74 0.72
C LYS A 119 8.33 -1.10 2.18
N LEU A 120 7.48 -0.61 3.06
CA LEU A 120 7.61 -0.89 4.49
C LEU A 120 7.33 -2.36 4.78
N VAL A 121 6.44 -2.95 3.98
CA VAL A 121 6.09 -4.35 4.16
C VAL A 121 7.18 -5.25 3.61
N LEU A 122 7.55 -5.03 2.35
CA LEU A 122 8.59 -5.83 1.72
C LEU A 122 9.97 -5.47 2.26
N LYS A 123 10.19 -4.17 2.47
CA LYS A 123 11.46 -3.70 2.99
C LYS A 123 11.76 -4.33 4.35
N ALA A 124 10.73 -4.44 5.18
CA ALA A 124 10.89 -5.03 6.50
C ALA A 124 10.99 -6.55 6.40
N LEU A 125 10.49 -7.10 5.30
CA LEU A 125 10.53 -8.54 5.09
C LEU A 125 11.98 -9.03 5.01
N CYS A 126 12.86 -8.18 4.50
CA CYS A 126 14.26 -8.54 4.38
C CYS A 126 15.01 -8.27 5.68
N THR A 127 14.60 -7.21 6.38
CA THR A 127 15.24 -6.86 7.64
C THR A 127 15.24 -8.05 8.61
N LYS A 128 14.38 -9.02 8.32
CA LYS A 128 14.29 -10.21 9.16
C LYS A 128 13.30 -9.98 10.30
N VAL A 129 12.16 -9.38 9.98
CA VAL A 129 11.14 -9.11 10.98
C VAL A 129 9.75 -9.19 10.36
N PRO A 130 9.13 -10.34 10.43
CA PRO A 130 7.77 -10.56 9.88
C PRO A 130 6.68 -9.93 10.75
N GLU A 131 7.06 -9.54 11.96
CA GLU A 131 6.11 -8.92 12.88
C GLU A 131 5.66 -7.57 12.34
N LEU A 132 6.58 -6.83 11.75
CA LEU A 132 6.26 -5.51 11.21
C LEU A 132 5.25 -5.64 10.08
N ILE A 133 5.31 -6.75 9.35
CA ILE A 133 4.39 -6.98 8.25
C ILE A 133 2.94 -6.97 8.74
N ARG A 134 2.69 -7.71 9.80
CA ARG A 134 1.34 -7.78 10.38
C ARG A 134 0.97 -6.45 11.03
N THR A 135 1.96 -5.80 11.62
CA THR A 135 1.74 -4.52 12.27
C THR A 135 1.38 -3.45 11.25
N ILE A 136 1.93 -3.58 10.05
CA ILE A 136 1.66 -2.62 8.99
C ILE A 136 0.22 -2.75 8.49
N MET A 137 -0.14 -3.94 8.03
CA MET A 137 -1.48 -4.18 7.53
C MET A 137 -2.51 -3.64 8.51
N GLY A 138 -2.13 -3.54 9.78
CA GLY A 138 -3.03 -3.03 10.80
C GLY A 138 -3.30 -1.55 10.61
N TRP A 139 -2.26 -0.81 10.25
CA TRP A 139 -2.39 0.62 10.03
C TRP A 139 -3.28 0.90 8.81
N THR A 140 -3.35 -0.07 7.91
CA THR A 140 -4.16 0.07 6.70
C THR A 140 -5.64 -0.10 7.04
N LEU A 141 -6.02 -1.30 7.45
CA LEU A 141 -7.40 -1.57 7.79
C LEU A 141 -7.92 -0.54 8.80
N ASP A 142 -7.04 -0.07 9.66
CA ASP A 142 -7.42 0.92 10.66
C ASP A 142 -7.80 2.24 9.99
N PHE A 143 -6.92 2.72 9.12
CA PHE A 143 -7.17 3.97 8.42
C PHE A 143 -8.35 3.83 7.46
N LEU A 144 -8.43 2.67 6.81
CA LEU A 144 -9.52 2.42 5.87
C LEU A 144 -10.83 2.22 6.61
N ARG A 145 -10.77 1.61 7.78
CA ARG A 145 -11.97 1.38 8.58
C ARG A 145 -12.32 2.62 9.40
N GLU A 146 -11.40 3.59 9.42
CA GLU A 146 -11.63 4.82 10.17
C GLU A 146 -11.78 6.00 9.21
N ARG A 147 -11.59 5.74 7.92
CA ARG A 147 -11.70 6.79 6.92
C ARG A 147 -12.35 6.24 5.65
N LEU A 148 -11.56 6.15 4.58
CA LEU A 148 -12.07 5.65 3.31
C LEU A 148 -13.41 4.94 3.51
N LEU A 149 -13.61 4.39 4.70
CA LEU A 149 -14.85 3.68 5.02
C LEU A 149 -16.06 4.53 4.62
N GLY A 150 -16.14 5.75 5.15
CA GLY A 150 -17.24 6.64 4.85
C GLY A 150 -17.24 7.01 3.37
N TRP A 151 -16.10 7.45 2.86
CA TRP A 151 -15.99 7.83 1.46
C TRP A 151 -16.16 6.62 0.56
N ILE A 152 -15.34 5.59 0.79
CA ILE A 152 -15.41 4.38 -0.02
C ILE A 152 -16.84 3.85 -0.07
N GLN A 153 -17.57 4.03 1.03
CA GLN A 153 -18.95 3.57 1.10
C GLN A 153 -19.83 4.37 0.15
N ASP A 154 -19.48 5.63 -0.05
CA ASP A 154 -20.25 6.50 -0.93
C ASP A 154 -19.74 6.39 -2.36
N GLN A 155 -18.66 5.64 -2.55
CA GLN A 155 -18.07 5.46 -3.87
C GLN A 155 -18.55 4.15 -4.50
N GLY A 156 -19.41 3.44 -3.78
CA GLY A 156 -19.93 2.16 -4.27
C GLY A 156 -18.96 1.03 -3.99
N GLY A 157 -18.11 1.21 -2.98
CA GLY A 157 -17.14 0.19 -2.62
C GLY A 157 -15.83 0.40 -3.39
N TRP A 158 -15.02 -0.66 -3.47
CA TRP A 158 -13.75 -0.58 -4.17
C TRP A 158 -13.96 -0.55 -5.68
N ASP A 159 -15.22 -0.72 -6.09
CA ASP A 159 -15.54 -0.71 -7.51
C ASP A 159 -15.18 0.63 -8.14
N GLY A 160 -15.48 1.71 -7.42
CA GLY A 160 -15.18 3.05 -7.93
C GLY A 160 -13.70 3.17 -8.29
N LEU A 161 -12.86 2.45 -7.56
CA LEU A 161 -11.43 2.49 -7.82
C LEU A 161 -11.12 1.96 -9.22
N LEU A 162 -11.58 0.75 -9.50
CA LEU A 162 -11.35 0.14 -10.81
C LEU A 162 -12.10 0.91 -11.90
N SER A 163 -13.23 1.50 -11.53
CA SER A 163 -14.02 2.27 -12.49
C SER A 163 -13.27 3.52 -12.93
N TYR A 164 -12.39 4.00 -12.06
CA TYR A 164 -11.60 5.20 -12.37
C TYR A 164 -10.48 4.87 -13.36
N PHE A 165 -9.82 3.74 -13.13
CA PHE A 165 -8.72 3.33 -14.00
C PHE A 165 -9.26 2.85 -15.35
N GLY A 166 -10.16 3.65 -15.93
CA GLY A 166 -10.74 3.31 -17.22
C GLY A 166 -10.65 4.47 -18.19
N THR A 167 -9.54 5.19 -18.15
CA THR A 167 -9.35 6.34 -19.02
C THR A 167 -8.30 6.02 -20.10
N PRO A 168 -7.99 6.99 -20.91
CA PRO A 168 -6.99 6.83 -22.01
C PRO A 168 -5.55 6.86 -21.50
N THR A 169 -4.65 7.37 -22.33
CA THR A 169 -3.25 7.46 -21.94
C THR A 169 -3.09 7.38 -20.42
N TRP A 170 -2.76 6.18 -19.93
CA TRP A 170 -2.59 6.00 -18.49
C TRP A 170 -1.44 6.84 -17.97
N GLN A 171 -0.57 7.28 -18.89
CA GLN A 171 0.58 8.09 -18.50
C GLN A 171 0.16 9.21 -17.57
N THR A 172 -1.16 9.45 -17.49
CA THR A 172 -1.69 10.49 -16.62
C THR A 172 -1.92 9.96 -15.21
N VAL A 173 -2.21 8.67 -15.11
CA VAL A 173 -2.45 8.05 -13.82
C VAL A 173 -1.15 7.92 -13.03
N THR A 174 -0.11 7.45 -13.71
CA THR A 174 1.20 7.28 -13.07
C THR A 174 1.76 8.62 -12.64
N ILE A 175 1.33 9.69 -13.31
CA ILE A 175 1.80 11.03 -12.99
C ILE A 175 0.97 11.63 -11.87
N PHE A 176 -0.11 10.94 -11.50
CA PHE A 176 -0.98 11.42 -10.43
C PHE A 176 -0.58 10.81 -9.10
N VAL A 177 -0.64 9.49 -9.01
CA VAL A 177 -0.27 8.79 -7.79
C VAL A 177 1.18 9.05 -7.43
N ALA A 178 1.95 9.53 -8.40
CA ALA A 178 3.36 9.82 -8.18
C ALA A 178 3.55 11.29 -7.83
N GLY A 179 2.91 12.17 -8.60
CA GLY A 179 3.02 13.60 -8.36
C GLY A 179 2.48 13.97 -6.98
N VAL A 180 1.56 13.16 -6.47
CA VAL A 180 0.98 13.41 -5.17
C VAL A 180 1.83 12.80 -4.06
N LEU A 181 2.16 11.52 -4.21
CA LEU A 181 2.98 10.84 -3.22
C LEU A 181 4.41 11.36 -3.24
N THR A 182 4.97 11.46 -4.44
CA THR A 182 6.33 11.95 -4.59
C THR A 182 6.52 13.27 -3.85
N ALA A 183 5.62 14.22 -4.11
CA ALA A 183 5.69 15.51 -3.45
C ALA A 183 5.90 15.35 -1.95
N SER A 184 5.14 14.45 -1.35
CA SER A 184 5.26 14.20 0.08
C SER A 184 6.69 13.87 0.47
N LEU A 185 7.36 13.13 -0.40
CA LEU A 185 8.75 12.75 -0.15
C LEU A 185 9.69 13.91 -0.44
N THR A 186 9.22 14.85 -1.26
CA THR A 186 10.03 16.02 -1.62
C THR A 186 10.12 16.98 -0.44
N ILE A 187 8.99 17.22 0.21
CA ILE A 187 8.96 18.13 1.36
C ILE A 187 9.59 17.48 2.57
N TRP A 188 9.13 16.28 2.90
CA TRP A 188 9.66 15.55 4.04
C TRP A 188 11.13 15.91 4.28
N LYS A 189 11.95 15.70 3.26
CA LYS A 189 13.38 16.01 3.36
C LYS A 189 14.07 15.78 2.03
N LYS A 190 14.81 16.78 1.57
CA LYS A 190 15.52 16.68 0.31
C LYS A 190 17.03 16.60 0.54
N MET A 191 17.53 15.39 0.70
CA MET A 191 18.95 15.18 0.93
C MET A 191 19.52 14.16 -0.04
N GLY A 192 20.69 14.46 -0.60
CA GLY A 192 21.33 13.56 -1.55
C GLY A 192 22.85 13.70 -1.51
N CYS B 1 24.89 -5.87 -12.08
CA CYS B 1 24.96 -5.85 -10.59
C CYS B 1 24.37 -7.14 -10.03
N GLU B 2 25.17 -7.87 -9.28
CA GLU B 2 24.72 -9.13 -8.69
C GLU B 2 23.59 -8.87 -7.69
N ALA B 3 23.87 -8.03 -6.71
CA ALA B 3 22.87 -7.71 -5.69
C ALA B 3 21.56 -7.25 -6.34
N LEU B 4 20.51 -7.19 -5.54
CA LEU B 4 19.21 -6.76 -6.05
C LEU B 4 19.30 -5.38 -6.69
N LYS B 5 20.06 -4.50 -6.06
CA LYS B 5 20.23 -3.14 -6.57
C LYS B 5 21.21 -2.36 -5.71
N LYS B 6 20.74 -1.91 -4.55
CA LYS B 6 21.59 -1.14 -3.65
C LYS B 6 21.28 -1.50 -2.19
N ALA B 7 22.29 -1.40 -1.34
CA ALA B 7 22.12 -1.71 0.07
C ALA B 7 22.98 -0.78 0.93
N LEU B 8 22.39 -0.26 2.01
CA LEU B 8 23.11 0.64 2.89
C LEU B 8 23.64 -0.12 4.11
N ARG B 9 24.91 0.13 4.44
CA ARG B 9 25.52 -0.54 5.59
C ARG B 9 25.32 0.28 6.85
N ARG B 10 24.82 1.50 6.68
CA ARG B 10 24.57 2.39 7.82
C ARG B 10 23.55 1.76 8.76
N HIS B 11 22.47 1.23 8.18
CA HIS B 11 21.41 0.61 8.98
C HIS B 11 21.82 -0.80 9.40
N ARG B 12 21.97 -1.68 8.42
CA ARG B 12 22.35 -3.06 8.69
C ARG B 12 23.32 -3.11 9.88
N PHE B 13 24.12 -2.06 10.03
CA PHE B 13 25.08 -1.99 11.11
C PHE B 13 24.47 -1.28 12.32
N LEU B 14 23.55 -0.37 12.05
CA LEU B 14 22.90 0.39 13.12
C LEU B 14 22.20 -0.55 14.09
N TRP B 15 21.66 -1.65 13.56
CA TRP B 15 20.97 -2.62 14.39
C TRP B 15 21.95 -3.63 14.99
N GLN B 16 22.72 -4.28 14.13
CA GLN B 16 23.72 -5.26 14.59
C GLN B 16 24.30 -4.84 15.94
N ARG B 17 25.12 -3.80 15.92
CA ARG B 17 25.74 -3.31 17.14
C ARG B 17 24.91 -2.18 17.76
N ARG B 18 24.40 -2.42 18.96
CA ARG B 18 23.60 -1.41 19.65
C ARG B 18 23.66 -1.62 21.16
N GLN B 19 24.34 -0.72 21.85
CA GLN B 19 24.47 -0.83 23.31
C GLN B 19 23.14 -0.47 23.98
N ARG B 20 22.46 0.53 23.44
CA ARG B 20 21.18 0.95 24.01
C ARG B 20 20.03 0.58 23.08
N ALA B 21 19.12 -0.24 23.58
CA ALA B 21 17.98 -0.68 22.78
C ALA B 21 17.20 0.53 22.25
N MET A 1 -23.29 7.80 3.88
CA MET A 1 -23.64 6.45 4.42
C MET A 1 -25.06 6.49 4.97
N ASP A 2 -25.50 7.68 5.36
CA ASP A 2 -26.84 7.84 5.91
C ASP A 2 -27.88 7.24 4.96
N GLY A 3 -28.03 7.85 3.79
CA GLY A 3 -28.99 7.37 2.81
C GLY A 3 -30.32 8.11 2.92
N SER A 4 -30.83 8.20 4.14
CA SER A 4 -32.09 8.88 4.38
C SER A 4 -32.29 9.17 5.86
N GLY A 5 -31.66 8.34 6.70
CA GLY A 5 -31.77 8.51 8.14
C GLY A 5 -30.77 7.62 8.88
N GLU A 6 -31.29 6.75 9.74
CA GLU A 6 -30.44 5.85 10.49
C GLU A 6 -31.04 4.45 10.53
N GLN A 7 -30.32 3.48 9.96
CA GLN A 7 -30.80 2.10 9.93
C GLN A 7 -31.62 1.84 8.67
N PRO A 8 -31.29 2.52 7.61
CA PRO A 8 -32.01 2.37 6.30
C PRO A 8 -31.66 1.06 5.61
N ARG A 9 -32.05 -0.05 6.22
CA ARG A 9 -31.77 -1.36 5.66
C ARG A 9 -30.90 -1.24 4.40
N GLY A 10 -30.12 -2.28 4.13
CA GLY A 10 -29.25 -2.29 2.96
C GLY A 10 -29.81 -3.20 1.87
N GLY A 11 -30.60 -2.63 0.98
CA GLY A 11 -31.19 -3.41 -0.11
C GLY A 11 -30.14 -3.84 -1.12
N GLY A 12 -28.97 -3.21 -1.06
CA GLY A 12 -27.89 -3.54 -1.98
C GLY A 12 -26.63 -3.95 -1.22
N PRO A 13 -25.85 -4.82 -1.79
CA PRO A 13 -24.59 -5.31 -1.16
C PRO A 13 -23.74 -4.16 -0.61
N THR A 14 -22.72 -3.77 -1.37
CA THR A 14 -21.84 -2.68 -0.95
C THR A 14 -22.12 -2.32 0.51
N SER A 15 -21.29 -2.83 1.41
CA SER A 15 -21.45 -2.55 2.84
C SER A 15 -20.09 -2.40 3.50
N SER A 16 -20.02 -2.76 4.79
CA SER A 16 -18.77 -2.65 5.53
C SER A 16 -18.09 -4.02 5.63
N GLU A 17 -18.83 -5.07 5.29
CA GLU A 17 -18.28 -6.42 5.34
C GLU A 17 -17.53 -6.74 4.05
N GLN A 18 -18.16 -6.45 2.92
CA GLN A 18 -17.54 -6.71 1.63
C GLN A 18 -16.32 -5.82 1.42
N ILE A 19 -16.29 -4.70 2.13
CA ILE A 19 -15.18 -3.76 2.03
C ILE A 19 -14.01 -4.22 2.90
N MET A 20 -14.28 -4.43 4.18
CA MET A 20 -13.25 -4.86 5.11
C MET A 20 -12.56 -6.12 4.58
N LYS A 21 -13.32 -7.00 3.96
CA LYS A 21 -12.78 -8.22 3.41
C LYS A 21 -11.83 -7.92 2.25
N THR A 22 -12.27 -7.06 1.35
CA THR A 22 -11.45 -6.69 0.20
C THR A 22 -10.28 -5.81 0.63
N GLY A 23 -10.30 -5.40 1.90
CA GLY A 23 -9.23 -4.56 2.43
C GLY A 23 -8.00 -5.39 2.78
N ALA A 24 -8.19 -6.41 3.59
CA ALA A 24 -7.09 -7.29 3.99
C ALA A 24 -6.76 -8.27 2.87
N LEU A 25 -7.60 -8.31 1.86
CA LEU A 25 -7.38 -9.21 0.72
C LEU A 25 -6.48 -8.56 -0.31
N LEU A 26 -7.07 -7.71 -1.15
CA LEU A 26 -6.31 -7.03 -2.19
C LEU A 26 -4.85 -6.88 -1.77
N LEU A 27 -4.60 -6.10 -0.73
CA LEU A 27 -3.25 -5.88 -0.25
C LEU A 27 -2.54 -7.23 -0.03
N GLN A 28 -3.12 -8.07 0.82
CA GLN A 28 -2.54 -9.37 1.10
C GLN A 28 -2.14 -10.07 -0.20
N GLY A 29 -2.70 -9.62 -1.31
CA GLY A 29 -2.39 -10.21 -2.60
C GLY A 29 -1.17 -9.54 -3.24
N PHE A 30 -1.36 -8.31 -3.71
CA PHE A 30 -0.26 -7.57 -4.33
C PHE A 30 1.03 -7.76 -3.55
N ILE A 31 0.90 -8.19 -2.29
CA ILE A 31 2.07 -8.41 -1.44
C ILE A 31 2.76 -9.71 -1.81
N GLN A 32 2.10 -10.83 -1.52
CA GLN A 32 2.67 -12.14 -1.82
C GLN A 32 2.49 -12.47 -3.30
N ASP A 33 2.47 -11.43 -4.14
CA ASP A 33 2.31 -11.62 -5.57
C ASP A 33 3.59 -11.24 -6.31
N ARG A 34 4.09 -10.04 -6.02
CA ARG A 34 5.30 -9.55 -6.67
C ARG A 34 6.54 -9.92 -5.85
N ALA A 35 6.34 -10.08 -4.54
CA ALA A 35 7.44 -10.44 -3.65
C ALA A 35 7.43 -11.93 -3.35
N GLY A 36 6.32 -12.59 -3.69
CA GLY A 36 6.19 -14.02 -3.45
C GLY A 36 7.23 -14.80 -4.26
N ARG A 37 6.76 -15.68 -5.13
CA ARG A 37 7.65 -16.49 -5.95
C ARG A 37 8.52 -17.39 -5.08
N MET A 38 9.47 -16.79 -4.38
CA MET A 38 10.36 -17.55 -3.50
C MET A 38 9.56 -18.25 -2.40
N GLY A 39 8.63 -17.52 -1.80
CA GLY A 39 7.81 -18.07 -0.73
C GLY A 39 6.84 -19.11 -1.27
N GLY A 40 6.21 -19.86 -0.38
CA GLY A 40 5.25 -20.88 -0.79
C GLY A 40 5.08 -21.92 0.31
N GLU A 41 6.18 -22.59 0.66
CA GLU A 41 6.14 -23.62 1.70
C GLU A 41 5.91 -22.99 3.06
N ALA A 42 6.53 -21.84 3.31
CA ALA A 42 6.39 -21.16 4.58
C ALA A 42 6.38 -19.64 4.38
N PRO A 43 5.49 -19.17 3.54
CA PRO A 43 5.34 -17.72 3.25
C PRO A 43 5.29 -16.87 4.51
N GLU A 44 5.68 -15.60 4.40
CA GLU A 44 5.66 -14.70 5.55
C GLU A 44 4.34 -13.95 5.61
N LEU A 45 3.56 -14.03 4.53
CA LEU A 45 2.27 -13.35 4.49
C LEU A 45 1.14 -14.31 4.81
N ALA A 46 1.14 -14.84 6.04
CA ALA A 46 0.12 -15.78 6.46
C ALA A 46 -1.22 -15.05 6.63
N LEU A 47 -2.31 -15.72 6.24
CA LEU A 47 -3.63 -15.13 6.36
C LEU A 47 -4.68 -16.06 5.75
N ASP A 48 -4.86 -15.98 4.44
CA ASP A 48 -5.84 -16.81 3.76
C ASP A 48 -5.58 -16.82 2.25
N PRO A 49 -6.12 -17.78 1.56
CA PRO A 49 -5.96 -17.91 0.08
C PRO A 49 -6.75 -16.85 -0.68
N VAL A 50 -8.05 -17.10 -0.86
CA VAL A 50 -8.90 -16.17 -1.57
C VAL A 50 -10.31 -16.72 -1.70
N PRO A 51 -11.06 -16.72 -0.63
CA PRO A 51 -12.46 -17.23 -0.61
C PRO A 51 -13.42 -16.29 -1.34
N GLN A 52 -12.89 -15.18 -1.84
CA GLN A 52 -13.71 -14.21 -2.54
C GLN A 52 -14.02 -14.69 -3.95
N ASP A 53 -13.64 -13.90 -4.95
CA ASP A 53 -13.89 -14.27 -6.34
C ASP A 53 -12.82 -13.68 -7.25
N ALA A 54 -13.12 -13.60 -8.54
CA ALA A 54 -12.17 -13.05 -9.50
C ALA A 54 -12.22 -11.52 -9.48
N SER A 55 -13.09 -10.97 -8.64
CA SER A 55 -13.22 -9.53 -8.53
C SER A 55 -11.90 -8.90 -8.10
N THR A 56 -11.21 -9.56 -7.18
CA THR A 56 -9.92 -9.06 -6.69
C THR A 56 -8.80 -9.43 -7.65
N LYS A 57 -8.93 -10.60 -8.27
CA LYS A 57 -7.92 -11.07 -9.21
C LYS A 57 -7.60 -9.98 -10.24
N LYS A 58 -8.63 -9.48 -10.91
CA LYS A 58 -8.44 -8.45 -11.92
C LYS A 58 -7.83 -7.20 -11.29
N LEU A 59 -8.39 -6.77 -10.15
CA LEU A 59 -7.89 -5.59 -9.46
C LEU A 59 -6.44 -5.80 -9.03
N SER A 60 -6.07 -7.07 -8.82
CA SER A 60 -4.71 -7.39 -8.39
C SER A 60 -3.73 -7.17 -9.54
N GLU A 61 -4.17 -7.44 -10.76
CA GLU A 61 -3.31 -7.26 -11.92
C GLU A 61 -2.96 -5.79 -12.11
N CYS A 62 -3.87 -4.91 -11.71
CA CYS A 62 -3.63 -3.48 -11.84
C CYS A 62 -2.47 -3.05 -10.96
N LEU A 63 -2.38 -3.64 -9.77
CA LEU A 63 -1.30 -3.31 -8.85
C LEU A 63 0.02 -3.93 -9.29
N LYS A 64 -0.08 -5.01 -10.08
CA LYS A 64 1.11 -5.69 -10.57
C LYS A 64 1.62 -5.01 -11.84
N ARG A 65 0.69 -4.55 -12.67
CA ARG A 65 1.05 -3.88 -13.92
C ARG A 65 1.72 -2.54 -13.64
N ILE A 66 1.14 -1.79 -12.71
CA ILE A 66 1.68 -0.48 -12.35
C ILE A 66 2.91 -0.64 -11.46
N GLY A 67 2.89 -1.65 -10.61
CA GLY A 67 4.01 -1.90 -9.71
C GLY A 67 5.29 -2.18 -10.49
N ASP A 68 5.18 -3.03 -11.51
CA ASP A 68 6.33 -3.37 -12.33
C ASP A 68 6.87 -2.13 -13.04
N GLU A 69 5.97 -1.24 -13.42
CA GLU A 69 6.37 -0.01 -14.10
C GLU A 69 6.90 1.02 -13.11
N LEU A 70 6.07 1.38 -12.14
CA LEU A 70 6.46 2.36 -11.13
C LEU A 70 7.75 1.92 -10.44
N ASP A 71 7.82 0.63 -10.11
CA ASP A 71 9.00 0.10 -9.44
C ASP A 71 10.22 0.18 -10.35
N SER A 72 9.99 0.53 -11.61
CA SER A 72 11.08 0.65 -12.58
C SER A 72 11.54 2.10 -12.69
N ASN A 73 11.01 2.95 -11.83
CA ASN A 73 11.38 4.36 -11.83
C ASN A 73 12.53 4.62 -10.87
N MET A 74 13.70 4.95 -11.42
CA MET A 74 14.87 5.22 -10.59
C MET A 74 14.68 6.51 -9.81
N GLU A 75 13.65 7.27 -10.16
CA GLU A 75 13.37 8.52 -9.47
C GLU A 75 12.64 8.27 -8.16
N LEU A 76 11.41 7.79 -8.25
CA LEU A 76 10.62 7.50 -7.05
C LEU A 76 11.32 6.47 -6.18
N GLN A 77 11.91 5.46 -6.82
CA GLN A 77 12.62 4.42 -6.08
C GLN A 77 13.78 5.00 -5.29
N ARG A 78 14.46 5.98 -5.90
CA ARG A 78 15.59 6.62 -5.24
C ARG A 78 15.13 7.44 -4.04
N MET A 79 14.06 8.20 -4.23
CA MET A 79 13.53 9.03 -3.15
C MET A 79 13.24 8.19 -1.93
N ILE A 80 12.64 7.03 -2.13
CA ILE A 80 12.31 6.13 -1.02
C ILE A 80 13.58 5.68 -0.31
N ALA A 81 14.71 5.72 -1.03
CA ALA A 81 15.98 5.31 -0.45
C ALA A 81 16.63 6.47 0.28
N ALA A 82 16.20 7.68 -0.02
CA ALA A 82 16.74 8.87 0.61
C ALA A 82 16.02 9.16 1.92
N VAL A 83 14.86 8.53 2.10
CA VAL A 83 14.08 8.73 3.31
C VAL A 83 14.48 7.73 4.39
N ASP A 84 15.56 8.04 5.11
CA ASP A 84 16.04 7.15 6.16
C ASP A 84 14.87 6.58 6.96
N THR A 85 15.13 5.50 7.69
CA THR A 85 14.09 4.87 8.49
C THR A 85 14.46 4.87 9.96
N ASP A 86 13.62 5.51 10.78
CA ASP A 86 13.88 5.58 12.21
C ASP A 86 12.56 5.62 12.99
N SER A 87 11.45 5.60 12.26
CA SER A 87 10.14 5.63 12.88
C SER A 87 9.04 5.47 11.83
N PRO A 88 8.69 4.25 11.51
CA PRO A 88 7.63 3.95 10.51
C PRO A 88 6.25 4.38 10.97
N ARG A 89 6.12 4.63 12.28
CA ARG A 89 4.85 5.05 12.84
C ARG A 89 4.68 6.56 12.72
N GLU A 90 5.79 7.29 12.85
CA GLU A 90 5.75 8.74 12.74
C GLU A 90 5.67 9.18 11.29
N VAL A 91 6.66 8.76 10.50
CA VAL A 91 6.68 9.11 9.08
C VAL A 91 5.41 8.66 8.39
N PHE A 92 5.07 7.39 8.56
CA PHE A 92 3.87 6.83 7.94
C PHE A 92 2.69 7.77 8.14
N PHE A 93 2.45 8.16 9.39
CA PHE A 93 1.35 9.07 9.69
C PHE A 93 1.61 10.45 9.12
N ARG A 94 2.89 10.82 9.03
CA ARG A 94 3.26 12.11 8.50
C ARG A 94 3.04 12.15 6.98
N VAL A 95 3.66 11.24 6.27
CA VAL A 95 3.52 11.19 4.81
C VAL A 95 2.06 10.96 4.43
N ALA A 96 1.42 9.99 5.08
CA ALA A 96 0.03 9.70 4.80
C ALA A 96 -0.83 10.95 4.96
N ALA A 97 -0.38 11.86 5.81
CA ALA A 97 -1.11 13.10 6.05
C ALA A 97 -0.81 14.13 4.96
N ASP A 98 0.45 14.16 4.54
CA ASP A 98 0.86 15.10 3.49
C ASP A 98 0.14 14.80 2.19
N MET A 99 -0.03 13.51 1.90
CA MET A 99 -0.70 13.10 0.67
C MET A 99 -1.88 14.02 0.36
N PHE A 100 -2.91 13.95 1.20
CA PHE A 100 -4.09 14.80 1.00
C PHE A 100 -4.19 15.84 2.12
N SER A 101 -3.15 16.64 2.26
CA SER A 101 -3.14 17.68 3.29
C SER A 101 -4.04 18.84 2.89
N ASP A 102 -4.22 19.03 1.59
CA ASP A 102 -5.07 20.11 1.09
C ASP A 102 -5.60 19.77 -0.30
N GLY A 103 -4.96 18.82 -0.96
CA GLY A 103 -5.38 18.42 -2.30
C GLY A 103 -6.87 18.69 -2.50
N ASN A 104 -7.70 17.78 -2.00
CA ASN A 104 -9.15 17.93 -2.14
C ASN A 104 -9.86 16.70 -1.60
N PHE A 105 -9.30 16.10 -0.55
CA PHE A 105 -9.90 14.92 0.05
C PHE A 105 -10.38 13.95 -1.03
N ASN A 106 -9.71 13.98 -2.18
CA ASN A 106 -10.08 13.10 -3.29
C ASN A 106 -10.16 11.65 -2.82
N TRP A 107 -9.21 10.83 -3.28
CA TRP A 107 -9.18 9.43 -2.89
C TRP A 107 -8.08 8.69 -3.66
N GLY A 108 -7.74 9.21 -4.83
CA GLY A 108 -6.70 8.59 -5.65
C GLY A 108 -5.44 8.33 -4.83
N ARG A 109 -5.07 9.30 -3.98
CA ARG A 109 -3.89 9.16 -3.15
C ARG A 109 -3.89 7.81 -2.45
N VAL A 110 -5.08 7.25 -2.24
CA VAL A 110 -5.20 5.96 -1.58
C VAL A 110 -4.30 4.92 -2.25
N VAL A 111 -4.52 4.71 -3.54
CA VAL A 111 -3.72 3.75 -4.29
C VAL A 111 -2.25 3.91 -3.97
N ALA A 112 -1.77 5.14 -3.98
CA ALA A 112 -0.37 5.41 -3.68
C ALA A 112 0.00 4.89 -2.30
N LEU A 113 -0.95 4.97 -1.37
CA LEU A 113 -0.72 4.50 -0.02
C LEU A 113 -0.29 3.03 -0.02
N PHE A 114 -1.02 2.22 -0.78
CA PHE A 114 -0.71 0.79 -0.86
C PHE A 114 0.71 0.59 -1.34
N TYR A 115 1.12 1.35 -2.35
CA TYR A 115 2.47 1.23 -2.89
C TYR A 115 3.49 1.73 -1.88
N PHE A 116 3.19 2.86 -1.24
CA PHE A 116 4.09 3.43 -0.25
C PHE A 116 4.34 2.44 0.88
N ALA A 117 3.28 1.77 1.32
CA ALA A 117 3.38 0.80 2.40
C ALA A 117 4.13 -0.44 1.92
N SER A 118 3.96 -0.77 0.65
CA SER A 118 4.62 -1.95 0.09
C SER A 118 6.10 -1.95 0.45
N LYS A 119 6.73 -0.79 0.31
CA LYS A 119 8.16 -0.67 0.63
C LYS A 119 8.42 -1.05 2.09
N LEU A 120 7.55 -0.55 2.98
CA LEU A 120 7.70 -0.84 4.40
C LEU A 120 7.43 -2.31 4.68
N VAL A 121 6.55 -2.91 3.88
CA VAL A 121 6.20 -4.32 4.04
C VAL A 121 7.31 -5.21 3.48
N LEU A 122 7.67 -4.97 2.23
CA LEU A 122 8.72 -5.76 1.58
C LEU A 122 10.09 -5.38 2.13
N LYS A 123 10.30 -4.09 2.34
CA LYS A 123 11.57 -3.61 2.86
C LYS A 123 11.87 -4.25 4.21
N ALA A 124 10.85 -4.37 5.05
CA ALA A 124 11.02 -4.97 6.37
C ALA A 124 11.13 -6.48 6.26
N LEU A 125 10.63 -7.04 5.15
CA LEU A 125 10.69 -8.48 4.94
C LEU A 125 12.13 -8.95 4.84
N CYS A 126 13.00 -8.09 4.32
CA CYS A 126 14.42 -8.43 4.19
C CYS A 126 15.15 -8.18 5.50
N THR A 127 14.75 -7.12 6.21
CA THR A 127 15.38 -6.78 7.48
C THR A 127 15.38 -7.99 8.42
N LYS A 128 14.51 -8.95 8.13
CA LYS A 128 14.42 -10.15 8.97
C LYS A 128 13.45 -9.92 10.12
N VAL A 129 12.30 -9.33 9.82
CA VAL A 129 11.30 -9.06 10.85
C VAL A 129 9.89 -9.14 10.27
N PRO A 130 9.32 -10.31 10.25
CA PRO A 130 7.94 -10.54 9.71
C PRO A 130 6.87 -9.92 10.60
N GLU A 131 7.26 -9.53 11.81
CA GLU A 131 6.32 -8.92 12.76
C GLU A 131 5.83 -7.58 12.22
N LEU A 132 6.75 -6.81 11.64
CA LEU A 132 6.40 -5.50 11.09
C LEU A 132 5.37 -5.65 9.98
N ILE A 133 5.48 -6.74 9.22
CA ILE A 133 4.55 -6.99 8.12
C ILE A 133 3.12 -6.99 8.63
N ARG A 134 2.87 -7.76 9.68
CA ARG A 134 1.53 -7.83 10.26
C ARG A 134 1.15 -6.51 10.93
N THR A 135 2.15 -5.86 11.51
CA THR A 135 1.90 -4.58 12.18
C THR A 135 1.53 -3.51 11.17
N ILE A 136 2.08 -3.62 9.96
CA ILE A 136 1.80 -2.66 8.90
C ILE A 136 0.35 -2.80 8.42
N MET A 137 0.01 -3.99 7.94
CA MET A 137 -1.34 -4.24 7.45
C MET A 137 -2.38 -3.71 8.44
N GLY A 138 -1.98 -3.62 9.71
CA GLY A 138 -2.88 -3.13 10.74
C GLY A 138 -3.17 -1.64 10.55
N TRP A 139 -2.14 -0.89 10.19
CA TRP A 139 -2.29 0.55 9.99
C TRP A 139 -3.17 0.82 8.78
N THR A 140 -3.24 -0.15 7.87
CA THR A 140 -4.06 0.00 6.67
C THR A 140 -5.53 -0.18 7.00
N LEU A 141 -5.90 -1.38 7.41
CA LEU A 141 -7.29 -1.68 7.76
C LEU A 141 -7.82 -0.66 8.76
N ASP A 142 -6.94 -0.18 9.63
CA ASP A 142 -7.32 0.80 10.65
C ASP A 142 -7.70 2.12 9.98
N PHE A 143 -6.84 2.61 9.11
CA PHE A 143 -7.10 3.87 8.41
C PHE A 143 -8.29 3.72 7.46
N LEU A 144 -8.36 2.56 6.80
CA LEU A 144 -9.44 2.30 5.86
C LEU A 144 -10.76 2.10 6.60
N ARG A 145 -10.68 1.48 7.78
CA ARG A 145 -11.87 1.23 8.57
C ARG A 145 -12.23 2.46 9.40
N GLU A 146 -11.33 3.43 9.43
CA GLU A 146 -11.56 4.66 10.19
C GLU A 146 -11.73 5.85 9.24
N ARG A 147 -11.53 5.60 7.94
CA ARG A 147 -11.66 6.65 6.94
C ARG A 147 -12.31 6.11 5.68
N LEU A 148 -11.53 6.04 4.61
CA LEU A 148 -12.04 5.53 3.34
C LEU A 148 -13.36 4.81 3.54
N LEU A 149 -13.56 4.25 4.73
CA LEU A 149 -14.79 3.54 5.04
C LEU A 149 -16.01 4.37 4.65
N GLY A 150 -16.09 5.58 5.20
CA GLY A 150 -17.20 6.47 4.89
C GLY A 150 -17.22 6.85 3.42
N TRP A 151 -16.07 7.31 2.93
CA TRP A 151 -15.97 7.70 1.52
C TRP A 151 -16.14 6.49 0.61
N ILE A 152 -15.31 5.48 0.82
CA ILE A 152 -15.38 4.26 0.01
C ILE A 152 -16.80 3.72 -0.03
N GLN A 153 -17.52 3.89 1.07
CA GLN A 153 -18.91 3.41 1.14
C GLN A 153 -19.80 4.21 0.21
N ASP A 154 -19.46 5.48 0.01
CA ASP A 154 -20.24 6.35 -0.87
C ASP A 154 -19.72 6.25 -2.30
N GLN A 155 -18.64 5.51 -2.50
CA GLN A 155 -18.07 5.34 -3.82
C GLN A 155 -18.53 4.04 -4.45
N GLY A 156 -19.37 3.30 -3.73
CA GLY A 156 -19.89 2.04 -4.24
C GLY A 156 -18.90 0.90 -3.97
N GLY A 157 -18.06 1.08 -2.97
CA GLY A 157 -17.08 0.07 -2.62
C GLY A 157 -15.78 0.29 -3.38
N TRP A 158 -14.96 -0.75 -3.47
CA TRP A 158 -13.69 -0.66 -4.17
C TRP A 158 -13.91 -0.63 -5.69
N ASP A 159 -15.16 -0.79 -6.10
CA ASP A 159 -15.50 -0.78 -7.52
C ASP A 159 -15.14 0.58 -8.14
N GLY A 160 -15.46 1.65 -7.41
CA GLY A 160 -15.16 2.99 -7.91
C GLY A 160 -13.70 3.13 -8.28
N LEU A 161 -12.83 2.41 -7.55
CA LEU A 161 -11.40 2.46 -7.82
C LEU A 161 -11.10 1.94 -9.22
N LEU A 162 -11.56 0.73 -9.51
CA LEU A 162 -11.33 0.13 -10.82
C LEU A 162 -12.08 0.91 -11.90
N SER A 163 -13.22 1.48 -11.53
CA SER A 163 -14.01 2.24 -12.48
C SER A 163 -13.28 3.50 -12.91
N TYR A 164 -12.39 3.99 -12.05
CA TYR A 164 -11.62 5.20 -12.35
C TYR A 164 -10.50 4.88 -13.33
N PHE A 165 -9.83 3.76 -13.11
CA PHE A 165 -8.72 3.36 -13.99
C PHE A 165 -9.27 2.90 -15.34
N GLY A 166 -10.15 3.70 -15.93
CA GLY A 166 -10.74 3.36 -17.22
C GLY A 166 -10.67 4.55 -18.17
N THR A 167 -9.55 5.27 -18.13
CA THR A 167 -9.37 6.43 -18.99
C THR A 167 -8.33 6.13 -20.07
N PRO A 168 -8.08 7.09 -20.92
CA PRO A 168 -7.08 6.94 -22.02
C PRO A 168 -5.65 6.95 -21.51
N THR A 169 -4.74 7.52 -22.31
CA THR A 169 -3.33 7.59 -21.93
C THR A 169 -3.19 7.49 -20.41
N TRP A 170 -2.81 6.31 -19.94
CA TRP A 170 -2.64 6.11 -18.50
C TRP A 170 -1.49 6.96 -17.98
N GLN A 171 -0.63 7.41 -18.88
CA GLN A 171 0.52 8.23 -18.50
C GLN A 171 0.08 9.34 -17.55
N THR A 172 -1.23 9.57 -17.47
CA THR A 172 -1.77 10.60 -16.60
C THR A 172 -1.99 10.06 -15.19
N VAL A 173 -2.27 8.77 -15.10
CA VAL A 173 -2.50 8.13 -13.80
C VAL A 173 -1.19 8.00 -13.03
N THR A 174 -0.14 7.55 -13.72
CA THR A 174 1.15 7.38 -13.08
C THR A 174 1.71 8.74 -12.64
N ILE A 175 1.27 9.80 -13.31
CA ILE A 175 1.73 11.14 -12.98
C ILE A 175 0.90 11.73 -11.85
N PHE A 176 -0.17 11.03 -11.48
CA PHE A 176 -1.04 11.50 -10.41
C PHE A 176 -0.64 10.88 -9.07
N VAL A 177 -0.68 9.55 -9.01
CA VAL A 177 -0.31 8.85 -7.78
C VAL A 177 1.15 9.12 -7.42
N ALA A 178 1.91 9.62 -8.39
CA ALA A 178 3.32 9.91 -8.18
C ALA A 178 3.50 11.38 -7.82
N GLY A 179 2.85 12.26 -8.58
CA GLY A 179 2.95 13.70 -8.33
C GLY A 179 2.41 14.05 -6.95
N VAL A 180 1.50 13.22 -6.45
CA VAL A 180 0.91 13.47 -5.14
C VAL A 180 1.78 12.85 -4.03
N LEU A 181 2.11 11.58 -4.19
CA LEU A 181 2.95 10.89 -3.21
C LEU A 181 4.37 11.43 -3.25
N THR A 182 4.94 11.54 -4.44
CA THR A 182 6.29 12.04 -4.59
C THR A 182 6.46 13.35 -3.84
N ALA A 183 5.56 14.30 -4.09
CA ALA A 183 5.62 15.60 -3.42
C ALA A 183 5.84 15.42 -1.92
N SER A 184 5.09 14.51 -1.33
CA SER A 184 5.20 14.25 0.11
C SER A 184 6.65 13.94 0.47
N LEU A 185 7.33 13.19 -0.40
CA LEU A 185 8.72 12.83 -0.15
C LEU A 185 9.65 14.00 -0.44
N THR A 186 9.16 14.95 -1.25
CA THR A 186 9.96 16.12 -1.60
C THR A 186 10.06 17.08 -0.42
N ILE A 187 8.92 17.31 0.24
CA ILE A 187 8.89 18.21 1.39
C ILE A 187 9.52 17.55 2.60
N TRP A 188 9.08 16.34 2.91
CA TRP A 188 9.62 15.61 4.06
C TRP A 188 11.08 15.98 4.29
N LYS A 189 11.90 15.79 3.26
CA LYS A 189 13.32 16.10 3.36
C LYS A 189 14.02 15.89 2.02
N LYS A 190 14.74 16.91 1.57
CA LYS A 190 15.45 16.82 0.31
C LYS A 190 16.96 16.75 0.54
N MET A 191 17.48 15.53 0.68
CA MET A 191 18.91 15.35 0.91
C MET A 191 19.47 14.33 -0.08
N GLY A 192 20.64 14.64 -0.63
CA GLY A 192 21.28 13.74 -1.59
C GLY A 192 22.80 13.91 -1.56
N CYS B 1 18.36 -3.60 -14.25
CA CYS B 1 19.53 -4.14 -13.52
C CYS B 1 19.08 -5.35 -12.70
N GLU B 2 19.33 -6.54 -13.23
CA GLU B 2 18.96 -7.77 -12.54
C GLU B 2 19.86 -8.01 -11.34
N ALA B 3 21.16 -7.87 -11.56
CA ALA B 3 22.13 -8.07 -10.48
C ALA B 3 21.79 -7.19 -9.28
N LEU B 4 22.03 -7.72 -8.08
CA LEU B 4 21.74 -6.97 -6.86
C LEU B 4 22.73 -5.82 -6.69
N LYS B 5 22.20 -4.65 -6.33
CA LYS B 5 23.04 -3.47 -6.14
C LYS B 5 22.54 -2.63 -4.98
N LYS B 6 23.45 -2.05 -4.22
CA LYS B 6 23.09 -1.22 -3.08
C LYS B 6 22.28 -2.03 -2.08
N ALA B 7 22.24 -1.55 -0.83
CA ALA B 7 21.50 -2.23 0.22
C ALA B 7 22.16 -3.55 0.56
N LEU B 8 23.31 -3.82 -0.05
CA LEU B 8 24.04 -5.06 0.21
C LEU B 8 24.52 -5.12 1.65
N ARG B 9 24.98 -3.98 2.16
CA ARG B 9 25.47 -3.91 3.54
C ARG B 9 25.30 -2.50 4.09
N ARG B 10 24.89 -1.57 3.23
CA ARG B 10 24.70 -0.19 3.65
C ARG B 10 23.68 -0.11 4.79
N HIS B 11 22.58 -0.84 4.63
CA HIS B 11 21.53 -0.84 5.65
C HIS B 11 21.90 -1.78 6.79
N ARG B 12 21.91 -3.08 6.49
CA ARG B 12 22.25 -4.08 7.50
C ARG B 12 23.24 -3.50 8.52
N PHE B 13 24.08 -2.58 8.05
CA PHE B 13 25.06 -1.96 8.93
C PHE B 13 24.51 -0.65 9.51
N LEU B 14 23.61 -0.02 8.76
CA LEU B 14 23.02 1.24 9.20
C LEU B 14 22.27 1.04 10.52
N TRP B 15 21.70 -0.14 10.69
CA TRP B 15 20.95 -0.45 11.91
C TRP B 15 21.88 -1.01 12.98
N GLN B 16 22.62 -2.04 12.62
CA GLN B 16 23.55 -2.67 13.56
C GLN B 16 24.20 -1.62 14.46
N ARG B 17 25.04 -0.79 13.87
CA ARG B 17 25.71 0.27 14.63
C ARG B 17 24.69 1.14 15.36
N ARG B 18 23.62 1.49 14.66
CA ARG B 18 22.58 2.33 15.25
C ARG B 18 21.41 1.47 15.71
N GLN B 19 21.42 1.09 16.99
CA GLN B 19 20.35 0.27 17.54
C GLN B 19 20.33 0.37 19.06
N ARG B 20 19.41 1.19 19.58
CA ARG B 20 19.30 1.37 21.02
C ARG B 20 18.84 0.08 21.68
N ALA B 21 17.94 -0.64 21.04
CA ALA B 21 17.42 -1.90 21.57
C ALA B 21 16.58 -2.61 20.53
N MET A 1 -20.51 -7.71 -19.32
CA MET A 1 -21.12 -7.50 -17.99
C MET A 1 -21.87 -6.17 -17.97
N ASP A 2 -21.36 -5.20 -18.73
CA ASP A 2 -21.98 -3.89 -18.79
C ASP A 2 -23.49 -4.03 -19.07
N GLY A 3 -23.82 -4.80 -20.10
CA GLY A 3 -25.23 -5.00 -20.45
C GLY A 3 -26.13 -4.04 -19.68
N SER A 4 -25.98 -4.02 -18.36
CA SER A 4 -26.79 -3.14 -17.52
C SER A 4 -26.48 -1.68 -17.84
N GLY A 5 -25.54 -1.10 -17.10
CA GLY A 5 -25.16 0.29 -17.30
C GLY A 5 -23.88 0.63 -16.55
N GLU A 6 -23.80 1.86 -16.05
CA GLU A 6 -22.63 2.30 -15.31
C GLU A 6 -23.00 3.37 -14.30
N GLN A 7 -23.40 2.95 -13.10
CA GLN A 7 -23.78 3.89 -12.06
C GLN A 7 -25.21 3.62 -11.60
N PRO A 8 -25.55 2.37 -11.42
CA PRO A 8 -26.91 1.97 -10.97
C PRO A 8 -27.13 2.25 -9.49
N ARG A 9 -28.20 2.98 -9.18
CA ARG A 9 -28.51 3.31 -7.80
C ARG A 9 -28.87 2.05 -7.01
N GLY A 10 -28.36 1.97 -5.79
CA GLY A 10 -28.63 0.80 -4.94
C GLY A 10 -27.48 0.56 -3.97
N GLY A 11 -26.81 1.63 -3.58
CA GLY A 11 -25.68 1.52 -2.65
C GLY A 11 -26.12 0.89 -1.34
N GLY A 12 -26.70 -0.31 -1.42
CA GLY A 12 -27.16 -1.01 -0.22
C GLY A 12 -26.26 -2.20 0.09
N PRO A 13 -26.22 -3.15 -0.80
CA PRO A 13 -25.39 -4.39 -0.63
C PRO A 13 -23.97 -4.06 -0.16
N THR A 14 -23.33 -3.11 -0.85
CA THR A 14 -21.97 -2.72 -0.50
C THR A 14 -21.93 -2.12 0.89
N SER A 15 -21.61 -2.94 1.88
CA SER A 15 -21.54 -2.47 3.27
C SER A 15 -20.09 -2.44 3.74
N SER A 16 -19.90 -2.56 5.06
CA SER A 16 -18.57 -2.53 5.64
C SER A 16 -17.98 -3.95 5.67
N GLU A 17 -18.81 -4.93 5.37
CA GLU A 17 -18.36 -6.32 5.36
C GLU A 17 -17.62 -6.64 4.08
N GLN A 18 -18.24 -6.33 2.95
CA GLN A 18 -17.64 -6.59 1.65
C GLN A 18 -16.41 -5.70 1.45
N ILE A 19 -16.38 -4.57 2.15
CA ILE A 19 -15.26 -3.65 2.04
C ILE A 19 -14.11 -4.10 2.92
N MET A 20 -14.38 -4.29 4.20
CA MET A 20 -13.35 -4.73 5.14
C MET A 20 -12.66 -6.00 4.63
N LYS A 21 -13.44 -6.87 4.00
CA LYS A 21 -12.90 -8.12 3.47
C LYS A 21 -11.95 -7.83 2.31
N THR A 22 -12.38 -6.96 1.39
CA THR A 22 -11.55 -6.60 0.24
C THR A 22 -10.37 -5.73 0.68
N GLY A 23 -10.39 -5.31 1.94
CA GLY A 23 -9.33 -4.46 2.47
C GLY A 23 -8.10 -5.30 2.82
N ALA A 24 -8.30 -6.32 3.65
CA ALA A 24 -7.21 -7.20 4.06
C ALA A 24 -6.87 -8.19 2.95
N LEU A 25 -7.71 -8.23 1.92
CA LEU A 25 -7.49 -9.14 0.80
C LEU A 25 -6.59 -8.50 -0.24
N LEU A 26 -7.17 -7.65 -1.07
CA LEU A 26 -6.40 -6.98 -2.12
C LEU A 26 -4.93 -6.84 -1.70
N LEU A 27 -4.70 -6.06 -0.66
CA LEU A 27 -3.33 -5.84 -0.17
C LEU A 27 -2.64 -7.19 0.05
N GLN A 28 -3.23 -8.02 0.90
CA GLN A 28 -2.66 -9.33 1.19
C GLN A 28 -2.25 -10.04 -0.09
N GLY A 29 -2.80 -9.58 -1.21
CA GLY A 29 -2.50 -10.18 -2.51
C GLY A 29 -1.27 -9.53 -3.13
N PHE A 30 -1.44 -8.30 -3.61
CA PHE A 30 -0.34 -7.57 -4.24
C PHE A 30 0.95 -7.76 -3.44
N ILE A 31 0.81 -8.18 -2.19
CA ILE A 31 1.96 -8.39 -1.33
C ILE A 31 2.66 -9.71 -1.69
N GLN A 32 1.99 -10.82 -1.40
CA GLN A 32 2.56 -12.13 -1.69
C GLN A 32 2.38 -12.47 -3.17
N ASP A 33 2.38 -11.44 -4.01
CA ASP A 33 2.22 -11.64 -5.44
C ASP A 33 3.49 -11.26 -6.18
N ARG A 34 4.00 -10.07 -5.90
CA ARG A 34 5.23 -9.59 -6.54
C ARG A 34 6.45 -9.97 -5.71
N ALA A 35 6.25 -10.11 -4.40
CA ALA A 35 7.35 -10.48 -3.51
C ALA A 35 7.31 -11.96 -3.20
N GLY A 36 6.21 -12.62 -3.55
CA GLY A 36 6.07 -14.05 -3.29
C GLY A 36 6.94 -14.85 -4.24
N ARG A 37 7.29 -16.07 -3.82
CA ARG A 37 8.14 -16.93 -4.64
C ARG A 37 7.52 -18.32 -4.76
N MET A 38 7.49 -18.85 -5.97
CA MET A 38 6.92 -20.17 -6.21
C MET A 38 7.70 -21.23 -5.44
N GLY A 39 9.02 -21.20 -5.54
CA GLY A 39 9.86 -22.16 -4.85
C GLY A 39 10.07 -21.75 -3.39
N GLY A 40 9.46 -20.64 -3.01
CA GLY A 40 9.59 -20.14 -1.65
C GLY A 40 8.78 -21.00 -0.68
N GLU A 41 9.29 -21.15 0.54
CA GLU A 41 8.60 -21.95 1.55
C GLU A 41 8.36 -21.13 2.82
N ALA A 42 7.32 -21.48 3.56
CA ALA A 42 6.99 -20.76 4.78
C ALA A 42 6.78 -19.28 4.50
N PRO A 43 5.66 -18.94 3.92
CA PRO A 43 5.33 -17.52 3.59
C PRO A 43 5.02 -16.69 4.84
N GLU A 44 5.59 -15.50 4.90
CA GLU A 44 5.37 -14.61 6.04
C GLU A 44 4.00 -13.95 5.95
N LEU A 45 3.40 -14.00 4.77
CA LEU A 45 2.09 -13.40 4.56
C LEU A 45 0.99 -14.43 4.77
N ALA A 46 0.83 -14.87 6.02
CA ALA A 46 -0.19 -15.87 6.35
C ALA A 46 -1.52 -15.19 6.67
N LEU A 47 -2.58 -15.62 5.99
CA LEU A 47 -3.89 -15.03 6.22
C LEU A 47 -4.79 -15.26 5.01
N ASP A 48 -4.22 -15.11 3.82
CA ASP A 48 -4.98 -15.29 2.58
C ASP A 48 -4.34 -16.38 1.72
N PRO A 49 -4.38 -17.61 2.18
CA PRO A 49 -3.80 -18.77 1.44
C PRO A 49 -4.24 -18.79 -0.02
N VAL A 50 -5.55 -18.70 -0.24
CA VAL A 50 -6.08 -18.72 -1.61
C VAL A 50 -7.21 -17.70 -1.75
N PRO A 51 -7.25 -17.03 -2.88
CA PRO A 51 -8.30 -16.01 -3.16
C PRO A 51 -9.72 -16.54 -2.94
N GLN A 52 -10.69 -15.89 -3.56
CA GLN A 52 -12.09 -16.31 -3.42
C GLN A 52 -12.87 -15.98 -4.69
N ASP A 53 -12.96 -14.69 -5.00
CA ASP A 53 -13.69 -14.25 -6.18
C ASP A 53 -12.73 -13.63 -7.20
N ALA A 54 -13.15 -13.59 -8.46
CA ALA A 54 -12.31 -13.02 -9.52
C ALA A 54 -12.39 -11.50 -9.49
N SER A 55 -13.18 -10.97 -8.56
CA SER A 55 -13.33 -9.52 -8.44
C SER A 55 -12.02 -8.88 -8.02
N THR A 56 -11.30 -9.54 -7.11
CA THR A 56 -10.02 -9.02 -6.64
C THR A 56 -8.90 -9.41 -7.59
N LYS A 57 -9.02 -10.59 -8.19
CA LYS A 57 -8.00 -11.05 -9.13
C LYS A 57 -7.67 -9.98 -10.14
N LYS A 58 -8.70 -9.49 -10.83
CA LYS A 58 -8.50 -8.44 -11.84
C LYS A 58 -7.88 -7.20 -11.21
N LEU A 59 -8.45 -6.76 -10.10
CA LEU A 59 -7.94 -5.58 -9.40
C LEU A 59 -6.51 -5.80 -8.96
N SER A 60 -6.14 -7.06 -8.75
CA SER A 60 -4.78 -7.40 -8.32
C SER A 60 -3.79 -7.18 -9.45
N GLU A 61 -4.23 -7.46 -10.68
CA GLU A 61 -3.37 -7.29 -11.84
C GLU A 61 -3.00 -5.82 -12.03
N CYS A 62 -3.91 -4.93 -11.64
CA CYS A 62 -3.67 -3.50 -11.78
C CYS A 62 -2.51 -3.07 -10.89
N LEU A 63 -2.41 -3.66 -9.71
CA LEU A 63 -1.34 -3.34 -8.78
C LEU A 63 -0.03 -3.96 -9.23
N LYS A 64 -0.13 -5.04 -9.99
CA LYS A 64 1.06 -5.73 -10.48
C LYS A 64 1.58 -5.06 -11.76
N ARG A 65 0.66 -4.60 -12.59
CA ARG A 65 1.03 -3.94 -13.84
C ARG A 65 1.71 -2.61 -13.56
N ILE A 66 1.12 -1.83 -12.65
CA ILE A 66 1.67 -0.53 -12.30
C ILE A 66 2.89 -0.69 -11.40
N GLY A 67 2.87 -1.70 -10.53
CA GLY A 67 3.98 -1.95 -9.62
C GLY A 67 5.26 -2.25 -10.41
N ASP A 68 5.14 -3.09 -11.42
CA ASP A 68 6.30 -3.45 -12.23
C ASP A 68 6.85 -2.22 -12.95
N GLU A 69 5.96 -1.32 -13.33
CA GLU A 69 6.36 -0.10 -14.03
C GLU A 69 6.90 0.93 -13.04
N LEU A 70 6.06 1.31 -12.08
CA LEU A 70 6.46 2.29 -11.08
C LEU A 70 7.74 1.84 -10.37
N ASP A 71 7.80 0.56 -10.03
CA ASP A 71 8.98 0.02 -9.35
C ASP A 71 10.20 0.09 -10.26
N SER A 72 9.98 0.44 -11.52
CA SER A 72 11.07 0.54 -12.48
C SER A 72 11.55 1.99 -12.61
N ASN A 73 11.02 2.86 -11.74
CA ASN A 73 11.39 4.26 -11.76
C ASN A 73 12.55 4.52 -10.79
N MET A 74 13.71 4.83 -11.33
CA MET A 74 14.88 5.10 -10.51
C MET A 74 14.70 6.41 -9.72
N GLU A 75 13.67 7.16 -10.09
CA GLU A 75 13.39 8.43 -9.41
C GLU A 75 12.66 8.18 -8.09
N LEU A 76 11.43 7.71 -8.19
CA LEU A 76 10.62 7.43 -7.00
C LEU A 76 11.32 6.40 -6.12
N GLN A 77 11.91 5.39 -6.75
CA GLN A 77 12.60 4.35 -6.00
C GLN A 77 13.77 4.93 -5.22
N ARG A 78 14.45 5.90 -5.82
CA ARG A 78 15.59 6.53 -5.17
C ARG A 78 15.13 7.36 -3.98
N MET A 79 14.07 8.13 -4.17
CA MET A 79 13.53 8.97 -3.11
C MET A 79 13.23 8.13 -1.87
N ILE A 80 12.63 6.97 -2.07
CA ILE A 80 12.28 6.09 -0.96
C ILE A 80 13.55 5.63 -0.24
N ALA A 81 14.68 5.67 -0.95
CA ALA A 81 15.95 5.24 -0.37
C ALA A 81 16.61 6.41 0.37
N ALA A 82 16.17 7.63 0.05
CA ALA A 82 16.73 8.82 0.68
C ALA A 82 16.00 9.11 1.99
N VAL A 83 14.84 8.50 2.16
CA VAL A 83 14.05 8.71 3.38
C VAL A 83 14.45 7.70 4.45
N ASP A 84 15.52 8.02 5.17
CA ASP A 84 16.00 7.14 6.24
C ASP A 84 14.82 6.56 7.02
N THR A 85 15.08 5.49 7.77
CA THR A 85 14.04 4.86 8.56
C THR A 85 14.40 4.88 10.04
N ASP A 86 13.56 5.52 10.85
CA ASP A 86 13.80 5.60 12.28
C ASP A 86 12.49 5.66 13.04
N SER A 87 11.38 5.63 12.31
CA SER A 87 10.06 5.67 12.93
C SER A 87 8.98 5.51 11.87
N PRO A 88 8.59 4.30 11.58
CA PRO A 88 7.54 4.00 10.57
C PRO A 88 6.15 4.43 11.03
N ARG A 89 6.03 4.70 12.33
CA ARG A 89 4.76 5.13 12.89
C ARG A 89 4.60 6.64 12.77
N GLU A 90 5.71 7.35 12.88
CA GLU A 90 5.68 8.81 12.77
C GLU A 90 5.61 9.25 11.31
N VAL A 91 6.59 8.81 10.53
CA VAL A 91 6.64 9.16 9.11
C VAL A 91 5.36 8.70 8.41
N PHE A 92 5.01 7.44 8.60
CA PHE A 92 3.81 6.88 7.98
C PHE A 92 2.63 7.84 8.17
N PHE A 93 2.39 8.24 9.41
CA PHE A 93 1.29 9.16 9.71
C PHE A 93 1.57 10.53 9.12
N ARG A 94 2.85 10.89 9.04
CA ARG A 94 3.23 12.18 8.48
C ARG A 94 3.00 12.22 6.97
N VAL A 95 3.64 11.29 6.27
CA VAL A 95 3.50 11.22 4.82
C VAL A 95 2.04 11.01 4.43
N ALA A 96 1.39 10.05 5.08
CA ALA A 96 -0.01 9.76 4.80
C ALA A 96 -0.85 11.01 4.95
N ALA A 97 -0.40 11.92 5.80
CA ALA A 97 -1.13 13.17 6.02
C ALA A 97 -0.82 14.18 4.92
N ASP A 98 0.44 14.21 4.51
CA ASP A 98 0.86 15.14 3.47
C ASP A 98 0.15 14.83 2.15
N MET A 99 -0.02 13.55 1.87
CA MET A 99 -0.70 13.13 0.65
C MET A 99 -1.86 14.06 0.33
N PHE A 100 -2.90 14.00 1.15
CA PHE A 100 -4.08 14.85 0.95
C PHE A 100 -4.18 15.90 2.06
N SER A 101 -3.13 16.70 2.20
CA SER A 101 -3.11 17.74 3.22
C SER A 101 -4.01 18.91 2.82
N ASP A 102 -4.19 19.09 1.52
CA ASP A 102 -5.03 20.17 1.02
C ASP A 102 -5.56 19.83 -0.38
N GLY A 103 -4.91 18.87 -1.03
CA GLY A 103 -5.33 18.47 -2.38
C GLY A 103 -6.82 18.74 -2.59
N ASN A 104 -7.66 17.84 -2.08
CA ASN A 104 -9.10 17.99 -2.23
C ASN A 104 -9.83 16.77 -1.68
N PHE A 105 -9.28 16.17 -0.63
CA PHE A 105 -9.87 14.99 -0.03
C PHE A 105 -10.36 14.03 -1.10
N ASN A 106 -9.69 14.04 -2.25
CA ASN A 106 -10.06 13.16 -3.35
C ASN A 106 -10.15 11.71 -2.88
N TRP A 107 -9.20 10.89 -3.33
CA TRP A 107 -9.18 9.49 -2.93
C TRP A 107 -8.08 8.74 -3.68
N GLY A 108 -7.73 9.25 -4.87
CA GLY A 108 -6.69 8.62 -5.67
C GLY A 108 -5.44 8.36 -4.84
N ARG A 109 -5.07 9.33 -4.01
CA ARG A 109 -3.89 9.19 -3.16
C ARG A 109 -3.89 7.84 -2.46
N VAL A 110 -5.09 7.30 -2.25
CA VAL A 110 -5.22 6.00 -1.58
C VAL A 110 -4.33 4.96 -2.25
N VAL A 111 -4.54 4.75 -3.54
CA VAL A 111 -3.75 3.77 -4.29
C VAL A 111 -2.26 3.93 -3.95
N ALA A 112 -1.79 5.16 -3.97
CA ALA A 112 -0.39 5.43 -3.67
C ALA A 112 -0.03 4.91 -2.28
N LEU A 113 -0.98 5.00 -1.36
CA LEU A 113 -0.75 4.53 0.01
C LEU A 113 -0.34 3.06 0.02
N PHE A 114 -1.07 2.25 -0.74
CA PHE A 114 -0.77 0.83 -0.81
C PHE A 114 0.66 0.60 -1.28
N TYR A 115 1.07 1.35 -2.30
CA TYR A 115 2.42 1.23 -2.84
C TYR A 115 3.45 1.73 -1.83
N PHE A 116 3.15 2.86 -1.20
CA PHE A 116 4.05 3.44 -0.20
C PHE A 116 4.29 2.45 0.94
N ALA A 117 3.22 1.79 1.37
CA ALA A 117 3.32 0.83 2.46
C ALA A 117 4.06 -0.42 2.00
N SER A 118 3.89 -0.76 0.72
CA SER A 118 4.56 -1.94 0.17
C SER A 118 6.04 -1.95 0.53
N LYS A 119 6.68 -0.80 0.40
CA LYS A 119 8.09 -0.68 0.72
C LYS A 119 8.34 -1.05 2.18
N LEU A 120 7.49 -0.55 3.06
CA LEU A 120 7.62 -0.83 4.49
C LEU A 120 7.34 -2.30 4.77
N VAL A 121 6.46 -2.90 3.98
CA VAL A 121 6.11 -4.30 4.16
C VAL A 121 7.22 -5.20 3.60
N LEU A 122 7.57 -4.97 2.34
CA LEU A 122 8.62 -5.77 1.71
C LEU A 122 9.99 -5.40 2.26
N LYS A 123 10.21 -4.10 2.46
CA LYS A 123 11.48 -3.62 2.99
C LYS A 123 11.78 -4.26 4.34
N ALA A 124 10.75 -4.37 5.18
CA ALA A 124 10.90 -4.96 6.50
C ALA A 124 11.02 -6.47 6.39
N LEU A 125 10.51 -7.04 5.30
CA LEU A 125 10.56 -8.48 5.08
C LEU A 125 12.00 -8.95 5.01
N CYS A 126 12.89 -8.10 4.48
CA CYS A 126 14.30 -8.45 4.36
C CYS A 126 15.03 -8.19 5.67
N THR A 127 14.64 -7.14 6.36
CA THR A 127 15.26 -6.79 7.63
C THR A 127 15.25 -7.99 8.58
N LYS A 128 14.38 -8.95 8.30
CA LYS A 128 14.28 -10.14 9.13
C LYS A 128 13.30 -9.91 10.27
N VAL A 129 12.16 -9.31 9.97
CA VAL A 129 11.14 -9.04 10.98
C VAL A 129 9.74 -9.12 10.38
N PRO A 130 9.16 -10.28 10.40
CA PRO A 130 7.79 -10.51 9.86
C PRO A 130 6.71 -9.87 10.73
N GLU A 131 7.10 -9.48 11.94
CA GLU A 131 6.15 -8.86 12.87
C GLU A 131 5.68 -7.52 12.34
N LEU A 132 6.61 -6.77 11.75
CA LEU A 132 6.27 -5.46 11.21
C LEU A 132 5.24 -5.60 10.08
N ILE A 133 5.34 -6.69 9.33
CA ILE A 133 4.42 -6.94 8.23
C ILE A 133 2.98 -6.93 8.74
N ARG A 134 2.72 -7.69 9.79
CA ARG A 134 1.38 -7.76 10.36
C ARG A 134 1.01 -6.43 11.02
N THR A 135 2.00 -5.77 11.61
CA THR A 135 1.77 -4.49 12.27
C THR A 135 1.40 -3.43 11.25
N ILE A 136 1.95 -3.55 10.04
CA ILE A 136 1.68 -2.58 8.98
C ILE A 136 0.24 -2.72 8.49
N MET A 137 -0.10 -3.92 8.02
CA MET A 137 -1.45 -4.17 7.52
C MET A 137 -2.49 -3.62 8.51
N GLY A 138 -2.10 -3.52 9.77
CA GLY A 138 -3.00 -3.02 10.80
C GLY A 138 -3.28 -1.53 10.61
N TRP A 139 -2.24 -0.78 10.24
CA TRP A 139 -2.38 0.65 10.02
C TRP A 139 -3.27 0.92 8.81
N THR A 140 -3.33 -0.06 7.90
CA THR A 140 -4.14 0.09 6.70
C THR A 140 -5.62 -0.08 7.03
N LEU A 141 -6.00 -1.29 7.45
CA LEU A 141 -7.39 -1.57 7.79
C LEU A 141 -7.91 -0.54 8.78
N ASP A 142 -7.03 -0.07 9.66
CA ASP A 142 -7.42 0.92 10.66
C ASP A 142 -7.79 2.24 9.99
N PHE A 143 -6.92 2.73 9.12
CA PHE A 143 -7.18 3.99 8.42
C PHE A 143 -8.35 3.83 7.45
N LEU A 144 -8.43 2.68 6.80
CA LEU A 144 -9.51 2.41 5.86
C LEU A 144 -10.83 2.22 6.61
N ARG A 145 -10.76 1.61 7.78
CA ARG A 145 -11.95 1.37 8.58
C ARG A 145 -12.32 2.61 9.39
N GLU A 146 -11.41 3.58 9.42
CA GLU A 146 -11.64 4.81 10.16
C GLU A 146 -11.79 5.99 9.21
N ARG A 147 -11.60 5.74 7.92
CA ARG A 147 -11.71 6.78 6.91
C ARG A 147 -12.36 6.24 5.65
N LEU A 148 -11.57 6.15 4.58
CA LEU A 148 -12.08 5.64 3.32
C LEU A 148 -13.42 4.93 3.51
N LEU A 149 -13.62 4.39 4.70
CA LEU A 149 -14.85 3.67 5.01
C LEU A 149 -16.06 4.51 4.61
N GLY A 150 -16.14 5.72 5.15
CA GLY A 150 -17.25 6.61 4.84
C GLY A 150 -17.26 6.99 3.37
N TRP A 151 -16.11 7.44 2.87
CA TRP A 151 -16.00 7.83 1.46
C TRP A 151 -16.17 6.61 0.56
N ILE A 152 -15.34 5.58 0.78
CA ILE A 152 -15.41 4.37 -0.02
C ILE A 152 -16.84 3.84 -0.06
N GLN A 153 -17.57 4.01 1.03
CA GLN A 153 -18.95 3.54 1.10
C GLN A 153 -19.84 4.35 0.16
N ASP A 154 -19.48 5.61 -0.05
CA ASP A 154 -20.26 6.47 -0.94
C ASP A 154 -19.74 6.37 -2.37
N GLN A 155 -18.66 5.62 -2.55
CA GLN A 155 -18.08 5.45 -3.88
C GLN A 155 -18.56 4.14 -4.50
N GLY A 156 -19.40 3.42 -3.78
CA GLY A 156 -19.93 2.15 -4.28
C GLY A 156 -18.95 1.00 -4.00
N GLY A 157 -18.11 1.19 -2.99
CA GLY A 157 -17.12 0.17 -2.63
C GLY A 157 -15.82 0.38 -3.40
N TRP A 158 -15.01 -0.67 -3.48
CA TRP A 158 -13.74 -0.58 -4.17
C TRP A 158 -13.95 -0.55 -5.68
N ASP A 159 -15.21 -0.72 -6.10
CA ASP A 159 -15.53 -0.71 -7.52
C ASP A 159 -15.17 0.63 -8.14
N GLY A 160 -15.48 1.71 -7.44
CA GLY A 160 -15.17 3.05 -7.93
C GLY A 160 -13.70 3.17 -8.29
N LEU A 161 -12.85 2.45 -7.57
CA LEU A 161 -11.42 2.50 -7.82
C LEU A 161 -11.11 1.97 -9.22
N LEU A 162 -11.58 0.76 -9.51
CA LEU A 162 -11.35 0.15 -10.81
C LEU A 162 -12.08 0.92 -11.91
N SER A 163 -13.22 1.51 -11.54
CA SER A 163 -14.01 2.27 -12.49
C SER A 163 -13.27 3.53 -12.94
N TYR A 164 -12.38 4.01 -12.07
CA TYR A 164 -11.61 5.21 -12.37
C TYR A 164 -10.48 4.89 -13.35
N PHE A 165 -9.81 3.77 -13.13
CA PHE A 165 -8.72 3.35 -13.99
C PHE A 165 -9.25 2.88 -15.34
N GLY A 166 -10.14 3.68 -15.93
CA GLY A 166 -10.72 3.33 -17.23
C GLY A 166 -10.64 4.52 -18.19
N THR A 167 -9.52 5.24 -18.13
CA THR A 167 -9.32 6.39 -19.00
C THR A 167 -8.28 6.08 -20.08
N PRO A 168 -8.00 7.03 -20.93
CA PRO A 168 -7.01 6.87 -22.02
C PRO A 168 -5.57 6.89 -21.51
N THR A 169 -4.67 7.43 -22.32
CA THR A 169 -3.26 7.50 -21.93
C THR A 169 -3.12 7.42 -20.42
N TRP A 170 -2.76 6.24 -19.93
CA TRP A 170 -2.59 6.04 -18.50
C TRP A 170 -1.44 6.88 -17.96
N GLN A 171 -0.58 7.33 -18.87
CA GLN A 171 0.57 8.15 -18.49
C GLN A 171 0.14 9.26 -17.55
N THR A 172 -1.17 9.50 -17.47
CA THR A 172 -1.71 10.55 -16.62
C THR A 172 -1.94 10.01 -15.20
N VAL A 173 -2.23 8.72 -15.11
CA VAL A 173 -2.47 8.09 -13.81
C VAL A 173 -1.16 7.96 -13.03
N THR A 174 -0.11 7.49 -13.70
CA THR A 174 1.19 7.33 -13.07
C THR A 174 1.75 8.68 -12.63
N ILE A 175 1.31 9.74 -13.31
CA ILE A 175 1.78 11.08 -12.98
C ILE A 175 0.94 11.69 -11.86
N PHE A 176 -0.12 10.99 -11.49
CA PHE A 176 -1.00 11.47 -10.43
C PHE A 176 -0.61 10.85 -9.08
N VAL A 177 -0.65 9.53 -9.01
CA VAL A 177 -0.29 8.83 -7.78
C VAL A 177 1.17 9.10 -7.42
N ALA A 178 1.93 9.59 -8.40
CA ALA A 178 3.34 9.88 -8.17
C ALA A 178 3.53 11.35 -7.81
N GLY A 179 2.89 12.22 -8.58
CA GLY A 179 3.00 13.66 -8.34
C GLY A 179 2.45 14.03 -6.97
N VAL A 180 1.54 13.21 -6.46
CA VAL A 180 0.94 13.45 -5.15
C VAL A 180 1.80 12.85 -4.05
N LEU A 181 2.13 11.57 -4.20
CA LEU A 181 2.95 10.88 -3.21
C LEU A 181 4.39 11.42 -3.24
N THR A 182 4.95 11.52 -4.44
CA THR A 182 6.31 12.01 -4.59
C THR A 182 6.49 13.32 -3.84
N ALA A 183 5.60 14.27 -4.09
CA ALA A 183 5.66 15.57 -3.44
C ALA A 183 5.87 15.41 -1.94
N SER A 184 5.10 14.50 -1.34
CA SER A 184 5.22 14.25 0.10
C SER A 184 6.66 13.92 0.47
N LEU A 185 7.34 13.19 -0.39
CA LEU A 185 8.72 12.81 -0.14
C LEU A 185 9.66 13.99 -0.43
N THR A 186 9.19 14.91 -1.25
CA THR A 186 9.99 16.09 -1.60
C THR A 186 10.09 17.05 -0.42
N ILE A 187 8.95 17.29 0.23
CA ILE A 187 8.91 18.20 1.37
C ILE A 187 9.55 17.54 2.59
N TRP A 188 9.09 16.34 2.91
CA TRP A 188 9.63 15.61 4.06
C TRP A 188 11.09 15.97 4.30
N LYS A 189 11.91 15.77 3.27
CA LYS A 189 13.33 16.08 3.38
C LYS A 189 14.03 15.85 2.04
N LYS A 190 14.77 16.86 1.59
CA LYS A 190 15.48 16.76 0.32
C LYS A 190 16.99 16.69 0.56
N MET A 191 17.50 15.47 0.72
CA MET A 191 18.92 15.28 0.94
C MET A 191 19.49 14.26 -0.03
N GLY A 192 20.66 14.56 -0.58
CA GLY A 192 21.30 13.65 -1.54
C GLY A 192 22.82 13.82 -1.50
N CYS B 1 19.73 -3.73 -7.65
CA CYS B 1 20.79 -4.48 -8.39
C CYS B 1 21.52 -5.41 -7.42
N GLU B 2 22.69 -5.89 -7.84
CA GLU B 2 23.48 -6.78 -7.00
C GLU B 2 24.10 -6.01 -5.83
N ALA B 3 25.08 -6.63 -5.18
CA ALA B 3 25.74 -5.99 -4.05
C ALA B 3 24.72 -5.48 -3.03
N LEU B 4 25.22 -5.03 -1.89
CA LEU B 4 24.34 -4.52 -0.84
C LEU B 4 23.88 -3.10 -1.16
N LYS B 5 24.41 -2.56 -2.25
CA LYS B 5 24.05 -1.21 -2.67
C LYS B 5 24.08 -0.26 -1.47
N LYS B 6 22.89 0.15 -1.02
CA LYS B 6 22.79 1.06 0.12
C LYS B 6 22.63 0.27 1.42
N ALA B 7 22.35 0.99 2.51
CA ALA B 7 22.18 0.35 3.80
C ALA B 7 23.48 -0.31 4.26
N LEU B 8 24.57 0.47 4.24
CA LEU B 8 25.86 -0.04 4.65
C LEU B 8 25.93 -0.18 6.16
N ARG B 9 26.73 0.67 6.81
CA ARG B 9 26.88 0.62 8.25
C ARG B 9 25.56 0.97 8.93
N ARG B 10 24.63 1.56 8.16
CA ARG B 10 23.34 1.93 8.71
C ARG B 10 22.56 0.69 9.17
N HIS B 11 22.63 -0.36 8.37
CA HIS B 11 21.94 -1.60 8.71
C HIS B 11 22.74 -2.41 9.73
N ARG B 12 23.93 -2.85 9.31
CA ARG B 12 24.78 -3.63 10.20
C ARG B 12 24.66 -3.15 11.63
N PHE B 13 24.42 -1.85 11.80
CA PHE B 13 24.28 -1.27 13.13
C PHE B 13 22.82 -1.30 13.58
N LEU B 14 21.91 -1.17 12.62
CA LEU B 14 20.49 -1.19 12.93
C LEU B 14 20.11 -2.46 13.67
N TRP B 15 20.77 -3.56 13.32
CA TRP B 15 20.50 -4.84 13.97
C TRP B 15 21.32 -4.97 15.24
N GLN B 16 22.63 -4.86 15.12
CA GLN B 16 23.52 -4.97 16.29
C GLN B 16 22.83 -4.42 17.52
N ARG B 17 22.63 -3.10 17.56
CA ARG B 17 21.99 -2.45 18.70
C ARG B 17 22.46 -3.08 20.01
N ARG B 18 23.78 -3.10 20.19
CA ARG B 18 24.35 -3.67 21.41
C ARG B 18 23.95 -2.86 22.63
N GLN B 19 23.92 -1.53 22.47
CA GLN B 19 23.55 -0.65 23.56
C GLN B 19 22.05 -0.71 23.82
N ARG B 20 21.67 -1.20 25.00
CA ARG B 20 20.26 -1.32 25.35
C ARG B 20 19.47 -2.01 24.23
N ALA B 21 19.72 -3.31 24.06
CA ALA B 21 19.04 -4.07 23.03
C ALA B 21 17.64 -4.46 23.49
N MET A 1 -17.88 -17.94 -3.61
CA MET A 1 -17.75 -16.46 -3.61
C MET A 1 -18.92 -15.84 -4.36
N ASP A 2 -19.57 -16.65 -5.19
CA ASP A 2 -20.71 -16.17 -5.96
C ASP A 2 -21.74 -15.50 -5.05
N GLY A 3 -22.23 -16.25 -4.08
CA GLY A 3 -23.22 -15.72 -3.14
C GLY A 3 -24.64 -15.97 -3.63
N SER A 4 -25.00 -15.31 -4.74
CA SER A 4 -26.33 -15.47 -5.31
C SER A 4 -26.34 -15.02 -6.77
N GLY A 5 -25.73 -13.88 -7.05
CA GLY A 5 -25.67 -13.37 -8.41
C GLY A 5 -24.76 -12.14 -8.49
N GLU A 6 -25.27 -11.09 -9.14
CA GLU A 6 -24.49 -9.86 -9.29
C GLU A 6 -25.39 -8.64 -9.12
N GLN A 7 -25.45 -8.11 -7.90
CA GLN A 7 -26.27 -6.94 -7.63
C GLN A 7 -27.37 -7.28 -6.62
N PRO A 8 -27.11 -8.21 -5.74
CA PRO A 8 -28.08 -8.64 -4.70
C PRO A 8 -28.27 -7.57 -3.62
N ARG A 9 -29.50 -7.12 -3.45
CA ARG A 9 -29.81 -6.10 -2.45
C ARG A 9 -30.11 -6.74 -1.10
N GLY A 10 -29.75 -6.04 -0.03
CA GLY A 10 -29.99 -6.55 1.31
C GLY A 10 -30.07 -5.41 2.32
N GLY A 11 -31.23 -5.25 2.94
CA GLY A 11 -31.42 -4.18 3.92
C GLY A 11 -30.13 -3.89 4.67
N GLY A 12 -29.73 -2.64 4.71
CA GLY A 12 -28.51 -2.25 5.41
C GLY A 12 -27.29 -2.46 4.52
N PRO A 13 -27.34 -1.97 3.31
CA PRO A 13 -26.22 -2.11 2.33
C PRO A 13 -24.87 -1.76 2.96
N THR A 14 -24.74 -0.52 3.43
CA THR A 14 -23.50 -0.07 4.04
C THR A 14 -22.46 -1.18 4.03
N SER A 15 -22.29 -1.82 2.87
CA SER A 15 -21.33 -2.90 2.73
C SER A 15 -20.09 -2.62 3.57
N SER A 16 -20.12 -3.01 4.84
CA SER A 16 -18.99 -2.79 5.73
C SER A 16 -18.15 -4.06 5.85
N GLU A 17 -18.71 -5.18 5.40
CA GLU A 17 -18.00 -6.45 5.46
C GLU A 17 -17.26 -6.71 4.15
N GLN A 18 -17.97 -6.58 3.04
CA GLN A 18 -17.37 -6.80 1.73
C GLN A 18 -16.16 -5.91 1.54
N ILE A 19 -16.20 -4.72 2.12
CA ILE A 19 -15.09 -3.77 2.01
C ILE A 19 -13.92 -4.21 2.89
N MET A 20 -14.20 -4.49 4.16
CA MET A 20 -13.17 -4.90 5.09
C MET A 20 -12.47 -6.15 4.59
N LYS A 21 -13.23 -7.05 3.95
CA LYS A 21 -12.66 -8.28 3.43
C LYS A 21 -11.72 -8.00 2.26
N THR A 22 -12.14 -7.11 1.37
CA THR A 22 -11.32 -6.75 0.22
C THR A 22 -10.14 -5.89 0.64
N GLY A 23 -10.19 -5.39 1.87
CA GLY A 23 -9.12 -4.54 2.38
C GLY A 23 -7.90 -5.38 2.74
N ALA A 24 -8.10 -6.39 3.58
CA ALA A 24 -7.00 -7.26 4.00
C ALA A 24 -6.65 -8.25 2.89
N LEU A 25 -7.50 -8.33 1.87
CA LEU A 25 -7.28 -9.24 0.76
C LEU A 25 -6.38 -8.59 -0.30
N LEU A 26 -6.97 -7.72 -1.11
CA LEU A 26 -6.21 -7.03 -2.15
C LEU A 26 -4.75 -6.87 -1.74
N LEU A 27 -4.52 -6.10 -0.69
CA LEU A 27 -3.17 -5.88 -0.20
C LEU A 27 -2.45 -7.20 0.02
N GLN A 28 -3.05 -8.05 0.86
CA GLN A 28 -2.46 -9.35 1.15
C GLN A 28 -2.04 -10.06 -0.13
N GLY A 29 -2.60 -9.61 -1.26
CA GLY A 29 -2.28 -10.20 -2.55
C GLY A 29 -1.07 -9.53 -3.18
N PHE A 30 -1.24 -8.31 -3.65
CA PHE A 30 -0.17 -7.56 -4.27
C PHE A 30 1.13 -7.74 -3.48
N ILE A 31 1.00 -8.15 -2.22
CA ILE A 31 2.16 -8.37 -1.37
C ILE A 31 2.87 -9.66 -1.73
N GLN A 32 2.21 -10.79 -1.44
CA GLN A 32 2.79 -12.09 -1.74
C GLN A 32 2.62 -12.43 -3.21
N ASP A 33 2.59 -11.39 -4.05
CA ASP A 33 2.44 -11.59 -5.49
C ASP A 33 3.72 -11.19 -6.22
N ARG A 34 4.21 -9.99 -5.94
CA ARG A 34 5.42 -9.50 -6.58
C ARG A 34 6.65 -9.87 -5.76
N ALA A 35 6.46 -10.02 -4.46
CA ALA A 35 7.55 -10.37 -3.55
C ALA A 35 7.54 -11.86 -3.25
N GLY A 36 6.44 -12.53 -3.60
CA GLY A 36 6.33 -13.96 -3.36
C GLY A 36 6.72 -14.75 -4.60
N ARG A 37 7.76 -15.57 -4.47
CA ARG A 37 8.23 -16.37 -5.59
C ARG A 37 7.30 -17.55 -5.83
N MET A 38 7.83 -18.76 -5.71
CA MET A 38 7.03 -19.97 -5.91
C MET A 38 5.91 -20.05 -4.88
N GLY A 39 6.24 -19.73 -3.63
CA GLY A 39 5.25 -19.77 -2.57
C GLY A 39 5.12 -21.18 -1.99
N GLY A 40 4.35 -21.31 -0.92
CA GLY A 40 4.14 -22.61 -0.29
C GLY A 40 5.38 -23.03 0.49
N GLU A 41 6.33 -22.11 0.64
CA GLU A 41 7.57 -22.40 1.36
C GLU A 41 7.61 -21.60 2.67
N ALA A 42 6.59 -21.77 3.50
CA ALA A 42 6.54 -21.07 4.77
C ALA A 42 6.50 -19.57 4.55
N PRO A 43 5.61 -19.11 3.71
CA PRO A 43 5.46 -17.66 3.40
C PRO A 43 5.40 -16.80 4.67
N GLU A 44 5.79 -15.54 4.54
CA GLU A 44 5.77 -14.62 5.68
C GLU A 44 4.45 -13.87 5.74
N LEU A 45 3.69 -13.94 4.65
CA LEU A 45 2.40 -13.26 4.59
C LEU A 45 1.27 -14.23 4.93
N ALA A 46 1.29 -14.77 6.14
CA ALA A 46 0.26 -15.71 6.57
C ALA A 46 -1.08 -15.01 6.70
N LEU A 47 -2.15 -15.71 6.34
CA LEU A 47 -3.49 -15.14 6.42
C LEU A 47 -4.52 -16.12 5.85
N ASP A 48 -5.60 -15.57 5.29
CA ASP A 48 -6.65 -16.41 4.71
C ASP A 48 -6.57 -16.37 3.19
N PRO A 49 -5.71 -17.18 2.62
CA PRO A 49 -5.53 -17.25 1.14
C PRO A 49 -6.77 -17.82 0.44
N VAL A 50 -7.52 -16.94 -0.23
CA VAL A 50 -8.71 -17.36 -0.94
C VAL A 50 -8.65 -16.95 -2.40
N PRO A 51 -8.14 -17.80 -3.24
CA PRO A 51 -8.01 -17.52 -4.70
C PRO A 51 -9.37 -17.40 -5.38
N GLN A 52 -10.44 -17.53 -4.60
CA GLN A 52 -11.79 -17.43 -5.14
C GLN A 52 -12.09 -15.99 -5.53
N ASP A 53 -13.33 -15.75 -5.94
CA ASP A 53 -13.73 -14.40 -6.34
C ASP A 53 -12.68 -13.77 -7.25
N ALA A 54 -12.98 -13.71 -8.54
CA ALA A 54 -12.04 -13.13 -9.50
C ALA A 54 -12.12 -11.60 -9.47
N SER A 55 -12.97 -11.08 -8.58
CA SER A 55 -13.13 -9.64 -8.47
C SER A 55 -11.81 -8.98 -8.04
N THR A 56 -11.10 -9.64 -7.14
CA THR A 56 -9.82 -9.11 -6.66
C THR A 56 -8.70 -9.48 -7.62
N LYS A 57 -8.80 -10.65 -8.23
CA LYS A 57 -7.78 -11.12 -9.16
C LYS A 57 -7.46 -10.02 -10.19
N LYS A 58 -8.50 -9.54 -10.87
CA LYS A 58 -8.31 -8.51 -11.88
C LYS A 58 -7.70 -7.25 -11.25
N LEU A 59 -8.28 -6.82 -10.13
CA LEU A 59 -7.78 -5.64 -9.44
C LEU A 59 -6.34 -5.84 -8.99
N SER A 60 -5.97 -7.10 -8.79
CA SER A 60 -4.60 -7.42 -8.35
C SER A 60 -3.61 -7.19 -9.49
N GLU A 61 -4.05 -7.47 -10.71
CA GLU A 61 -3.19 -7.29 -11.88
C GLU A 61 -2.84 -5.82 -12.06
N CYS A 62 -3.76 -4.94 -11.67
CA CYS A 62 -3.54 -3.50 -11.80
C CYS A 62 -2.37 -3.06 -10.91
N LEU A 63 -2.28 -3.66 -9.74
CA LEU A 63 -1.21 -3.32 -8.80
C LEU A 63 0.11 -3.93 -9.25
N LYS A 64 0.02 -5.01 -10.03
CA LYS A 64 1.22 -5.69 -10.51
C LYS A 64 1.72 -5.01 -11.79
N ARG A 65 0.80 -4.55 -12.62
CA ARG A 65 1.17 -3.89 -13.86
C ARG A 65 1.82 -2.54 -13.59
N ILE A 66 1.24 -1.79 -12.67
CA ILE A 66 1.77 -0.48 -12.31
C ILE A 66 3.00 -0.62 -11.42
N GLY A 67 2.98 -1.64 -10.56
CA GLY A 67 4.09 -1.87 -9.65
C GLY A 67 5.38 -2.15 -10.42
N ASP A 68 5.27 -3.00 -11.44
CA ASP A 68 6.43 -3.35 -12.26
C ASP A 68 6.97 -2.10 -12.98
N GLU A 69 6.07 -1.20 -13.35
CA GLU A 69 6.46 0.02 -14.05
C GLU A 69 6.98 1.05 -13.06
N LEU A 70 6.14 1.41 -12.09
CA LEU A 70 6.53 2.40 -11.08
C LEU A 70 7.81 1.96 -10.39
N ASP A 71 7.89 0.67 -10.05
CA ASP A 71 9.08 0.16 -9.37
C ASP A 71 10.29 0.24 -10.28
N SER A 72 10.06 0.59 -11.54
CA SER A 72 11.16 0.71 -12.50
C SER A 72 11.62 2.16 -12.62
N ASN A 73 11.08 3.01 -11.76
CA ASN A 73 11.44 4.42 -11.77
C ASN A 73 12.58 4.70 -10.81
N MET A 74 13.75 5.03 -11.35
CA MET A 74 14.91 5.31 -10.52
C MET A 74 14.72 6.60 -9.74
N GLU A 75 13.69 7.35 -10.09
CA GLU A 75 13.39 8.60 -9.41
C GLU A 75 12.66 8.35 -8.10
N LEU A 76 11.43 7.86 -8.20
CA LEU A 76 10.64 7.57 -7.00
C LEU A 76 11.35 6.55 -6.12
N GLN A 77 11.94 5.54 -6.75
CA GLN A 77 12.65 4.50 -6.01
C GLN A 77 13.81 5.11 -5.22
N ARG A 78 14.48 6.09 -5.82
CA ARG A 78 15.62 6.73 -5.17
C ARG A 78 15.14 7.55 -3.97
N MET A 79 14.07 8.31 -4.17
CA MET A 79 13.52 9.14 -3.10
C MET A 79 13.24 8.29 -1.86
N ILE A 80 12.65 7.13 -2.07
CA ILE A 80 12.32 6.23 -0.96
C ILE A 80 13.59 5.79 -0.25
N ALA A 81 14.71 5.83 -0.96
CA ALA A 81 15.99 5.43 -0.37
C ALA A 81 16.63 6.60 0.35
N ALA A 82 16.19 7.82 0.04
CA ALA A 82 16.73 9.01 0.68
C ALA A 82 15.99 9.30 1.99
N VAL A 83 14.84 8.67 2.17
CA VAL A 83 14.05 8.86 3.37
C VAL A 83 14.46 7.87 4.45
N ASP A 84 15.53 8.18 5.18
CA ASP A 84 16.01 7.30 6.23
C ASP A 84 14.84 6.72 7.02
N THR A 85 15.11 5.64 7.76
CA THR A 85 14.06 5.00 8.55
C THR A 85 14.44 5.01 10.03
N ASP A 86 13.60 5.65 10.84
CA ASP A 86 13.84 5.73 12.27
C ASP A 86 12.52 5.77 13.04
N SER A 87 11.42 5.72 12.31
CA SER A 87 10.10 5.76 12.92
C SER A 87 9.01 5.59 11.87
N PRO A 88 8.65 4.37 11.57
CA PRO A 88 7.60 4.06 10.56
C PRO A 88 6.22 4.48 11.02
N ARG A 89 6.09 4.75 12.32
CA ARG A 89 4.81 5.16 12.88
C ARG A 89 4.63 6.67 12.74
N GLU A 90 5.72 7.40 12.88
CA GLU A 90 5.68 8.86 12.77
C GLU A 90 5.60 9.28 11.31
N VAL A 91 6.60 8.87 10.53
CA VAL A 91 6.64 9.22 9.11
C VAL A 91 5.37 8.75 8.42
N PHE A 92 5.03 7.47 8.60
CA PHE A 92 3.83 6.91 7.98
C PHE A 92 2.64 7.86 8.17
N PHE A 93 2.40 8.25 9.41
CA PHE A 93 1.29 9.15 9.72
C PHE A 93 1.55 10.53 9.12
N ARG A 94 2.82 10.90 9.04
CA ARG A 94 3.19 12.20 8.49
C ARG A 94 2.96 12.24 6.98
N VAL A 95 3.61 11.32 6.27
CA VAL A 95 3.47 11.26 4.82
C VAL A 95 2.02 11.02 4.44
N ALA A 96 1.38 10.05 5.09
CA ALA A 96 -0.01 9.75 4.81
C ALA A 96 -0.88 10.99 4.95
N ALA A 97 -0.43 11.91 5.81
CA ALA A 97 -1.18 13.15 6.04
C ALA A 97 -0.88 14.17 4.94
N ASP A 98 0.39 14.22 4.53
CA ASP A 98 0.80 15.15 3.48
C ASP A 98 0.09 14.84 2.17
N MET A 99 -0.08 13.55 1.89
CA MET A 99 -0.76 13.13 0.66
C MET A 99 -1.92 14.05 0.35
N PHE A 100 -2.97 13.97 1.17
CA PHE A 100 -4.15 14.81 0.97
C PHE A 100 -4.26 15.85 2.08
N SER A 101 -3.22 16.68 2.22
CA SER A 101 -3.22 17.71 3.25
C SER A 101 -4.12 18.86 2.85
N ASP A 102 -4.31 19.04 1.55
CA ASP A 102 -5.16 20.11 1.04
C ASP A 102 -5.69 19.78 -0.34
N GLY A 103 -5.02 18.82 -1.01
CA GLY A 103 -5.44 18.41 -2.34
C GLY A 103 -6.93 18.67 -2.56
N ASN A 104 -7.76 17.76 -2.05
CA ASN A 104 -9.21 17.90 -2.20
C ASN A 104 -9.92 16.66 -1.66
N PHE A 105 -9.36 16.08 -0.61
CA PHE A 105 -9.94 14.89 0.00
C PHE A 105 -10.42 13.92 -1.08
N ASN A 106 -9.75 13.95 -2.23
CA ASN A 106 -10.11 13.07 -3.34
C ASN A 106 -10.18 11.62 -2.86
N TRP A 107 -9.23 10.80 -3.31
CA TRP A 107 -9.19 9.40 -2.92
C TRP A 107 -8.09 8.67 -3.68
N GLY A 108 -7.73 9.18 -4.85
CA GLY A 108 -6.69 8.57 -5.66
C GLY A 108 -5.44 8.32 -4.83
N ARG A 109 -5.08 9.28 -4.00
CA ARG A 109 -3.89 9.16 -3.16
C ARG A 109 -3.89 7.81 -2.45
N VAL A 110 -5.07 7.25 -2.25
CA VAL A 110 -5.19 5.96 -1.58
C VAL A 110 -4.29 4.92 -2.25
N VAL A 111 -4.50 4.72 -3.54
CA VAL A 111 -3.70 3.75 -4.29
C VAL A 111 -2.22 3.91 -3.96
N ALA A 112 -1.74 5.16 -3.97
CA ALA A 112 -0.35 5.44 -3.67
C ALA A 112 0.01 4.92 -2.29
N LEU A 113 -0.94 5.00 -1.35
CA LEU A 113 -0.71 4.53 0.00
C LEU A 113 -0.27 3.07 0.01
N PHE A 114 -0.99 2.25 -0.75
CA PHE A 114 -0.68 0.82 -0.83
C PHE A 114 0.75 0.61 -1.30
N TYR A 115 1.15 1.37 -2.32
CA TYR A 115 2.51 1.27 -2.85
C TYR A 115 3.53 1.78 -1.84
N PHE A 116 3.21 2.91 -1.21
CA PHE A 116 4.11 3.49 -0.21
C PHE A 116 4.36 2.50 0.92
N ALA A 117 3.30 1.83 1.36
CA ALA A 117 3.41 0.86 2.44
C ALA A 117 4.16 -0.38 1.97
N SER A 118 3.99 -0.72 0.70
CA SER A 118 4.66 -1.89 0.15
C SER A 118 6.15 -1.88 0.51
N LYS A 119 6.78 -0.72 0.38
CA LYS A 119 8.20 -0.59 0.70
C LYS A 119 8.45 -0.95 2.15
N LEU A 120 7.59 -0.47 3.04
CA LEU A 120 7.73 -0.75 4.46
C LEU A 120 7.46 -2.22 4.75
N VAL A 121 6.59 -2.83 3.95
CA VAL A 121 6.26 -4.23 4.12
C VAL A 121 7.37 -5.12 3.56
N LEU A 122 7.74 -4.89 2.31
CA LEU A 122 8.78 -5.67 1.67
C LEU A 122 10.15 -5.29 2.23
N LYS A 123 10.35 -3.98 2.43
CA LYS A 123 11.62 -3.50 2.96
C LYS A 123 11.92 -4.13 4.32
N ALA A 124 10.89 -4.25 5.14
CA ALA A 124 11.06 -4.85 6.47
C ALA A 124 11.18 -6.36 6.36
N LEU A 125 10.70 -6.92 5.25
CA LEU A 125 10.75 -8.36 5.04
C LEU A 125 12.20 -8.82 4.96
N CYS A 126 13.07 -7.96 4.44
CA CYS A 126 14.48 -8.29 4.31
C CYS A 126 15.22 -8.03 5.62
N THR A 127 14.81 -6.98 6.32
CA THR A 127 15.44 -6.63 7.59
C THR A 127 15.44 -7.83 8.54
N LYS A 128 14.57 -8.80 8.25
CA LYS A 128 14.48 -9.99 9.09
C LYS A 128 13.51 -9.77 10.24
N VAL A 129 12.36 -9.19 9.93
CA VAL A 129 11.35 -8.92 10.95
C VAL A 129 9.95 -9.02 10.36
N PRO A 130 9.38 -10.19 10.35
CA PRO A 130 8.02 -10.43 9.81
C PRO A 130 6.93 -9.82 10.69
N GLU A 131 7.30 -9.43 11.90
CA GLU A 131 6.35 -8.82 12.83
C GLU A 131 5.86 -7.48 12.29
N LEU A 132 6.78 -6.71 11.73
CA LEU A 132 6.43 -5.41 11.17
C LEU A 132 5.41 -5.55 10.05
N ILE A 133 5.52 -6.65 9.30
CA ILE A 133 4.60 -6.90 8.20
C ILE A 133 3.16 -6.90 8.70
N ARG A 134 2.91 -7.67 9.76
CA ARG A 134 1.57 -7.76 10.32
C ARG A 134 1.19 -6.44 10.98
N THR A 135 2.16 -5.76 11.58
CA THR A 135 1.92 -4.49 12.24
C THR A 135 1.54 -3.43 11.22
N ILE A 136 2.09 -3.54 10.01
CA ILE A 136 1.81 -2.58 8.96
C ILE A 136 0.37 -2.73 8.47
N MET A 137 0.04 -3.92 8.00
CA MET A 137 -1.31 -4.19 7.50
C MET A 137 -2.35 -3.66 8.48
N GLY A 138 -1.97 -3.56 9.75
CA GLY A 138 -2.87 -3.07 10.78
C GLY A 138 -3.17 -1.59 10.58
N TRP A 139 -2.13 -0.83 10.22
CA TRP A 139 -2.29 0.60 10.00
C TRP A 139 -3.18 0.87 8.80
N THR A 140 -3.24 -0.10 7.89
CA THR A 140 -4.05 0.04 6.68
C THR A 140 -5.52 -0.15 7.02
N LEU A 141 -5.89 -1.37 7.43
CA LEU A 141 -7.27 -1.66 7.77
C LEU A 141 -7.80 -0.64 8.77
N ASP A 142 -6.92 -0.16 9.65
CA ASP A 142 -7.33 0.82 10.64
C ASP A 142 -7.72 2.14 9.98
N PHE A 143 -6.86 2.63 9.11
CA PHE A 143 -7.12 3.89 8.41
C PHE A 143 -8.30 3.72 7.45
N LEU A 144 -8.36 2.57 6.79
CA LEU A 144 -9.44 2.30 5.85
C LEU A 144 -10.76 2.09 6.59
N ARG A 145 -10.68 1.48 7.76
CA ARG A 145 -11.87 1.22 8.57
C ARG A 145 -12.24 2.46 9.39
N GLU A 146 -11.35 3.43 9.41
CA GLU A 146 -11.59 4.66 10.16
C GLU A 146 -11.76 5.84 9.20
N ARG A 147 -11.56 5.59 7.92
CA ARG A 147 -11.69 6.65 6.92
C ARG A 147 -12.34 6.10 5.65
N LEU A 148 -11.55 6.01 4.58
CA LEU A 148 -12.05 5.50 3.31
C LEU A 148 -13.37 4.77 3.51
N LEU A 149 -13.56 4.22 4.70
CA LEU A 149 -14.80 3.50 5.01
C LEU A 149 -16.01 4.32 4.62
N GLY A 150 -16.10 5.53 5.15
CA GLY A 150 -17.22 6.42 4.85
C GLY A 150 -17.24 6.79 3.37
N TRP A 151 -16.10 7.25 2.87
CA TRP A 151 -15.99 7.65 1.47
C TRP A 151 -16.15 6.43 0.56
N ILE A 152 -15.31 5.42 0.78
CA ILE A 152 -15.36 4.21 -0.03
C ILE A 152 -16.78 3.65 -0.07
N GLN A 153 -17.52 3.81 1.03
CA GLN A 153 -18.89 3.34 1.10
C GLN A 153 -19.78 4.13 0.15
N ASP A 154 -19.45 5.40 -0.05
CA ASP A 154 -20.23 6.26 -0.92
C ASP A 154 -19.72 6.16 -2.37
N GLN A 155 -18.63 5.43 -2.55
CA GLN A 155 -18.05 5.26 -3.87
C GLN A 155 -18.51 3.95 -4.50
N GLY A 156 -19.34 3.21 -3.78
CA GLY A 156 -19.86 1.95 -4.28
C GLY A 156 -18.86 0.81 -4.01
N GLY A 157 -18.02 1.00 -3.00
CA GLY A 157 -17.03 -0.01 -2.65
C GLY A 157 -15.73 0.22 -3.41
N TRP A 158 -14.90 -0.82 -3.49
CA TRP A 158 -13.63 -0.71 -4.19
C TRP A 158 -13.85 -0.68 -5.70
N ASP A 159 -15.10 -0.87 -6.12
CA ASP A 159 -15.43 -0.86 -7.53
C ASP A 159 -15.08 0.49 -8.16
N GLY A 160 -15.39 1.56 -7.44
CA GLY A 160 -15.11 2.91 -7.94
C GLY A 160 -13.64 3.06 -8.30
N LEU A 161 -12.78 2.34 -7.58
CA LEU A 161 -11.35 2.40 -7.84
C LEU A 161 -11.03 1.88 -9.23
N LEU A 162 -11.49 0.67 -9.52
CA LEU A 162 -11.25 0.06 -10.82
C LEU A 162 -12.00 0.83 -11.92
N SER A 163 -13.15 1.40 -11.55
CA SER A 163 -13.95 2.15 -12.51
C SER A 163 -13.21 3.42 -12.94
N TYR A 164 -12.33 3.91 -12.07
CA TYR A 164 -11.57 5.11 -12.37
C TYR A 164 -10.44 4.81 -13.35
N PHE A 165 -9.76 3.70 -13.13
CA PHE A 165 -8.66 3.30 -14.00
C PHE A 165 -9.19 2.83 -15.35
N GLY A 166 -10.08 3.62 -15.94
CA GLY A 166 -10.65 3.27 -17.23
C GLY A 166 -10.58 4.45 -18.20
N THR A 167 -9.47 5.19 -18.14
CA THR A 167 -9.29 6.34 -19.00
C THR A 167 -8.26 6.05 -20.08
N PRO A 168 -7.99 7.00 -20.94
CA PRO A 168 -7.00 6.86 -22.03
C PRO A 168 -5.56 6.88 -21.52
N THR A 169 -4.66 7.44 -22.32
CA THR A 169 -3.26 7.52 -21.93
C THR A 169 -3.11 7.44 -20.42
N TRP A 170 -2.74 6.26 -19.93
CA TRP A 170 -2.57 6.06 -18.49
C TRP A 170 -1.42 6.92 -17.97
N GLN A 171 -0.56 7.38 -18.88
CA GLN A 171 0.57 8.21 -18.48
C GLN A 171 0.13 9.32 -17.55
N THR A 172 -1.18 9.53 -17.47
CA THR A 172 -1.73 10.57 -16.61
C THR A 172 -1.96 10.03 -15.20
N VAL A 173 -2.23 8.73 -15.10
CA VAL A 173 -2.46 8.10 -13.80
C VAL A 173 -1.16 7.99 -13.03
N THR A 174 -0.11 7.53 -13.70
CA THR A 174 1.19 7.38 -13.07
C THR A 174 1.74 8.74 -12.63
N ILE A 175 1.30 9.80 -13.30
CA ILE A 175 1.75 11.14 -12.98
C ILE A 175 0.90 11.74 -11.85
N PHE A 176 -0.16 11.02 -11.48
CA PHE A 176 -1.04 11.49 -10.42
C PHE A 176 -0.64 10.88 -9.07
N VAL A 177 -0.66 9.55 -9.01
CA VAL A 177 -0.30 8.85 -7.78
C VAL A 177 1.16 9.14 -7.42
N ALA A 178 1.92 9.63 -8.39
CA ALA A 178 3.33 9.94 -8.16
C ALA A 178 3.50 11.41 -7.81
N GLY A 179 2.84 12.28 -8.57
CA GLY A 179 2.93 13.72 -8.33
C GLY A 179 2.39 14.07 -6.96
N VAL A 180 1.48 13.24 -6.45
CA VAL A 180 0.88 13.49 -5.14
C VAL A 180 1.75 12.89 -4.04
N LEU A 181 2.10 11.61 -4.19
CA LEU A 181 2.93 10.94 -3.20
C LEU A 181 4.35 11.48 -3.23
N THR A 182 4.92 11.59 -4.43
CA THR A 182 6.27 12.10 -4.58
C THR A 182 6.43 13.41 -3.83
N ALA A 183 5.52 14.35 -4.08
CA ALA A 183 5.58 15.65 -3.42
C ALA A 183 5.79 15.49 -1.92
N SER A 184 5.05 14.57 -1.31
CA SER A 184 5.16 14.32 0.12
C SER A 184 6.60 14.01 0.49
N LEU A 185 7.29 13.27 -0.38
CA LEU A 185 8.68 12.92 -0.13
C LEU A 185 9.60 14.10 -0.41
N THR A 186 9.12 15.04 -1.23
CA THR A 186 9.91 16.21 -1.58
C THR A 186 9.99 17.17 -0.40
N ILE A 187 8.85 17.40 0.24
CA ILE A 187 8.80 18.30 1.40
C ILE A 187 9.45 17.65 2.61
N TRP A 188 9.01 16.43 2.93
CA TRP A 188 9.55 15.72 4.08
C TRP A 188 11.01 16.10 4.32
N LYS A 189 11.84 15.90 3.29
CA LYS A 189 13.24 16.23 3.40
C LYS A 189 13.95 16.01 2.06
N LYS A 190 14.67 17.04 1.61
CA LYS A 190 15.39 16.94 0.34
C LYS A 190 16.90 16.89 0.58
N MET A 191 17.41 15.68 0.74
CA MET A 191 18.84 15.49 0.96
C MET A 191 19.43 14.48 -0.02
N GLY A 192 20.59 14.80 -0.57
CA GLY A 192 21.24 13.90 -1.53
C GLY A 192 22.76 14.08 -1.49
N CYS B 1 26.01 -2.24 -9.47
CA CYS B 1 24.74 -1.55 -9.81
C CYS B 1 24.54 -0.37 -8.86
N GLU B 2 23.32 0.17 -8.85
CA GLU B 2 23.01 1.30 -7.99
C GLU B 2 23.26 0.93 -6.53
N ALA B 3 22.60 -0.13 -6.06
CA ALA B 3 22.77 -0.58 -4.69
C ALA B 3 22.44 -2.06 -4.56
N LEU B 4 21.17 -2.36 -4.29
CA LEU B 4 20.74 -3.75 -4.14
C LEU B 4 21.64 -4.49 -3.16
N LYS B 5 22.78 -4.96 -3.65
CA LYS B 5 23.72 -5.69 -2.81
C LYS B 5 24.10 -4.86 -1.60
N LYS B 6 24.47 -3.61 -1.83
CA LYS B 6 24.85 -2.72 -0.73
C LYS B 6 23.67 -1.84 -0.30
N ALA B 7 23.67 -1.43 0.95
CA ALA B 7 22.60 -0.59 1.48
C ALA B 7 23.14 0.36 2.54
N LEU B 8 22.30 0.65 3.54
CA LEU B 8 22.70 1.56 4.61
C LEU B 8 23.21 0.76 5.81
N ARG B 9 24.43 1.07 6.24
CA ARG B 9 25.02 0.38 7.38
C ARG B 9 24.59 1.04 8.69
N ARG B 10 24.02 2.24 8.58
CA ARG B 10 23.56 2.96 9.76
C ARG B 10 22.49 2.17 10.49
N HIS B 11 21.57 1.58 9.73
CA HIS B 11 20.48 0.80 10.31
C HIS B 11 20.97 -0.61 10.63
N ARG B 12 21.27 -1.39 9.60
CA ARG B 12 21.74 -2.75 9.80
C ARG B 12 22.58 -2.85 11.07
N PHE B 13 23.23 -1.76 11.42
CA PHE B 13 24.07 -1.73 12.62
C PHE B 13 23.28 -1.19 13.80
N LEU B 14 22.29 -0.35 13.52
CA LEU B 14 21.46 0.23 14.56
C LEU B 14 20.70 -0.86 15.31
N TRP B 15 20.38 -1.94 14.61
CA TRP B 15 19.65 -3.05 15.23
C TRP B 15 20.62 -4.07 15.80
N GLN B 16 21.57 -4.52 14.96
CA GLN B 16 22.55 -5.50 15.41
C GLN B 16 22.95 -5.25 16.85
N ARG B 17 23.64 -4.14 17.09
CA ARG B 17 24.07 -3.79 18.43
C ARG B 17 24.44 -5.05 19.22
N ARG B 18 24.46 -4.92 20.54
CA ARG B 18 24.79 -6.06 21.40
C ARG B 18 23.64 -7.07 21.43
N GLN B 19 23.98 -8.34 21.25
CA GLN B 19 22.97 -9.39 21.26
C GLN B 19 22.09 -9.28 22.51
N ARG B 20 20.80 -9.55 22.33
CA ARG B 20 19.87 -9.48 23.45
C ARG B 20 19.99 -8.13 24.16
N ALA B 21 19.44 -7.08 23.53
CA ALA B 21 19.49 -5.75 24.11
C ALA B 21 18.74 -5.71 25.43
N MET A 1 -25.46 -16.35 8.48
CA MET A 1 -25.10 -15.50 7.31
C MET A 1 -25.75 -16.07 6.05
N ASP A 2 -26.00 -17.38 6.07
CA ASP A 2 -26.60 -18.04 4.93
C ASP A 2 -27.87 -17.32 4.49
N GLY A 3 -28.88 -17.31 5.37
CA GLY A 3 -30.14 -16.64 5.07
C GLY A 3 -31.16 -17.63 4.52
N SER A 4 -30.74 -18.41 3.51
CA SER A 4 -31.62 -19.38 2.91
C SER A 4 -30.82 -20.39 2.09
N GLY A 5 -29.71 -19.94 1.52
CA GLY A 5 -28.87 -20.81 0.71
C GLY A 5 -27.49 -20.19 0.50
N GLU A 6 -27.14 -19.93 -0.75
CA GLU A 6 -25.85 -19.34 -1.06
C GLU A 6 -26.00 -18.27 -2.14
N GLN A 7 -25.91 -17.01 -1.72
CA GLN A 7 -26.03 -15.89 -2.67
C GLN A 7 -27.35 -15.14 -2.43
N PRO A 8 -27.71 -14.95 -1.20
CA PRO A 8 -28.97 -14.23 -0.83
C PRO A 8 -28.86 -12.73 -1.06
N ARG A 9 -28.95 -12.32 -2.33
CA ARG A 9 -28.85 -10.91 -2.67
C ARG A 9 -29.39 -10.05 -1.54
N GLY A 10 -29.06 -8.76 -1.56
CA GLY A 10 -29.51 -7.84 -0.53
C GLY A 10 -29.46 -6.40 -1.02
N GLY A 11 -30.60 -5.91 -1.51
CA GLY A 11 -30.67 -4.54 -2.00
C GLY A 11 -29.75 -3.62 -1.21
N GLY A 12 -28.77 -3.03 -1.90
CA GLY A 12 -27.83 -2.14 -1.24
C GLY A 12 -26.67 -2.91 -0.61
N PRO A 13 -26.19 -3.91 -1.31
CA PRO A 13 -25.06 -4.76 -0.82
C PRO A 13 -23.91 -3.91 -0.26
N THR A 14 -23.07 -3.40 -1.14
CA THR A 14 -21.94 -2.58 -0.72
C THR A 14 -22.12 -2.11 0.72
N SER A 15 -21.43 -2.78 1.64
CA SER A 15 -21.52 -2.42 3.05
C SER A 15 -20.12 -2.32 3.67
N SER A 16 -20.04 -2.59 4.96
CA SER A 16 -18.76 -2.52 5.66
C SER A 16 -18.11 -3.90 5.75
N GLU A 17 -18.87 -4.93 5.36
CA GLU A 17 -18.37 -6.29 5.39
C GLU A 17 -17.62 -6.62 4.11
N GLN A 18 -18.25 -6.34 2.97
CA GLN A 18 -17.63 -6.60 1.68
C GLN A 18 -16.41 -5.72 1.47
N ILE A 19 -16.38 -4.59 2.17
CA ILE A 19 -15.26 -3.66 2.06
C ILE A 19 -14.10 -4.12 2.94
N MET A 20 -14.37 -4.32 4.22
CA MET A 20 -13.34 -4.76 5.16
C MET A 20 -12.66 -6.02 4.65
N LYS A 21 -13.44 -6.88 4.02
CA LYS A 21 -12.91 -8.14 3.47
C LYS A 21 -11.96 -7.85 2.32
N THR A 22 -12.38 -6.98 1.42
CA THR A 22 -11.56 -6.63 0.27
C THR A 22 -10.38 -5.76 0.69
N GLY A 23 -10.39 -5.34 1.95
CA GLY A 23 -9.32 -4.50 2.47
C GLY A 23 -8.10 -5.34 2.82
N ALA A 24 -8.30 -6.35 3.65
CA ALA A 24 -7.21 -7.23 4.06
C ALA A 24 -6.87 -8.23 2.95
N LEU A 25 -7.72 -8.27 1.93
CA LEU A 25 -7.50 -9.18 0.81
C LEU A 25 -6.60 -8.55 -0.23
N LEU A 26 -7.17 -7.69 -1.07
CA LEU A 26 -6.41 -7.02 -2.12
C LEU A 26 -4.95 -6.88 -1.70
N LEU A 27 -4.70 -6.10 -0.66
CA LEU A 27 -3.34 -5.89 -0.17
C LEU A 27 -2.64 -7.23 0.06
N GLN A 28 -3.24 -8.07 0.91
CA GLN A 28 -2.67 -9.37 1.20
C GLN A 28 -2.27 -10.09 -0.09
N GLY A 29 -2.82 -9.62 -1.21
CA GLY A 29 -2.51 -10.23 -2.50
C GLY A 29 -1.29 -9.58 -3.14
N PHE A 30 -1.46 -8.35 -3.61
CA PHE A 30 -0.35 -7.63 -4.24
C PHE A 30 0.93 -7.82 -3.44
N ILE A 31 0.79 -8.24 -2.19
CA ILE A 31 1.95 -8.46 -1.34
C ILE A 31 2.65 -9.77 -1.70
N GLN A 32 1.98 -10.88 -1.40
CA GLN A 32 2.54 -12.19 -1.70
C GLN A 32 2.36 -12.53 -3.17
N ASP A 33 2.35 -11.49 -4.02
CA ASP A 33 2.19 -11.70 -5.45
C ASP A 33 3.47 -11.31 -6.19
N ARG A 34 3.98 -10.12 -5.91
CA ARG A 34 5.20 -9.65 -6.55
C ARG A 34 6.42 -10.03 -5.73
N ALA A 35 6.23 -10.17 -4.43
CA ALA A 35 7.31 -10.53 -3.53
C ALA A 35 7.29 -12.02 -3.22
N GLY A 36 6.18 -12.67 -3.56
CA GLY A 36 6.04 -14.11 -3.32
C GLY A 36 6.59 -14.91 -4.48
N ARG A 37 7.15 -14.22 -5.47
CA ARG A 37 7.73 -14.89 -6.62
C ARG A 37 8.83 -15.85 -6.20
N MET A 38 9.67 -15.41 -5.27
CA MET A 38 10.76 -16.24 -4.79
C MET A 38 10.28 -17.22 -3.75
N GLY A 39 10.69 -18.48 -3.87
CA GLY A 39 10.28 -19.52 -2.94
C GLY A 39 8.77 -19.62 -2.86
N GLY A 40 8.24 -19.74 -1.65
CA GLY A 40 6.80 -19.85 -1.47
C GLY A 40 6.47 -20.71 -0.24
N GLU A 41 7.42 -21.54 0.16
CA GLU A 41 7.23 -22.42 1.31
C GLU A 41 7.29 -21.61 2.60
N ALA A 42 6.33 -21.87 3.50
CA ALA A 42 6.28 -21.17 4.77
C ALA A 42 6.22 -19.66 4.55
N PRO A 43 5.32 -19.22 3.71
CA PRO A 43 5.15 -17.77 3.40
C PRO A 43 5.09 -16.92 4.65
N GLU A 44 5.47 -15.65 4.53
CA GLU A 44 5.47 -14.73 5.66
C GLU A 44 4.14 -13.96 5.72
N LEU A 45 3.35 -14.09 4.66
CA LEU A 45 2.07 -13.40 4.60
C LEU A 45 0.93 -14.37 4.87
N ALA A 46 0.88 -14.89 6.09
CA ALA A 46 -0.18 -15.83 6.46
C ALA A 46 -1.51 -15.11 6.65
N LEU A 47 -2.58 -15.72 6.16
CA LEU A 47 -3.91 -15.11 6.28
C LEU A 47 -4.98 -16.11 5.84
N ASP A 48 -5.25 -16.16 4.53
CA ASP A 48 -6.25 -17.07 4.00
C ASP A 48 -6.05 -17.26 2.50
N PRO A 49 -4.85 -17.57 2.09
CA PRO A 49 -4.51 -17.78 0.66
C PRO A 49 -5.53 -18.68 -0.05
N VAL A 50 -6.59 -18.07 -0.56
CA VAL A 50 -7.63 -18.82 -1.25
C VAL A 50 -8.71 -17.89 -1.79
N PRO A 51 -8.41 -17.18 -2.83
CA PRO A 51 -9.37 -16.22 -3.46
C PRO A 51 -10.44 -16.94 -4.28
N GLN A 52 -11.69 -16.79 -3.85
CA GLN A 52 -12.81 -17.43 -4.55
C GLN A 52 -13.36 -16.51 -5.62
N ASP A 53 -13.56 -15.24 -5.26
CA ASP A 53 -14.09 -14.27 -6.21
C ASP A 53 -12.97 -13.72 -7.09
N ALA A 54 -13.26 -13.57 -8.38
CA ALA A 54 -12.27 -13.06 -9.32
C ALA A 54 -12.28 -11.53 -9.32
N SER A 55 -13.19 -10.94 -8.56
CA SER A 55 -13.29 -9.50 -8.48
C SER A 55 -11.96 -8.88 -8.05
N THR A 56 -11.29 -9.54 -7.10
CA THR A 56 -10.01 -9.05 -6.61
C THR A 56 -8.88 -9.44 -7.56
N LYS A 57 -9.03 -10.61 -8.18
CA LYS A 57 -8.02 -11.08 -9.12
C LYS A 57 -7.69 -10.01 -10.15
N LYS A 58 -8.72 -9.52 -10.83
CA LYS A 58 -8.53 -8.48 -11.84
C LYS A 58 -7.91 -7.24 -11.22
N LEU A 59 -8.47 -6.80 -10.09
CA LEU A 59 -7.96 -5.62 -9.41
C LEU A 59 -6.52 -5.83 -8.96
N SER A 60 -6.15 -7.10 -8.74
CA SER A 60 -4.79 -7.43 -8.31
C SER A 60 -3.80 -7.21 -9.45
N GLU A 61 -4.24 -7.49 -10.67
CA GLU A 61 -3.38 -7.33 -11.85
C GLU A 61 -3.02 -5.86 -12.03
N CYS A 62 -3.92 -4.98 -11.65
CA CYS A 62 -3.68 -3.54 -11.78
C CYS A 62 -2.51 -3.11 -10.90
N LEU A 63 -2.43 -3.71 -9.71
CA LEU A 63 -1.35 -3.38 -8.78
C LEU A 63 -0.04 -4.02 -9.23
N LYS A 64 -0.14 -5.10 -10.00
CA LYS A 64 1.04 -5.79 -10.49
C LYS A 64 1.56 -5.12 -11.76
N ARG A 65 0.63 -4.66 -12.60
CA ARG A 65 1.01 -4.00 -13.84
C ARG A 65 1.68 -2.66 -13.57
N ILE A 66 1.10 -1.89 -12.65
CA ILE A 66 1.65 -0.59 -12.30
C ILE A 66 2.89 -0.76 -11.41
N GLY A 67 2.86 -1.76 -10.54
CA GLY A 67 3.97 -2.01 -9.64
C GLY A 67 5.24 -2.31 -10.41
N ASP A 68 5.14 -3.16 -11.43
CA ASP A 68 6.28 -3.52 -12.25
C ASP A 68 6.83 -2.29 -12.97
N GLU A 69 5.94 -1.39 -13.35
CA GLU A 69 6.36 -0.17 -14.05
C GLU A 69 6.89 0.86 -13.06
N LEU A 70 6.05 1.24 -12.09
CA LEU A 70 6.45 2.21 -11.09
C LEU A 70 7.74 1.77 -10.38
N ASP A 71 7.80 0.49 -10.05
CA ASP A 71 8.97 -0.06 -9.37
C ASP A 71 10.20 0.02 -10.29
N SER A 72 9.97 0.36 -11.54
CA SER A 72 11.06 0.46 -12.51
C SER A 72 11.54 1.91 -12.63
N ASN A 73 11.02 2.77 -11.77
CA ASN A 73 11.39 4.18 -11.79
C ASN A 73 12.55 4.44 -10.82
N MET A 74 13.71 4.75 -11.36
CA MET A 74 14.88 5.02 -10.54
C MET A 74 14.71 6.32 -9.76
N GLU A 75 13.67 7.08 -10.12
CA GLU A 75 13.40 8.35 -9.44
C GLU A 75 12.66 8.11 -8.13
N LEU A 76 11.44 7.63 -8.22
CA LEU A 76 10.64 7.35 -7.03
C LEU A 76 11.33 6.32 -6.14
N GLN A 77 11.92 5.30 -6.77
CA GLN A 77 12.61 4.26 -6.03
C GLN A 77 13.78 4.84 -5.24
N ARG A 78 14.46 5.81 -5.84
CA ARG A 78 15.60 6.45 -5.19
C ARG A 78 15.15 7.28 -4.00
N MET A 79 14.09 8.05 -4.20
CA MET A 79 13.55 8.89 -3.13
C MET A 79 13.26 8.06 -1.89
N ILE A 80 12.64 6.90 -2.10
CA ILE A 80 12.31 6.00 -0.99
C ILE A 80 13.57 5.54 -0.27
N ALA A 81 14.69 5.57 -0.98
CA ALA A 81 15.97 5.17 -0.40
C ALA A 81 16.63 6.33 0.33
N ALA A 82 16.19 7.54 0.02
CA ALA A 82 16.75 8.73 0.65
C ALA A 82 16.03 9.03 1.95
N VAL A 83 14.87 8.41 2.13
CA VAL A 83 14.09 8.62 3.35
C VAL A 83 14.48 7.63 4.43
N ASP A 84 15.56 7.93 5.14
CA ASP A 84 16.03 7.05 6.20
C ASP A 84 14.85 6.48 6.99
N THR A 85 15.11 5.40 7.74
CA THR A 85 14.07 4.78 8.52
C THR A 85 14.44 4.79 10.01
N ASP A 86 13.60 5.44 10.81
CA ASP A 86 13.85 5.53 12.25
C ASP A 86 12.53 5.58 13.01
N SER A 87 11.42 5.55 12.28
CA SER A 87 10.10 5.60 12.91
C SER A 87 9.01 5.44 11.85
N PRO A 88 8.63 4.23 11.56
CA PRO A 88 7.57 3.93 10.56
C PRO A 88 6.19 4.37 11.03
N ARG A 89 6.06 4.65 12.31
CA ARG A 89 4.79 5.08 12.88
C ARG A 89 4.64 6.58 12.75
N GLU A 90 5.75 7.31 12.86
CA GLU A 90 5.73 8.76 12.76
C GLU A 90 5.66 9.19 11.29
N VAL A 91 6.64 8.74 10.50
CA VAL A 91 6.68 9.10 9.09
C VAL A 91 5.40 8.64 8.39
N PHE A 92 5.04 7.37 8.58
CA PHE A 92 3.84 6.83 7.97
C PHE A 92 2.66 7.78 8.15
N PHE A 93 2.43 8.19 9.40
CA PHE A 93 1.34 9.10 9.70
C PHE A 93 1.61 10.47 9.11
N ARG A 94 2.89 10.83 9.01
CA ARG A 94 3.27 12.13 8.47
C ARG A 94 3.05 12.15 6.96
N VAL A 95 3.68 11.22 6.25
CA VAL A 95 3.54 11.16 4.80
C VAL A 95 2.08 10.95 4.42
N ALA A 96 1.43 9.99 5.07
CA ALA A 96 0.03 9.70 4.79
C ALA A 96 -0.82 10.96 4.94
N ALA A 97 -0.37 11.88 5.79
CA ALA A 97 -1.09 13.12 6.02
C ALA A 97 -0.77 14.13 4.92
N ASP A 98 0.48 14.17 4.49
CA ASP A 98 0.91 15.09 3.46
C ASP A 98 0.19 14.78 2.14
N MET A 99 0.00 13.50 1.86
CA MET A 99 -0.66 13.08 0.63
C MET A 99 -1.83 14.02 0.33
N PHE A 100 -2.87 13.96 1.15
CA PHE A 100 -4.04 14.81 0.94
C PHE A 100 -4.13 15.86 2.05
N SER A 101 -3.08 16.66 2.19
CA SER A 101 -3.06 17.70 3.22
C SER A 101 -3.96 18.87 2.82
N ASP A 102 -4.14 19.04 1.51
CA ASP A 102 -4.99 20.12 1.01
C ASP A 102 -5.52 19.78 -0.39
N GLY A 103 -4.88 18.82 -1.04
CA GLY A 103 -5.29 18.42 -2.38
C GLY A 103 -6.77 18.70 -2.59
N ASN A 104 -7.62 17.80 -2.08
CA ASN A 104 -9.06 17.96 -2.23
C ASN A 104 -9.78 16.73 -1.68
N PHE A 105 -9.23 16.14 -0.63
CA PHE A 105 -9.84 14.96 -0.03
C PHE A 105 -10.33 13.99 -1.09
N ASN A 106 -9.66 14.01 -2.24
CA ASN A 106 -10.03 13.13 -3.35
C ASN A 106 -10.13 11.69 -2.86
N TRP A 107 -9.18 10.86 -3.31
CA TRP A 107 -9.16 9.46 -2.93
C TRP A 107 -8.07 8.71 -3.68
N GLY A 108 -7.71 9.21 -4.86
CA GLY A 108 -6.67 8.58 -5.67
C GLY A 108 -5.43 8.32 -4.84
N ARG A 109 -5.05 9.29 -4.01
CA ARG A 109 -3.87 9.15 -3.16
C ARG A 109 -3.87 7.80 -2.46
N VAL A 110 -5.07 7.25 -2.25
CA VAL A 110 -5.20 5.96 -1.59
C VAL A 110 -4.31 4.91 -2.25
N VAL A 111 -4.53 4.70 -3.54
CA VAL A 111 -3.74 3.72 -4.29
C VAL A 111 -2.26 3.87 -3.95
N ALA A 112 -1.77 5.11 -3.97
CA ALA A 112 -0.38 5.37 -3.67
C ALA A 112 -0.02 4.85 -2.29
N LEU A 113 -0.96 4.94 -1.36
CA LEU A 113 -0.73 4.48 0.01
C LEU A 113 -0.33 3.01 0.00
N PHE A 114 -1.06 2.19 -0.75
CA PHE A 114 -0.77 0.77 -0.83
C PHE A 114 0.67 0.54 -1.30
N TYR A 115 1.08 1.30 -2.31
CA TYR A 115 2.43 1.17 -2.85
C TYR A 115 3.45 1.67 -1.84
N PHE A 116 3.16 2.80 -1.21
CA PHE A 116 4.07 3.38 -0.22
C PHE A 116 4.30 2.39 0.92
N ALA A 117 3.23 1.73 1.36
CA ALA A 117 3.33 0.76 2.45
C ALA A 117 4.07 -0.49 1.99
N SER A 118 3.90 -0.83 0.71
CA SER A 118 4.56 -2.01 0.15
C SER A 118 6.04 -2.02 0.51
N LYS A 119 6.68 -0.87 0.38
CA LYS A 119 8.10 -0.76 0.70
C LYS A 119 8.35 -1.12 2.16
N LEU A 120 7.49 -0.62 3.04
CA LEU A 120 7.64 -0.90 4.47
C LEU A 120 7.35 -2.37 4.76
N VAL A 121 6.47 -2.96 3.96
CA VAL A 121 6.11 -4.37 4.14
C VAL A 121 7.22 -5.27 3.59
N LEU A 122 7.58 -5.04 2.33
CA LEU A 122 8.62 -5.84 1.69
C LEU A 122 10.00 -5.47 2.24
N LYS A 123 10.22 -4.17 2.44
CA LYS A 123 11.49 -3.70 2.97
C LYS A 123 11.78 -4.34 4.32
N ALA A 124 10.76 -4.45 5.16
CA ALA A 124 10.91 -5.04 6.47
C ALA A 124 11.02 -6.56 6.38
N LEU A 125 10.53 -7.10 5.27
CA LEU A 125 10.57 -8.55 5.07
C LEU A 125 12.00 -9.04 4.98
N CYS A 126 12.89 -8.18 4.47
CA CYS A 126 14.30 -8.54 4.34
C CYS A 126 15.04 -8.28 5.64
N THR A 127 14.64 -7.22 6.35
CA THR A 127 15.27 -6.86 7.61
C THR A 127 15.26 -8.06 8.57
N LYS A 128 14.40 -9.03 8.29
CA LYS A 128 14.31 -10.21 9.13
C LYS A 128 13.33 -9.98 10.28
N VAL A 129 12.18 -9.39 9.95
CA VAL A 129 11.17 -9.11 10.97
C VAL A 129 9.78 -9.18 10.36
N PRO A 130 9.18 -10.35 10.40
CA PRO A 130 7.81 -10.58 9.84
C PRO A 130 6.73 -9.95 10.71
N GLU A 131 7.11 -9.55 11.93
CA GLU A 131 6.16 -8.93 12.85
C GLU A 131 5.69 -7.59 12.31
N LEU A 132 6.62 -6.83 11.74
CA LEU A 132 6.28 -5.52 11.19
C LEU A 132 5.25 -5.66 10.06
N ILE A 133 5.34 -6.76 9.32
CA ILE A 133 4.42 -7.00 8.22
C ILE A 133 2.98 -6.99 8.72
N ARG A 134 2.72 -7.74 9.79
CA ARG A 134 1.38 -7.81 10.36
C ARG A 134 1.01 -6.48 11.02
N THR A 135 2.02 -5.83 11.60
CA THR A 135 1.78 -4.55 12.26
C THR A 135 1.42 -3.47 11.23
N ILE A 136 1.97 -3.60 10.04
CA ILE A 136 1.69 -2.64 8.98
C ILE A 136 0.26 -2.77 8.49
N MET A 137 -0.10 -3.96 8.01
CA MET A 137 -1.45 -4.21 7.53
C MET A 137 -2.48 -3.67 8.51
N GLY A 138 -2.09 -3.57 9.77
CA GLY A 138 -2.99 -3.07 10.80
C GLY A 138 -3.27 -1.58 10.61
N TRP A 139 -2.22 -0.84 10.24
CA TRP A 139 -2.36 0.60 10.02
C TRP A 139 -3.25 0.87 8.81
N THR A 140 -3.31 -0.10 7.90
CA THR A 140 -4.13 0.04 6.70
C THR A 140 -5.61 -0.12 7.04
N LEU A 141 -5.99 -1.32 7.45
CA LEU A 141 -7.37 -1.61 7.80
C LEU A 141 -7.89 -0.57 8.79
N ASP A 142 -7.01 -0.10 9.66
CA ASP A 142 -7.39 0.89 10.67
C ASP A 142 -7.77 2.21 9.99
N PHE A 143 -6.90 2.69 9.12
CA PHE A 143 -7.14 3.95 8.42
C PHE A 143 -8.33 3.80 7.46
N LEU A 144 -8.41 2.64 6.81
CA LEU A 144 -9.49 2.38 5.87
C LEU A 144 -10.81 2.19 6.62
N ARG A 145 -10.74 1.58 7.79
CA ARG A 145 -11.94 1.34 8.58
C ARG A 145 -12.29 2.59 9.40
N GLU A 146 -11.38 3.55 9.43
CA GLU A 146 -11.60 4.78 10.17
C GLU A 146 -11.76 5.97 9.22
N ARG A 147 -11.56 5.71 7.93
CA ARG A 147 -11.68 6.76 6.92
C ARG A 147 -12.33 6.21 5.66
N LEU A 148 -11.55 6.12 4.60
CA LEU A 148 -12.06 5.61 3.31
C LEU A 148 -13.40 4.90 3.52
N LEU A 149 -13.60 4.36 4.72
CA LEU A 149 -14.83 3.65 5.03
C LEU A 149 -16.04 4.49 4.63
N GLY A 150 -16.11 5.71 5.17
CA GLY A 150 -17.22 6.60 4.86
C GLY A 150 -17.23 6.97 3.39
N TRP A 151 -16.08 7.42 2.88
CA TRP A 151 -15.98 7.80 1.48
C TRP A 151 -16.15 6.59 0.57
N ILE A 152 -15.33 5.56 0.80
CA ILE A 152 -15.40 4.35 0.00
C ILE A 152 -16.82 3.82 -0.05
N GLN A 153 -17.55 4.00 1.05
CA GLN A 153 -18.93 3.53 1.13
C GLN A 153 -19.82 4.33 0.18
N ASP A 154 -19.47 5.60 -0.02
CA ASP A 154 -20.24 6.46 -0.91
C ASP A 154 -19.72 6.35 -2.34
N GLN A 155 -18.65 5.61 -2.53
CA GLN A 155 -18.07 5.43 -3.86
C GLN A 155 -18.55 4.13 -4.48
N GLY A 156 -19.40 3.40 -3.76
CA GLY A 156 -19.92 2.14 -4.25
C GLY A 156 -18.95 1.00 -3.98
N GLY A 157 -18.10 1.17 -2.97
CA GLY A 157 -17.12 0.15 -2.62
C GLY A 157 -15.82 0.36 -3.37
N TRP A 158 -15.01 -0.69 -3.46
CA TRP A 158 -13.73 -0.61 -4.16
C TRP A 158 -13.95 -0.58 -5.67
N ASP A 159 -15.21 -0.75 -6.08
CA ASP A 159 -15.53 -0.74 -7.50
C ASP A 159 -15.18 0.60 -8.13
N GLY A 160 -15.48 1.68 -7.42
CA GLY A 160 -15.18 3.02 -7.91
C GLY A 160 -13.71 3.15 -8.28
N LEU A 161 -12.85 2.43 -7.56
CA LEU A 161 -11.42 2.46 -7.81
C LEU A 161 -11.11 1.94 -9.21
N LEU A 162 -11.59 0.73 -9.49
CA LEU A 162 -11.35 0.13 -10.80
C LEU A 162 -12.09 0.89 -11.89
N SER A 163 -13.23 1.47 -11.53
CA SER A 163 -14.03 2.24 -12.49
C SER A 163 -13.27 3.50 -12.92
N TYR A 164 -12.39 3.98 -12.05
CA TYR A 164 -11.61 5.19 -12.36
C TYR A 164 -10.49 4.85 -13.34
N PHE A 165 -9.82 3.73 -13.12
CA PHE A 165 -8.73 3.30 -13.99
C PHE A 165 -9.26 2.84 -15.33
N GLY A 166 -10.15 3.64 -15.92
CA GLY A 166 -10.74 3.30 -17.21
C GLY A 166 -10.65 4.48 -18.17
N THR A 167 -9.53 5.19 -18.13
CA THR A 167 -9.34 6.35 -19.00
C THR A 167 -8.30 6.04 -20.08
N PRO A 168 -8.01 6.99 -20.91
CA PRO A 168 -7.02 6.82 -22.02
C PRO A 168 -5.59 6.85 -21.50
N THR A 169 -4.68 7.38 -22.32
CA THR A 169 -3.27 7.45 -21.93
C THR A 169 -3.13 7.36 -20.42
N TRP A 170 -2.77 6.18 -19.93
CA TRP A 170 -2.60 5.99 -18.50
C TRP A 170 -1.45 6.84 -17.97
N GLN A 171 -0.59 7.27 -18.89
CA GLN A 171 0.57 8.09 -18.50
C GLN A 171 0.13 9.22 -17.56
N THR A 172 -1.17 9.44 -17.49
CA THR A 172 -1.70 10.49 -16.62
C THR A 172 -1.93 9.95 -15.21
N VAL A 173 -2.22 8.66 -15.11
CA VAL A 173 -2.46 8.04 -13.82
C VAL A 173 -1.16 7.91 -13.04
N THR A 174 -0.12 7.44 -13.72
CA THR A 174 1.19 7.27 -13.07
C THR A 174 1.75 8.62 -12.65
N ILE A 175 1.32 9.68 -13.32
CA ILE A 175 1.79 11.03 -13.00
C ILE A 175 0.96 11.62 -11.87
N PHE A 176 -0.11 10.93 -11.50
CA PHE A 176 -0.99 11.42 -10.43
C PHE A 176 -0.59 10.81 -9.10
N VAL A 177 -0.64 9.48 -9.02
CA VAL A 177 -0.28 8.77 -7.79
C VAL A 177 1.18 9.04 -7.43
N ALA A 178 1.95 9.52 -8.41
CA ALA A 178 3.36 9.82 -8.18
C ALA A 178 3.55 11.29 -7.83
N GLY A 179 2.91 12.17 -8.60
CA GLY A 179 3.02 13.60 -8.36
C GLY A 179 2.47 13.96 -6.98
N VAL A 180 1.56 13.14 -6.47
CA VAL A 180 0.97 13.40 -5.17
C VAL A 180 1.83 12.79 -4.06
N LEU A 181 2.16 11.51 -4.21
CA LEU A 181 2.98 10.83 -3.23
C LEU A 181 4.41 11.35 -3.25
N THR A 182 4.97 11.45 -4.45
CA THR A 182 6.34 11.94 -4.61
C THR A 182 6.52 13.26 -3.86
N ALA A 183 5.62 14.21 -4.12
CA ALA A 183 5.69 15.51 -3.46
C ALA A 183 5.90 15.34 -1.95
N SER A 184 5.15 14.44 -1.36
CA SER A 184 5.26 14.19 0.07
C SER A 184 6.69 13.86 0.46
N LEU A 185 7.37 13.11 -0.41
CA LEU A 185 8.76 12.74 -0.16
C LEU A 185 9.69 13.91 -0.46
N THR A 186 9.22 14.84 -1.27
CA THR A 186 10.03 16.01 -1.63
C THR A 186 10.12 16.97 -0.45
N ILE A 187 8.99 17.22 0.20
CA ILE A 187 8.96 18.13 1.35
C ILE A 187 9.59 17.47 2.56
N TRP A 188 9.14 16.26 2.88
CA TRP A 188 9.66 15.54 4.04
C TRP A 188 11.13 15.90 4.27
N LYS A 189 11.95 15.70 3.25
CA LYS A 189 13.38 16.00 3.34
C LYS A 189 14.08 15.78 2.01
N LYS A 190 14.81 16.78 1.56
CA LYS A 190 15.52 16.68 0.29
C LYS A 190 17.03 16.61 0.52
N MET A 191 17.53 15.38 0.67
CA MET A 191 18.96 15.19 0.91
C MET A 191 19.52 14.16 -0.07
N GLY A 192 20.69 14.46 -0.63
CA GLY A 192 21.33 13.56 -1.57
C GLY A 192 22.85 13.71 -1.54
N CYS B 1 26.67 -3.11 -8.19
CA CYS B 1 25.40 -2.41 -8.54
C CYS B 1 25.19 -1.25 -7.59
N GLU B 2 23.98 -0.70 -7.59
CA GLU B 2 23.67 0.43 -6.71
C GLU B 2 23.92 0.06 -5.25
N ALA B 3 23.27 -1.01 -4.79
CA ALA B 3 23.43 -1.45 -3.42
C ALA B 3 23.10 -2.94 -3.29
N LEU B 4 21.83 -3.23 -3.02
CA LEU B 4 21.40 -4.61 -2.87
C LEU B 4 22.29 -5.36 -1.90
N LYS B 5 23.43 -5.82 -2.38
CA LYS B 5 24.37 -6.56 -1.54
C LYS B 5 24.76 -5.73 -0.32
N LYS B 6 25.13 -4.47 -0.56
CA LYS B 6 25.50 -3.58 0.54
C LYS B 6 24.33 -2.72 0.96
N ALA B 7 24.34 -2.30 2.23
CA ALA B 7 23.25 -1.46 2.75
C ALA B 7 23.79 -0.51 3.81
N LEU B 8 22.96 -0.22 4.81
CA LEU B 8 23.36 0.68 5.88
C LEU B 8 23.87 -0.12 7.09
N ARG B 9 25.09 0.20 7.52
CA ARG B 9 25.68 -0.49 8.66
C ARG B 9 25.25 0.17 9.97
N ARG B 10 24.68 1.37 9.86
CA ARG B 10 24.22 2.09 11.04
C ARG B 10 23.14 1.29 11.77
N HIS B 11 22.22 0.71 11.00
CA HIS B 11 21.15 -0.08 11.58
C HIS B 11 21.63 -1.50 11.91
N ARG B 12 21.92 -2.26 10.88
CA ARG B 12 22.40 -3.63 11.06
C ARG B 12 23.23 -3.73 12.33
N PHE B 13 23.89 -2.63 12.69
CA PHE B 13 24.72 -2.61 13.88
C PHE B 13 23.93 -2.06 15.06
N LEU B 14 22.94 -1.22 14.78
CA LEU B 14 22.11 -0.63 15.82
C LEU B 14 21.35 -1.72 16.58
N TRP B 15 21.04 -2.81 15.87
CA TRP B 15 20.31 -3.91 16.48
C TRP B 15 21.28 -4.94 17.06
N GLN B 16 22.22 -5.38 16.23
CA GLN B 16 23.21 -6.37 16.67
C GLN B 16 23.61 -6.12 18.12
N ARG B 17 24.29 -5.00 18.36
CA ARG B 17 24.73 -4.66 19.70
C ARG B 17 25.10 -5.92 20.49
N ARG B 18 25.11 -5.79 21.81
CA ARG B 18 25.45 -6.93 22.66
C ARG B 18 24.31 -7.93 22.70
N GLN B 19 24.64 -9.21 22.52
CA GLN B 19 23.63 -10.26 22.53
C GLN B 19 22.75 -10.15 23.78
N ARG B 20 21.46 -10.41 23.60
CA ARG B 20 20.52 -10.34 24.72
C ARG B 20 20.64 -8.99 25.43
N ALA B 21 20.10 -7.96 24.79
CA ALA B 21 20.14 -6.62 25.38
C ALA B 21 19.39 -6.58 26.70
N MET A 1 -41.28 12.12 2.96
CA MET A 1 -41.19 10.79 3.64
C MET A 1 -39.75 10.33 3.68
N ASP A 2 -38.95 10.82 2.73
CA ASP A 2 -37.54 10.44 2.66
C ASP A 2 -36.85 10.68 4.01
N GLY A 3 -36.83 11.93 4.44
CA GLY A 3 -36.20 12.28 5.70
C GLY A 3 -34.75 12.73 5.49
N SER A 4 -34.02 11.97 4.70
CA SER A 4 -32.63 12.31 4.42
C SER A 4 -32.16 11.66 3.12
N GLY A 5 -32.59 10.43 2.89
CA GLY A 5 -32.21 9.71 1.67
C GLY A 5 -33.07 8.47 1.49
N GLU A 6 -32.42 7.34 1.24
CA GLU A 6 -33.14 6.08 1.04
C GLU A 6 -32.40 4.92 1.70
N GLN A 7 -32.94 4.42 2.79
CA GLN A 7 -32.32 3.31 3.51
C GLN A 7 -31.59 3.82 4.76
N PRO A 8 -32.26 4.59 5.56
CA PRO A 8 -31.67 5.16 6.81
C PRO A 8 -30.93 4.10 7.62
N ARG A 9 -29.71 4.43 8.03
CA ARG A 9 -28.89 3.51 8.82
C ARG A 9 -29.50 2.11 8.78
N GLY A 10 -28.71 1.12 8.37
CA GLY A 10 -29.18 -0.25 8.31
C GLY A 10 -28.04 -1.23 8.60
N GLY A 11 -26.91 -0.70 9.03
CA GLY A 11 -25.75 -1.53 9.34
C GLY A 11 -25.71 -2.76 8.44
N GLY A 12 -25.93 -2.54 7.14
CA GLY A 12 -25.91 -3.64 6.18
C GLY A 12 -25.52 -3.13 4.80
N PRO A 13 -26.41 -2.43 4.14
CA PRO A 13 -26.17 -1.87 2.78
C PRO A 13 -24.81 -1.16 2.68
N THR A 14 -24.56 -0.27 3.64
CA THR A 14 -23.30 0.47 3.65
C THR A 14 -22.12 -0.47 3.44
N SER A 15 -22.39 -1.63 2.87
CA SER A 15 -21.34 -2.62 2.61
C SER A 15 -20.14 -2.36 3.51
N SER A 16 -20.26 -2.73 4.78
CA SER A 16 -19.18 -2.53 5.74
C SER A 16 -18.34 -3.80 5.86
N GLU A 17 -18.92 -4.92 5.44
CA GLU A 17 -18.22 -6.20 5.51
C GLU A 17 -17.49 -6.49 4.20
N GLN A 18 -18.19 -6.33 3.09
CA GLN A 18 -17.60 -6.58 1.78
C GLN A 18 -16.37 -5.70 1.58
N ILE A 19 -16.39 -4.50 2.15
CA ILE A 19 -15.27 -3.58 2.02
C ILE A 19 -14.11 -4.03 2.90
N MET A 20 -14.40 -4.31 4.17
CA MET A 20 -13.37 -4.75 5.10
C MET A 20 -12.69 -6.02 4.60
N LYS A 21 -13.47 -6.89 3.97
CA LYS A 21 -12.94 -8.14 3.44
C LYS A 21 -11.98 -7.87 2.28
N THR A 22 -12.39 -6.97 1.39
CA THR A 22 -11.57 -6.64 0.22
C THR A 22 -10.37 -5.79 0.65
N GLY A 23 -10.42 -5.28 1.88
CA GLY A 23 -9.32 -4.46 2.38
C GLY A 23 -8.11 -5.32 2.74
N ALA A 24 -8.34 -6.32 3.58
CA ALA A 24 -7.26 -7.21 4.00
C ALA A 24 -6.93 -8.22 2.89
N LEU A 25 -7.79 -8.27 1.88
CA LEU A 25 -7.58 -9.19 0.76
C LEU A 25 -6.68 -8.55 -0.29
N LEU A 26 -7.25 -7.68 -1.11
CA LEU A 26 -6.49 -7.00 -2.15
C LEU A 26 -5.01 -6.88 -1.74
N LEU A 27 -4.77 -6.10 -0.68
CA LEU A 27 -3.41 -5.90 -0.20
C LEU A 27 -2.71 -7.25 0.02
N GLN A 28 -3.32 -8.08 0.85
CA GLN A 28 -2.75 -9.39 1.15
C GLN A 28 -2.36 -10.10 -0.14
N GLY A 29 -2.91 -9.65 -1.26
CA GLY A 29 -2.61 -10.25 -2.56
C GLY A 29 -1.38 -9.59 -3.18
N PHE A 30 -1.55 -8.36 -3.65
CA PHE A 30 -0.44 -7.64 -4.28
C PHE A 30 0.84 -7.85 -3.49
N ILE A 31 0.70 -8.26 -2.24
CA ILE A 31 1.86 -8.49 -1.39
C ILE A 31 2.55 -9.81 -1.75
N GLN A 32 1.87 -10.92 -1.45
CA GLN A 32 2.42 -12.23 -1.76
C GLN A 32 2.24 -12.56 -3.24
N ASP A 33 2.24 -11.53 -4.07
CA ASP A 33 2.07 -11.72 -5.50
C ASP A 33 3.36 -11.35 -6.24
N ARG A 34 3.87 -10.16 -5.96
CA ARG A 34 5.10 -9.69 -6.61
C ARG A 34 6.32 -10.09 -5.78
N ALA A 35 6.12 -10.24 -4.47
CA ALA A 35 7.21 -10.60 -3.58
C ALA A 35 7.17 -12.09 -3.27
N GLY A 36 6.06 -12.74 -3.62
CA GLY A 36 5.91 -14.16 -3.38
C GLY A 36 6.92 -14.96 -4.18
N ARG A 37 7.24 -14.49 -5.38
CA ARG A 37 8.20 -15.16 -6.24
C ARG A 37 9.53 -15.36 -5.52
N MET A 38 9.77 -14.52 -4.51
CA MET A 38 11.01 -14.61 -3.74
C MET A 38 11.12 -15.97 -3.06
N GLY A 39 10.01 -16.46 -2.53
CA GLY A 39 9.99 -17.75 -1.85
C GLY A 39 8.57 -18.28 -1.71
N GLY A 40 8.45 -19.55 -1.33
CA GLY A 40 7.13 -20.16 -1.16
C GLY A 40 7.16 -21.20 -0.05
N GLU A 41 8.36 -21.59 0.36
CA GLU A 41 8.51 -22.57 1.42
C GLU A 41 8.51 -21.91 2.80
N ALA A 42 8.30 -20.60 2.80
CA ALA A 42 8.28 -19.85 4.05
C ALA A 42 7.33 -18.65 3.94
N PRO A 43 6.10 -18.90 3.60
CA PRO A 43 5.07 -17.85 3.46
C PRO A 43 4.97 -16.96 4.71
N GLU A 44 5.39 -15.70 4.56
CA GLU A 44 5.36 -14.77 5.67
C GLU A 44 4.04 -14.02 5.70
N LEU A 45 3.28 -14.14 4.62
CA LEU A 45 1.98 -13.46 4.53
C LEU A 45 0.85 -14.44 4.80
N ALA A 46 0.75 -14.90 6.05
CA ALA A 46 -0.29 -15.85 6.43
C ALA A 46 -1.63 -15.14 6.60
N LEU A 47 -2.69 -15.78 6.16
CA LEU A 47 -4.03 -15.20 6.26
C LEU A 47 -5.04 -16.02 5.47
N ASP A 48 -4.54 -17.02 4.74
CA ASP A 48 -5.41 -17.87 3.94
C ASP A 48 -6.19 -17.05 2.92
N PRO A 49 -5.50 -16.25 2.15
CA PRO A 49 -6.13 -15.38 1.12
C PRO A 49 -7.02 -16.17 0.17
N VAL A 50 -6.41 -16.81 -0.82
CA VAL A 50 -7.17 -17.60 -1.79
C VAL A 50 -8.53 -16.96 -2.06
N PRO A 51 -8.54 -15.86 -2.75
CA PRO A 51 -9.79 -15.13 -3.09
C PRO A 51 -10.66 -15.91 -4.07
N GLN A 52 -11.80 -16.40 -3.59
CA GLN A 52 -12.72 -17.16 -4.43
C GLN A 52 -13.25 -16.30 -5.57
N ASP A 53 -13.70 -15.10 -5.22
CA ASP A 53 -14.24 -14.18 -6.23
C ASP A 53 -13.11 -13.63 -7.11
N ALA A 54 -13.39 -13.51 -8.40
CA ALA A 54 -12.40 -13.00 -9.34
C ALA A 54 -12.41 -11.47 -9.35
N SER A 55 -13.31 -10.88 -8.57
CA SER A 55 -13.40 -9.43 -8.50
C SER A 55 -12.07 -8.82 -8.07
N THR A 56 -11.41 -9.48 -7.13
CA THR A 56 -10.11 -9.01 -6.64
C THR A 56 -9.00 -9.40 -7.60
N LYS A 57 -9.14 -10.57 -8.22
CA LYS A 57 -8.14 -11.05 -9.16
C LYS A 57 -7.80 -9.97 -10.19
N LYS A 58 -8.83 -9.47 -10.87
CA LYS A 58 -8.63 -8.44 -11.87
C LYS A 58 -8.00 -7.19 -11.25
N LEU A 59 -8.56 -6.76 -10.12
CA LEU A 59 -8.04 -5.58 -9.43
C LEU A 59 -6.60 -5.80 -8.99
N SER A 60 -6.24 -7.07 -8.78
CA SER A 60 -4.89 -7.41 -8.35
C SER A 60 -3.90 -7.20 -9.49
N GLU A 61 -4.34 -7.47 -10.71
CA GLU A 61 -3.49 -7.31 -11.89
C GLU A 61 -3.10 -5.85 -12.07
N CYS A 62 -4.01 -4.96 -11.68
CA CYS A 62 -3.75 -3.53 -11.80
C CYS A 62 -2.58 -3.10 -10.92
N LEU A 63 -2.51 -3.70 -9.74
CA LEU A 63 -1.42 -3.38 -8.81
C LEU A 63 -0.11 -4.02 -9.26
N LYS A 64 -0.22 -5.10 -10.04
CA LYS A 64 0.96 -5.80 -10.53
C LYS A 64 1.47 -5.14 -11.80
N ARG A 65 0.55 -4.66 -12.63
CA ARG A 65 0.94 -4.00 -13.88
C ARG A 65 1.61 -2.67 -13.61
N ILE A 66 1.04 -1.90 -12.68
CA ILE A 66 1.60 -0.60 -12.33
C ILE A 66 2.83 -0.77 -11.44
N GLY A 67 2.79 -1.79 -10.57
CA GLY A 67 3.91 -2.05 -9.67
C GLY A 67 5.18 -2.34 -10.46
N ASP A 68 5.06 -3.19 -11.47
CA ASP A 68 6.21 -3.56 -12.29
C ASP A 68 6.77 -2.32 -13.01
N GLU A 69 5.87 -1.41 -13.38
CA GLU A 69 6.29 -0.20 -14.07
C GLU A 69 6.84 0.83 -13.09
N LEU A 70 6.01 1.21 -12.12
CA LEU A 70 6.41 2.18 -11.12
C LEU A 70 7.69 1.72 -10.41
N ASP A 71 7.76 0.43 -10.08
CA ASP A 71 8.92 -0.11 -9.40
C ASP A 71 10.14 -0.05 -10.31
N SER A 72 9.92 0.30 -11.58
CA SER A 72 11.00 0.40 -12.54
C SER A 72 11.50 1.84 -12.65
N ASN A 73 10.98 2.71 -11.79
CA ASN A 73 11.36 4.12 -11.81
C ASN A 73 12.51 4.36 -10.84
N MET A 74 13.69 4.67 -11.39
CA MET A 74 14.86 4.93 -10.57
C MET A 74 14.69 6.23 -9.79
N GLU A 75 13.66 7.00 -10.14
CA GLU A 75 13.40 8.26 -9.47
C GLU A 75 12.67 8.01 -8.14
N LEU A 76 11.43 7.55 -8.23
CA LEU A 76 10.63 7.28 -7.04
C LEU A 76 11.32 6.25 -6.16
N GLN A 77 11.90 5.22 -6.80
CA GLN A 77 12.59 4.17 -6.06
C GLN A 77 13.76 4.75 -5.27
N ARG A 78 14.45 5.71 -5.87
CA ARG A 78 15.60 6.34 -5.22
C ARG A 78 15.15 7.17 -4.02
N MET A 79 14.08 7.95 -4.22
CA MET A 79 13.55 8.79 -3.15
C MET A 79 13.25 7.95 -1.91
N ILE A 80 12.64 6.80 -2.12
CA ILE A 80 12.30 5.91 -1.01
C ILE A 80 13.57 5.44 -0.29
N ALA A 81 14.68 5.46 -1.01
CA ALA A 81 15.95 5.04 -0.43
C ALA A 81 16.63 6.19 0.31
N ALA A 82 16.19 7.42 -0.01
CA ALA A 82 16.77 8.60 0.63
C ALA A 82 16.04 8.91 1.93
N VAL A 83 14.87 8.29 2.12
CA VAL A 83 14.08 8.51 3.32
C VAL A 83 14.48 7.50 4.40
N ASP A 84 15.55 7.80 5.12
CA ASP A 84 16.02 6.91 6.18
C ASP A 84 14.84 6.37 6.99
N THR A 85 15.08 5.28 7.71
CA THR A 85 14.03 4.67 8.52
C THR A 85 14.40 4.68 10.00
N ASP A 86 13.56 5.31 10.81
CA ASP A 86 13.82 5.38 12.25
C ASP A 86 12.51 5.46 13.02
N SER A 87 11.39 5.43 12.29
CA SER A 87 10.08 5.49 12.91
C SER A 87 8.98 5.34 11.86
N PRO A 88 8.64 4.13 11.53
CA PRO A 88 7.58 3.84 10.52
C PRO A 88 6.20 4.30 10.97
N ARG A 89 6.07 4.53 12.28
CA ARG A 89 4.80 4.98 12.84
C ARG A 89 4.65 6.49 12.71
N GLU A 90 5.77 7.20 12.85
CA GLU A 90 5.75 8.66 12.75
C GLU A 90 5.68 9.08 11.28
N VAL A 91 6.66 8.66 10.50
CA VAL A 91 6.70 9.01 9.09
C VAL A 91 5.41 8.56 8.39
N PHE A 92 5.06 7.29 8.57
CA PHE A 92 3.86 6.75 7.95
C PHE A 92 2.68 7.72 8.14
N PHE A 93 2.45 8.12 9.39
CA PHE A 93 1.36 9.03 9.69
C PHE A 93 1.64 10.41 9.10
N ARG A 94 2.92 10.75 9.02
CA ARG A 94 3.32 12.05 8.47
C ARG A 94 3.08 12.08 6.96
N VAL A 95 3.71 11.17 6.25
CA VAL A 95 3.56 11.09 4.80
C VAL A 95 2.10 10.90 4.41
N ALA A 96 1.45 9.93 5.07
CA ALA A 96 0.05 9.66 4.79
C ALA A 96 -0.79 10.92 4.95
N ALA A 97 -0.33 11.83 5.80
CA ALA A 97 -1.04 13.08 6.03
C ALA A 97 -0.72 14.09 4.93
N ASP A 98 0.53 14.12 4.51
CA ASP A 98 0.96 15.04 3.46
C ASP A 98 0.24 14.74 2.15
N MET A 99 0.05 13.46 1.87
CA MET A 99 -0.63 13.05 0.65
C MET A 99 -1.79 14.00 0.33
N PHE A 100 -2.83 13.94 1.16
CA PHE A 100 -3.99 14.79 0.96
C PHE A 100 -4.09 15.84 2.07
N SER A 101 -3.03 16.63 2.21
CA SER A 101 -3.00 17.68 3.24
C SER A 101 -3.90 18.85 2.84
N ASP A 102 -4.07 19.03 1.54
CA ASP A 102 -4.91 20.12 1.04
C ASP A 102 -5.45 19.78 -0.35
N GLY A 103 -4.80 18.83 -1.01
CA GLY A 103 -5.23 18.43 -2.35
C GLY A 103 -6.72 18.71 -2.56
N ASN A 104 -7.56 17.82 -2.06
CA ASN A 104 -9.00 17.98 -2.20
C ASN A 104 -9.73 16.77 -1.66
N PHE A 105 -9.18 16.17 -0.61
CA PHE A 105 -9.80 14.99 0.00
C PHE A 105 -10.29 14.03 -1.08
N ASN A 106 -9.62 14.04 -2.23
CA ASN A 106 -10.00 13.17 -3.33
C ASN A 106 -10.10 11.72 -2.86
N TRP A 107 -9.16 10.89 -3.31
CA TRP A 107 -9.14 9.48 -2.92
C TRP A 107 -8.06 8.73 -3.67
N GLY A 108 -7.70 9.24 -4.86
CA GLY A 108 -6.67 8.60 -5.67
C GLY A 108 -5.42 8.33 -4.83
N ARG A 109 -5.04 9.30 -4.00
CA ARG A 109 -3.86 9.14 -3.17
C ARG A 109 -3.87 7.80 -2.46
N VAL A 110 -5.07 7.25 -2.25
CA VAL A 110 -5.21 5.97 -1.58
C VAL A 110 -4.33 4.92 -2.26
N VAL A 111 -4.54 4.70 -3.54
CA VAL A 111 -3.76 3.72 -4.29
C VAL A 111 -2.29 3.86 -3.97
N ALA A 112 -1.79 5.09 -3.98
CA ALA A 112 -0.38 5.35 -3.68
C ALA A 112 -0.03 4.83 -2.29
N LEU A 113 -0.98 4.92 -1.38
CA LEU A 113 -0.75 4.45 -0.01
C LEU A 113 -0.35 2.98 -0.01
N PHE A 114 -1.08 2.17 -0.77
CA PHE A 114 -0.80 0.74 -0.84
C PHE A 114 0.63 0.52 -1.32
N TYR A 115 1.04 1.26 -2.33
CA TYR A 115 2.39 1.13 -2.87
C TYR A 115 3.42 1.63 -1.86
N PHE A 116 3.13 2.75 -1.22
CA PHE A 116 4.04 3.31 -0.24
C PHE A 116 4.27 2.33 0.90
N ALA A 117 3.19 1.68 1.34
CA ALA A 117 3.29 0.71 2.42
C ALA A 117 4.03 -0.55 1.95
N SER A 118 3.85 -0.88 0.68
CA SER A 118 4.49 -2.06 0.12
C SER A 118 5.98 -2.09 0.48
N LYS A 119 6.62 -0.93 0.35
CA LYS A 119 8.05 -0.84 0.67
C LYS A 119 8.29 -1.20 2.12
N LEU A 120 7.45 -0.70 3.01
CA LEU A 120 7.58 -0.99 4.44
C LEU A 120 7.30 -2.45 4.72
N VAL A 121 6.41 -3.04 3.92
CA VAL A 121 6.05 -4.44 4.10
C VAL A 121 7.14 -5.35 3.54
N LEU A 122 7.51 -5.13 2.28
CA LEU A 122 8.54 -5.92 1.64
C LEU A 122 9.92 -5.56 2.19
N LYS A 123 10.15 -4.27 2.40
CA LYS A 123 11.43 -3.80 2.92
C LYS A 123 11.72 -4.44 4.27
N ALA A 124 10.68 -4.55 5.10
CA ALA A 124 10.83 -5.14 6.43
C ALA A 124 10.94 -6.66 6.32
N LEU A 125 10.44 -7.20 5.22
CA LEU A 125 10.48 -8.65 5.00
C LEU A 125 11.91 -9.14 4.92
N CYS A 126 12.80 -8.30 4.40
CA CYS A 126 14.20 -8.66 4.27
C CYS A 126 14.95 -8.40 5.57
N THR A 127 14.54 -7.35 6.28
CA THR A 127 15.19 -7.01 7.55
C THR A 127 15.16 -8.20 8.50
N LYS A 128 14.27 -9.16 8.22
CA LYS A 128 14.16 -10.34 9.06
C LYS A 128 13.20 -10.10 10.22
N VAL A 129 12.05 -9.50 9.92
CA VAL A 129 11.06 -9.21 10.94
C VAL A 129 9.64 -9.28 10.35
N PRO A 130 9.07 -10.46 10.32
CA PRO A 130 7.70 -10.66 9.77
C PRO A 130 6.64 -10.01 10.65
N GLU A 131 7.01 -9.66 11.87
CA GLU A 131 6.07 -9.03 12.80
C GLU A 131 5.61 -7.68 12.24
N LEU A 132 6.55 -6.92 11.70
CA LEU A 132 6.23 -5.61 11.15
C LEU A 132 5.20 -5.74 10.03
N ILE A 133 5.29 -6.83 9.28
CA ILE A 133 4.36 -7.08 8.18
C ILE A 133 2.92 -7.06 8.68
N ARG A 134 2.66 -7.81 9.74
CA ARG A 134 1.32 -7.87 10.31
C ARG A 134 0.96 -6.54 10.97
N THR A 135 1.96 -5.90 11.56
CA THR A 135 1.73 -4.61 12.22
C THR A 135 1.37 -3.55 11.20
N ILE A 136 1.92 -3.67 10.00
CA ILE A 136 1.65 -2.70 8.94
C ILE A 136 0.20 -2.83 8.46
N MET A 137 -0.15 -4.01 7.98
CA MET A 137 -1.51 -4.25 7.49
C MET A 137 -2.53 -3.70 8.47
N GLY A 138 -2.14 -3.61 9.74
CA GLY A 138 -3.04 -3.10 10.77
C GLY A 138 -3.31 -1.61 10.58
N TRP A 139 -2.26 -0.88 10.22
CA TRP A 139 -2.39 0.55 10.00
C TRP A 139 -3.28 0.84 8.79
N THR A 140 -3.35 -0.13 7.88
CA THR A 140 -4.16 0.02 6.68
C THR A 140 -5.64 -0.14 7.02
N LEU A 141 -6.02 -1.34 7.43
CA LEU A 141 -7.41 -1.61 7.78
C LEU A 141 -7.93 -0.58 8.77
N ASP A 142 -7.05 -0.11 9.65
CA ASP A 142 -7.41 0.88 10.65
C ASP A 142 -7.78 2.19 9.98
N PHE A 143 -6.92 2.68 9.11
CA PHE A 143 -7.16 3.94 8.42
C PHE A 143 -8.34 3.80 7.45
N LEU A 144 -8.43 2.64 6.80
CA LEU A 144 -9.52 2.39 5.86
C LEU A 144 -10.84 2.21 6.60
N ARG A 145 -10.77 1.59 7.78
CA ARG A 145 -11.96 1.36 8.58
C ARG A 145 -12.31 2.60 9.39
N GLU A 146 -11.39 3.56 9.43
CA GLU A 146 -11.61 4.79 10.17
C GLU A 146 -11.75 5.98 9.22
N ARG A 147 -11.57 5.73 7.93
CA ARG A 147 -11.68 6.78 6.93
C ARG A 147 -12.33 6.24 5.65
N LEU A 148 -11.55 6.15 4.59
CA LEU A 148 -12.07 5.65 3.32
C LEU A 148 -13.41 4.94 3.52
N LEU A 149 -13.61 4.39 4.72
CA LEU A 149 -14.84 3.69 5.02
C LEU A 149 -16.05 4.54 4.63
N GLY A 150 -16.12 5.75 5.17
CA GLY A 150 -17.22 6.66 4.87
C GLY A 150 -17.23 7.03 3.39
N TRP A 151 -16.08 7.47 2.89
CA TRP A 151 -15.97 7.86 1.49
C TRP A 151 -16.15 6.65 0.58
N ILE A 152 -15.34 5.62 0.80
CA ILE A 152 -15.42 4.41 -0.01
C ILE A 152 -16.85 3.89 -0.04
N GLN A 153 -17.56 4.06 1.05
CA GLN A 153 -18.95 3.61 1.13
C GLN A 153 -19.84 4.42 0.19
N ASP A 154 -19.48 5.69 -0.02
CA ASP A 154 -20.25 6.55 -0.90
C ASP A 154 -19.74 6.45 -2.33
N GLN A 155 -18.66 5.69 -2.52
CA GLN A 155 -18.08 5.51 -3.85
C GLN A 155 -18.57 4.21 -4.48
N GLY A 156 -19.42 3.49 -3.75
CA GLY A 156 -19.96 2.23 -4.25
C GLY A 156 -18.99 1.08 -3.99
N GLY A 157 -18.14 1.25 -2.98
CA GLY A 157 -17.16 0.23 -2.62
C GLY A 157 -15.86 0.43 -3.38
N TRP A 158 -15.06 -0.62 -3.47
CA TRP A 158 -13.78 -0.54 -4.17
C TRP A 158 -14.01 -0.52 -5.68
N ASP A 159 -15.25 -0.68 -6.09
CA ASP A 159 -15.59 -0.66 -7.51
C ASP A 159 -15.22 0.68 -8.14
N GLY A 160 -15.52 1.77 -7.43
CA GLY A 160 -15.20 3.10 -7.92
C GLY A 160 -13.73 3.22 -8.29
N LEU A 161 -12.89 2.49 -7.57
CA LEU A 161 -11.46 2.52 -7.82
C LEU A 161 -11.15 2.00 -9.22
N LEU A 162 -11.63 0.80 -9.51
CA LEU A 162 -11.40 0.18 -10.81
C LEU A 162 -12.15 0.96 -11.90
N SER A 163 -13.28 1.55 -11.54
CA SER A 163 -14.07 2.33 -12.49
C SER A 163 -13.31 3.58 -12.92
N TYR A 164 -12.41 4.05 -12.06
CA TYR A 164 -11.64 5.24 -12.37
C TYR A 164 -10.51 4.91 -13.34
N PHE A 165 -9.85 3.78 -13.12
CA PHE A 165 -8.76 3.36 -13.98
C PHE A 165 -9.29 2.90 -15.34
N GLY A 166 -10.16 3.72 -15.92
CA GLY A 166 -10.74 3.39 -17.22
C GLY A 166 -10.65 4.57 -18.18
N THR A 167 -9.53 5.28 -18.14
CA THR A 167 -9.33 6.44 -19.00
C THR A 167 -8.30 6.13 -20.07
N PRO A 168 -8.06 7.07 -20.95
CA PRO A 168 -7.07 6.91 -22.06
C PRO A 168 -5.63 6.88 -21.54
N THR A 169 -4.73 7.44 -22.33
CA THR A 169 -3.31 7.47 -21.95
C THR A 169 -3.18 7.39 -20.43
N TRP A 170 -2.79 6.21 -19.94
CA TRP A 170 -2.63 6.02 -18.51
C TRP A 170 -1.46 6.86 -17.98
N GLN A 171 -0.59 7.29 -18.88
CA GLN A 171 0.55 8.10 -18.51
C GLN A 171 0.13 9.22 -17.56
N THR A 172 -1.18 9.46 -17.48
CA THR A 172 -1.71 10.51 -16.62
C THR A 172 -1.94 9.97 -15.21
N VAL A 173 -2.22 8.68 -15.11
CA VAL A 173 -2.47 8.06 -13.82
C VAL A 173 -1.16 7.92 -13.04
N THR A 174 -0.13 7.45 -13.72
CA THR A 174 1.17 7.27 -13.08
C THR A 174 1.75 8.61 -12.65
N ILE A 175 1.32 9.68 -13.32
CA ILE A 175 1.80 11.01 -13.00
C ILE A 175 0.97 11.62 -11.88
N PHE A 176 -0.10 10.93 -11.49
CA PHE A 176 -0.97 11.42 -10.42
C PHE A 176 -0.58 10.80 -9.09
N VAL A 177 -0.63 9.47 -9.02
CA VAL A 177 -0.28 8.77 -7.79
C VAL A 177 1.18 9.02 -7.43
N ALA A 178 1.95 9.51 -8.41
CA ALA A 178 3.36 9.79 -8.18
C ALA A 178 3.57 11.26 -7.84
N GLY A 179 2.93 12.14 -8.60
CA GLY A 179 3.04 13.56 -8.36
C GLY A 179 2.50 13.93 -6.97
N VAL A 180 1.59 13.12 -6.47
CA VAL A 180 1.00 13.38 -5.15
C VAL A 180 1.85 12.76 -4.06
N LEU A 181 2.17 11.48 -4.21
CA LEU A 181 3.00 10.78 -3.23
C LEU A 181 4.43 11.30 -3.25
N THR A 182 5.00 11.40 -4.46
CA THR A 182 6.36 11.88 -4.60
C THR A 182 6.55 13.20 -3.86
N ALA A 183 5.66 14.16 -4.11
CA ALA A 183 5.73 15.45 -3.46
C ALA A 183 5.95 15.28 -1.94
N SER A 184 5.19 14.39 -1.35
CA SER A 184 5.29 14.13 0.08
C SER A 184 6.74 13.79 0.46
N LEU A 185 7.40 13.05 -0.42
CA LEU A 185 8.79 12.66 -0.17
C LEU A 185 9.73 13.82 -0.46
N THR A 186 9.26 14.76 -1.27
CA THR A 186 10.08 15.93 -1.62
C THR A 186 10.18 16.89 -0.45
N ILE A 187 9.05 17.14 0.21
CA ILE A 187 9.02 18.04 1.35
C ILE A 187 9.66 17.38 2.57
N TRP A 188 9.19 16.17 2.89
CA TRP A 188 9.72 15.44 4.04
C TRP A 188 11.18 15.79 4.27
N LYS A 189 12.01 15.59 3.24
CA LYS A 189 13.43 15.89 3.35
C LYS A 189 14.12 15.66 2.01
N LYS A 190 14.87 16.67 1.56
CA LYS A 190 15.58 16.56 0.29
C LYS A 190 17.08 16.47 0.52
N MET A 191 17.58 15.25 0.68
CA MET A 191 19.00 15.04 0.90
C MET A 191 19.56 14.02 -0.08
N GLY A 192 20.73 14.32 -0.64
CA GLY A 192 21.36 13.41 -1.59
C GLY A 192 22.88 13.56 -1.55
N CYS B 1 21.63 0.23 -11.34
CA CYS B 1 20.49 -0.71 -11.33
C CYS B 1 20.67 -1.72 -10.19
N GLU B 2 21.92 -1.94 -9.81
CA GLU B 2 22.23 -2.88 -8.74
C GLU B 2 23.19 -2.24 -7.73
N ALA B 3 23.33 -2.87 -6.57
CA ALA B 3 24.22 -2.37 -5.53
C ALA B 3 23.93 -0.89 -5.25
N LEU B 4 23.58 -0.59 -4.01
CA LEU B 4 23.29 0.79 -3.62
C LEU B 4 24.54 1.47 -3.08
N LYS B 5 25.61 0.70 -2.95
CA LYS B 5 26.86 1.26 -2.44
C LYS B 5 26.62 2.06 -1.16
N LYS B 6 25.54 1.74 -0.47
CA LYS B 6 25.19 2.44 0.77
C LYS B 6 24.21 1.62 1.60
N ALA B 7 24.71 0.56 2.24
CA ALA B 7 23.86 -0.29 3.05
C ALA B 7 24.70 -1.31 3.82
N LEU B 8 26.02 -1.14 3.77
CA LEU B 8 26.93 -2.05 4.45
C LEU B 8 27.08 -1.64 5.92
N ARG B 9 27.94 -0.66 6.16
CA ARG B 9 28.18 -0.18 7.52
C ARG B 9 27.00 0.64 8.01
N ARG B 10 26.24 1.21 7.08
CA ARG B 10 25.08 2.01 7.43
C ARG B 10 24.05 1.17 8.17
N HIS B 11 23.82 -0.04 7.68
CA HIS B 11 22.86 -0.95 8.30
C HIS B 11 23.47 -1.62 9.52
N ARG B 12 24.48 -2.43 9.30
CA ARG B 12 25.15 -3.13 10.40
C ARG B 12 25.17 -2.26 11.65
N PHE B 13 25.25 -0.95 11.46
CA PHE B 13 25.27 -0.02 12.57
C PHE B 13 23.86 0.41 12.94
N LEU B 14 23.00 0.51 11.94
CA LEU B 14 21.62 0.92 12.16
C LEU B 14 20.96 0.02 13.21
N TRP B 15 21.31 -1.26 13.19
CA TRP B 15 20.74 -2.20 14.14
C TRP B 15 21.52 -2.17 15.46
N GLN B 16 22.82 -2.45 15.37
CA GLN B 16 23.66 -2.45 16.56
C GLN B 16 23.16 -1.43 17.58
N ARG B 17 23.30 -0.15 17.24
CA ARG B 17 22.85 0.92 18.13
C ARG B 17 23.43 0.73 19.53
N ARG B 18 22.81 -0.14 20.32
CA ARG B 18 23.27 -0.41 21.68
C ARG B 18 23.18 -1.89 21.99
N GLN B 19 24.22 -2.42 22.64
CA GLN B 19 24.25 -3.83 22.99
C GLN B 19 23.28 -4.13 24.12
N ARG B 20 22.50 -5.19 23.96
CA ARG B 20 21.52 -5.57 24.98
C ARG B 20 20.63 -4.39 25.34
N ALA B 21 19.69 -4.08 24.46
CA ALA B 21 18.78 -2.96 24.69
C ALA B 21 18.33 -2.93 26.14
#